data_8Z5W
#
_entry.id   8Z5W
#
_cell.length_a   1.00
_cell.length_b   1.00
_cell.length_c   1.00
_cell.angle_alpha   90.00
_cell.angle_beta   90.00
_cell.angle_gamma   90.00
#
_symmetry.space_group_name_H-M   'P 1'
#
loop_
_entity.id
_entity.type
_entity.pdbx_description
1 polymer 'Leucine-rich repeat protein'
2 polymer 'Flagellar basal-body rod protein FlgG'
3 polymer 'Flagellar M-ring protein'
4 polymer 'Flagellar basal body rod protein FlgB'
5 polymer 'Flagellar basal-body rod protein FlgC'
6 polymer 'Flagellar basal-body rod protein FlgF'
#
loop_
_entity_poly.entity_id
_entity_poly.type
_entity_poly.pdbx_seq_one_letter_code
_entity_poly.pdbx_strand_id
1 'polypeptide(L)'
;MRFVSLFLTLMLLCFPSFAYELDYYSKFGHTDNYGNLDLRNKPYTQLPSGFVVKGNLNISQTPIKKLPKGLDVGGSLEAT
NSALKTIRSGTKIKGYANLLGSKIESWPRGIKLGGYLNLTDTPLKTLPAKLRVKGDLSVIRTPISALPEGLVVDGNLYIG
GSALQVFPDTMTVKGNIFLGGNKITKWPSNLTLGGAVAP
;
0,9
2 'polypeptide(L)'
;MHPALWVSKTGLDAQQTNIATISNNLANASTVGYKKSRAVFEDLFYQNINQPGGQSSQNTELPSGLMLGAGSKVVATQKV
HTHGNAQTTTNALDMMVEGDGFFQVTLPDGNIGYTRNGQFTLNGEGTLVTSGSGYPVEPEIVIPEDAISITVGTDGEVSV
RVRGQQDNQVVGQLTITDFVNPGGLEPIGQNLYLPTGASGDPQEGVPGLDGLGEIRQSMLEASNVNVTEELVNMIEAQRV
YEMNSKVISSVDKMMSFVNQQL
;
A,B,C,AP,AQ,AR
3 'polypeptide(L)'
;MADKSTDLTVTEGGSDGALVASSDVDVESQNPDLEERSASKFDMAVGDLDLLRQVVLVLSISICVALIVMLFFWVKEPEM
RPLGAYETEELIPVLDYLDQQKINYKLDGNTISVESSEYNSIKLGMVRSGVNQATEAGDDILLQDMGFGVSQRLEQERLK
LSRERQLAQAIEEMKQVRKARVLLALPKHSVFVRHNQEASASVFLTLSTGTNLKQQEVDSIVDMVASAVPGMKTSRITVT
DQHGRLLSSGSQDPASAARRKEQELERSQEQALREKIDSVLLPILGYGNYTAQVDIQMDFSAVEQTRKRFDPNTPATRSE
YALEDYNNGNMVAGIPGALSNQPPADASIPQDVAQMKDGSVMGQGSVRKESTRNFELDTTISHERKQTGTVARQTVSVAI
KDRRQVNPDTGEVTYTPMSESEINAIRQVLIGTVGFDQGRGDLLNVLSVKFAEPEAEQLEEPPIWEHPNFSDWVRWFASA
LVIIVVVLVLVRPAMKKLLNPTSDDEDEMYGPDGLPIGADGETSLIGSDIESSELFEFGSSIDLPNLHKDEDVLKAVRAL
VANEPELAAQVVKNWMNDNG
;
AA,AB,AC,AD,AE,AF,AG,AH,AI,AJ,AK,AL,AM,AN,AO
4 'polypeptide(L)'
;MAISFDNALGIHQHTVGVRERNAEVISTNIAQANTPGYKARGLDFAKELQAATSGASIGLSRTDGRHIPATTTLVGDKLY
RLPTQPDTGDGNTVDLDLERNLFMQNQIRHQASLDFLGSKFKNLTKAIKGE
;
b,c,d,e,f
5 'polypeptide(L)'
;MSLFNVFNVTGSAMSAESVRLNTTSSNLANADSVSSSAKDTYKARHAVFGAELSNAMRGGDTVPVKVMGIVESDKPLSAE
YNPDHPLANEEGYIYKPNVNVMEEMANMISASRAYQTNVQVADSSKQMLLRTLQMGQ
;
g,h,i,j,k,l
6 'polypeptide(L)'
;MDRALFLAMSGAKQNMQALQLRANNLANVSTTGFRADLAQARSMQAYGEGHPSRVFSMTERPGHNFAQGSVITTGRDLDV
TIEGSGWISVLDHTGKEGLTRNGNLKVDQNGMLTNASGHLVLGENDAPITLPIPLSKIEIGRDGTISVLPQGAPAEEFQA
VDRIKLVKPNDQSLFKDTNGLFRHKTPNQPYEADATVSLQTGAIEGSNVNAVGEMTALIDLQRQFEMQVKMMSTAEEMDK
SSDSLLRMS
;
m,n,o,p,q
#
# COMPACT_ATOMS: atom_id res chain seq x y z
N TYR A 20 -25.97 25.26 41.36
CA TYR A 20 -24.71 25.96 41.55
C TYR A 20 -24.68 27.26 40.75
N GLU A 21 -23.48 27.68 40.36
CA GLU A 21 -23.29 28.90 39.59
C GLU A 21 -22.82 28.56 38.19
N LEU A 22 -22.80 29.58 37.33
CA LEU A 22 -22.35 29.45 35.95
C LEU A 22 -20.98 30.11 35.82
N ASP A 23 -20.00 29.34 35.34
CA ASP A 23 -18.65 29.85 35.20
C ASP A 23 -18.38 30.21 33.74
N TYR A 24 -17.13 30.58 33.44
CA TYR A 24 -16.75 30.92 32.08
C TYR A 24 -16.86 29.70 31.17
N TYR A 25 -16.46 28.53 31.67
CA TYR A 25 -16.47 27.33 30.85
C TYR A 25 -17.77 26.54 30.98
N SER A 26 -18.53 26.77 32.06
CA SER A 26 -19.82 26.10 32.20
C SER A 26 -20.79 26.54 31.11
N LYS A 27 -20.79 27.83 30.77
CA LYS A 27 -21.67 28.33 29.73
C LYS A 27 -21.20 27.93 28.34
N PHE A 28 -19.92 27.61 28.17
CA PHE A 28 -19.40 27.25 26.85
C PHE A 28 -20.00 25.93 26.36
N GLY A 29 -20.44 25.07 27.27
CA GLY A 29 -21.07 23.83 26.87
C GLY A 29 -22.52 23.92 26.51
N HIS A 30 -23.11 25.11 26.57
CA HIS A 30 -24.52 25.33 26.29
C HIS A 30 -24.73 26.40 25.24
N THR A 31 -23.75 26.59 24.37
CA THR A 31 -23.77 27.64 23.35
C THR A 31 -23.56 27.01 21.98
N ASP A 32 -24.39 27.41 21.01
CA ASP A 32 -24.28 26.93 19.65
C ASP A 32 -23.48 27.95 18.82
N ASN A 33 -23.46 27.77 17.50
CA ASN A 33 -22.67 28.64 16.63
C ASN A 33 -23.22 30.06 16.58
N TYR A 34 -24.48 30.27 16.94
CA TYR A 34 -25.08 31.60 16.94
C TYR A 34 -25.29 32.14 18.35
N GLY A 35 -24.63 31.58 19.35
CA GLY A 35 -24.67 32.08 20.70
C GLY A 35 -26.02 31.98 21.40
N ASN A 36 -26.76 30.91 21.13
CA ASN A 36 -28.03 30.65 21.80
C ASN A 36 -27.75 29.80 23.03
N LEU A 37 -27.97 30.37 24.22
CA LEU A 37 -27.68 29.69 25.48
C LEU A 37 -28.91 28.90 25.91
N ASP A 38 -28.76 27.58 26.02
CA ASP A 38 -29.84 26.68 26.39
C ASP A 38 -29.54 26.10 27.77
N LEU A 39 -30.33 26.47 28.76
CA LEU A 39 -30.20 25.96 30.11
C LEU A 39 -31.42 25.15 30.55
N ARG A 40 -32.11 24.52 29.60
CA ARG A 40 -33.33 23.77 29.89
C ARG A 40 -33.07 22.70 30.94
N ASN A 41 -33.74 22.82 32.09
CA ASN A 41 -33.68 21.87 33.19
C ASN A 41 -32.26 21.67 33.73
N LYS A 42 -31.36 22.60 33.47
CA LYS A 42 -30.01 22.49 34.03
C LYS A 42 -30.00 22.97 35.47
N PRO A 43 -29.29 22.27 36.37
CA PRO A 43 -29.27 22.61 37.79
C PRO A 43 -28.42 23.83 38.13
N TYR A 44 -28.65 24.93 37.41
CA TYR A 44 -27.97 26.19 37.70
C TYR A 44 -28.89 27.10 38.48
N THR A 45 -28.32 27.80 39.47
CA THR A 45 -29.09 28.68 40.33
C THR A 45 -28.88 30.15 40.05
N GLN A 46 -27.83 30.53 39.34
CA GLN A 46 -27.56 31.93 39.05
C GLN A 46 -26.61 32.02 37.86
N LEU A 47 -26.53 33.23 37.31
CA LEU A 47 -25.66 33.57 36.19
C LEU A 47 -24.61 34.59 36.62
N PRO A 48 -23.48 34.67 35.92
CA PRO A 48 -22.44 35.63 36.31
C PRO A 48 -22.94 37.06 36.23
N SER A 49 -22.44 37.89 37.16
CA SER A 49 -22.81 39.30 37.18
C SER A 49 -22.29 39.99 35.93
N GLY A 50 -23.11 40.87 35.37
CA GLY A 50 -22.79 41.50 34.11
C GLY A 50 -22.78 40.53 32.94
N PHE A 51 -23.69 39.56 32.95
CA PHE A 51 -23.71 38.54 31.91
C PHE A 51 -24.15 39.13 30.58
N VAL A 52 -23.52 38.66 29.50
CA VAL A 52 -23.85 39.07 28.14
C VAL A 52 -24.06 37.81 27.31
N VAL A 53 -25.23 37.70 26.67
CA VAL A 53 -25.56 36.58 25.80
C VAL A 53 -25.85 37.13 24.41
N LYS A 54 -25.13 36.63 23.41
CA LYS A 54 -25.32 37.10 22.04
C LYS A 54 -26.71 36.76 21.52
N GLY A 55 -27.19 35.55 21.80
CA GLY A 55 -28.45 35.11 21.25
C GLY A 55 -29.54 34.87 22.28
N ASN A 56 -30.45 33.94 21.97
CA ASN A 56 -31.56 33.65 22.86
C ASN A 56 -31.09 32.96 24.13
N LEU A 57 -31.79 33.25 25.22
CA LEU A 57 -31.53 32.64 26.52
C LEU A 57 -32.76 31.83 26.94
N ASN A 58 -32.54 30.58 27.32
CA ASN A 58 -33.61 29.69 27.78
C ASN A 58 -33.26 29.20 29.17
N ILE A 59 -34.07 29.60 30.16
CA ILE A 59 -33.85 29.18 31.54
C ILE A 59 -35.13 28.56 32.08
N SER A 60 -35.91 27.95 31.21
CA SER A 60 -37.16 27.31 31.62
C SER A 60 -36.88 26.14 32.55
N GLN A 61 -37.75 25.97 33.56
CA GLN A 61 -37.67 24.86 34.50
C GLN A 61 -36.33 24.82 35.23
N THR A 62 -35.80 25.99 35.58
CA THR A 62 -34.53 26.10 36.27
C THR A 62 -34.72 26.63 37.68
N PRO A 63 -33.86 26.25 38.62
CA PRO A 63 -33.93 26.79 39.98
C PRO A 63 -33.37 28.19 40.14
N ILE A 64 -33.14 28.93 39.05
CA ILE A 64 -32.64 30.29 39.16
C ILE A 64 -33.69 31.18 39.82
N LYS A 65 -33.30 31.84 40.91
CA LYS A 65 -34.21 32.71 41.63
C LYS A 65 -34.07 34.17 41.26
N LYS A 66 -32.90 34.59 40.77
CA LYS A 66 -32.67 36.01 40.48
C LYS A 66 -31.72 36.12 39.31
N LEU A 67 -32.02 37.05 38.39
CA LEU A 67 -31.15 37.32 37.26
C LEU A 67 -30.08 38.33 37.67
N PRO A 68 -28.82 38.14 37.26
CA PRO A 68 -27.77 39.08 37.63
C PRO A 68 -27.98 40.45 37.00
N LYS A 69 -27.51 41.47 37.72
CA LYS A 69 -27.63 42.84 37.24
C LYS A 69 -26.76 43.06 36.01
N GLY A 70 -27.28 43.86 35.08
CA GLY A 70 -26.56 44.14 33.85
C GLY A 70 -26.69 43.09 32.77
N LEU A 71 -27.62 42.15 32.91
CA LEU A 71 -27.80 41.11 31.90
C LEU A 71 -28.23 41.72 30.58
N ASP A 72 -27.55 41.32 29.50
CA ASP A 72 -27.85 41.81 28.16
C ASP A 72 -28.09 40.59 27.26
N VAL A 73 -29.29 40.51 26.70
CA VAL A 73 -29.70 39.41 25.85
C VAL A 73 -29.93 39.95 24.45
N GLY A 74 -29.23 39.38 23.47
CA GLY A 74 -29.42 39.73 22.08
C GLY A 74 -30.56 39.03 21.39
N GLY A 75 -31.26 38.15 22.10
CA GLY A 75 -32.39 37.43 21.52
C GLY A 75 -33.62 37.47 22.39
N SER A 76 -34.24 36.31 22.61
CA SER A 76 -35.48 36.20 23.36
C SER A 76 -35.24 35.51 24.69
N LEU A 77 -36.10 35.81 25.66
CA LEU A 77 -36.02 35.23 27.00
C LEU A 77 -37.16 34.24 27.19
N GLU A 78 -36.84 33.04 27.68
CA GLU A 78 -37.82 32.01 27.94
C GLU A 78 -37.55 31.39 29.29
N ALA A 79 -38.48 31.56 30.23
CA ALA A 79 -38.34 31.03 31.58
C ALA A 79 -39.65 30.39 32.04
N THR A 80 -40.27 29.61 31.15
CA THR A 80 -41.54 28.98 31.49
C THR A 80 -41.35 27.87 32.52
N ASN A 81 -42.29 27.80 33.47
CA ASN A 81 -42.31 26.78 34.52
C ASN A 81 -41.02 26.77 35.35
N SER A 82 -40.33 27.90 35.43
CA SER A 82 -39.07 27.99 36.15
C SER A 82 -39.28 28.67 37.51
N ALA A 83 -38.20 28.72 38.28
CA ALA A 83 -38.20 29.36 39.59
C ALA A 83 -37.81 30.83 39.52
N LEU A 84 -37.83 31.43 38.33
CA LEU A 84 -37.47 32.84 38.19
C LEU A 84 -38.41 33.72 39.00
N LYS A 85 -37.87 34.39 40.00
CA LYS A 85 -38.64 35.22 40.90
C LYS A 85 -38.24 36.68 40.91
N THR A 86 -36.95 36.99 40.74
CA THR A 86 -36.47 38.36 40.82
C THR A 86 -35.68 38.70 39.56
N ILE A 87 -35.92 39.91 39.04
CA ILE A 87 -35.17 40.46 37.93
C ILE A 87 -34.61 41.81 38.36
N ARG A 88 -33.32 42.01 38.10
CA ARG A 88 -32.69 43.27 38.47
C ARG A 88 -32.82 44.30 37.36
N SER A 89 -32.93 45.57 37.76
CA SER A 89 -33.11 46.65 36.80
C SER A 89 -31.88 46.82 35.92
N GLY A 90 -32.09 47.37 34.73
CA GLY A 90 -31.04 47.53 33.76
C GLY A 90 -30.88 46.39 32.78
N THR A 91 -31.64 45.31 32.95
CA THR A 91 -31.57 44.19 32.03
C THR A 91 -32.07 44.61 30.64
N LYS A 92 -31.38 44.16 29.60
CA LYS A 92 -31.71 44.49 28.23
C LYS A 92 -32.06 43.22 27.47
N ILE A 93 -33.23 43.21 26.83
CA ILE A 93 -33.69 42.09 26.01
C ILE A 93 -34.06 42.62 24.64
N LYS A 94 -33.40 42.09 23.60
CA LYS A 94 -33.72 42.52 22.25
C LYS A 94 -35.04 41.91 21.77
N GLY A 95 -35.32 40.67 22.13
CA GLY A 95 -36.55 40.02 21.74
C GLY A 95 -37.64 40.13 22.79
N TYR A 96 -38.28 39.01 23.11
CA TYR A 96 -39.39 39.00 24.05
C TYR A 96 -38.99 38.32 25.36
N ALA A 97 -39.82 38.51 26.38
CA ALA A 97 -39.65 37.89 27.69
C ALA A 97 -40.84 36.98 27.95
N ASN A 98 -40.66 35.69 27.76
CA ASN A 98 -41.71 34.69 27.96
C ASN A 98 -41.53 34.10 29.36
N LEU A 99 -42.43 34.45 30.27
CA LEU A 99 -42.36 34.02 31.66
C LEU A 99 -43.62 33.26 32.08
N LEU A 100 -44.21 32.51 31.15
CA LEU A 100 -45.44 31.78 31.45
C LEU A 100 -45.20 30.69 32.49
N GLY A 101 -45.77 30.87 33.69
CA GLY A 101 -45.64 29.88 34.73
C GLY A 101 -44.45 30.05 35.66
N SER A 102 -43.84 31.23 35.69
CA SER A 102 -42.70 31.45 36.56
C SER A 102 -43.18 31.80 37.97
N LYS A 103 -42.22 32.12 38.85
CA LYS A 103 -42.51 32.47 40.23
C LYS A 103 -42.30 33.95 40.52
N ILE A 104 -42.27 34.79 39.49
CA ILE A 104 -41.97 36.21 39.68
C ILE A 104 -43.14 36.88 40.39
N GLU A 105 -42.82 37.77 41.34
CA GLU A 105 -43.82 38.48 42.11
C GLU A 105 -43.94 39.95 41.76
N SER A 106 -42.87 40.58 41.29
CA SER A 106 -42.91 42.00 40.95
C SER A 106 -41.98 42.26 39.78
N TRP A 107 -42.41 43.16 38.90
CA TRP A 107 -41.64 43.52 37.72
C TRP A 107 -40.86 44.79 37.97
N PRO A 108 -39.54 44.78 37.82
CA PRO A 108 -38.74 45.97 38.08
C PRO A 108 -38.91 47.02 36.99
N ARG A 109 -38.55 48.25 37.34
CA ARG A 109 -38.58 49.37 36.42
C ARG A 109 -37.25 49.50 35.69
N GLY A 110 -37.32 49.97 34.44
CA GLY A 110 -36.12 50.19 33.65
C GLY A 110 -35.64 49.01 32.84
N ILE A 111 -36.48 48.00 32.62
CA ILE A 111 -36.10 46.85 31.82
C ILE A 111 -36.23 47.20 30.34
N LYS A 112 -35.15 47.04 29.58
CA LYS A 112 -35.18 47.24 28.15
C LYS A 112 -35.73 45.98 27.48
N LEU A 113 -36.99 46.03 27.05
CA LEU A 113 -37.65 44.87 26.43
C LEU A 113 -38.16 45.26 25.06
N GLY A 114 -37.77 44.48 24.05
CA GLY A 114 -38.18 44.71 22.67
C GLY A 114 -39.29 43.83 22.17
N GLY A 115 -39.84 42.96 23.00
CA GLY A 115 -40.94 42.09 22.61
C GLY A 115 -42.08 42.11 23.61
N TYR A 116 -42.79 40.98 23.72
CA TYR A 116 -43.94 40.91 24.60
C TYR A 116 -43.56 40.38 25.98
N LEU A 117 -44.42 40.64 26.95
CA LEU A 117 -44.25 40.16 28.32
C LEU A 117 -45.38 39.19 28.62
N ASN A 118 -45.08 37.90 28.62
CA ASN A 118 -46.06 36.84 28.87
C ASN A 118 -45.92 36.42 30.32
N LEU A 119 -46.89 36.82 31.15
CA LEU A 119 -46.89 36.51 32.57
C LEU A 119 -48.07 35.63 32.95
N THR A 120 -48.55 34.79 32.03
CA THR A 120 -49.63 33.88 32.33
C THR A 120 -49.19 32.87 33.40
N ASP A 121 -50.10 32.55 34.32
CA ASP A 121 -49.84 31.60 35.40
C ASP A 121 -48.69 32.06 36.29
N THR A 122 -48.68 33.35 36.63
CA THR A 122 -47.64 33.88 37.49
C THR A 122 -48.23 34.57 38.73
N PRO A 123 -47.49 34.60 39.84
CA PRO A 123 -47.99 35.26 41.04
C PRO A 123 -47.78 36.77 41.04
N LEU A 124 -47.60 37.36 39.85
CA LEU A 124 -47.34 38.78 39.73
C LEU A 124 -48.43 39.61 40.42
N LYS A 125 -48.00 40.64 41.14
CA LYS A 125 -48.91 41.47 41.91
C LYS A 125 -48.90 42.94 41.49
N THR A 126 -47.73 43.51 41.22
CA THR A 126 -47.61 44.92 40.91
C THR A 126 -46.74 45.12 39.67
N LEU A 127 -47.00 46.22 38.97
CA LEU A 127 -46.25 46.62 37.79
C LEU A 127 -45.78 48.06 37.94
N PRO A 128 -44.61 48.40 37.40
CA PRO A 128 -44.12 49.78 37.50
C PRO A 128 -44.98 50.74 36.69
N ALA A 129 -45.04 51.98 37.18
CA ALA A 129 -45.83 53.01 36.52
C ALA A 129 -45.20 53.43 35.21
N LYS A 130 -46.04 53.90 34.29
CA LYS A 130 -45.62 54.33 32.95
C LYS A 130 -44.92 53.22 32.18
N LEU A 131 -45.29 51.98 32.45
CA LEU A 131 -44.70 50.84 31.76
C LEU A 131 -45.10 50.85 30.30
N ARG A 132 -44.13 50.51 29.43
CA ARG A 132 -44.38 50.40 28.00
C ARG A 132 -44.03 48.99 27.55
N VAL A 133 -44.98 48.34 26.88
CA VAL A 133 -44.77 47.02 26.28
C VAL A 133 -44.95 47.16 24.77
N LYS A 134 -43.93 46.74 24.02
CA LYS A 134 -43.95 46.89 22.57
C LYS A 134 -44.80 45.84 21.89
N GLY A 135 -45.33 44.87 22.62
CA GLY A 135 -46.22 43.86 22.09
C GLY A 135 -47.35 43.57 23.05
N ASP A 136 -47.88 42.35 22.95
CA ASP A 136 -48.99 41.92 23.81
C ASP A 136 -48.52 41.78 25.25
N LEU A 137 -49.45 41.98 26.17
CA LEU A 137 -49.20 41.78 27.60
C LEU A 137 -50.24 40.80 28.13
N SER A 138 -49.77 39.70 28.73
CA SER A 138 -50.65 38.67 29.26
C SER A 138 -50.42 38.55 30.76
N VAL A 139 -51.44 38.91 31.54
CA VAL A 139 -51.42 38.75 32.99
C VAL A 139 -52.49 37.74 33.36
N ILE A 140 -52.70 36.77 32.46
CA ILE A 140 -53.73 35.76 32.67
C ILE A 140 -53.47 34.97 33.94
N ARG A 141 -54.53 34.81 34.74
CA ARG A 141 -54.47 34.03 35.98
C ARG A 141 -53.40 34.56 36.94
N THR A 142 -53.40 35.89 37.13
CA THR A 142 -52.45 36.55 38.02
C THR A 142 -53.20 37.32 39.10
N PRO A 143 -52.64 37.42 40.31
CA PRO A 143 -53.31 38.14 41.39
C PRO A 143 -53.11 39.65 41.34
N ILE A 144 -52.67 40.17 40.19
CA ILE A 144 -52.46 41.61 40.06
C ILE A 144 -53.75 42.36 40.34
N SER A 145 -53.65 43.45 41.08
CA SER A 145 -54.82 44.19 41.57
C SER A 145 -55.19 45.37 40.69
N ALA A 146 -54.21 46.13 40.18
CA ALA A 146 -54.51 47.32 39.40
C ALA A 146 -53.38 47.56 38.41
N LEU A 147 -53.74 47.74 37.14
CA LEU A 147 -52.75 48.11 36.13
C LEU A 147 -52.22 49.50 36.42
N PRO A 148 -50.92 49.74 36.29
CA PRO A 148 -50.37 51.05 36.65
C PRO A 148 -50.89 52.14 35.72
N GLU A 149 -50.99 53.35 36.26
CA GLU A 149 -51.38 54.50 35.47
C GLU A 149 -50.30 54.84 34.46
N GLY A 150 -50.72 55.22 33.25
CA GLY A 150 -49.79 55.48 32.17
C GLY A 150 -49.33 54.25 31.42
N LEU A 151 -49.89 53.08 31.71
CA LEU A 151 -49.51 51.85 31.02
C LEU A 151 -49.88 51.95 29.55
N VAL A 152 -48.90 51.72 28.67
CA VAL A 152 -49.11 51.75 27.23
C VAL A 152 -48.71 50.41 26.66
N VAL A 153 -49.62 49.80 25.91
CA VAL A 153 -49.40 48.50 25.28
C VAL A 153 -49.58 48.66 23.77
N ASP A 154 -48.56 48.24 23.01
CA ASP A 154 -48.65 48.31 21.56
C ASP A 154 -49.27 47.08 20.93
N GLY A 155 -49.66 46.10 21.74
CA GLY A 155 -50.33 44.92 21.22
C GLY A 155 -51.67 44.67 21.90
N ASN A 156 -52.02 43.41 22.11
CA ASN A 156 -53.27 43.06 22.76
C ASN A 156 -53.08 42.96 24.27
N LEU A 157 -54.20 43.01 25.00
CA LEU A 157 -54.20 42.92 26.45
C LEU A 157 -54.99 41.69 26.87
N TYR A 158 -54.35 40.85 27.68
CA TYR A 158 -54.98 39.64 28.22
C TYR A 158 -55.05 39.75 29.73
N ILE A 159 -56.26 39.72 30.28
CA ILE A 159 -56.47 39.85 31.72
C ILE A 159 -57.39 38.74 32.21
N GLY A 160 -57.56 37.70 31.39
CA GLY A 160 -58.41 36.59 31.74
C GLY A 160 -58.01 35.86 33.01
N GLY A 161 -58.98 35.61 33.89
CA GLY A 161 -58.69 34.89 35.11
C GLY A 161 -57.92 35.65 36.15
N SER A 162 -57.68 36.95 35.93
CA SER A 162 -56.92 37.77 36.87
C SER A 162 -57.86 38.41 37.90
N ALA A 163 -57.26 39.08 38.88
CA ALA A 163 -58.01 39.76 39.92
C ALA A 163 -58.42 41.18 39.53
N LEU A 164 -58.09 41.61 38.31
CA LEU A 164 -58.42 42.97 37.89
C LEU A 164 -59.92 43.18 37.82
N GLN A 165 -60.37 44.30 38.37
CA GLN A 165 -61.74 44.76 38.19
C GLN A 165 -61.83 46.26 37.89
N VAL A 166 -60.74 47.00 38.01
CA VAL A 166 -60.72 48.43 37.74
C VAL A 166 -59.55 48.74 36.82
N PHE A 167 -59.83 49.49 35.76
CA PHE A 167 -58.81 49.90 34.80
C PHE A 167 -58.19 51.23 35.21
N PRO A 168 -56.97 51.51 34.77
CA PRO A 168 -56.37 52.82 35.02
C PRO A 168 -57.10 53.92 34.25
N ASP A 169 -56.95 55.15 34.75
CA ASP A 169 -57.65 56.27 34.14
C ASP A 169 -57.22 56.50 32.69
N THR A 170 -55.92 56.40 32.42
CA THR A 170 -55.39 56.56 31.08
C THR A 170 -54.51 55.35 30.74
N MET A 171 -54.81 54.70 29.63
CA MET A 171 -54.00 53.60 29.13
C MET A 171 -54.15 53.54 27.61
N THR A 172 -53.11 53.02 26.95
CA THR A 172 -53.10 52.92 25.50
C THR A 172 -52.85 51.47 25.11
N VAL A 173 -53.85 50.84 24.50
CA VAL A 173 -53.74 49.48 24.00
C VAL A 173 -53.96 49.54 22.49
N LYS A 174 -52.88 49.43 21.73
CA LYS A 174 -52.98 49.49 20.27
C LYS A 174 -53.79 48.33 19.70
N GLY A 175 -53.87 47.22 20.41
CA GLY A 175 -54.61 46.06 19.96
C GLY A 175 -55.97 45.95 20.63
N ASN A 176 -56.50 44.73 20.63
CA ASN A 176 -57.79 44.46 21.22
C ASN A 176 -57.63 44.00 22.67
N ILE A 177 -58.39 44.60 23.57
CA ILE A 177 -58.37 44.21 24.98
C ILE A 177 -59.29 43.01 25.15
N PHE A 178 -58.76 41.94 25.73
CA PHE A 178 -59.53 40.72 26.00
C PHE A 178 -59.73 40.61 27.50
N LEU A 179 -61.00 40.68 27.93
CA LEU A 179 -61.31 40.63 29.35
C LEU A 179 -61.15 39.25 29.95
N GLY A 180 -61.53 38.20 29.21
CA GLY A 180 -61.36 36.85 29.70
C GLY A 180 -62.32 36.43 30.79
N GLY A 181 -63.36 37.22 31.05
CA GLY A 181 -64.36 36.81 32.01
C GLY A 181 -64.58 37.76 33.17
N ASN A 182 -63.51 38.40 33.65
CA ASN A 182 -63.63 39.32 34.78
C ASN A 182 -64.48 40.52 34.41
N LYS A 183 -65.26 40.98 35.39
CA LYS A 183 -66.18 42.10 35.17
C LYS A 183 -65.44 43.42 35.37
N ILE A 184 -65.54 44.29 34.37
CA ILE A 184 -64.87 45.60 34.41
C ILE A 184 -65.88 46.63 34.88
N THR A 185 -65.63 47.22 36.05
CA THR A 185 -66.52 48.20 36.64
C THR A 185 -66.18 49.63 36.23
N LYS A 186 -64.91 49.91 35.95
CA LYS A 186 -64.45 51.24 35.57
C LYS A 186 -63.64 51.16 34.30
N TRP A 187 -63.92 52.07 33.35
CA TRP A 187 -63.22 52.14 32.09
C TRP A 187 -62.32 53.37 32.04
N PRO A 188 -61.20 53.30 31.31
CA PRO A 188 -60.32 54.47 31.19
C PRO A 188 -61.03 55.66 30.56
N SER A 189 -60.70 56.86 31.06
CA SER A 189 -61.27 58.07 30.48
C SER A 189 -60.61 58.41 29.14
N ASN A 190 -59.30 58.22 29.04
CA ASN A 190 -58.55 58.49 27.81
C ASN A 190 -57.98 57.16 27.32
N LEU A 191 -58.65 56.54 26.35
CA LEU A 191 -58.23 55.25 25.81
C LEU A 191 -58.35 55.29 24.30
N THR A 192 -57.22 55.12 23.62
CA THR A 192 -57.18 55.03 22.16
C THR A 192 -56.96 53.56 21.80
N LEU A 193 -58.02 52.91 21.34
CA LEU A 193 -58.00 51.47 21.08
C LEU A 193 -58.08 51.24 19.57
N GLY A 194 -57.12 50.51 19.02
CA GLY A 194 -57.15 50.15 17.62
C GLY A 194 -58.01 48.96 17.28
N GLY A 195 -58.52 48.24 18.27
CA GLY A 195 -59.35 47.06 18.06
C GLY A 195 -60.65 47.19 18.83
N ALA A 196 -61.04 46.08 19.46
CA ALA A 196 -62.29 46.05 20.23
C ALA A 196 -62.06 45.43 21.60
N VAL A 197 -63.14 45.19 22.33
CA VAL A 197 -63.09 44.57 23.65
C VAL A 197 -63.90 43.29 23.60
N ALA A 198 -63.28 42.18 24.01
CA ALA A 198 -63.92 40.88 24.00
C ALA A 198 -63.98 40.31 25.40
N PRO A 199 -65.09 39.65 25.79
CA PRO A 199 -65.24 39.04 27.11
C PRO A 199 -64.37 37.81 27.29
N TYR B 20 -0.79 35.21 -38.37
CA TYR B 20 0.58 35.24 -38.83
C TYR B 20 0.83 34.11 -39.84
N GLU B 21 2.09 33.76 -40.05
CA GLU B 21 2.46 32.79 -41.07
C GLU B 21 3.40 31.74 -40.48
N LEU B 22 3.39 30.56 -41.09
CA LEU B 22 4.20 29.44 -40.64
C LEU B 22 5.67 29.68 -40.98
N ASP B 23 6.54 29.43 -40.01
CA ASP B 23 7.98 29.54 -40.20
C ASP B 23 8.60 28.15 -40.32
N TYR B 24 9.91 28.12 -40.53
CA TYR B 24 10.63 26.84 -40.60
C TYR B 24 10.60 26.13 -39.26
N TYR B 25 10.76 26.87 -38.16
CA TYR B 25 10.76 26.25 -36.84
C TYR B 25 9.35 25.84 -36.43
N SER B 26 8.34 26.62 -36.79
CA SER B 26 6.97 26.23 -36.51
C SER B 26 6.54 25.04 -37.37
N LYS B 27 7.11 24.92 -38.57
CA LYS B 27 6.83 23.77 -39.42
C LYS B 27 7.29 22.48 -38.75
N PHE B 28 8.46 22.51 -38.12
CA PHE B 28 9.03 21.32 -37.49
C PHE B 28 8.16 20.76 -36.38
N GLY B 29 7.43 21.61 -35.65
CA GLY B 29 6.61 21.19 -34.54
C GLY B 29 5.26 20.64 -34.93
N HIS B 30 5.01 20.46 -36.23
CA HIS B 30 3.74 19.91 -36.70
C HIS B 30 3.99 18.80 -37.72
N THR B 31 5.12 18.11 -37.61
CA THR B 31 5.53 17.07 -38.55
C THR B 31 5.75 15.78 -37.78
N ASP B 32 5.29 14.66 -38.35
CA ASP B 32 5.44 13.35 -37.73
C ASP B 32 6.77 12.72 -38.16
N ASN B 33 6.96 11.45 -37.80
CA ASN B 33 8.22 10.77 -38.10
C ASN B 33 8.42 10.59 -39.60
N TYR B 34 7.35 10.27 -40.34
CA TYR B 34 7.48 10.02 -41.75
C TYR B 34 7.27 11.26 -42.60
N GLY B 35 7.02 12.41 -41.98
CA GLY B 35 7.01 13.68 -42.69
C GLY B 35 5.64 14.16 -43.14
N ASN B 36 4.65 14.09 -42.26
CA ASN B 36 3.31 14.58 -42.55
C ASN B 36 3.03 15.82 -41.71
N LEU B 37 2.65 16.90 -42.37
CA LEU B 37 2.40 18.18 -41.71
C LEU B 37 0.96 18.23 -41.22
N ASP B 38 0.77 18.47 -39.91
CA ASP B 38 -0.54 18.55 -39.30
C ASP B 38 -0.77 19.97 -38.80
N LEU B 39 -1.73 20.66 -39.41
CA LEU B 39 -2.03 22.04 -39.06
C LEU B 39 -3.46 22.21 -38.56
N ARG B 40 -4.05 21.15 -37.99
CA ARG B 40 -5.45 21.19 -37.58
C ARG B 40 -5.67 22.24 -36.50
N ASN B 41 -6.66 23.11 -36.74
CA ASN B 41 -7.06 24.16 -35.81
C ASN B 41 -5.95 25.17 -35.53
N LYS B 42 -4.82 25.05 -36.23
CA LYS B 42 -3.70 25.94 -35.99
C LYS B 42 -3.95 27.30 -36.65
N PRO B 43 -3.52 28.40 -36.01
CA PRO B 43 -3.79 29.74 -36.55
C PRO B 43 -2.72 30.21 -37.53
N TYR B 44 -2.63 29.53 -38.67
CA TYR B 44 -1.73 29.92 -39.74
C TYR B 44 -2.55 30.42 -40.94
N THR B 45 -2.09 31.53 -41.53
CA THR B 45 -2.83 32.18 -42.60
C THR B 45 -2.25 31.94 -43.98
N GLN B 46 -0.94 31.79 -44.10
CA GLN B 46 -0.31 31.62 -45.42
C GLN B 46 0.95 30.79 -45.26
N LEU B 47 1.24 29.97 -46.29
CA LEU B 47 2.42 29.13 -46.34
C LEU B 47 3.44 29.69 -47.33
N PRO B 48 4.73 29.50 -47.07
CA PRO B 48 5.75 30.02 -47.97
C PRO B 48 5.66 29.38 -49.35
N SER B 49 6.04 30.16 -50.37
CA SER B 49 6.04 29.68 -51.74
C SER B 49 7.11 28.60 -51.93
N GLY B 50 6.87 27.72 -52.88
CA GLY B 50 7.78 26.59 -53.09
C GLY B 50 7.80 25.63 -51.92
N PHE B 51 6.66 25.40 -51.29
CA PHE B 51 6.58 24.56 -50.10
C PHE B 51 6.58 23.09 -50.51
N VAL B 52 7.38 22.30 -49.80
CA VAL B 52 7.51 20.87 -50.07
C VAL B 52 7.18 20.10 -48.80
N VAL B 53 6.30 19.11 -48.91
CA VAL B 53 5.90 18.27 -47.78
C VAL B 53 6.32 16.84 -48.10
N LYS B 54 6.99 16.19 -47.16
CA LYS B 54 7.48 14.83 -47.38
C LYS B 54 6.33 13.84 -47.52
N GLY B 55 5.28 14.00 -46.72
CA GLY B 55 4.15 13.10 -46.73
C GLY B 55 2.84 13.85 -46.91
N ASN B 56 1.83 13.41 -46.17
CA ASN B 56 0.50 13.99 -46.28
C ASN B 56 0.46 15.39 -45.66
N LEU B 57 -0.46 16.20 -46.16
CA LEU B 57 -0.66 17.56 -45.68
C LEU B 57 -2.09 17.70 -45.18
N ASN B 58 -2.25 18.27 -43.99
CA ASN B 58 -3.56 18.47 -43.37
C ASN B 58 -3.70 19.93 -42.99
N ILE B 59 -4.65 20.61 -43.62
CA ILE B 59 -4.92 22.01 -43.34
C ILE B 59 -6.40 22.18 -42.98
N SER B 60 -6.98 21.14 -42.40
CA SER B 60 -8.39 21.18 -42.01
C SER B 60 -8.61 22.24 -40.94
N GLN B 61 -9.77 22.90 -41.04
CA GLN B 61 -10.23 23.90 -40.06
C GLN B 61 -9.27 25.08 -39.93
N THR B 62 -8.47 25.34 -40.97
CA THR B 62 -7.48 26.40 -40.92
C THR B 62 -8.02 27.68 -41.54
N PRO B 63 -7.52 28.84 -41.10
CA PRO B 63 -7.93 30.11 -41.72
C PRO B 63 -7.19 30.38 -43.02
N ILE B 64 -6.50 29.37 -43.55
CA ILE B 64 -5.78 29.51 -44.81
C ILE B 64 -6.80 29.69 -45.93
N LYS B 65 -6.67 30.79 -46.68
CA LYS B 65 -7.54 31.06 -47.81
C LYS B 65 -6.87 30.84 -49.15
N LYS B 66 -5.56 30.55 -49.17
CA LYS B 66 -4.83 30.45 -50.43
C LYS B 66 -3.66 29.50 -50.26
N LEU B 67 -3.43 28.65 -51.25
CA LEU B 67 -2.27 27.78 -51.17
C LEU B 67 -1.11 28.39 -51.96
N PRO B 68 0.12 28.24 -51.45
CA PRO B 68 1.26 28.90 -52.10
C PRO B 68 1.56 28.33 -53.48
N LYS B 69 2.09 29.18 -54.34
CA LYS B 69 2.52 28.74 -55.66
C LYS B 69 3.76 27.85 -55.53
N GLY B 70 3.83 26.85 -56.40
CA GLY B 70 4.90 25.87 -56.29
C GLY B 70 4.75 24.89 -55.15
N LEU B 71 3.55 24.78 -54.57
CA LEU B 71 3.32 23.87 -53.47
C LEU B 71 3.52 22.43 -53.92
N ASP B 72 4.23 21.65 -53.12
CA ASP B 72 4.47 20.24 -53.38
C ASP B 72 4.07 19.44 -52.15
N VAL B 73 3.28 18.40 -52.35
CA VAL B 73 2.85 17.51 -51.27
C VAL B 73 3.26 16.10 -51.64
N GLY B 74 4.09 15.47 -50.81
CA GLY B 74 4.49 14.10 -51.04
C GLY B 74 3.45 13.07 -50.70
N GLY B 75 2.36 13.49 -50.05
CA GLY B 75 1.27 12.59 -49.74
C GLY B 75 -0.07 13.11 -50.24
N SER B 76 -1.05 13.18 -49.35
CA SER B 76 -2.39 13.64 -49.69
C SER B 76 -2.69 14.95 -48.98
N LEU B 77 -3.48 15.80 -49.65
CA LEU B 77 -3.88 17.08 -49.10
C LEU B 77 -5.23 16.92 -48.41
N GLU B 78 -5.28 17.28 -47.13
CA GLU B 78 -6.50 17.20 -46.32
C GLU B 78 -6.90 18.61 -45.91
N ALA B 79 -8.06 19.07 -46.40
CA ALA B 79 -8.57 20.40 -46.08
C ALA B 79 -10.05 20.35 -45.75
N THR B 80 -10.45 19.34 -44.98
CA THR B 80 -11.85 19.17 -44.65
C THR B 80 -12.33 20.25 -43.69
N ASN B 81 -13.47 20.86 -44.02
CA ASN B 81 -14.10 21.89 -43.19
C ASN B 81 -13.14 23.04 -42.89
N SER B 82 -12.35 23.43 -43.89
CA SER B 82 -11.38 24.50 -43.77
C SER B 82 -11.89 25.74 -44.50
N ALA B 83 -11.10 26.80 -44.46
CA ALA B 83 -11.40 28.04 -45.16
C ALA B 83 -10.65 28.17 -46.48
N LEU B 84 -10.08 27.08 -46.98
CA LEU B 84 -9.34 27.12 -48.23
C LEU B 84 -10.25 27.55 -49.38
N LYS B 85 -9.78 28.49 -50.17
CA LYS B 85 -10.57 29.05 -51.26
C LYS B 85 -9.87 28.99 -52.60
N THR B 86 -8.56 29.20 -52.65
CA THR B 86 -7.83 29.32 -53.91
C THR B 86 -6.65 28.37 -53.89
N ILE B 87 -6.52 27.55 -54.93
CA ILE B 87 -5.34 26.74 -55.18
C ILE B 87 -4.75 27.19 -56.51
N ARG B 88 -3.46 27.50 -56.50
CA ARG B 88 -2.80 28.01 -57.70
C ARG B 88 -2.20 26.87 -58.51
N SER B 89 -2.11 27.08 -59.82
CA SER B 89 -1.66 26.04 -60.73
C SER B 89 -0.20 25.70 -60.49
N GLY B 90 0.19 24.49 -60.93
CA GLY B 90 1.52 23.97 -60.72
C GLY B 90 1.69 23.15 -59.46
N THR B 91 0.67 23.06 -58.62
CA THR B 91 0.77 22.28 -57.39
C THR B 91 0.85 20.79 -57.71
N LYS B 92 1.77 20.09 -57.07
CA LYS B 92 1.96 18.66 -57.24
C LYS B 92 1.46 17.94 -55.98
N ILE B 93 0.53 17.02 -56.15
CA ILE B 93 -0.01 16.23 -55.05
C ILE B 93 0.11 14.75 -55.44
N LYS B 94 0.91 14.00 -54.67
CA LYS B 94 1.10 12.59 -54.98
C LYS B 94 -0.13 11.75 -54.62
N GLY B 95 -0.73 12.02 -53.46
CA GLY B 95 -1.88 11.26 -53.02
C GLY B 95 -3.19 11.79 -53.56
N TYR B 96 -4.19 11.89 -52.69
CA TYR B 96 -5.50 12.40 -53.06
C TYR B 96 -5.68 13.84 -52.58
N ALA B 97 -6.74 14.48 -53.07
CA ALA B 97 -7.13 15.81 -52.64
C ALA B 97 -8.50 15.71 -51.98
N ASN B 98 -8.57 16.15 -50.73
CA ASN B 98 -9.81 16.14 -49.96
C ASN B 98 -10.12 17.56 -49.52
N LEU B 99 -11.05 18.20 -50.21
CA LEU B 99 -11.41 19.59 -49.91
C LEU B 99 -12.84 19.67 -49.41
N LEU B 100 -13.26 18.69 -48.61
CA LEU B 100 -14.62 18.62 -48.10
C LEU B 100 -14.94 19.85 -47.27
N GLY B 101 -16.12 20.44 -47.53
CA GLY B 101 -16.60 21.52 -46.70
C GLY B 101 -15.79 22.79 -46.74
N SER B 102 -14.85 22.92 -47.68
CA SER B 102 -14.03 24.12 -47.77
C SER B 102 -14.77 25.20 -48.54
N LYS B 103 -14.06 26.29 -48.85
CA LYS B 103 -14.65 27.42 -49.57
C LYS B 103 -14.11 27.54 -51.00
N ILE B 104 -13.72 26.43 -51.61
CA ILE B 104 -13.20 26.47 -52.97
C ILE B 104 -14.34 26.71 -53.94
N GLU B 105 -14.17 27.70 -54.83
CA GLU B 105 -15.18 28.04 -55.81
C GLU B 105 -14.83 27.58 -57.22
N SER B 106 -13.56 27.38 -57.53
CA SER B 106 -13.15 26.93 -58.86
C SER B 106 -11.91 26.05 -58.72
N TRP B 107 -11.75 25.13 -59.67
CA TRP B 107 -10.58 24.25 -59.69
C TRP B 107 -9.62 24.71 -60.77
N PRO B 108 -8.35 24.97 -60.45
CA PRO B 108 -7.42 25.48 -61.47
C PRO B 108 -7.04 24.41 -62.47
N ARG B 109 -6.58 24.88 -63.63
CA ARG B 109 -6.09 23.98 -64.67
C ARG B 109 -4.62 23.62 -64.42
N GLY B 110 -4.28 22.37 -64.72
CA GLY B 110 -2.90 21.92 -64.64
C GLY B 110 -2.48 21.34 -63.32
N ILE B 111 -3.40 20.96 -62.46
CA ILE B 111 -3.06 20.34 -61.18
C ILE B 111 -2.73 18.88 -61.42
N LYS B 112 -1.53 18.46 -61.03
CA LYS B 112 -1.11 17.07 -61.13
C LYS B 112 -1.59 16.34 -59.88
N LEU B 113 -2.69 15.61 -60.02
CA LEU B 113 -3.32 14.92 -58.89
C LEU B 113 -3.10 13.42 -59.05
N GLY B 114 -2.45 12.81 -58.06
CA GLY B 114 -2.22 11.38 -58.08
C GLY B 114 -3.32 10.54 -57.48
N GLY B 115 -4.42 11.16 -57.06
CA GLY B 115 -5.50 10.42 -56.43
C GLY B 115 -6.88 10.97 -56.75
N TYR B 116 -7.83 10.73 -55.85
CA TYR B 116 -9.19 11.20 -56.08
C TYR B 116 -9.31 12.69 -55.75
N LEU B 117 -10.44 13.26 -56.16
CA LEU B 117 -10.77 14.66 -55.87
C LEU B 117 -12.16 14.70 -55.24
N ASN B 118 -12.22 15.02 -53.95
CA ASN B 118 -13.47 15.11 -53.21
C ASN B 118 -13.81 16.58 -52.98
N LEU B 119 -14.85 17.06 -53.66
CA LEU B 119 -15.27 18.45 -53.58
C LEU B 119 -16.68 18.58 -53.01
N THR B 120 -17.06 17.68 -52.12
CA THR B 120 -18.40 17.66 -51.56
C THR B 120 -18.65 18.88 -50.68
N ASP B 121 -19.85 19.44 -50.82
CA ASP B 121 -20.32 20.55 -49.98
C ASP B 121 -19.43 21.78 -50.09
N THR B 122 -18.98 22.08 -51.30
CA THR B 122 -18.15 23.25 -51.59
C THR B 122 -18.88 24.20 -52.53
N PRO B 123 -18.53 25.48 -52.53
CA PRO B 123 -19.18 26.43 -53.44
C PRO B 123 -18.64 26.36 -54.85
N LEU B 124 -17.96 25.26 -55.18
CA LEU B 124 -17.41 25.04 -56.51
C LEU B 124 -18.45 25.30 -57.59
N LYS B 125 -18.05 26.03 -58.64
CA LYS B 125 -18.95 26.37 -59.72
C LYS B 125 -18.41 25.96 -61.07
N THR B 126 -17.09 26.02 -61.25
CA THR B 126 -16.46 25.74 -62.53
C THR B 126 -15.38 24.68 -62.38
N LEU B 127 -15.20 23.88 -63.42
CA LEU B 127 -14.19 22.84 -63.47
C LEU B 127 -13.37 22.99 -64.74
N PRO B 128 -12.09 22.60 -64.70
CA PRO B 128 -11.25 22.71 -65.90
C PRO B 128 -11.74 21.77 -67.00
N ALA B 129 -11.58 22.22 -68.24
CA ALA B 129 -12.00 21.43 -69.39
C ALA B 129 -11.12 20.20 -69.55
N LYS B 130 -11.74 19.08 -69.92
CA LYS B 130 -11.05 17.81 -70.12
C LYS B 130 -10.28 17.37 -68.87
N LEU B 131 -10.86 17.62 -67.70
CA LEU B 131 -10.21 17.25 -66.45
C LEU B 131 -10.10 15.75 -66.31
N ARG B 132 -8.96 15.28 -65.82
CA ARG B 132 -8.72 13.86 -65.57
C ARG B 132 -8.62 13.63 -64.08
N VAL B 133 -9.44 12.72 -63.56
CA VAL B 133 -9.39 12.31 -62.16
C VAL B 133 -8.92 10.86 -62.14
N LYS B 134 -7.74 10.63 -61.57
CA LYS B 134 -7.20 9.29 -61.51
C LYS B 134 -7.90 8.40 -60.49
N GLY B 135 -8.78 8.98 -59.67
CA GLY B 135 -9.56 8.23 -58.70
C GLY B 135 -11.03 8.58 -58.83
N ASP B 136 -11.70 8.69 -57.69
CA ASP B 136 -13.11 9.04 -57.68
C ASP B 136 -13.30 10.55 -57.70
N LEU B 137 -14.49 10.98 -58.10
CA LEU B 137 -14.83 12.39 -58.17
C LEU B 137 -16.14 12.63 -57.43
N SER B 138 -16.21 13.72 -56.66
CA SER B 138 -17.39 14.07 -55.91
C SER B 138 -17.77 15.52 -56.18
N VAL B 139 -19.03 15.74 -56.56
CA VAL B 139 -19.58 17.08 -56.71
C VAL B 139 -20.89 17.12 -55.92
N ILE B 140 -20.97 16.28 -54.88
CA ILE B 140 -22.21 16.14 -54.12
C ILE B 140 -22.58 17.47 -53.47
N ARG B 141 -23.84 17.87 -53.67
CA ARG B 141 -24.39 19.09 -53.05
C ARG B 141 -23.55 20.33 -53.38
N THR B 142 -23.10 20.44 -54.63
CA THR B 142 -22.35 21.59 -55.12
C THR B 142 -23.19 22.41 -56.12
N PRO B 143 -23.00 23.73 -56.16
CA PRO B 143 -23.80 24.57 -57.07
C PRO B 143 -23.34 24.51 -58.51
N ILE B 144 -22.48 23.56 -58.85
CA ILE B 144 -22.00 23.43 -60.23
C ILE B 144 -23.18 23.18 -61.17
N SER B 145 -23.20 23.89 -62.29
CA SER B 145 -24.29 23.82 -63.24
C SER B 145 -24.05 22.84 -64.38
N ALA B 146 -22.80 22.65 -64.81
CA ALA B 146 -22.51 21.75 -65.92
C ALA B 146 -21.09 21.23 -65.79
N LEU B 147 -20.90 19.97 -66.22
CA LEU B 147 -19.58 19.35 -66.22
C LEU B 147 -18.79 19.75 -67.47
N PRO B 148 -17.46 19.86 -67.35
CA PRO B 148 -16.65 20.22 -68.51
C PRO B 148 -16.66 19.13 -69.57
N GLU B 149 -16.47 19.56 -70.81
CA GLU B 149 -16.44 18.62 -71.94
C GLU B 149 -15.20 17.74 -71.88
N GLY B 150 -15.36 16.49 -72.28
CA GLY B 150 -14.24 15.57 -72.30
C GLY B 150 -13.79 15.09 -70.94
N LEU B 151 -14.67 15.11 -69.95
CA LEU B 151 -14.30 14.68 -68.61
C LEU B 151 -13.99 13.18 -68.58
N VAL B 152 -12.91 12.82 -67.89
CA VAL B 152 -12.48 11.44 -67.74
C VAL B 152 -12.37 11.14 -66.25
N VAL B 153 -13.10 10.13 -65.80
CA VAL B 153 -13.07 9.70 -64.40
C VAL B 153 -12.73 8.21 -64.38
N ASP B 154 -11.67 7.86 -63.65
CA ASP B 154 -11.24 6.48 -63.54
C ASP B 154 -11.90 5.73 -62.38
N GLY B 155 -12.68 6.43 -61.55
CA GLY B 155 -13.34 5.78 -60.43
C GLY B 155 -14.84 5.97 -60.43
N ASN B 156 -15.42 6.15 -59.25
CA ASN B 156 -16.86 6.34 -59.11
C ASN B 156 -17.19 7.83 -59.08
N LEU B 157 -18.27 8.20 -59.75
CA LEU B 157 -18.71 9.58 -59.87
C LEU B 157 -20.00 9.77 -59.07
N TYR B 158 -19.96 10.66 -58.08
CA TYR B 158 -21.12 10.96 -57.25
C TYR B 158 -21.56 12.40 -57.52
N ILE B 159 -22.77 12.56 -58.04
CA ILE B 159 -23.30 13.87 -58.35
C ILE B 159 -24.57 14.11 -57.55
N GLY B 160 -24.79 13.28 -56.52
CA GLY B 160 -26.00 13.34 -55.72
C GLY B 160 -26.21 14.66 -55.01
N GLY B 161 -27.41 15.21 -55.13
CA GLY B 161 -27.74 16.45 -54.44
C GLY B 161 -27.19 17.71 -55.07
N SER B 162 -26.55 17.61 -56.23
CA SER B 162 -25.97 18.76 -56.90
C SER B 162 -26.99 19.40 -57.84
N ALA B 163 -26.58 20.47 -58.50
CA ALA B 163 -27.43 21.17 -59.46
C ALA B 163 -27.24 20.70 -60.88
N LEU B 164 -26.40 19.70 -61.11
CA LEU B 164 -26.17 19.19 -62.46
C LEU B 164 -27.43 18.50 -62.98
N GLN B 165 -27.82 18.84 -64.21
CA GLN B 165 -28.91 18.16 -64.88
C GLN B 165 -28.63 17.82 -66.34
N VAL B 166 -27.54 18.29 -66.93
CA VAL B 166 -27.19 17.99 -68.31
C VAL B 166 -25.72 17.61 -68.37
N PHE B 167 -25.43 16.44 -68.92
CA PHE B 167 -24.07 15.99 -69.14
C PHE B 167 -23.53 16.50 -70.47
N PRO B 168 -22.20 16.64 -70.59
CA PRO B 168 -21.64 17.11 -71.86
C PRO B 168 -21.81 16.09 -72.99
N ASP B 169 -21.34 16.46 -74.19
CA ASP B 169 -21.47 15.55 -75.34
C ASP B 169 -20.67 14.28 -75.15
N THR B 170 -19.46 14.39 -74.60
CA THR B 170 -18.59 13.24 -74.41
C THR B 170 -18.01 13.26 -73.00
N MET B 171 -18.07 12.12 -72.32
CA MET B 171 -17.47 11.96 -71.01
C MET B 171 -17.07 10.51 -70.84
N THR B 172 -16.16 10.27 -69.90
CA THR B 172 -15.65 8.93 -69.64
C THR B 172 -15.65 8.66 -68.13
N VAL B 173 -16.37 7.63 -67.72
CA VAL B 173 -16.38 7.17 -66.33
C VAL B 173 -16.08 5.68 -66.34
N LYS B 174 -14.99 5.29 -65.67
CA LYS B 174 -14.57 3.89 -65.64
C LYS B 174 -15.17 3.10 -64.49
N GLY B 175 -15.96 3.73 -63.64
CA GLY B 175 -16.61 3.03 -62.55
C GLY B 175 -18.12 3.13 -62.60
N ASN B 176 -18.75 3.36 -61.45
CA ASN B 176 -20.19 3.55 -61.38
C ASN B 176 -20.54 5.03 -61.38
N ILE B 177 -21.73 5.34 -61.89
CA ILE B 177 -22.25 6.70 -61.92
C ILE B 177 -23.45 6.75 -60.99
N PHE B 178 -23.40 7.64 -60.00
CA PHE B 178 -24.44 7.77 -59.00
C PHE B 178 -25.14 9.10 -59.18
N LEU B 179 -26.40 9.07 -59.59
CA LEU B 179 -27.17 10.30 -59.72
C LEU B 179 -27.54 10.88 -58.36
N GLY B 180 -27.88 10.02 -57.39
CA GLY B 180 -28.16 10.46 -56.04
C GLY B 180 -29.44 11.21 -55.83
N GLY B 181 -30.20 11.46 -56.89
CA GLY B 181 -31.46 12.19 -56.76
C GLY B 181 -31.68 13.22 -57.84
N ASN B 182 -30.60 13.81 -58.35
CA ASN B 182 -30.74 14.78 -59.43
C ASN B 182 -31.19 14.11 -60.72
N LYS B 183 -31.92 14.85 -61.53
CA LYS B 183 -32.50 14.33 -62.76
C LYS B 183 -31.61 14.73 -63.94
N ILE B 184 -31.15 13.72 -64.68
CA ILE B 184 -30.34 13.93 -65.88
C ILE B 184 -31.24 13.75 -67.10
N THR B 185 -31.26 14.75 -67.98
CA THR B 185 -32.10 14.73 -69.17
C THR B 185 -31.31 14.54 -70.46
N LYS B 186 -30.14 15.15 -70.59
CA LYS B 186 -29.32 15.06 -71.78
C LYS B 186 -28.09 14.21 -71.47
N TRP B 187 -28.09 12.97 -71.94
CA TRP B 187 -26.97 12.05 -71.74
C TRP B 187 -25.92 12.23 -72.82
N PRO B 188 -24.66 11.92 -72.52
CA PRO B 188 -23.61 12.08 -73.53
C PRO B 188 -23.85 11.20 -74.75
N SER B 189 -23.49 11.73 -75.91
CA SER B 189 -23.61 10.95 -77.14
C SER B 189 -22.58 9.81 -77.18
N ASN B 190 -21.36 10.08 -76.76
CA ASN B 190 -20.28 9.09 -76.74
C ASN B 190 -19.94 8.81 -75.28
N LEU B 191 -20.38 7.66 -74.78
CA LEU B 191 -20.13 7.27 -73.39
C LEU B 191 -19.89 5.77 -73.31
N THR B 192 -18.75 5.40 -72.75
CA THR B 192 -18.43 4.01 -72.46
C THR B 192 -18.27 3.86 -70.95
N LEU B 193 -19.10 3.01 -70.34
CA LEU B 193 -19.18 2.89 -68.90
C LEU B 193 -18.69 1.51 -68.47
N GLY B 194 -17.75 1.48 -67.54
CA GLY B 194 -17.28 0.22 -66.98
C GLY B 194 -18.13 -0.32 -65.84
N GLY B 195 -19.11 0.45 -65.38
CA GLY B 195 -19.96 0.01 -64.30
C GLY B 195 -21.44 0.18 -64.58
N ALA B 196 -22.20 0.65 -63.59
CA ALA B 196 -23.63 0.83 -63.72
C ALA B 196 -24.02 2.25 -63.31
N VAL B 197 -25.25 2.62 -63.63
CA VAL B 197 -25.79 3.93 -63.30
C VAL B 197 -26.82 3.77 -62.19
N ALA B 198 -26.66 4.54 -61.12
CA ALA B 198 -27.57 4.49 -60.00
C ALA B 198 -28.24 5.84 -59.78
N PRO B 199 -29.55 5.86 -59.53
CA PRO B 199 -30.29 7.12 -59.28
C PRO B 199 -29.99 7.70 -57.90
N MET C 1 11.86 -19.99 -17.28
CA MET C 1 11.69 -18.69 -16.65
C MET C 1 11.54 -17.60 -17.68
N HIS C 2 11.31 -16.37 -17.21
CA HIS C 2 11.17 -15.25 -18.12
C HIS C 2 12.49 -15.01 -18.85
N PRO C 3 12.45 -14.79 -20.17
CA PRO C 3 13.71 -14.60 -20.92
C PRO C 3 14.50 -13.40 -20.45
N ALA C 4 13.85 -12.32 -20.02
CA ALA C 4 14.57 -11.13 -19.58
C ALA C 4 15.39 -11.41 -18.32
N LEU C 5 14.92 -12.35 -17.49
CA LEU C 5 15.66 -12.67 -16.27
C LEU C 5 16.98 -13.37 -16.59
N TRP C 6 16.96 -14.34 -17.51
CA TRP C 6 18.17 -15.10 -17.77
C TRP C 6 19.17 -14.32 -18.62
N VAL C 7 18.70 -13.40 -19.46
CA VAL C 7 19.61 -12.59 -20.27
C VAL C 7 20.48 -11.73 -19.36
N SER C 8 19.89 -11.11 -18.35
CA SER C 8 20.67 -10.31 -17.41
C SER C 8 21.54 -11.18 -16.52
N LYS C 9 21.09 -12.39 -16.20
CA LYS C 9 21.88 -13.29 -15.36
C LYS C 9 23.18 -13.69 -16.05
N THR C 10 23.11 -13.96 -17.36
CA THR C 10 24.33 -14.29 -18.10
C THR C 10 25.32 -13.13 -18.08
N GLY C 11 24.81 -11.90 -18.11
CA GLY C 11 25.68 -10.75 -17.95
C GLY C 11 26.34 -10.71 -16.59
N LEU C 12 25.62 -11.13 -15.55
CA LEU C 12 26.20 -11.16 -14.20
C LEU C 12 27.31 -12.21 -14.10
N ASP C 13 27.12 -13.37 -14.72
CA ASP C 13 28.16 -14.39 -14.71
C ASP C 13 29.40 -13.92 -15.46
N ALA C 14 29.20 -13.21 -16.57
CA ALA C 14 30.34 -12.72 -17.35
C ALA C 14 31.18 -11.74 -16.54
N GLN C 15 30.52 -10.84 -15.80
CA GLN C 15 31.25 -9.90 -14.96
C GLN C 15 31.91 -10.60 -13.79
N GLN C 16 31.26 -11.62 -13.22
CA GLN C 16 31.85 -12.38 -12.13
C GLN C 16 33.12 -13.09 -12.59
N THR C 17 33.10 -13.63 -13.81
CA THR C 17 34.32 -14.19 -14.38
C THR C 17 35.38 -13.10 -14.60
N ASN C 18 34.95 -11.92 -15.03
CA ASN C 18 35.88 -10.82 -15.22
C ASN C 18 36.50 -10.39 -13.89
N ILE C 19 35.70 -10.35 -12.83
CA ILE C 19 36.22 -9.97 -11.52
C ILE C 19 37.26 -10.97 -11.03
N ALA C 20 36.99 -12.27 -11.19
CA ALA C 20 37.93 -13.29 -10.76
C ALA C 20 39.23 -13.23 -11.55
N THR C 21 39.16 -12.73 -12.79
CA THR C 21 40.38 -12.55 -13.59
C THR C 21 41.18 -11.36 -13.09
N ILE C 22 40.50 -10.26 -12.74
CA ILE C 22 41.19 -9.08 -12.24
C ILE C 22 41.85 -9.37 -10.89
N SER C 23 41.13 -10.06 -10.00
CA SER C 23 41.69 -10.36 -8.68
C SER C 23 42.89 -11.28 -8.79
N ASN C 24 42.89 -12.17 -9.78
CA ASN C 24 44.05 -13.04 -9.99
C ASN C 24 45.29 -12.24 -10.38
N ASN C 25 45.12 -11.23 -11.23
CA ASN C 25 46.25 -10.40 -11.63
C ASN C 25 46.79 -9.59 -10.46
N LEU C 26 45.90 -9.00 -9.65
CA LEU C 26 46.34 -8.21 -8.51
C LEU C 26 46.99 -9.10 -7.45
N ALA C 27 46.51 -10.32 -7.28
CA ALA C 27 47.17 -11.25 -6.37
C ALA C 27 48.59 -11.55 -6.82
N ASN C 28 48.78 -11.78 -8.12
CA ASN C 28 50.10 -12.00 -8.69
C ASN C 28 50.72 -10.71 -9.21
N ALA C 29 50.76 -9.68 -8.36
CA ALA C 29 51.39 -8.42 -8.73
C ALA C 29 52.88 -8.38 -8.42
N SER C 30 53.40 -9.40 -7.72
CA SER C 30 54.81 -9.47 -7.39
C SER C 30 55.45 -10.76 -7.86
N THR C 31 54.71 -11.65 -8.51
CA THR C 31 55.26 -12.91 -8.98
C THR C 31 56.24 -12.68 -10.11
N VAL C 32 57.33 -13.45 -10.12
CA VAL C 32 58.36 -13.33 -11.15
C VAL C 32 57.94 -14.15 -12.37
N GLY C 33 57.99 -13.52 -13.54
CA GLY C 33 57.62 -14.19 -14.77
C GLY C 33 56.16 -14.53 -14.87
N TYR C 34 55.29 -13.69 -14.32
CA TYR C 34 53.84 -13.89 -14.39
C TYR C 34 53.26 -13.02 -15.49
N LYS C 35 52.47 -13.62 -16.36
CA LYS C 35 51.82 -12.92 -17.45
C LYS C 35 50.34 -12.71 -17.13
N LYS C 36 49.88 -11.48 -17.23
CA LYS C 36 48.51 -11.15 -16.85
C LYS C 36 47.52 -11.71 -17.87
N SER C 37 46.29 -11.91 -17.42
CA SER C 37 45.21 -12.44 -18.25
C SER C 37 44.09 -11.40 -18.33
N ARG C 38 43.39 -11.40 -19.46
CA ARG C 38 42.24 -10.53 -19.65
C ARG C 38 41.06 -11.36 -20.13
N ALA C 39 39.89 -11.11 -19.55
CA ALA C 39 38.68 -11.81 -19.94
C ALA C 39 38.14 -11.21 -21.24
N VAL C 40 37.83 -12.08 -22.19
CA VAL C 40 37.33 -11.67 -23.50
C VAL C 40 35.84 -12.01 -23.57
N PHE C 41 35.03 -11.00 -23.88
CA PHE C 41 33.58 -11.16 -23.93
C PHE C 41 33.12 -11.27 -25.38
N GLU C 42 31.99 -11.94 -25.57
CA GLU C 42 31.30 -11.94 -26.86
C GLU C 42 29.82 -12.20 -26.62
N ASP C 43 28.98 -11.77 -27.52
CA ASP C 43 27.52 -11.89 -27.27
C ASP C 43 27.09 -13.33 -27.47
N LEU C 44 25.89 -13.69 -27.03
CA LEU C 44 25.39 -15.06 -27.31
C LEU C 44 24.46 -14.94 -28.53
N PHE C 45 24.03 -16.05 -29.13
CA PHE C 45 23.29 -16.04 -30.41
C PHE C 45 21.99 -15.26 -30.37
N TYR C 46 21.50 -14.85 -31.54
CA TYR C 46 20.25 -14.07 -31.67
C TYR C 46 19.14 -14.94 -32.25
N GLN C 47 17.95 -14.95 -31.68
CA GLN C 47 16.88 -15.86 -32.03
C GLN C 47 15.73 -15.10 -32.68
N ASN C 48 15.23 -15.64 -33.79
CA ASN C 48 14.06 -15.08 -34.46
C ASN C 48 12.80 -15.61 -33.79
N ILE C 49 11.96 -14.69 -33.32
CA ILE C 49 10.76 -15.05 -32.56
C ILE C 49 9.50 -15.01 -33.43
N ASN C 50 9.36 -13.99 -34.27
CA ASN C 50 8.14 -13.79 -35.03
C ASN C 50 8.15 -14.51 -36.38
N GLN C 51 9.19 -15.25 -36.69
CA GLN C 51 9.16 -16.12 -37.86
C GLN C 51 8.75 -17.52 -37.45
N PRO C 52 7.98 -18.23 -38.28
CA PRO C 52 7.58 -19.60 -37.91
C PRO C 52 8.80 -20.49 -37.75
N GLY C 53 8.98 -21.01 -36.54
CA GLY C 53 10.18 -21.80 -36.26
C GLY C 53 11.41 -20.93 -36.21
N GLY C 54 12.54 -21.51 -36.63
CA GLY C 54 13.80 -20.81 -36.57
C GLY C 54 14.19 -20.09 -37.84
N GLN C 55 13.20 -19.82 -38.70
CA GLN C 55 13.47 -19.14 -39.96
C GLN C 55 13.98 -17.73 -39.69
N SER C 56 14.94 -17.28 -40.51
CA SER C 56 15.65 -16.03 -40.27
C SER C 56 15.69 -15.12 -41.48
N SER C 57 16.51 -14.08 -41.40
CA SER C 57 16.79 -13.10 -42.45
C SER C 57 15.48 -12.50 -42.97
N GLN C 58 15.48 -12.10 -44.25
CA GLN C 58 14.39 -11.40 -44.91
C GLN C 58 14.28 -9.96 -44.43
N ASN C 59 13.18 -9.62 -43.77
CA ASN C 59 12.93 -8.24 -43.31
C ASN C 59 13.26 -8.15 -41.83
N THR C 60 14.49 -7.77 -41.52
CA THR C 60 14.95 -7.66 -40.14
C THR C 60 14.60 -6.33 -39.49
N GLU C 61 14.02 -5.39 -40.24
CA GLU C 61 13.60 -4.10 -39.71
C GLU C 61 12.09 -4.00 -39.61
N LEU C 62 11.43 -5.14 -39.46
CA LEU C 62 9.99 -5.26 -39.33
C LEU C 62 9.67 -6.17 -38.14
N PRO C 63 8.46 -6.08 -37.59
CA PRO C 63 8.09 -6.99 -36.49
C PRO C 63 8.22 -8.45 -36.85
N SER C 64 8.06 -8.81 -38.12
CA SER C 64 8.19 -10.21 -38.53
C SER C 64 9.61 -10.73 -38.30
N GLY C 65 10.62 -9.92 -38.60
CA GLY C 65 11.99 -10.37 -38.53
C GLY C 65 12.74 -9.93 -37.28
N LEU C 66 12.01 -9.63 -36.22
CA LEU C 66 12.65 -9.21 -34.98
C LEU C 66 13.53 -10.33 -34.42
N MET C 67 14.74 -9.98 -34.01
CA MET C 67 15.70 -10.92 -33.45
C MET C 67 16.10 -10.47 -32.06
N LEU C 68 16.11 -11.42 -31.13
CA LEU C 68 16.42 -11.14 -29.73
C LEU C 68 17.70 -11.87 -29.33
N GLY C 69 18.57 -11.17 -28.59
CA GLY C 69 19.79 -11.77 -28.13
C GLY C 69 19.60 -12.64 -26.90
N ALA C 70 20.67 -13.33 -26.51
CA ALA C 70 20.64 -14.24 -25.38
C ALA C 70 21.57 -13.81 -24.25
N GLY C 71 22.19 -12.64 -24.37
CA GLY C 71 23.07 -12.16 -23.32
C GLY C 71 24.52 -12.08 -23.74
N SER C 72 25.43 -12.36 -22.82
CA SER C 72 26.86 -12.31 -23.08
C SER C 72 27.56 -13.42 -22.32
N LYS C 73 28.82 -13.64 -22.67
CA LYS C 73 29.63 -14.66 -22.04
C LYS C 73 31.10 -14.29 -22.17
N VAL C 74 31.94 -14.96 -21.39
CA VAL C 74 33.39 -14.84 -21.49
C VAL C 74 33.89 -16.05 -22.27
N VAL C 75 34.43 -15.80 -23.47
CA VAL C 75 34.83 -16.88 -24.36
C VAL C 75 36.25 -17.38 -24.05
N ALA C 76 37.17 -16.48 -23.75
CA ALA C 76 38.54 -16.90 -23.48
C ALA C 76 39.20 -15.91 -22.53
N THR C 77 40.06 -16.43 -21.66
CA THR C 77 40.89 -15.62 -20.78
C THR C 77 42.28 -15.59 -21.42
N GLN C 78 42.55 -14.52 -22.16
CA GLN C 78 43.75 -14.45 -22.98
C GLN C 78 44.95 -14.01 -22.16
N LYS C 79 46.04 -14.77 -22.26
CA LYS C 79 47.30 -14.44 -21.59
C LYS C 79 48.05 -13.40 -22.41
N VAL C 80 48.39 -12.28 -21.78
CA VAL C 80 49.14 -11.21 -22.44
C VAL C 80 50.62 -11.44 -22.13
N HIS C 81 51.34 -12.02 -23.08
CA HIS C 81 52.75 -12.34 -22.88
C HIS C 81 53.65 -11.17 -23.24
N THR C 82 53.38 -10.02 -22.64
CA THR C 82 54.24 -8.86 -22.80
C THR C 82 55.47 -8.99 -21.91
N HIS C 83 56.65 -8.69 -22.47
CA HIS C 83 57.89 -8.81 -21.72
C HIS C 83 57.86 -7.86 -20.52
N GLY C 84 58.25 -8.39 -19.36
CA GLY C 84 58.22 -7.61 -18.13
C GLY C 84 59.55 -6.96 -17.81
N ASN C 85 59.52 -6.10 -16.80
CA ASN C 85 60.71 -5.40 -16.36
C ASN C 85 61.66 -6.36 -15.64
N ALA C 86 62.93 -5.96 -15.56
CA ALA C 86 63.98 -6.78 -14.98
C ALA C 86 64.27 -6.33 -13.55
N GLN C 87 64.43 -7.30 -12.66
CA GLN C 87 64.85 -7.04 -11.29
C GLN C 87 66.30 -7.48 -11.13
N THR C 88 67.15 -6.55 -10.69
CA THR C 88 68.56 -6.83 -10.49
C THR C 88 68.77 -7.30 -9.06
N THR C 89 69.14 -8.56 -8.90
CA THR C 89 69.35 -9.17 -7.59
C THR C 89 70.80 -9.65 -7.47
N THR C 90 71.24 -9.82 -6.22
CA THR C 90 72.60 -10.26 -5.95
C THR C 90 72.75 -11.77 -5.92
N ASN C 91 71.66 -12.52 -6.00
CA ASN C 91 71.74 -13.97 -6.00
C ASN C 91 72.23 -14.46 -7.36
N ALA C 92 73.21 -15.35 -7.35
CA ALA C 92 73.88 -15.78 -8.58
C ALA C 92 73.20 -16.97 -9.25
N LEU C 93 72.15 -17.53 -8.64
CA LEU C 93 71.48 -18.70 -9.18
C LEU C 93 70.17 -18.38 -9.87
N ASP C 94 69.70 -17.13 -9.81
CA ASP C 94 68.50 -16.73 -10.51
C ASP C 94 68.86 -16.15 -11.87
N MET C 95 68.04 -16.46 -12.86
CA MET C 95 68.33 -16.11 -14.25
C MET C 95 67.10 -15.50 -14.89
N MET C 96 67.31 -14.90 -16.06
CA MET C 96 66.25 -14.21 -16.79
C MET C 96 66.45 -14.42 -18.28
N VAL C 97 65.35 -14.37 -19.03
CA VAL C 97 65.36 -14.43 -20.48
C VAL C 97 64.88 -13.09 -21.00
N GLU C 98 65.72 -12.42 -21.79
CA GLU C 98 65.33 -11.19 -22.46
C GLU C 98 64.93 -11.52 -23.89
N GLY C 99 63.69 -11.23 -24.23
CA GLY C 99 63.13 -11.69 -25.48
C GLY C 99 62.39 -12.99 -25.32
N ASP C 100 62.06 -13.60 -26.46
CA ASP C 100 61.30 -14.83 -26.45
C ASP C 100 62.12 -15.98 -25.88
N GLY C 101 61.46 -16.85 -25.13
CA GLY C 101 62.10 -18.02 -24.55
C GLY C 101 61.40 -18.45 -23.27
N PHE C 102 61.49 -19.74 -22.99
CA PHE C 102 60.95 -20.33 -21.77
C PHE C 102 61.96 -21.28 -21.18
N PHE C 103 62.18 -21.21 -19.87
CA PHE C 103 63.01 -22.20 -19.21
C PHE C 103 62.28 -23.54 -19.19
N GLN C 104 63.06 -24.62 -19.18
CA GLN C 104 62.52 -25.98 -19.23
C GLN C 104 62.83 -26.69 -17.91
N VAL C 105 61.79 -27.25 -17.29
CA VAL C 105 61.93 -27.99 -16.06
C VAL C 105 61.28 -29.35 -16.23
N THR C 106 61.77 -30.33 -15.48
CA THR C 106 61.29 -31.71 -15.55
C THR C 106 60.26 -31.92 -14.45
N LEU C 107 59.02 -32.19 -14.85
CA LEU C 107 57.94 -32.43 -13.91
C LEU C 107 58.06 -33.82 -13.30
N PRO C 108 57.46 -34.04 -12.12
CA PRO C 108 57.57 -35.36 -11.49
C PRO C 108 57.01 -36.49 -12.33
N ASP C 109 55.96 -36.25 -13.12
CA ASP C 109 55.36 -37.29 -13.93
C ASP C 109 56.18 -37.64 -15.17
N GLY C 110 57.22 -36.87 -15.48
CA GLY C 110 58.11 -37.21 -16.57
C GLY C 110 58.24 -36.17 -17.66
N ASN C 111 57.15 -35.49 -17.99
CA ASN C 111 57.18 -34.53 -19.08
C ASN C 111 57.83 -33.22 -18.62
N ILE C 112 58.00 -32.29 -19.55
CA ILE C 112 58.69 -31.03 -19.30
C ILE C 112 57.68 -29.89 -19.38
N GLY C 113 57.68 -29.04 -18.37
CA GLY C 113 56.87 -27.84 -18.35
C GLY C 113 57.76 -26.62 -18.55
N TYR C 114 57.23 -25.62 -19.25
CA TYR C 114 58.00 -24.46 -19.67
C TYR C 114 57.64 -23.26 -18.79
N THR C 115 58.66 -22.62 -18.24
CA THR C 115 58.48 -21.56 -17.26
C THR C 115 59.28 -20.33 -17.64
N ARG C 116 58.72 -19.16 -17.34
CA ARG C 116 59.44 -17.89 -17.44
C ARG C 116 60.07 -17.47 -16.13
N ASN C 117 59.80 -18.19 -15.04
CA ASN C 117 60.38 -17.88 -13.74
C ASN C 117 61.79 -18.47 -13.65
N GLY C 118 62.77 -17.61 -13.44
CA GLY C 118 64.15 -18.03 -13.40
C GLY C 118 64.73 -18.14 -12.02
N GLN C 119 63.87 -18.14 -10.99
CA GLN C 119 64.34 -18.25 -9.62
C GLN C 119 64.78 -19.67 -9.32
N PHE C 120 66.03 -19.99 -9.64
CA PHE C 120 66.58 -21.33 -9.47
C PHE C 120 67.49 -21.37 -8.25
N THR C 121 67.89 -22.59 -7.90
CA THR C 121 68.85 -22.84 -6.83
C THR C 121 69.39 -24.25 -7.02
N LEU C 122 70.22 -24.69 -6.08
CA LEU C 122 70.82 -26.02 -6.13
C LEU C 122 70.16 -26.93 -5.11
N ASN C 123 70.03 -28.21 -5.46
CA ASN C 123 69.46 -29.20 -4.57
C ASN C 123 70.60 -29.85 -3.76
N GLY C 124 70.29 -30.94 -3.07
CA GLY C 124 71.30 -31.62 -2.27
C GLY C 124 72.44 -32.19 -3.09
N GLU C 125 72.15 -32.65 -4.30
CA GLU C 125 73.14 -33.26 -5.17
C GLU C 125 73.86 -32.24 -6.05
N GLY C 126 73.51 -30.96 -5.96
CA GLY C 126 74.14 -29.94 -6.75
C GLY C 126 73.49 -29.64 -8.08
N THR C 127 72.40 -30.33 -8.42
CA THR C 127 71.72 -30.08 -9.68
C THR C 127 70.86 -28.82 -9.57
N LEU C 128 70.91 -27.99 -10.62
CA LEU C 128 70.14 -26.76 -10.64
C LEU C 128 68.65 -27.09 -10.67
N VAL C 129 67.92 -26.62 -9.66
CA VAL C 129 66.50 -26.89 -9.52
C VAL C 129 65.79 -25.58 -9.22
N THR C 130 64.47 -25.57 -9.40
CA THR C 130 63.65 -24.41 -9.10
C THR C 130 63.59 -24.20 -7.59
N SER C 131 63.65 -22.93 -7.18
CA SER C 131 63.64 -22.59 -5.76
C SER C 131 62.27 -22.72 -5.12
N GLY C 132 61.27 -23.19 -5.86
CA GLY C 132 59.92 -23.40 -5.38
C GLY C 132 59.69 -24.86 -5.07
N SER C 133 59.02 -25.58 -5.98
CA SER C 133 58.73 -26.99 -5.72
C SER C 133 59.98 -27.87 -5.82
N GLY C 134 60.99 -27.45 -6.58
CA GLY C 134 62.21 -28.22 -6.69
C GLY C 134 62.32 -29.09 -7.93
N TYR C 135 61.63 -28.75 -9.00
CA TYR C 135 61.69 -29.56 -10.21
C TYR C 135 62.99 -29.26 -10.97
N PRO C 136 63.78 -30.27 -11.31
CA PRO C 136 65.07 -30.01 -11.97
C PRO C 136 64.89 -29.37 -13.33
N VAL C 137 65.89 -28.58 -13.73
CA VAL C 137 65.89 -27.86 -14.99
C VAL C 137 66.55 -28.73 -16.06
N GLU C 138 65.88 -28.89 -17.19
CA GLU C 138 66.38 -29.61 -18.36
C GLU C 138 67.06 -28.63 -19.32
N PRO C 139 68.29 -28.92 -19.77
CA PRO C 139 69.13 -30.09 -19.48
C PRO C 139 69.71 -30.05 -18.08
N GLU C 140 70.08 -31.21 -17.53
CA GLU C 140 70.56 -31.27 -16.16
C GLU C 140 71.93 -30.59 -16.05
N ILE C 141 72.05 -29.69 -15.09
CA ILE C 141 73.28 -28.95 -14.84
C ILE C 141 73.74 -29.30 -13.43
N VAL C 142 74.96 -29.82 -13.31
CA VAL C 142 75.51 -30.28 -12.05
C VAL C 142 76.69 -29.37 -11.69
N ILE C 143 76.69 -28.87 -10.46
CA ILE C 143 77.72 -27.95 -9.97
C ILE C 143 78.68 -28.74 -9.10
N PRO C 144 79.97 -28.79 -9.43
CA PRO C 144 80.93 -29.48 -8.56
C PRO C 144 81.06 -28.79 -7.21
N GLU C 145 81.39 -29.57 -6.20
CA GLU C 145 81.43 -29.04 -4.83
C GLU C 145 82.60 -28.10 -4.61
N ASP C 146 83.68 -28.25 -5.37
CA ASP C 146 84.86 -27.40 -5.22
C ASP C 146 84.72 -26.08 -5.98
N ALA C 147 83.61 -25.86 -6.66
CA ALA C 147 83.41 -24.61 -7.39
C ALA C 147 83.28 -23.44 -6.41
N ILE C 148 83.74 -22.28 -6.84
CA ILE C 148 83.68 -21.07 -6.03
C ILE C 148 82.56 -20.14 -6.50
N SER C 149 82.55 -19.81 -7.78
CA SER C 149 81.54 -18.93 -8.36
C SER C 149 80.96 -19.55 -9.61
N ILE C 150 79.66 -19.34 -9.82
CA ILE C 150 78.94 -19.86 -10.97
C ILE C 150 78.74 -18.73 -11.95
N THR C 151 79.18 -18.93 -13.19
CA THR C 151 79.03 -17.95 -14.27
C THR C 151 78.21 -18.57 -15.38
N VAL C 152 77.08 -17.95 -15.71
CA VAL C 152 76.19 -18.41 -16.77
C VAL C 152 76.33 -17.43 -17.93
N GLY C 153 76.82 -17.93 -19.06
CA GLY C 153 76.99 -17.08 -20.21
C GLY C 153 75.67 -16.69 -20.84
N THR C 154 75.74 -15.68 -21.71
CA THR C 154 74.54 -15.19 -22.38
C THR C 154 73.96 -16.19 -23.37
N ASP C 155 74.70 -17.26 -23.69
CA ASP C 155 74.19 -18.33 -24.54
C ASP C 155 73.92 -19.61 -23.74
N GLY C 156 73.79 -19.49 -22.43
CA GLY C 156 73.42 -20.61 -21.59
C GLY C 156 74.56 -21.46 -21.08
N GLU C 157 75.80 -21.19 -21.50
CA GLU C 157 76.93 -21.98 -21.04
C GLU C 157 77.21 -21.68 -19.57
N VAL C 158 77.18 -22.71 -18.73
CA VAL C 158 77.45 -22.58 -17.31
C VAL C 158 78.88 -23.00 -17.05
N SER C 159 79.68 -22.10 -16.48
CA SER C 159 81.05 -22.38 -16.13
C SER C 159 81.28 -22.03 -14.67
N VAL C 160 82.21 -22.74 -14.04
CA VAL C 160 82.51 -22.54 -12.64
C VAL C 160 84.01 -22.27 -12.48
N ARG C 161 84.35 -21.57 -11.41
CA ARG C 161 85.75 -21.33 -11.07
C ARG C 161 86.19 -22.30 -9.99
N VAL C 162 87.28 -23.02 -10.26
CA VAL C 162 87.86 -23.95 -9.31
C VAL C 162 89.24 -23.46 -8.94
N ARG C 163 89.51 -23.37 -7.64
CA ARG C 163 90.79 -22.86 -7.18
C ARG C 163 91.90 -23.82 -7.55
N GLY C 164 93.02 -23.28 -8.03
CA GLY C 164 94.13 -24.07 -8.50
C GLY C 164 94.11 -24.39 -9.98
N GLN C 165 93.08 -23.97 -10.69
CA GLN C 165 92.95 -24.21 -12.13
C GLN C 165 92.64 -22.89 -12.82
N GLN C 166 93.61 -22.34 -13.52
CA GLN C 166 93.39 -21.15 -14.32
C GLN C 166 92.37 -21.44 -15.43
N ASP C 167 91.52 -20.45 -15.70
CA ASP C 167 90.49 -20.49 -16.73
C ASP C 167 89.30 -21.35 -16.30
N ASN C 168 88.09 -20.85 -16.52
CA ASN C 168 86.88 -21.52 -16.07
C ASN C 168 86.65 -22.81 -16.84
N GLN C 169 85.94 -23.74 -16.21
CA GLN C 169 85.57 -25.01 -16.81
C GLN C 169 84.06 -25.08 -16.98
N VAL C 170 83.63 -25.53 -18.16
CA VAL C 170 82.20 -25.58 -18.49
C VAL C 170 81.62 -26.87 -17.92
N VAL C 171 80.47 -26.75 -17.26
CA VAL C 171 79.79 -27.87 -16.64
C VAL C 171 78.39 -28.09 -17.21
N GLY C 172 78.06 -27.42 -18.30
CA GLY C 172 76.76 -27.59 -18.93
C GLY C 172 76.37 -26.37 -19.72
N GLN C 173 75.30 -26.51 -20.49
CA GLN C 173 74.76 -25.43 -21.30
C GLN C 173 73.25 -25.51 -21.33
N LEU C 174 72.59 -24.39 -21.05
CA LEU C 174 71.14 -24.33 -21.05
C LEU C 174 70.59 -24.15 -22.47
N THR C 175 69.36 -24.58 -22.66
CA THR C 175 68.59 -24.30 -23.86
C THR C 175 67.22 -23.78 -23.45
N ILE C 176 66.67 -22.88 -24.26
CA ILE C 176 65.36 -22.29 -23.99
C ILE C 176 64.44 -22.57 -25.16
N THR C 177 63.15 -22.69 -24.87
CA THR C 177 62.15 -23.04 -25.85
C THR C 177 61.26 -21.83 -26.16
N ASP C 178 60.94 -21.66 -27.44
CA ASP C 178 60.00 -20.64 -27.88
C ASP C 178 58.88 -21.30 -28.66
N PHE C 179 57.68 -20.76 -28.51
CA PHE C 179 56.48 -21.33 -29.10
C PHE C 179 55.90 -20.38 -30.14
N VAL C 180 55.23 -20.95 -31.14
CA VAL C 180 54.59 -20.12 -32.17
C VAL C 180 53.49 -19.26 -31.54
N ASN C 181 52.69 -19.84 -30.66
CA ASN C 181 51.60 -19.14 -29.99
C ASN C 181 51.72 -19.36 -28.49
N PRO C 182 52.53 -18.54 -27.81
CA PRO C 182 52.62 -18.67 -26.34
C PRO C 182 51.32 -18.42 -25.62
N GLY C 183 50.37 -17.71 -26.26
CA GLY C 183 49.06 -17.50 -25.64
C GLY C 183 48.23 -18.76 -25.56
N GLY C 184 48.58 -19.80 -26.30
CA GLY C 184 47.91 -21.08 -26.23
C GLY C 184 48.42 -22.04 -25.19
N LEU C 185 49.46 -21.65 -24.45
CA LEU C 185 50.01 -22.51 -23.41
C LEU C 185 49.01 -22.64 -22.26
N GLU C 186 49.00 -23.81 -21.64
CA GLU C 186 48.08 -24.08 -20.54
C GLU C 186 48.75 -23.77 -19.21
N PRO C 187 48.26 -22.79 -18.46
CA PRO C 187 48.85 -22.55 -17.13
C PRO C 187 48.42 -23.62 -16.14
N ILE C 188 49.37 -24.11 -15.35
CA ILE C 188 49.12 -25.14 -14.37
C ILE C 188 49.55 -24.70 -12.97
N GLY C 189 49.78 -23.41 -12.78
CA GLY C 189 50.28 -22.92 -11.52
C GLY C 189 51.78 -23.14 -11.39
N GLN C 190 52.32 -22.66 -10.26
CA GLN C 190 53.75 -22.77 -9.97
C GLN C 190 54.60 -22.06 -11.03
N ASN C 191 54.02 -21.07 -11.70
CA ASN C 191 54.66 -20.37 -12.81
C ASN C 191 55.11 -21.34 -13.89
N LEU C 192 54.26 -22.32 -14.18
CA LEU C 192 54.57 -23.38 -15.13
C LEU C 192 53.53 -23.40 -16.25
N TYR C 193 53.99 -23.70 -17.46
CA TYR C 193 53.12 -23.85 -18.62
C TYR C 193 53.29 -25.23 -19.21
N LEU C 194 52.24 -25.72 -19.87
CA LEU C 194 52.33 -26.99 -20.58
C LEU C 194 51.99 -26.79 -22.05
N PRO C 195 52.71 -27.44 -22.96
CA PRO C 195 52.37 -27.33 -24.38
C PRO C 195 51.01 -27.94 -24.67
N THR C 196 50.33 -27.34 -25.65
CA THR C 196 49.01 -27.79 -26.07
C THR C 196 48.95 -27.84 -27.59
N GLY C 197 47.80 -28.27 -28.12
CA GLY C 197 47.64 -28.30 -29.57
C GLY C 197 47.62 -26.91 -30.17
N ALA C 198 46.97 -25.96 -29.51
CA ALA C 198 46.90 -24.59 -30.01
C ALA C 198 48.21 -23.83 -29.84
N SER C 199 49.17 -24.39 -29.10
CA SER C 199 50.43 -23.70 -28.88
C SER C 199 51.39 -23.91 -30.04
N GLY C 200 51.60 -25.16 -30.44
CA GLY C 200 52.51 -25.52 -31.50
C GLY C 200 53.55 -26.50 -31.01
N ASP C 201 54.62 -26.63 -31.78
CA ASP C 201 55.65 -27.58 -31.37
C ASP C 201 56.75 -26.84 -30.59
N PRO C 202 57.29 -27.46 -29.55
CA PRO C 202 58.42 -26.84 -28.82
C PRO C 202 59.64 -26.75 -29.71
N GLN C 203 60.14 -25.54 -29.91
CA GLN C 203 61.29 -25.29 -30.77
C GLN C 203 62.47 -24.86 -29.91
N GLU C 204 63.28 -25.84 -29.50
CA GLU C 204 64.44 -25.56 -28.67
C GLU C 204 65.59 -25.01 -29.50
N GLY C 205 66.62 -24.55 -28.80
CA GLY C 205 67.80 -24.01 -29.46
C GLY C 205 68.66 -23.29 -28.45
N VAL C 206 69.83 -22.89 -28.94
CA VAL C 206 70.77 -22.15 -28.07
C VAL C 206 70.18 -20.79 -27.77
N PRO C 207 70.25 -20.32 -26.52
CA PRO C 207 69.64 -19.03 -26.18
C PRO C 207 70.45 -17.84 -26.68
N GLY C 208 70.18 -17.42 -27.92
CA GLY C 208 70.91 -16.30 -28.50
C GLY C 208 71.06 -16.40 -30.00
N LEU C 209 70.65 -17.52 -30.58
CA LEU C 209 70.66 -17.72 -32.01
C LEU C 209 69.26 -18.08 -32.50
N ASP C 210 69.02 -17.81 -33.79
CA ASP C 210 67.76 -18.12 -34.45
C ASP C 210 66.57 -17.46 -33.76
N GLY C 211 66.76 -16.21 -33.34
CA GLY C 211 65.68 -15.42 -32.76
C GLY C 211 65.38 -15.70 -31.31
N LEU C 212 66.13 -16.57 -30.64
CA LEU C 212 65.89 -16.84 -29.23
C LEU C 212 66.49 -15.73 -28.37
N GLY C 213 65.97 -15.62 -27.15
CA GLY C 213 66.46 -14.65 -26.21
C GLY C 213 67.75 -15.08 -25.53
N GLU C 214 68.30 -14.19 -24.72
CA GLU C 214 69.56 -14.42 -24.04
C GLU C 214 69.33 -14.64 -22.56
N ILE C 215 70.23 -15.39 -21.94
CA ILE C 215 70.15 -15.70 -20.51
C ILE C 215 70.94 -14.64 -19.75
N ARG C 216 70.27 -13.96 -18.83
CA ARG C 216 70.88 -12.92 -18.00
C ARG C 216 70.95 -13.44 -16.57
N GLN C 217 72.16 -13.54 -16.04
CA GLN C 217 72.35 -14.06 -14.70
C GLN C 217 72.11 -12.96 -13.67
N SER C 218 71.64 -13.37 -12.49
CA SER C 218 71.37 -12.47 -11.37
C SER C 218 70.36 -11.39 -11.76
N MET C 219 69.37 -11.76 -12.55
CA MET C 219 68.26 -10.88 -12.90
C MET C 219 66.98 -11.69 -12.92
N LEU C 220 65.88 -11.02 -12.62
CA LEU C 220 64.56 -11.65 -12.58
C LEU C 220 63.56 -10.83 -13.36
N GLU C 221 62.65 -11.53 -14.03
CA GLU C 221 61.63 -10.90 -14.87
C GLU C 221 60.40 -10.63 -14.02
N ALA C 222 60.12 -9.36 -13.76
CA ALA C 222 58.96 -8.99 -12.96
C ALA C 222 57.67 -9.25 -13.73
N SER C 223 56.57 -9.33 -12.99
CA SER C 223 55.27 -9.51 -13.61
C SER C 223 54.89 -8.28 -14.44
N ASN C 224 54.16 -8.52 -15.52
CA ASN C 224 53.74 -7.47 -16.44
C ASN C 224 52.34 -6.96 -16.15
N VAL C 225 51.89 -7.06 -14.90
CA VAL C 225 50.57 -6.57 -14.54
C VAL C 225 50.63 -5.06 -14.32
N ASN C 226 49.54 -4.39 -14.67
CA ASN C 226 49.39 -2.95 -14.47
C ASN C 226 48.33 -2.78 -13.39
N VAL C 227 48.76 -2.50 -12.17
CA VAL C 227 47.85 -2.46 -11.03
C VAL C 227 46.78 -1.38 -11.22
N THR C 228 47.16 -0.25 -11.81
CA THR C 228 46.18 0.80 -12.08
C THR C 228 45.19 0.36 -13.15
N GLU C 229 45.66 -0.38 -14.16
CA GLU C 229 44.75 -0.87 -15.20
C GLU C 229 43.73 -1.84 -14.63
N GLU C 230 44.16 -2.70 -13.70
CA GLU C 230 43.22 -3.64 -13.09
C GLU C 230 42.17 -2.91 -12.27
N LEU C 231 42.57 -1.86 -11.56
CA LEU C 231 41.62 -1.10 -10.76
C LEU C 231 40.61 -0.36 -11.63
N VAL C 232 41.03 0.15 -12.78
CA VAL C 232 40.09 0.78 -13.69
C VAL C 232 39.12 -0.25 -14.25
N ASN C 233 39.61 -1.43 -14.62
CA ASN C 233 38.74 -2.50 -15.08
C ASN C 233 37.82 -2.98 -13.96
N MET C 234 38.28 -2.90 -12.71
CA MET C 234 37.44 -3.28 -11.58
C MET C 234 36.26 -2.33 -11.44
N ILE C 235 36.48 -1.04 -11.69
CA ILE C 235 35.41 -0.05 -11.59
C ILE C 235 34.34 -0.32 -12.65
N GLU C 236 34.77 -0.53 -13.88
CA GLU C 236 33.80 -0.77 -14.96
C GLU C 236 33.05 -2.07 -14.75
N ALA C 237 33.73 -3.12 -14.33
CA ALA C 237 33.06 -4.41 -14.12
C ALA C 237 32.10 -4.35 -12.93
N GLN C 238 32.41 -3.52 -11.93
CA GLN C 238 31.53 -3.39 -10.78
C GLN C 238 30.22 -2.71 -11.15
N ARG C 239 30.31 -1.61 -11.91
CA ARG C 239 29.11 -0.86 -12.26
C ARG C 239 28.23 -1.65 -13.23
N VAL C 240 28.84 -2.37 -14.16
CA VAL C 240 28.06 -3.20 -15.08
C VAL C 240 27.37 -4.32 -14.31
N TYR C 241 28.04 -4.86 -13.28
CA TYR C 241 27.43 -5.89 -12.44
C TYR C 241 26.17 -5.36 -11.75
N GLU C 242 26.25 -4.14 -11.23
CA GLU C 242 25.09 -3.55 -10.56
C GLU C 242 23.97 -3.25 -11.56
N MET C 243 24.32 -2.84 -12.77
CA MET C 243 23.31 -2.49 -13.77
C MET C 243 22.44 -3.69 -14.13
N ASN C 244 23.06 -4.86 -14.29
CA ASN C 244 22.29 -6.05 -14.65
C ASN C 244 21.36 -6.47 -13.51
N SER C 245 21.79 -6.25 -12.26
CA SER C 245 20.92 -6.55 -11.12
C SER C 245 19.69 -5.64 -11.13
N LYS C 246 19.84 -4.41 -11.65
CA LYS C 246 18.70 -3.51 -11.75
C LYS C 246 17.65 -4.08 -12.70
N VAL C 247 18.09 -4.67 -13.82
CA VAL C 247 17.14 -5.26 -14.76
C VAL C 247 16.43 -6.45 -14.14
N ILE C 248 17.16 -7.29 -13.41
CA ILE C 248 16.55 -8.45 -12.77
C ILE C 248 15.50 -8.02 -11.76
N SER C 249 15.81 -6.99 -10.97
CA SER C 249 14.81 -6.45 -10.04
C SER C 249 13.61 -5.87 -10.78
N SER C 250 13.86 -5.19 -11.91
CA SER C 250 12.77 -4.60 -12.67
C SER C 250 11.84 -5.66 -13.23
N VAL C 251 12.39 -6.75 -13.76
CA VAL C 251 11.56 -7.83 -14.30
C VAL C 251 10.76 -8.47 -13.18
N ASP C 252 11.40 -8.72 -12.03
CA ASP C 252 10.71 -9.32 -10.90
C ASP C 252 9.57 -8.44 -10.41
N LYS C 253 9.80 -7.13 -10.35
CA LYS C 253 8.76 -6.22 -9.87
C LYS C 253 7.63 -6.10 -10.87
N MET C 254 7.93 -6.19 -12.17
CA MET C 254 6.89 -6.14 -13.18
C MET C 254 5.99 -7.36 -13.09
N MET C 255 6.58 -8.56 -13.02
CA MET C 255 5.78 -9.77 -12.90
C MET C 255 5.02 -9.81 -11.58
N SER C 256 5.63 -9.32 -10.51
CA SER C 256 4.95 -9.27 -9.22
C SER C 256 3.71 -8.39 -9.29
N PHE C 257 3.72 -7.38 -10.15
CA PHE C 257 2.55 -6.52 -10.32
C PHE C 257 1.44 -7.27 -11.05
N VAL C 258 1.79 -8.18 -11.95
CA VAL C 258 0.79 -8.88 -12.75
C VAL C 258 -0.06 -9.78 -11.87
N ASN C 259 0.56 -10.77 -11.25
CA ASN C 259 -0.18 -11.75 -10.46
C ASN C 259 -0.80 -11.16 -9.21
N GLN C 260 -0.42 -9.95 -8.82
CA GLN C 260 -1.03 -9.28 -7.67
C GLN C 260 -2.23 -8.44 -8.11
N GLN C 261 -2.01 -7.52 -9.06
CA GLN C 261 -3.09 -6.66 -9.53
C GLN C 261 -4.11 -7.44 -10.34
N LEU C 262 -3.65 -8.26 -11.29
CA LEU C 262 -4.55 -8.99 -12.18
C LEU C 262 -5.15 -10.20 -11.47
N ALA D 338 -56.61 11.36 9.50
CA ALA D 338 -57.41 12.56 9.74
C ALA D 338 -57.78 13.25 8.44
N LEU D 339 -59.07 13.52 8.26
CA LEU D 339 -59.58 14.17 7.06
C LEU D 339 -59.98 15.60 7.38
N SER D 340 -59.74 16.51 6.42
CA SER D 340 -60.08 17.91 6.57
C SER D 340 -60.65 18.44 5.26
N ASN D 341 -61.24 19.63 5.36
CA ASN D 341 -61.90 20.25 4.18
C ASN D 341 -60.91 21.18 3.48
N GLN D 342 -59.95 21.74 4.20
CA GLN D 342 -58.91 22.62 3.61
C GLN D 342 -57.78 21.73 3.09
N PRO D 343 -57.29 21.92 1.85
CA PRO D 343 -56.15 21.16 1.35
C PRO D 343 -54.90 21.47 2.19
N PRO D 344 -54.08 20.46 2.45
CA PRO D 344 -52.86 20.68 3.25
C PRO D 344 -51.94 21.71 2.60
N ALA D 345 -51.33 22.54 3.42
CA ALA D 345 -50.42 23.57 2.93
C ALA D 345 -49.12 22.94 2.43
N ASP D 346 -48.48 23.64 1.50
CA ASP D 346 -47.23 23.17 0.92
C ASP D 346 -46.07 23.53 1.83
N ALA D 347 -45.07 22.64 1.87
CA ALA D 347 -43.90 22.88 2.70
C ALA D 347 -43.07 24.02 2.12
N SER D 348 -42.24 24.60 2.98
CA SER D 348 -41.44 25.76 2.59
C SER D 348 -39.97 25.41 2.34
N ILE D 349 -39.31 24.79 3.32
CA ILE D 349 -37.88 24.50 3.26
C ILE D 349 -37.12 25.76 2.87
N PRO D 350 -37.17 26.84 3.66
CA PRO D 350 -36.50 28.09 3.28
C PRO D 350 -35.00 27.99 3.42
N GLN D 351 -34.29 28.64 2.48
CA GLN D 351 -32.84 28.73 2.58
C GLN D 351 -32.44 29.54 3.81
N ASP D 352 -33.09 30.68 4.03
CA ASP D 352 -32.93 31.46 5.25
C ASP D 352 -34.33 31.85 5.73
N VAL D 353 -34.61 31.58 7.00
CA VAL D 353 -35.95 31.84 7.53
C VAL D 353 -36.25 33.33 7.55
N ALA D 354 -35.22 34.15 7.81
CA ALA D 354 -35.42 35.60 7.84
C ALA D 354 -35.94 36.14 6.52
N GLN D 355 -35.59 35.47 5.41
CA GLN D 355 -36.07 35.87 4.08
C GLN D 355 -37.46 35.28 3.87
N MET D 356 -38.46 35.90 4.50
CA MET D 356 -39.88 35.43 4.37
C MET D 356 -40.70 36.05 5.51
N ALA E 338 -45.77 -18.35 32.55
CA ALA E 338 -44.92 -17.28 33.04
C ALA E 338 -45.64 -15.94 33.02
N LEU E 339 -46.94 -15.96 33.32
CA LEU E 339 -47.77 -14.77 33.34
C LEU E 339 -48.11 -14.42 34.78
N SER E 340 -47.90 -13.14 35.13
CA SER E 340 -48.21 -12.63 36.46
C SER E 340 -49.15 -11.45 36.37
N ASN E 341 -49.90 -11.23 37.45
CA ASN E 341 -50.83 -10.12 37.55
C ASN E 341 -50.17 -8.82 38.00
N GLN E 342 -48.87 -8.87 38.31
CA GLN E 342 -48.12 -7.65 38.70
C GLN E 342 -47.02 -7.38 37.68
N PRO E 343 -46.96 -6.20 37.03
CA PRO E 343 -46.01 -5.93 35.95
C PRO E 343 -44.58 -6.18 36.41
N PRO E 344 -43.74 -6.71 35.54
CA PRO E 344 -42.32 -6.86 35.89
C PRO E 344 -41.67 -5.50 36.09
N ALA E 345 -40.64 -5.50 36.93
CA ALA E 345 -39.96 -4.27 37.31
C ALA E 345 -38.97 -3.85 36.22
N ASP E 346 -38.86 -2.54 36.01
CA ASP E 346 -37.90 -2.02 35.06
C ASP E 346 -36.48 -2.29 35.55
N ALA E 347 -35.62 -2.75 34.65
CA ALA E 347 -34.25 -3.03 35.01
C ALA E 347 -33.50 -1.75 35.35
N SER E 348 -32.52 -1.88 36.23
CA SER E 348 -31.69 -0.77 36.67
C SER E 348 -30.25 -1.04 36.27
N ILE E 349 -29.64 -0.07 35.61
CA ILE E 349 -28.25 -0.18 35.15
C ILE E 349 -27.44 0.90 35.87
N PRO E 350 -27.08 0.70 37.13
CA PRO E 350 -26.30 1.71 37.84
C PRO E 350 -24.82 1.60 37.53
N GLN E 351 -24.13 2.74 37.67
CA GLN E 351 -22.70 2.80 37.47
C GLN E 351 -21.91 2.57 38.75
N ASP E 352 -22.58 2.49 39.90
CA ASP E 352 -21.91 2.30 41.18
C ASP E 352 -22.53 1.24 42.07
N VAL E 353 -23.80 0.87 41.86
CA VAL E 353 -24.50 -0.15 42.62
C VAL E 353 -24.74 0.30 44.05
N ALA E 354 -23.68 0.78 44.72
CA ALA E 354 -23.81 1.25 46.10
C ALA E 354 -24.78 2.41 46.19
N GLN E 355 -24.64 3.38 45.30
CA GLN E 355 -25.58 4.51 45.28
C GLN E 355 -26.97 4.05 44.85
N MET E 356 -27.05 3.30 43.76
CA MET E 356 -28.31 2.77 43.23
C MET E 356 -29.32 3.88 42.99
N GLY F 337 -29.51 -43.34 11.34
CA GLY F 337 -28.34 -44.15 11.05
C GLY F 337 -28.40 -45.54 11.65
N ALA F 338 -27.35 -45.92 12.38
CA ALA F 338 -27.27 -47.22 13.02
C ALA F 338 -27.76 -47.09 14.47
N LEU F 339 -29.09 -47.12 14.61
CA LEU F 339 -29.73 -46.99 15.91
C LEU F 339 -29.36 -48.14 16.83
N SER F 340 -28.84 -47.80 18.00
CA SER F 340 -28.49 -48.78 19.03
C SER F 340 -29.37 -48.57 20.26
N ASN F 341 -29.41 -49.59 21.12
CA ASN F 341 -30.27 -49.59 22.29
C ASN F 341 -29.56 -49.12 23.55
N GLN F 342 -28.29 -48.73 23.47
CA GLN F 342 -27.55 -48.21 24.61
C GLN F 342 -26.91 -46.89 24.20
N PRO F 343 -26.90 -45.90 25.08
CA PRO F 343 -26.35 -44.58 24.73
C PRO F 343 -24.86 -44.66 24.44
N PRO F 344 -24.39 -43.98 23.40
CA PRO F 344 -22.95 -43.96 23.13
C PRO F 344 -22.21 -43.20 24.21
N ALA F 345 -20.96 -43.59 24.42
CA ALA F 345 -20.13 -42.95 25.43
C ALA F 345 -19.57 -41.63 24.91
N ASP F 346 -19.09 -40.82 25.85
CA ASP F 346 -18.46 -39.54 25.52
C ASP F 346 -17.01 -39.77 25.12
N ALA F 347 -16.56 -39.01 24.13
CA ALA F 347 -15.17 -39.10 23.71
C ALA F 347 -14.25 -38.55 24.79
N SER F 348 -13.07 -39.17 24.92
CA SER F 348 -12.08 -38.76 25.89
C SER F 348 -10.92 -38.12 25.15
N ILE F 349 -10.55 -36.91 25.57
CA ILE F 349 -9.44 -36.17 24.97
C ILE F 349 -8.35 -36.00 26.02
N PRO F 350 -7.52 -37.01 26.27
CA PRO F 350 -6.49 -36.89 27.31
C PRO F 350 -5.22 -36.25 26.79
N GLN F 351 -4.59 -35.46 27.66
CA GLN F 351 -3.29 -34.88 27.32
C GLN F 351 -2.21 -35.97 27.29
N ASP F 352 -2.35 -37.00 28.11
CA ASP F 352 -1.49 -38.17 28.05
C ASP F 352 -2.38 -39.40 28.13
N VAL F 353 -2.24 -40.32 27.17
CA VAL F 353 -3.13 -41.48 27.12
C VAL F 353 -2.85 -42.46 28.25
N ALA F 354 -1.67 -42.41 28.86
CA ALA F 354 -1.40 -43.27 30.01
C ALA F 354 -2.28 -42.90 31.19
N GLN F 355 -2.49 -41.61 31.42
CA GLN F 355 -3.32 -41.14 32.52
C GLN F 355 -4.79 -41.16 32.13
N MET F 356 -5.30 -42.33 31.76
CA MET F 356 -6.67 -42.46 31.31
C MET F 356 -7.37 -43.63 32.02
N ALA G 338 -20.72 -40.08 -25.29
CA ALA G 338 -20.24 -41.29 -25.96
C ALA G 338 -20.28 -42.48 -25.00
N LEU G 339 -21.44 -43.12 -24.90
CA LEU G 339 -21.62 -44.24 -24.00
C LEU G 339 -21.04 -45.50 -24.62
N SER G 340 -19.98 -46.03 -24.02
CA SER G 340 -19.37 -47.27 -24.46
C SER G 340 -19.82 -48.42 -23.56
N ASN G 341 -19.36 -49.63 -23.84
CA ASN G 341 -19.76 -50.80 -23.02
C ASN G 341 -18.58 -51.29 -22.19
N GLN G 342 -17.38 -50.78 -22.46
CA GLN G 342 -16.16 -51.28 -21.78
C GLN G 342 -15.57 -50.14 -20.96
N PRO G 343 -15.38 -50.31 -19.64
CA PRO G 343 -14.92 -49.21 -18.78
C PRO G 343 -13.65 -48.58 -19.33
N PRO G 344 -13.56 -47.25 -19.29
CA PRO G 344 -12.34 -46.58 -19.76
C PRO G 344 -11.14 -46.97 -18.93
N ALA G 345 -9.98 -47.03 -19.59
CA ALA G 345 -8.74 -47.34 -18.89
C ALA G 345 -8.22 -46.11 -18.16
N ASP G 346 -7.46 -46.37 -17.09
CA ASP G 346 -6.90 -45.30 -16.28
C ASP G 346 -5.79 -44.60 -17.03
N ALA G 347 -5.74 -43.27 -16.90
CA ALA G 347 -4.64 -42.52 -17.48
C ALA G 347 -3.34 -42.82 -16.73
N SER G 348 -2.23 -42.69 -17.44
CA SER G 348 -0.90 -42.99 -16.90
C SER G 348 -0.04 -41.75 -17.03
N ILE G 349 0.67 -41.42 -15.95
CA ILE G 349 1.54 -40.25 -15.92
C ILE G 349 2.93 -40.69 -15.48
N PRO G 350 3.69 -41.37 -16.35
CA PRO G 350 4.98 -41.91 -15.94
C PRO G 350 6.11 -40.89 -16.03
N GLN G 351 7.20 -41.19 -15.31
CA GLN G 351 8.40 -40.38 -15.41
C GLN G 351 9.09 -40.59 -16.76
N ASP G 352 9.14 -41.84 -17.23
CA ASP G 352 9.67 -42.18 -18.54
C ASP G 352 8.63 -42.98 -19.29
N VAL G 353 8.35 -42.59 -20.53
CA VAL G 353 7.42 -43.35 -21.36
C VAL G 353 7.97 -44.73 -21.70
N ALA G 354 9.28 -44.91 -21.62
CA ALA G 354 9.87 -46.23 -21.90
C ALA G 354 9.43 -47.26 -20.87
N GLN G 355 9.52 -46.91 -19.58
CA GLN G 355 9.09 -47.79 -18.50
C GLN G 355 7.61 -47.56 -18.22
N MET G 356 6.78 -47.95 -19.18
CA MET G 356 5.34 -47.77 -19.08
C MET G 356 4.60 -48.96 -19.69
N ALA H 338 -26.33 -3.56 -38.29
CA ALA H 338 -27.50 -4.09 -38.99
C ALA H 338 -27.16 -5.48 -39.55
N LEU H 339 -28.04 -6.03 -40.37
CA LEU H 339 -27.88 -7.36 -40.93
C LEU H 339 -27.50 -7.25 -42.41
N SER H 340 -26.95 -8.35 -42.94
CA SER H 340 -26.59 -8.44 -44.34
C SER H 340 -26.71 -9.88 -44.79
N ASN H 341 -26.79 -10.07 -46.11
CA ASN H 341 -26.98 -11.38 -46.70
C ASN H 341 -25.66 -12.10 -47.00
N GLN H 342 -24.52 -11.47 -46.74
CA GLN H 342 -23.22 -12.09 -46.96
C GLN H 342 -22.34 -11.88 -45.73
N PRO H 343 -21.44 -12.82 -45.44
CA PRO H 343 -20.58 -12.68 -44.27
C PRO H 343 -19.70 -11.45 -44.38
N PRO H 344 -19.47 -10.75 -43.27
CA PRO H 344 -18.51 -9.64 -43.30
C PRO H 344 -17.09 -10.16 -43.49
N ALA H 345 -16.25 -9.33 -44.11
CA ALA H 345 -14.85 -9.70 -44.30
C ALA H 345 -14.10 -9.63 -42.98
N ASP H 346 -12.96 -10.29 -42.94
CA ASP H 346 -12.13 -10.32 -41.74
C ASP H 346 -11.42 -8.99 -41.58
N ALA H 347 -10.55 -8.89 -40.57
CA ALA H 347 -9.79 -7.69 -40.31
C ALA H 347 -8.34 -7.90 -40.71
N SER H 348 -7.77 -6.88 -41.36
CA SER H 348 -6.40 -6.91 -41.84
C SER H 348 -5.52 -6.17 -40.85
N ILE H 349 -4.46 -6.83 -40.39
CA ILE H 349 -3.52 -6.22 -39.46
C ILE H 349 -2.12 -6.34 -40.05
N PRO H 350 -1.81 -5.62 -41.12
CA PRO H 350 -0.50 -5.78 -41.77
C PRO H 350 0.58 -4.95 -41.10
N GLN H 351 1.80 -5.49 -41.14
CA GLN H 351 2.97 -4.76 -40.71
C GLN H 351 3.44 -3.74 -41.74
N ASP H 352 2.87 -3.77 -42.95
CA ASP H 352 3.18 -2.78 -43.98
C ASP H 352 1.97 -2.71 -44.90
N VAL H 353 1.25 -1.59 -44.85
CA VAL H 353 0.00 -1.45 -45.59
C VAL H 353 0.24 -1.55 -47.09
N ALA H 354 1.44 -1.21 -47.55
CA ALA H 354 1.75 -1.28 -48.98
C ALA H 354 1.62 -2.70 -49.51
N GLN H 355 1.78 -3.71 -48.66
CA GLN H 355 1.70 -5.11 -49.05
C GLN H 355 0.43 -5.72 -48.43
N MET H 356 -0.67 -5.61 -49.15
CA MET H 356 -1.93 -6.19 -48.71
C MET H 356 -2.62 -6.95 -49.84
N GLY I 334 -49.11 16.76 26.89
CA GLY I 334 -48.13 16.88 25.78
C GLY I 334 -46.72 16.65 26.27
N ILE I 335 -45.78 16.38 25.35
CA ILE I 335 -44.38 16.08 25.77
C ILE I 335 -43.64 17.41 25.92
N PRO I 336 -42.79 17.56 26.95
CA PRO I 336 -42.08 18.82 27.18
C PRO I 336 -40.82 18.93 26.32
N GLY I 337 -40.51 20.14 25.80
CA GLY I 337 -39.36 20.27 24.93
C GLY I 337 -39.56 19.81 23.51
N ALA I 338 -40.79 19.47 23.12
CA ALA I 338 -41.04 18.99 21.77
C ALA I 338 -40.82 20.09 20.75
N LEU I 339 -40.19 19.74 19.64
CA LEU I 339 -39.96 20.72 18.58
C LEU I 339 -41.26 21.07 17.88
N SER I 340 -41.27 22.24 17.24
CA SER I 340 -42.42 22.72 16.50
C SER I 340 -42.14 22.72 15.01
N ASN I 341 -43.19 22.52 14.23
CA ASN I 341 -43.10 22.45 12.78
C ASN I 341 -43.32 23.79 12.11
N GLN I 342 -42.99 24.86 12.83
CA GLN I 342 -43.21 26.22 12.25
C GLN I 342 -41.91 27.02 12.40
N PRO I 343 -41.62 27.97 11.49
CA PRO I 343 -40.40 28.72 11.58
C PRO I 343 -40.26 29.21 13.01
N PRO I 344 -39.04 29.36 13.55
CA PRO I 344 -38.86 29.71 14.97
C PRO I 344 -38.88 31.22 15.23
N ALA I 345 -39.97 31.74 15.80
CA ALA I 345 -40.05 33.21 15.98
C ALA I 345 -38.70 33.68 16.53
N ASP I 346 -38.11 34.72 15.94
CA ASP I 346 -36.74 35.10 16.38
C ASP I 346 -36.60 36.58 16.74
N ALA I 347 -35.45 37.18 16.43
CA ALA I 347 -35.17 38.56 16.90
C ALA I 347 -35.37 39.59 15.81
N SER I 348 -34.43 39.69 14.87
CA SER I 348 -34.54 40.78 13.86
C SER I 348 -35.94 40.80 13.24
N ILE I 349 -36.34 41.95 12.70
CA ILE I 349 -37.73 42.12 12.17
C ILE I 349 -38.62 42.17 13.41
N PRO I 350 -38.85 43.35 14.01
CA PRO I 350 -39.60 43.45 15.25
C PRO I 350 -40.81 42.53 15.13
N GLN I 351 -41.35 42.46 13.92
CA GLN I 351 -42.55 41.62 13.72
C GLN I 351 -42.52 40.38 14.62
N ASP I 352 -41.43 39.59 14.63
CA ASP I 352 -41.61 38.40 15.49
C ASP I 352 -41.39 38.81 16.94
N VAL I 353 -40.35 39.61 17.19
CA VAL I 353 -40.07 39.78 18.66
C VAL I 353 -41.35 40.22 19.37
N ALA I 354 -42.26 40.91 18.69
CA ALA I 354 -43.43 41.45 19.42
C ALA I 354 -44.64 40.53 19.33
N GLN I 355 -45.12 40.22 18.12
CA GLN I 355 -46.38 39.42 18.06
C GLN I 355 -46.20 38.11 18.81
N MET I 356 -47.09 37.79 19.74
CA MET I 356 -47.02 36.50 20.49
C MET I 356 -47.11 35.34 19.49
N GLY J 334 -30.88 -25.30 42.07
CA GLY J 334 -30.13 -24.27 41.40
C GLY J 334 -28.73 -24.69 40.99
N ILE J 335 -28.18 -24.02 39.97
CA ILE J 335 -26.82 -24.33 39.53
C ILE J 335 -25.83 -23.95 40.62
N PRO J 336 -24.86 -24.80 40.95
CA PRO J 336 -23.89 -24.43 41.98
C PRO J 336 -22.87 -23.42 41.48
N GLY J 337 -23.24 -22.14 41.50
CA GLY J 337 -22.35 -21.10 41.02
C GLY J 337 -22.97 -20.26 39.91
N ALA J 338 -24.29 -20.15 39.92
CA ALA J 338 -25.02 -19.35 38.94
C ALA J 338 -25.14 -17.93 39.43
N LEU J 339 -24.86 -16.98 38.56
CA LEU J 339 -24.92 -15.56 38.92
C LEU J 339 -26.35 -15.16 39.27
N SER J 340 -26.49 -14.24 40.22
CA SER J 340 -27.79 -13.70 40.58
C SER J 340 -28.12 -12.55 39.64
N ASN J 341 -29.30 -11.95 39.83
CA ASN J 341 -29.75 -10.86 38.98
C ASN J 341 -30.06 -9.60 39.78
N GLN J 342 -29.70 -9.55 41.04
CA GLN J 342 -29.86 -8.40 41.92
C GLN J 342 -28.48 -7.95 42.36
N PRO J 343 -28.35 -6.71 42.84
CA PRO J 343 -27.04 -6.22 43.27
C PRO J 343 -26.43 -7.13 44.33
N PRO J 344 -25.11 -7.36 44.25
CA PRO J 344 -24.48 -8.36 45.14
C PRO J 344 -24.65 -8.09 46.62
N GLY K 334 -10.96 -54.96 7.10
CA GLY K 334 -11.03 -53.57 6.70
C GLY K 334 -9.81 -53.10 5.95
N ILE K 335 -9.60 -51.78 5.91
CA ILE K 335 -8.44 -51.19 5.26
C ILE K 335 -7.19 -51.63 6.01
N PRO K 336 -6.16 -52.13 5.31
CA PRO K 336 -4.96 -52.61 6.03
C PRO K 336 -4.28 -51.53 6.85
N GLY K 337 -4.26 -50.29 6.38
CA GLY K 337 -3.61 -49.22 7.11
C GLY K 337 -4.57 -48.36 7.89
N ALA K 338 -5.77 -48.89 8.14
CA ALA K 338 -6.81 -48.11 8.82
C ALA K 338 -6.41 -47.78 10.25
N LEU K 339 -6.80 -46.59 10.71
CA LEU K 339 -6.49 -46.14 12.04
C LEU K 339 -7.63 -46.46 12.99
N SER K 340 -7.28 -46.77 14.24
CA SER K 340 -8.27 -47.10 15.25
C SER K 340 -8.70 -45.84 16.00
N ASN K 341 -9.96 -45.84 16.44
CA ASN K 341 -10.54 -44.73 17.18
C ASN K 341 -10.45 -44.94 18.69
N GLN K 342 -9.80 -45.99 19.14
CA GLN K 342 -9.64 -46.32 20.55
C GLN K 342 -8.21 -46.06 20.98
N PRO K 343 -7.96 -45.84 22.26
CA PRO K 343 -6.60 -45.58 22.73
C PRO K 343 -5.67 -46.73 22.39
N PRO K 344 -4.40 -46.45 22.10
CA PRO K 344 -3.49 -47.50 21.65
C PRO K 344 -3.36 -48.62 22.67
N GLY L 334 -8.04 -34.37 -37.15
CA GLY L 334 -7.43 -34.16 -38.46
C GLY L 334 -6.76 -32.81 -38.52
N ILE L 335 -7.09 -31.93 -37.57
CA ILE L 335 -6.36 -30.65 -37.56
C ILE L 335 -4.93 -31.04 -37.89
N PRO L 336 -4.37 -30.59 -39.03
CA PRO L 336 -3.05 -31.06 -39.41
C PRO L 336 -2.10 -30.98 -38.22
N GLY L 337 -1.33 -32.04 -37.96
CA GLY L 337 -0.30 -31.97 -36.91
C GLY L 337 -0.86 -31.77 -35.51
N ALA L 338 -1.87 -32.56 -35.14
CA ALA L 338 -2.39 -32.46 -33.77
C ALA L 338 -1.58 -33.36 -32.86
N LEU L 339 -1.53 -33.01 -31.59
CA LEU L 339 -0.82 -33.87 -30.63
C LEU L 339 -1.73 -35.07 -30.42
N SER L 340 -1.15 -36.20 -30.02
CA SER L 340 -1.98 -37.40 -29.72
C SER L 340 -2.08 -37.58 -28.22
N ASN L 341 -2.84 -38.58 -27.77
CA ASN L 341 -3.06 -38.79 -26.33
C ASN L 341 -2.58 -40.17 -25.98
N GLN L 342 -1.62 -40.69 -26.71
CA GLN L 342 -1.17 -42.08 -26.46
C GLN L 342 0.36 -42.10 -26.38
N PRO L 343 0.97 -42.84 -25.44
CA PRO L 343 2.41 -42.83 -25.27
C PRO L 343 3.07 -42.86 -26.65
N PRO L 344 4.06 -41.99 -26.93
CA PRO L 344 4.67 -41.92 -28.26
C PRO L 344 4.96 -43.31 -28.83
N ALA M 333 -25.04 16.48 -40.15
CA ALA M 333 -23.90 15.55 -39.97
C ALA M 333 -23.49 15.50 -38.50
N GLY M 334 -22.25 15.86 -38.18
CA GLY M 334 -21.76 15.83 -36.79
C GLY M 334 -20.29 16.21 -36.70
N ILE M 335 -19.45 15.35 -36.13
CA ILE M 335 -18.00 15.63 -36.00
C ILE M 335 -17.41 15.88 -37.39
N PRO M 336 -16.44 16.80 -37.55
CA PRO M 336 -15.86 17.09 -38.84
C PRO M 336 -14.59 16.29 -39.16
N GLY M 337 -13.93 15.74 -38.15
CA GLY M 337 -12.68 15.06 -38.39
C GLY M 337 -12.63 13.60 -38.02
N ALA M 338 -13.71 12.86 -38.28
CA ALA M 338 -13.74 11.44 -37.99
C ALA M 338 -12.82 10.67 -38.94
N LEU M 339 -12.33 9.53 -38.46
CA LEU M 339 -11.37 8.73 -39.20
C LEU M 339 -12.09 7.75 -40.13
N SER M 340 -11.30 6.94 -40.83
CA SER M 340 -11.81 5.90 -41.71
C SER M 340 -11.07 4.61 -41.41
N ASN M 341 -11.82 3.51 -41.24
CA ASN M 341 -11.20 2.24 -40.90
C ASN M 341 -10.72 1.48 -42.12
N GLN M 342 -11.11 1.89 -43.32
CA GLN M 342 -10.66 1.21 -44.53
C GLN M 342 -9.17 1.49 -44.74
N PRO M 343 -8.42 0.53 -45.28
CA PRO M 343 -7.00 0.75 -45.54
C PRO M 343 -6.82 1.85 -46.58
N PRO M 344 -5.74 2.64 -46.47
CA PRO M 344 -5.53 3.70 -47.45
C PRO M 344 -5.37 3.15 -48.86
N ALA M 345 -6.02 3.81 -49.81
CA ALA M 345 -5.95 3.40 -51.21
C ALA M 345 -5.62 4.59 -52.10
N ASP M 346 -5.97 5.79 -51.63
CA ASP M 346 -5.74 7.07 -52.29
C ASP M 346 -6.52 7.23 -53.59
N ALA M 347 -7.32 6.24 -53.98
CA ALA M 347 -8.09 6.29 -55.21
C ALA M 347 -9.60 6.24 -55.00
N SER M 348 -10.07 5.65 -53.91
CA SER M 348 -11.48 5.54 -53.60
C SER M 348 -11.82 6.41 -52.40
N ILE M 349 -12.88 7.20 -52.54
CA ILE M 349 -13.36 8.03 -51.44
C ILE M 349 -13.94 7.13 -50.36
N PRO M 350 -13.47 7.24 -49.12
CA PRO M 350 -13.99 6.37 -48.06
C PRO M 350 -15.45 6.69 -47.74
N GLN M 351 -16.29 5.67 -47.86
CA GLN M 351 -17.71 5.81 -47.55
C GLN M 351 -18.07 5.29 -46.16
N ASP M 352 -17.09 4.76 -45.42
CA ASP M 352 -17.31 4.30 -44.06
C ASP M 352 -17.73 5.48 -43.18
N VAL M 353 -16.98 6.58 -43.28
CA VAL M 353 -17.31 7.78 -42.53
C VAL M 353 -18.48 8.51 -43.19
N ALA M 354 -19.19 9.32 -42.41
CA ALA M 354 -20.27 10.14 -42.94
C ALA M 354 -19.67 11.30 -43.73
N GLN M 355 -19.40 11.06 -45.01
CA GLN M 355 -18.59 11.96 -45.82
C GLN M 355 -19.31 13.26 -46.19
N MET M 356 -20.55 13.43 -45.71
CA MET M 356 -21.23 14.69 -45.96
C MET M 356 -20.66 15.79 -45.07
N ASN N 330 -58.36 23.38 -13.84
CA ASN N 330 -57.22 23.52 -12.92
C ASN N 330 -56.37 22.25 -12.96
N MET N 331 -55.05 22.41 -13.06
CA MET N 331 -54.14 21.25 -13.17
C MET N 331 -53.09 21.32 -12.07
N VAL N 332 -52.40 20.22 -11.81
CA VAL N 332 -51.29 20.22 -10.83
C VAL N 332 -50.12 19.54 -11.52
N ALA N 333 -49.20 20.29 -12.10
CA ALA N 333 -48.18 19.64 -12.90
C ALA N 333 -46.80 19.99 -12.35
N GLY N 334 -45.86 19.08 -12.55
CA GLY N 334 -44.48 19.32 -12.17
C GLY N 334 -43.63 18.11 -12.47
N ILE N 335 -42.32 18.33 -12.45
CA ILE N 335 -41.38 17.22 -12.66
C ILE N 335 -41.39 16.32 -11.44
N PRO N 336 -41.70 15.04 -11.58
CA PRO N 336 -41.61 14.11 -10.44
C PRO N 336 -40.20 13.60 -10.25
N GLY N 337 -39.98 12.97 -9.11
CA GLY N 337 -38.70 12.36 -8.81
C GLY N 337 -37.78 13.24 -7.99
N ALA N 338 -36.49 13.07 -8.23
CA ALA N 338 -35.44 13.73 -7.47
C ALA N 338 -35.35 15.23 -7.73
N LEU N 339 -35.77 15.69 -8.92
CA LEU N 339 -35.60 17.10 -9.27
C LEU N 339 -36.52 18.03 -8.50
N SER N 340 -37.62 17.50 -7.95
CA SER N 340 -38.55 18.31 -7.19
C SER N 340 -38.50 18.06 -5.70
N ASN N 341 -37.87 16.97 -5.26
CA ASN N 341 -37.83 16.59 -3.86
C ASN N 341 -36.60 17.12 -3.14
N GLN N 342 -36.06 18.25 -3.60
CA GLN N 342 -34.92 18.91 -2.99
C GLN N 342 -35.28 20.38 -2.81
N PRO N 343 -34.63 21.07 -1.88
CA PRO N 343 -34.99 22.47 -1.59
C PRO N 343 -34.89 23.33 -2.83
N PRO N 344 -35.76 24.34 -2.96
CA PRO N 344 -35.79 25.16 -4.17
C PRO N 344 -34.50 25.92 -4.42
N ALA N 345 -33.66 26.05 -3.39
CA ALA N 345 -32.37 26.71 -3.55
C ALA N 345 -31.46 25.98 -4.52
N ASP N 346 -31.73 24.69 -4.78
CA ASP N 346 -30.97 23.96 -5.78
C ASP N 346 -31.23 24.49 -7.19
N ALA N 347 -32.46 24.89 -7.47
CA ALA N 347 -32.84 25.53 -8.74
C ALA N 347 -32.47 24.67 -9.94
N SER N 348 -33.08 23.47 -9.99
CA SER N 348 -32.95 22.57 -11.12
C SER N 348 -34.16 22.59 -12.03
N ILE N 349 -35.36 22.64 -11.47
CA ILE N 349 -36.61 22.76 -12.23
C ILE N 349 -36.64 24.11 -12.93
N PRO N 350 -37.05 24.16 -14.20
CA PRO N 350 -37.28 25.45 -14.85
C PRO N 350 -38.36 26.25 -14.12
N GLN N 351 -38.18 27.57 -14.06
CA GLN N 351 -39.09 28.47 -13.37
C GLN N 351 -40.52 28.32 -13.87
N ASP N 352 -40.69 28.26 -15.20
CA ASP N 352 -42.03 28.13 -15.77
C ASP N 352 -42.71 26.85 -15.30
N VAL N 353 -41.98 25.73 -15.30
CA VAL N 353 -42.55 24.46 -14.87
C VAL N 353 -42.92 24.50 -13.39
N ALA N 354 -42.05 25.08 -12.56
CA ALA N 354 -42.29 25.11 -11.13
C ALA N 354 -43.54 25.91 -10.78
N ASN O 330 -19.34 -25.88 -45.01
CA ASN O 330 -17.92 -25.83 -44.69
C ASN O 330 -17.69 -25.66 -43.20
N MET O 331 -16.51 -26.05 -42.72
CA MET O 331 -16.17 -25.98 -41.30
C MET O 331 -15.08 -24.96 -41.09
N VAL O 332 -15.25 -24.11 -40.08
CA VAL O 332 -14.30 -23.07 -39.74
C VAL O 332 -13.81 -23.32 -38.31
N ALA O 333 -12.52 -23.10 -38.09
CA ALA O 333 -11.92 -23.48 -36.82
C ALA O 333 -10.61 -22.72 -36.62
N GLY O 334 -10.04 -22.89 -35.43
CA GLY O 334 -8.74 -22.33 -35.15
C GLY O 334 -8.50 -22.31 -33.66
N ILE O 335 -7.31 -21.86 -33.29
CA ILE O 335 -6.97 -21.67 -31.88
C ILE O 335 -7.68 -20.42 -31.37
N PRO O 336 -8.41 -20.50 -30.26
CA PRO O 336 -9.05 -19.30 -29.70
C PRO O 336 -8.13 -18.59 -28.72
N GLY O 337 -8.64 -17.48 -28.19
CA GLY O 337 -7.97 -16.80 -27.11
C GLY O 337 -6.76 -15.97 -27.50
N ALA O 338 -5.71 -16.06 -26.69
CA ALA O 338 -4.59 -15.12 -26.80
C ALA O 338 -3.89 -15.22 -28.14
N LEU O 339 -3.62 -16.44 -28.62
CA LEU O 339 -2.79 -16.60 -29.81
C LEU O 339 -3.46 -16.02 -31.05
N SER O 340 -4.76 -16.25 -31.22
CA SER O 340 -5.44 -15.76 -32.41
C SER O 340 -5.66 -14.25 -32.36
N ASN O 341 -5.89 -13.70 -31.17
CA ASN O 341 -6.09 -12.26 -31.02
C ASN O 341 -4.75 -11.53 -31.04
N GLN O 342 -4.00 -11.77 -32.11
CA GLN O 342 -2.69 -11.20 -32.33
C GLN O 342 -2.58 -10.78 -33.78
N PRO O 343 -1.73 -9.80 -34.08
CA PRO O 343 -1.42 -9.50 -35.48
C PRO O 343 -0.71 -10.67 -36.15
N PRO O 344 -0.94 -10.87 -37.45
CA PRO O 344 -0.36 -12.04 -38.14
C PRO O 344 1.16 -12.09 -38.10
N ALA O 345 1.81 -10.94 -37.91
CA ALA O 345 3.27 -10.92 -37.87
C ALA O 345 3.81 -11.79 -36.73
N ASP O 346 3.15 -11.73 -35.57
CA ASP O 346 3.48 -12.61 -34.47
C ASP O 346 3.06 -14.03 -34.81
N ALA O 347 4.00 -14.83 -35.33
CA ALA O 347 3.68 -16.15 -35.86
C ALA O 347 3.51 -17.18 -34.74
N SER O 348 2.62 -16.90 -33.78
CA SER O 348 2.32 -17.89 -32.77
C SER O 348 1.45 -19.01 -33.33
N ILE O 349 0.48 -18.66 -34.17
CA ILE O 349 -0.43 -19.64 -34.76
C ILE O 349 0.30 -20.46 -35.80
N PRO O 350 0.21 -21.80 -35.76
CA PRO O 350 0.79 -22.61 -36.82
C PRO O 350 0.18 -22.29 -38.18
N GLN O 351 0.96 -22.49 -39.25
CA GLN O 351 0.53 -22.05 -40.57
C GLN O 351 -0.72 -22.80 -41.04
N ASP O 352 -0.75 -24.12 -40.83
CA ASP O 352 -1.89 -24.90 -41.30
C ASP O 352 -3.15 -24.61 -40.50
N VAL O 353 -3.02 -24.29 -39.21
CA VAL O 353 -4.20 -23.96 -38.41
C VAL O 353 -4.80 -22.64 -38.88
N ALA O 354 -3.95 -21.69 -39.27
CA ALA O 354 -4.46 -20.42 -39.79
C ALA O 354 -5.22 -20.62 -41.09
N GLN O 355 -4.86 -21.63 -41.87
CA GLN O 355 -5.59 -21.95 -43.09
C GLN O 355 -7.02 -22.38 -42.78
N MET O 356 -7.20 -23.14 -41.69
CA MET O 356 -8.52 -23.64 -41.33
C MET O 356 -9.49 -22.50 -41.04
N LYS O 357 -8.97 -21.37 -40.57
CA LYS O 357 -9.79 -20.22 -40.21
C LYS O 357 -10.49 -19.62 -41.42
N ASP O 358 -10.23 -20.09 -42.63
CA ASP O 358 -11.04 -19.56 -43.76
C ASP O 358 -12.28 -20.42 -44.02
N GLY O 359 -12.12 -21.57 -44.69
CA GLY O 359 -13.23 -22.50 -44.91
C GLY O 359 -12.66 -23.88 -45.19
N SER O 360 -13.43 -24.94 -44.99
CA SER O 360 -12.90 -26.31 -45.17
C SER O 360 -14.04 -27.26 -45.55
N VAL O 361 -13.78 -28.40 -46.17
CA VAL O 361 -14.92 -29.33 -46.42
C VAL O 361 -14.38 -30.72 -46.72
N GLY P 329 -54.64 9.98 32.42
CA GLY P 329 -53.44 9.71 31.65
C GLY P 329 -53.04 8.25 31.64
N ASN P 330 -52.14 7.89 32.54
CA ASN P 330 -51.62 6.51 32.64
C ASN P 330 -51.05 6.07 31.30
N MET P 331 -50.26 6.94 30.67
CA MET P 331 -49.69 6.70 29.36
C MET P 331 -48.17 6.63 29.47
N VAL P 332 -47.60 5.58 28.87
CA VAL P 332 -46.15 5.36 28.89
C VAL P 332 -45.57 5.76 27.54
N ALA P 333 -44.49 6.52 27.57
CA ALA P 333 -43.92 7.07 26.35
C ALA P 333 -42.44 7.35 26.55
N GLY P 334 -41.75 7.53 25.43
CA GLY P 334 -40.33 7.87 25.47
C GLY P 334 -39.72 7.74 24.10
N ILE P 335 -38.41 8.00 24.05
CA ILE P 335 -37.65 7.90 22.81
C ILE P 335 -37.32 6.43 22.54
N PRO P 336 -37.74 5.87 21.42
CA PRO P 336 -37.38 4.50 21.07
C PRO P 336 -36.02 4.44 20.38
N GLY P 337 -35.55 3.21 20.19
CA GLY P 337 -34.34 2.96 19.44
C GLY P 337 -33.10 2.85 20.30
N ALA P 338 -31.97 3.19 19.68
CA ALA P 338 -30.66 3.06 20.31
C ALA P 338 -30.41 4.07 21.42
N LEU P 339 -31.14 5.18 21.45
CA LEU P 339 -30.89 6.19 22.47
C LEU P 339 -31.36 5.72 23.84
N SER P 340 -32.49 5.01 23.89
CA SER P 340 -33.03 4.57 25.17
C SER P 340 -32.30 3.36 25.72
N ASN P 341 -31.86 2.45 24.85
CA ASN P 341 -31.24 1.20 25.29
C ASN P 341 -29.77 1.41 25.64
N GLN P 342 -29.54 2.31 26.59
CA GLN P 342 -28.21 2.61 27.10
C GLN P 342 -28.34 2.84 28.60
N PRO P 343 -27.24 2.69 29.35
CA PRO P 343 -27.30 3.01 30.76
C PRO P 343 -27.63 4.48 30.97
N PRO P 344 -28.35 4.81 32.03
CA PRO P 344 -28.72 6.21 32.26
C PRO P 344 -27.53 7.13 32.52
N ALA P 345 -26.33 6.59 32.70
CA ALA P 345 -25.15 7.43 32.88
C ALA P 345 -24.84 8.25 31.65
N ASP P 346 -25.31 7.81 30.47
CA ASP P 346 -25.06 8.58 29.25
C ASP P 346 -25.78 9.92 29.29
N ALA P 347 -26.98 9.96 29.87
CA ALA P 347 -27.77 11.19 30.00
C ALA P 347 -27.99 11.85 28.64
N SER P 348 -28.22 11.02 27.63
CA SER P 348 -28.54 11.51 26.28
C SER P 348 -30.03 11.74 26.09
N ILE P 349 -30.85 11.40 27.09
CA ILE P 349 -32.30 11.60 27.03
C ILE P 349 -32.67 12.73 27.97
N PRO P 350 -33.51 13.68 27.56
CA PRO P 350 -33.93 14.75 28.47
C PRO P 350 -34.66 14.18 29.68
N GLN P 351 -34.50 14.86 30.82
CA GLN P 351 -35.09 14.36 32.06
C GLN P 351 -36.61 14.37 32.01
N ASP P 352 -37.19 15.30 31.24
CA ASP P 352 -38.64 15.31 31.06
C ASP P 352 -39.11 14.04 30.39
N VAL P 353 -38.44 13.63 29.32
CA VAL P 353 -38.81 12.39 28.62
C VAL P 353 -38.49 11.18 29.48
N ALA P 354 -37.36 11.22 30.20
CA ALA P 354 -36.96 10.07 31.01
C ALA P 354 -37.99 9.75 32.08
N GLN P 355 -38.54 10.75 32.76
CA GLN P 355 -39.59 10.43 33.75
C GLN P 355 -40.83 9.93 33.03
N MET P 356 -41.09 10.45 31.83
CA MET P 356 -42.32 10.07 31.15
C MET P 356 -42.42 8.56 30.98
N LYS P 357 -41.27 7.90 30.83
CA LYS P 357 -41.23 6.45 30.69
C LYS P 357 -41.88 5.76 31.89
N ASP P 358 -41.63 6.27 33.10
CA ASP P 358 -42.04 5.62 34.34
C ASP P 358 -43.51 5.23 34.34
N GLY P 359 -44.38 6.18 34.01
CA GLY P 359 -45.81 5.89 33.98
C GLY P 359 -46.60 6.82 34.88
N SER P 360 -45.89 7.64 35.66
CA SER P 360 -46.58 8.61 36.53
C SER P 360 -47.33 9.63 35.70
N VAL P 361 -46.76 10.08 34.60
CA VAL P 361 -47.40 11.04 33.72
C VAL P 361 -48.33 10.33 32.76
N GLY Q 329 -18.72 -57.66 -3.39
CA GLY Q 329 -17.74 -56.85 -2.70
C GLY Q 329 -16.68 -56.27 -3.63
N ASN Q 330 -17.01 -56.18 -4.91
CA ASN Q 330 -16.08 -55.66 -5.92
C ASN Q 330 -16.16 -54.13 -5.93
N MET Q 331 -15.39 -53.53 -5.03
CA MET Q 331 -15.39 -52.09 -4.81
C MET Q 331 -14.12 -51.46 -5.35
N VAL Q 332 -14.15 -50.13 -5.44
CA VAL Q 332 -13.00 -49.31 -5.80
C VAL Q 332 -12.75 -48.34 -4.65
N ALA Q 333 -11.49 -48.06 -4.37
CA ALA Q 333 -11.14 -47.31 -3.17
C ALA Q 333 -9.89 -46.48 -3.42
N GLY Q 334 -9.74 -45.44 -2.59
CA GLY Q 334 -8.54 -44.62 -2.62
C GLY Q 334 -8.75 -43.31 -1.87
N ILE Q 335 -7.66 -42.60 -1.59
CA ILE Q 335 -7.75 -41.33 -0.90
C ILE Q 335 -8.28 -40.28 -1.87
N PRO Q 336 -9.43 -39.66 -1.59
CA PRO Q 336 -9.95 -38.64 -2.51
C PRO Q 336 -9.17 -37.34 -2.39
N GLY Q 337 -9.25 -36.55 -3.45
CA GLY Q 337 -8.77 -35.18 -3.41
C GLY Q 337 -7.36 -34.99 -3.93
N ALA Q 338 -6.57 -34.24 -3.16
CA ALA Q 338 -5.25 -33.80 -3.58
C ALA Q 338 -4.22 -34.93 -3.62
N LEU Q 339 -4.28 -35.87 -2.68
CA LEU Q 339 -3.25 -36.89 -2.60
C LEU Q 339 -3.25 -37.78 -3.84
N SER Q 340 -4.43 -38.18 -4.31
CA SER Q 340 -4.49 -39.12 -5.42
C SER Q 340 -4.19 -38.44 -6.75
N ASN Q 341 -4.54 -37.16 -6.88
CA ASN Q 341 -4.46 -36.50 -8.18
C ASN Q 341 -3.05 -36.01 -8.49
N GLN Q 342 -2.11 -36.22 -7.57
CA GLN Q 342 -0.70 -36.04 -7.90
C GLN Q 342 -0.27 -37.22 -8.76
N PRO Q 343 0.77 -37.06 -9.57
CA PRO Q 343 1.26 -38.19 -10.35
C PRO Q 343 1.86 -39.26 -9.42
N PRO Q 344 1.88 -40.51 -9.87
CA PRO Q 344 2.29 -41.61 -8.96
C PRO Q 344 3.70 -41.49 -8.42
N ALA Q 345 4.57 -40.70 -9.05
CA ALA Q 345 5.94 -40.57 -8.56
C ALA Q 345 6.03 -39.86 -7.21
N ASP Q 346 4.96 -39.17 -6.79
CA ASP Q 346 4.96 -38.51 -5.49
C ASP Q 346 5.01 -39.51 -4.33
N ALA Q 347 4.38 -40.67 -4.49
CA ALA Q 347 4.37 -41.73 -3.47
C ALA Q 347 3.87 -41.21 -2.13
N SER Q 348 2.70 -40.57 -2.16
CA SER Q 348 2.04 -40.10 -0.95
C SER Q 348 1.00 -41.08 -0.43
N ILE Q 349 0.27 -41.73 -1.32
CA ILE Q 349 -0.71 -42.74 -0.92
C ILE Q 349 0.03 -44.02 -0.51
N PRO Q 350 -0.36 -44.67 0.58
CA PRO Q 350 0.21 -45.99 0.88
C PRO Q 350 -0.05 -46.97 -0.26
N GLN Q 351 0.93 -47.85 -0.52
CA GLN Q 351 0.82 -48.76 -1.65
C GLN Q 351 -0.37 -49.69 -1.50
N ASP Q 352 -0.68 -50.10 -0.27
CA ASP Q 352 -1.83 -50.97 -0.04
C ASP Q 352 -3.13 -50.27 -0.45
N VAL Q 353 -3.28 -49.01 -0.07
CA VAL Q 353 -4.47 -48.25 -0.43
C VAL Q 353 -4.48 -47.94 -1.92
N ALA Q 354 -3.32 -47.66 -2.51
CA ALA Q 354 -3.26 -47.27 -3.91
C ALA Q 354 -3.64 -48.41 -4.83
N GLN Q 355 -3.45 -49.65 -4.38
CA GLN Q 355 -3.76 -50.81 -5.22
C GLN Q 355 -5.23 -51.21 -5.16
N MET Q 356 -6.08 -50.53 -4.38
CA MET Q 356 -7.50 -50.80 -4.36
C MET Q 356 -8.26 -49.91 -5.35
N LYS Q 357 -7.54 -49.40 -6.34
CA LYS Q 357 -8.12 -48.51 -7.34
C LYS Q 357 -8.55 -49.24 -8.61
N ASP Q 358 -8.09 -50.47 -8.82
CA ASP Q 358 -8.41 -51.24 -10.02
C ASP Q 358 -9.59 -52.17 -9.81
N GLY Q 359 -10.25 -52.12 -8.65
CA GLY Q 359 -11.35 -52.99 -8.33
C GLY Q 359 -11.00 -54.14 -7.41
N SER Q 360 -9.74 -54.24 -6.96
CA SER Q 360 -9.33 -55.32 -6.08
C SER Q 360 -9.99 -55.18 -4.71
N VAL Q 361 -9.96 -56.27 -3.95
CA VAL Q 361 -10.56 -56.34 -2.62
C VAL Q 361 -12.04 -55.98 -2.67
N ASN R 330 -33.44 -36.36 35.26
CA ASN R 330 -31.98 -36.29 35.23
C ASN R 330 -31.52 -35.43 34.06
N MET R 331 -31.27 -34.16 34.34
CA MET R 331 -30.87 -33.24 33.30
C MET R 331 -29.39 -33.42 32.95
N VAL R 332 -29.08 -33.23 31.67
CA VAL R 332 -27.70 -33.13 31.20
C VAL R 332 -27.44 -31.67 30.87
N ALA R 333 -26.41 -31.09 31.49
CA ALA R 333 -26.21 -29.65 31.42
C ALA R 333 -24.74 -29.34 31.17
N GLY R 334 -24.50 -28.13 30.71
CA GLY R 334 -23.14 -27.64 30.54
C GLY R 334 -23.17 -26.34 29.74
N ILE R 335 -21.97 -25.78 29.56
CA ILE R 335 -21.82 -24.56 28.77
C ILE R 335 -21.82 -24.94 27.30
N PRO R 336 -22.78 -24.44 26.52
CA PRO R 336 -22.84 -24.79 25.10
C PRO R 336 -21.84 -24.02 24.26
N GLY R 337 -21.17 -24.71 23.33
CA GLY R 337 -20.36 -24.02 22.34
C GLY R 337 -18.86 -24.17 22.49
N ALA R 338 -18.18 -23.03 22.63
CA ALA R 338 -16.72 -22.98 22.59
C ALA R 338 -16.05 -23.60 23.81
N LEU R 339 -16.57 -23.35 25.01
CA LEU R 339 -15.90 -23.86 26.21
C LEU R 339 -15.99 -25.39 26.28
N SER R 340 -17.13 -25.95 25.89
CA SER R 340 -17.30 -27.40 26.00
C SER R 340 -16.52 -28.15 24.92
N ASN R 341 -16.48 -27.64 23.69
CA ASN R 341 -15.81 -28.34 22.61
C ASN R 341 -14.32 -28.05 22.62
N GLN R 342 -13.67 -28.30 23.76
CA GLN R 342 -12.23 -28.19 23.91
C GLN R 342 -11.77 -29.32 24.82
N PRO R 343 -10.50 -29.72 24.72
CA PRO R 343 -10.01 -30.77 25.61
C PRO R 343 -10.12 -30.34 27.05
N PRO R 344 -10.36 -31.28 27.96
CA PRO R 344 -10.45 -30.92 29.39
C PRO R 344 -9.18 -30.32 29.95
N ALA R 345 -8.03 -30.52 29.29
CA ALA R 345 -6.79 -29.92 29.74
C ALA R 345 -6.86 -28.40 29.74
N ASP R 346 -7.71 -27.82 28.89
CA ASP R 346 -7.88 -26.37 28.89
C ASP R 346 -8.45 -25.89 30.23
N ALA R 347 -9.44 -26.61 30.76
CA ALA R 347 -10.00 -26.37 32.08
C ALA R 347 -10.55 -24.95 32.23
N SER R 348 -11.41 -24.58 31.30
CA SER R 348 -12.09 -23.28 31.33
C SER R 348 -13.52 -23.37 31.84
N ILE R 349 -13.95 -24.55 32.29
CA ILE R 349 -15.31 -24.76 32.78
C ILE R 349 -15.23 -25.06 34.28
N PRO R 350 -16.09 -24.46 35.11
CA PRO R 350 -16.11 -24.83 36.53
C PRO R 350 -16.40 -26.32 36.69
N GLN R 351 -15.78 -26.92 37.71
CA GLN R 351 -15.87 -28.36 37.87
C GLN R 351 -17.30 -28.81 38.17
N ASP R 352 -18.08 -27.97 38.83
CA ASP R 352 -19.47 -28.32 39.12
C ASP R 352 -20.28 -28.44 37.83
N VAL R 353 -20.08 -27.52 36.89
CA VAL R 353 -20.80 -27.58 35.62
C VAL R 353 -20.37 -28.78 34.80
N ALA R 354 -19.07 -29.13 34.86
CA ALA R 354 -18.57 -30.26 34.09
C ALA R 354 -19.18 -31.57 34.56
N GLN R 355 -19.56 -31.64 35.84
CA GLN R 355 -20.20 -32.85 36.35
C GLN R 355 -21.60 -33.04 35.78
N MET R 356 -22.31 -31.93 35.53
CA MET R 356 -23.70 -32.03 35.10
C MET R 356 -23.83 -32.73 33.75
N LYS R 357 -22.80 -32.64 32.91
CA LYS R 357 -22.87 -33.25 31.57
C LYS R 357 -22.82 -34.77 31.66
N ASP R 358 -22.26 -35.31 32.75
CA ASP R 358 -22.17 -36.74 32.95
C ASP R 358 -23.55 -37.39 33.03
N GLY R 359 -24.55 -36.62 33.43
CA GLY R 359 -25.91 -37.10 33.53
C GLY R 359 -26.50 -37.20 34.93
N SER R 360 -26.06 -36.36 35.86
CA SER R 360 -26.58 -36.39 37.22
C SER R 360 -26.64 -34.96 37.75
N VAL R 361 -27.77 -34.61 38.35
CA VAL R 361 -27.94 -33.27 38.91
C VAL R 361 -28.77 -33.34 40.19
N MET S 1 6.35 -27.37 10.73
CA MET S 1 6.27 -26.14 9.93
C MET S 1 6.70 -26.40 8.50
N HIS S 2 6.73 -25.32 7.71
CA HIS S 2 7.18 -25.44 6.34
C HIS S 2 8.68 -25.77 6.32
N PRO S 3 9.09 -26.86 5.66
CA PRO S 3 10.50 -27.26 5.70
C PRO S 3 11.45 -26.20 5.15
N ALA S 4 11.00 -25.38 4.21
CA ALA S 4 11.87 -24.36 3.64
C ALA S 4 12.26 -23.31 4.68
N LEU S 5 11.36 -23.03 5.62
CA LEU S 5 11.67 -22.05 6.67
C LEU S 5 12.77 -22.56 7.59
N TRP S 6 12.73 -23.84 7.95
CA TRP S 6 13.71 -24.36 8.90
C TRP S 6 15.07 -24.58 8.26
N VAL S 7 15.11 -24.83 6.95
CA VAL S 7 16.38 -24.99 6.26
C VAL S 7 17.19 -23.69 6.33
N SER S 8 16.52 -22.57 6.09
CA SER S 8 17.21 -21.28 6.18
C SER S 8 17.53 -20.91 7.62
N LYS S 9 16.71 -21.32 8.57
CA LYS S 9 16.99 -21.02 9.97
C LYS S 9 18.26 -21.72 10.44
N THR S 10 18.51 -22.94 9.97
CA THR S 10 19.75 -23.62 10.30
C THR S 10 20.95 -22.86 9.76
N GLY S 11 20.84 -22.32 8.55
CA GLY S 11 21.91 -21.50 8.01
C GLY S 11 22.10 -20.21 8.79
N LEU S 12 21.01 -19.63 9.28
CA LEU S 12 21.12 -18.46 10.15
C LEU S 12 21.79 -18.81 11.46
N ASP S 13 21.44 -19.97 12.04
CA ASP S 13 22.06 -20.40 13.28
C ASP S 13 23.54 -20.74 13.06
N ALA S 14 23.85 -21.38 11.93
CA ALA S 14 25.23 -21.77 11.67
C ALA S 14 26.13 -20.55 11.51
N GLN S 15 25.66 -19.52 10.81
CA GLN S 15 26.48 -18.33 10.62
C GLN S 15 26.63 -17.54 11.91
N GLN S 16 25.62 -17.57 12.78
CA GLN S 16 25.71 -16.88 14.06
C GLN S 16 26.83 -17.47 14.92
N THR S 17 26.95 -18.79 14.93
CA THR S 17 28.04 -19.43 15.65
C THR S 17 29.39 -19.05 15.04
N ASN S 18 29.45 -18.98 13.71
CA ASN S 18 30.69 -18.55 13.05
C ASN S 18 31.03 -17.11 13.40
N ILE S 19 30.02 -16.23 13.47
CA ILE S 19 30.27 -14.85 13.84
C ILE S 19 30.83 -14.76 15.26
N ALA S 20 30.24 -15.53 16.18
CA ALA S 20 30.73 -15.53 17.56
C ALA S 20 32.15 -16.06 17.65
N THR S 21 32.48 -17.06 16.83
CA THR S 21 33.85 -17.58 16.81
C THR S 21 34.82 -16.52 16.33
N ILE S 22 34.44 -15.76 15.30
CA ILE S 22 35.30 -14.68 14.80
C ILE S 22 35.46 -13.60 15.86
N SER S 23 34.38 -13.27 16.57
CA SER S 23 34.43 -12.20 17.55
C SER S 23 35.40 -12.51 18.68
N ASN S 24 35.43 -13.76 19.13
CA ASN S 24 36.38 -14.15 20.17
C ASN S 24 37.81 -14.11 19.64
N ASN S 25 38.00 -14.44 18.36
CA ASN S 25 39.34 -14.39 17.78
C ASN S 25 39.88 -12.96 17.76
N LEU S 26 39.04 -12.00 17.42
CA LEU S 26 39.48 -10.60 17.42
C LEU S 26 39.60 -10.05 18.83
N ALA S 27 38.76 -10.52 19.75
CA ALA S 27 38.86 -10.08 21.14
C ALA S 27 40.18 -10.49 21.76
N ASN S 28 40.62 -11.71 21.50
CA ASN S 28 41.91 -12.20 21.99
C ASN S 28 43.01 -11.99 20.95
N ALA S 29 43.13 -10.77 20.45
CA ALA S 29 44.21 -10.41 19.53
C ALA S 29 45.47 -9.95 20.26
N SER S 30 45.40 -9.75 21.57
CA SER S 30 46.55 -9.37 22.37
C SER S 30 46.89 -10.40 23.44
N THR S 31 46.08 -11.42 23.61
CA THR S 31 46.34 -12.44 24.62
C THR S 31 47.59 -13.25 24.25
N VAL S 32 48.54 -13.31 25.18
CA VAL S 32 49.78 -14.04 24.94
C VAL S 32 49.50 -15.54 24.95
N GLY S 33 49.98 -16.24 23.93
CA GLY S 33 49.76 -17.67 23.82
C GLY S 33 48.32 -18.06 23.59
N TYR S 34 47.61 -17.35 22.70
CA TYR S 34 46.24 -17.67 22.35
C TYR S 34 46.21 -18.25 20.94
N LYS S 35 45.52 -19.37 20.78
CA LYS S 35 45.42 -20.06 19.51
C LYS S 35 44.05 -19.81 18.89
N LYS S 36 44.06 -19.31 17.66
CA LYS S 36 42.81 -18.96 16.99
C LYS S 36 41.98 -20.18 16.66
N SER S 37 40.66 -20.00 16.68
CA SER S 37 39.71 -21.05 16.34
C SER S 37 39.00 -20.69 15.04
N ARG S 38 38.68 -21.72 14.27
CA ARG S 38 37.91 -21.57 13.04
C ARG S 38 36.65 -22.42 13.13
N ALA S 39 35.60 -21.98 12.45
CA ALA S 39 34.35 -22.72 12.39
C ALA S 39 34.29 -23.56 11.13
N VAL S 40 33.87 -24.81 11.27
CA VAL S 40 33.78 -25.75 10.17
C VAL S 40 32.30 -26.07 9.94
N PHE S 41 31.86 -25.96 8.69
CA PHE S 41 30.47 -26.19 8.31
C PHE S 41 30.32 -27.54 7.63
N GLU S 42 29.11 -28.08 7.70
CA GLU S 42 28.78 -29.34 7.04
C GLU S 42 27.30 -29.36 6.69
N ASP S 43 26.98 -30.13 5.65
CA ASP S 43 25.59 -30.26 5.21
C ASP S 43 24.88 -31.33 6.01
N LEU S 44 23.60 -31.07 6.31
CA LEU S 44 22.82 -31.96 7.15
C LEU S 44 22.35 -33.18 6.35
N PHE S 45 21.54 -34.01 6.99
CA PHE S 45 21.11 -35.28 6.39
C PHE S 45 20.14 -35.04 5.24
N TYR S 46 20.27 -35.84 4.19
CA TYR S 46 19.44 -35.72 2.99
C TYR S 46 18.32 -36.75 3.03
N GLN S 47 17.09 -36.29 2.81
CA GLN S 47 15.90 -37.12 2.94
C GLN S 47 15.25 -37.35 1.59
N ASN S 48 14.81 -38.58 1.35
CA ASN S 48 14.03 -38.92 0.16
C ASN S 48 12.56 -38.63 0.44
N ILE S 49 11.95 -37.78 -0.37
CA ILE S 49 10.57 -37.36 -0.17
C ILE S 49 9.63 -38.17 -1.06
N ASN S 50 10.04 -38.41 -2.31
CA ASN S 50 9.20 -39.08 -3.28
C ASN S 50 9.38 -40.59 -3.28
N GLN S 51 10.18 -41.13 -2.37
CA GLN S 51 10.44 -42.57 -2.31
C GLN S 51 9.81 -43.14 -1.05
N PRO S 52 8.95 -44.16 -1.16
CA PRO S 52 8.42 -44.81 0.05
C PRO S 52 9.51 -45.43 0.91
N GLY S 53 10.64 -45.83 0.31
CA GLY S 53 11.75 -46.38 1.05
C GLY S 53 12.98 -45.50 0.97
N GLY S 54 14.16 -46.11 1.01
CA GLY S 54 15.40 -45.37 0.95
C GLY S 54 16.27 -45.72 -0.24
N GLN S 55 15.64 -46.00 -1.38
CA GLN S 55 16.37 -46.37 -2.60
C GLN S 55 16.77 -45.09 -3.31
N SER S 56 17.91 -44.53 -2.90
CA SER S 56 18.40 -43.28 -3.48
C SER S 56 19.10 -43.47 -4.81
N SER S 57 19.83 -44.58 -4.99
CA SER S 57 20.53 -44.83 -6.24
C SER S 57 19.62 -45.33 -7.35
N GLN S 58 18.35 -45.61 -7.05
CA GLN S 58 17.42 -46.18 -8.02
C GLN S 58 17.22 -45.26 -9.23
N ASN S 59 16.64 -44.08 -8.99
CA ASN S 59 16.34 -43.12 -10.05
C ASN S 59 16.69 -41.70 -9.58
N THR S 60 17.91 -41.53 -9.05
CA THR S 60 18.28 -40.30 -8.37
C THR S 60 18.17 -39.07 -9.26
N GLU S 61 18.19 -39.23 -10.58
CA GLU S 61 18.04 -38.10 -11.49
C GLU S 61 16.60 -37.86 -11.92
N LEU S 62 15.68 -38.72 -11.51
CA LEU S 62 14.26 -38.64 -11.83
C LEU S 62 13.47 -38.06 -10.67
N PRO S 63 12.22 -37.64 -10.90
CA PRO S 63 11.42 -37.09 -9.79
C PRO S 63 11.23 -38.06 -8.64
N SER S 64 11.25 -39.37 -8.89
CA SER S 64 11.11 -40.34 -7.82
C SER S 64 12.35 -40.37 -6.92
N GLY S 65 13.50 -39.94 -7.44
CA GLY S 65 14.73 -39.99 -6.68
C GLY S 65 15.15 -38.65 -6.11
N LEU S 66 14.24 -37.70 -6.05
CA LEU S 66 14.56 -36.38 -5.53
C LEU S 66 14.90 -36.46 -4.04
N MET S 67 16.01 -35.83 -3.66
CA MET S 67 16.44 -35.76 -2.27
C MET S 67 16.64 -34.30 -1.88
N LEU S 68 16.13 -33.92 -0.71
CA LEU S 68 16.21 -32.56 -0.21
C LEU S 68 17.05 -32.51 1.05
N GLY S 69 17.99 -31.56 1.10
CA GLY S 69 18.79 -31.39 2.29
C GLY S 69 18.02 -30.75 3.43
N ALA S 70 18.57 -30.90 4.63
CA ALA S 70 17.92 -30.42 5.84
C ALA S 70 18.56 -29.13 6.38
N GLY S 71 19.50 -28.55 5.65
CA GLY S 71 20.13 -27.33 6.10
C GLY S 71 21.63 -27.44 6.30
N SER S 72 22.16 -26.70 7.27
CA SER S 72 23.59 -26.68 7.56
C SER S 72 23.80 -26.53 9.06
N LYS S 73 24.99 -26.94 9.50
CA LYS S 73 25.35 -26.80 10.91
C LYS S 73 26.86 -26.64 11.01
N VAL S 74 27.30 -26.12 12.15
CA VAL S 74 28.73 -25.99 12.45
C VAL S 74 29.16 -27.26 13.19
N VAL S 75 29.98 -28.08 12.53
CA VAL S 75 30.35 -29.37 13.10
C VAL S 75 31.31 -29.20 14.26
N ALA S 76 32.28 -28.28 14.14
CA ALA S 76 33.28 -28.11 15.18
C ALA S 76 33.88 -26.71 15.09
N THR S 77 34.48 -26.28 16.20
CA THR S 77 35.28 -25.06 16.26
C THR S 77 36.72 -25.50 16.44
N GLN S 78 37.43 -25.66 15.33
CA GLN S 78 38.75 -26.27 15.35
C GLN S 78 39.80 -25.26 15.80
N LYS S 79 40.70 -25.71 16.68
CA LYS S 79 41.83 -24.90 17.12
C LYS S 79 42.99 -25.06 16.14
N VAL S 80 43.65 -23.96 15.83
CA VAL S 80 44.82 -23.95 14.95
C VAL S 80 46.01 -23.59 15.82
N HIS S 81 46.78 -24.60 16.24
CA HIS S 81 47.90 -24.39 17.15
C HIS S 81 49.20 -24.09 16.40
N THR S 82 49.15 -23.08 15.53
CA THR S 82 50.37 -22.63 14.86
C THR S 82 51.24 -21.84 15.83
N HIS S 83 52.53 -21.79 15.52
CA HIS S 83 53.47 -21.07 16.38
C HIS S 83 53.36 -19.57 16.15
N GLY S 84 53.13 -18.82 17.21
CA GLY S 84 53.02 -17.38 17.13
C GLY S 84 54.36 -16.70 17.06
N ASN S 85 54.32 -15.36 16.99
CA ASN S 85 55.53 -14.58 16.93
C ASN S 85 56.18 -14.47 18.31
N ALA S 86 57.28 -13.72 18.39
CA ALA S 86 58.06 -13.60 19.61
C ALA S 86 57.97 -12.17 20.13
N GLN S 87 57.75 -12.04 21.44
CA GLN S 87 57.76 -10.75 22.12
C GLN S 87 58.92 -10.73 23.10
N THR S 88 59.96 -9.97 22.77
CA THR S 88 61.14 -9.87 23.62
C THR S 88 60.86 -8.86 24.73
N THR S 89 60.81 -9.35 25.96
CA THR S 89 60.51 -8.53 27.13
C THR S 89 61.73 -8.43 28.03
N THR S 90 61.72 -7.42 28.89
CA THR S 90 62.78 -7.22 29.86
C THR S 90 62.49 -7.86 31.21
N ASN S 91 61.32 -8.48 31.37
CA ASN S 91 61.01 -9.19 32.60
C ASN S 91 61.75 -10.51 32.63
N ALA S 92 62.24 -10.88 33.82
CA ALA S 92 63.06 -12.07 33.97
C ALA S 92 62.26 -13.32 34.33
N LEU S 93 60.93 -13.22 34.40
CA LEU S 93 60.11 -14.34 34.82
C LEU S 93 59.06 -14.77 33.79
N ASP S 94 58.94 -14.07 32.65
CA ASP S 94 58.06 -14.49 31.58
C ASP S 94 58.86 -15.23 30.52
N MET S 95 58.35 -16.38 30.08
CA MET S 95 59.11 -17.31 29.27
C MET S 95 58.22 -17.88 28.17
N MET S 96 58.88 -18.39 27.12
CA MET S 96 58.19 -18.94 25.97
C MET S 96 58.74 -20.33 25.65
N VAL S 97 57.85 -21.19 25.17
CA VAL S 97 58.21 -22.48 24.60
C VAL S 97 58.30 -22.31 23.09
N GLU S 98 59.47 -22.60 22.52
CA GLU S 98 59.67 -22.51 21.09
C GLU S 98 59.47 -23.88 20.46
N GLY S 99 58.30 -24.10 19.88
CA GLY S 99 57.96 -25.38 19.32
C GLY S 99 56.89 -26.10 20.10
N ASP S 100 56.96 -27.42 20.06
CA ASP S 100 55.99 -28.26 20.75
C ASP S 100 56.24 -28.29 22.25
N GLY S 101 55.18 -28.18 23.02
CA GLY S 101 55.27 -28.24 24.47
C GLY S 101 54.27 -27.30 25.11
N PHE S 102 53.96 -27.60 26.37
CA PHE S 102 53.03 -26.78 27.15
C PHE S 102 53.56 -26.65 28.57
N PHE S 103 53.42 -25.45 29.14
CA PHE S 103 53.66 -25.27 30.56
C PHE S 103 52.57 -25.98 31.36
N GLN S 104 52.94 -26.53 32.51
CA GLN S 104 52.01 -27.27 33.36
C GLN S 104 51.83 -26.52 34.68
N VAL S 105 50.58 -26.23 35.01
CA VAL S 105 50.25 -25.50 36.23
C VAL S 105 49.27 -26.33 37.05
N THR S 106 49.24 -26.08 38.35
CA THR S 106 48.41 -26.83 39.29
C THR S 106 47.09 -26.10 39.50
N LEU S 107 45.99 -26.73 39.08
CA LEU S 107 44.67 -26.17 39.31
C LEU S 107 44.27 -26.31 40.77
N PRO S 108 43.38 -25.44 41.27
CA PRO S 108 42.95 -25.55 42.67
C PRO S 108 42.32 -26.87 43.02
N ASP S 109 41.56 -27.49 42.10
CA ASP S 109 40.87 -28.73 42.41
C ASP S 109 41.80 -29.95 42.45
N GLY S 110 43.04 -29.81 42.00
CA GLY S 110 44.00 -30.89 42.15
C GLY S 110 44.72 -31.30 40.87
N ASN S 111 44.01 -31.28 39.75
CA ASN S 111 44.60 -31.71 38.49
C ASN S 111 45.55 -30.64 37.95
N ILE S 112 46.16 -30.93 36.81
CA ILE S 112 47.17 -30.08 36.20
C ILE S 112 46.63 -29.51 34.90
N GLY S 113 46.73 -28.19 34.75
CA GLY S 113 46.34 -27.52 33.53
C GLY S 113 47.56 -27.16 32.69
N TYR S 114 47.35 -27.05 31.38
CA TYR S 114 48.42 -26.85 30.43
C TYR S 114 48.18 -25.55 29.66
N THR S 115 49.23 -24.75 29.51
CA THR S 115 49.12 -23.43 28.91
C THR S 115 50.35 -23.15 28.05
N ARG S 116 50.14 -22.32 27.02
CA ARG S 116 51.23 -21.77 26.24
C ARG S 116 51.67 -20.39 26.73
N ASN S 117 50.82 -19.70 27.50
CA ASN S 117 51.18 -18.41 28.06
C ASN S 117 52.26 -18.59 29.12
N GLY S 118 53.25 -17.71 29.10
CA GLY S 118 54.39 -17.84 30.00
C GLY S 118 54.58 -16.69 30.94
N GLN S 119 53.55 -15.84 31.10
CA GLN S 119 53.65 -14.73 32.03
C GLN S 119 53.58 -15.24 33.46
N PHE S 120 54.74 -15.51 34.06
CA PHE S 120 54.85 -16.07 35.39
C PHE S 120 55.34 -15.02 36.37
N THR S 121 55.30 -15.37 37.65
CA THR S 121 55.78 -14.52 38.72
C THR S 121 56.00 -15.39 39.96
N LEU S 122 56.20 -14.74 41.10
CA LEU S 122 56.37 -15.42 42.37
C LEU S 122 55.25 -15.01 43.32
N ASN S 123 54.96 -15.87 44.29
CA ASN S 123 54.06 -15.50 45.37
C ASN S 123 54.89 -15.18 46.61
N GLY S 124 54.22 -15.02 47.76
CA GLY S 124 54.92 -14.62 48.96
C GLY S 124 55.94 -15.63 49.44
N GLU S 125 55.82 -16.88 49.01
CA GLU S 125 56.73 -17.94 49.42
C GLU S 125 57.86 -18.18 48.42
N GLY S 126 57.92 -17.39 47.35
CA GLY S 126 58.97 -17.57 46.36
C GLY S 126 58.72 -18.65 45.33
N THR S 127 57.52 -19.24 45.32
CA THR S 127 57.21 -20.28 44.35
C THR S 127 56.78 -19.65 43.02
N LEU S 128 57.30 -20.20 41.93
CA LEU S 128 57.01 -19.70 40.59
C LEU S 128 55.55 -19.99 40.25
N VAL S 129 54.73 -18.95 40.21
CA VAL S 129 53.30 -19.08 39.90
C VAL S 129 52.97 -18.17 38.72
N THR S 130 51.80 -18.40 38.13
CA THR S 130 51.34 -17.60 37.01
C THR S 130 50.97 -16.20 37.48
N SER S 131 51.02 -15.25 36.56
CA SER S 131 50.75 -13.85 36.86
C SER S 131 49.27 -13.50 36.76
N GLY S 132 48.40 -14.49 36.59
CA GLY S 132 46.96 -14.30 36.53
C GLY S 132 46.35 -14.69 37.86
N SER S 133 45.76 -15.88 37.93
CA SER S 133 45.15 -16.35 39.17
C SER S 133 46.18 -16.80 40.20
N GLY S 134 47.43 -17.01 39.81
CA GLY S 134 48.47 -17.38 40.74
C GLY S 134 48.64 -18.87 40.97
N TYR S 135 48.27 -19.70 40.00
CA TYR S 135 48.40 -21.15 40.17
C TYR S 135 49.88 -21.53 40.16
N PRO S 136 50.32 -22.43 41.03
CA PRO S 136 51.71 -22.87 41.00
C PRO S 136 52.05 -23.58 39.69
N VAL S 137 53.30 -23.45 39.28
CA VAL S 137 53.80 -24.06 38.05
C VAL S 137 54.49 -25.37 38.40
N GLU S 138 54.17 -26.43 37.66
CA GLU S 138 54.76 -27.74 37.85
C GLU S 138 56.00 -27.91 36.98
N PRO S 139 57.10 -28.45 37.53
CA PRO S 139 57.33 -28.83 38.93
C PRO S 139 57.52 -27.61 39.82
N GLU S 140 57.31 -27.76 41.13
CA GLU S 140 57.45 -26.62 42.03
C GLU S 140 58.87 -26.08 42.00
N ILE S 141 59.00 -24.77 41.84
CA ILE S 141 60.28 -24.09 41.80
C ILE S 141 60.24 -22.95 42.82
N VAL S 142 61.17 -22.97 43.77
CA VAL S 142 61.22 -21.99 44.85
C VAL S 142 62.48 -21.16 44.68
N ILE S 143 62.31 -19.84 44.70
CA ILE S 143 63.42 -18.90 44.56
C ILE S 143 63.86 -18.47 45.94
N PRO S 144 65.13 -18.65 46.31
CA PRO S 144 65.59 -18.21 47.62
C PRO S 144 65.54 -16.69 47.75
N GLU S 145 65.35 -16.22 48.98
CA GLU S 145 65.26 -14.79 49.23
C GLU S 145 66.60 -14.07 49.01
N ASP S 146 67.71 -14.80 49.02
CA ASP S 146 69.03 -14.21 48.83
C ASP S 146 69.40 -14.03 47.37
N ALA S 147 68.63 -14.59 46.44
CA ALA S 147 68.95 -14.49 45.03
C ALA S 147 68.86 -13.06 44.54
N ILE S 148 69.84 -12.66 43.73
CA ILE S 148 69.83 -11.32 43.13
C ILE S 148 69.44 -11.34 41.66
N SER S 149 69.49 -12.50 41.00
CA SER S 149 69.03 -12.62 39.62
C SER S 149 68.58 -14.04 39.38
N ILE S 150 67.72 -14.22 38.38
CA ILE S 150 67.15 -15.51 38.04
C ILE S 150 67.50 -15.82 36.59
N THR S 151 68.05 -17.00 36.36
CA THR S 151 68.42 -17.47 35.03
C THR S 151 67.71 -18.78 34.74
N VAL S 152 67.09 -18.86 33.57
CA VAL S 152 66.39 -20.06 33.12
C VAL S 152 67.09 -20.58 31.87
N GLY S 153 67.61 -21.79 31.94
CA GLY S 153 68.30 -22.38 30.81
C GLY S 153 67.35 -22.84 29.73
N THR S 154 67.94 -23.28 28.62
CA THR S 154 67.14 -23.77 27.50
C THR S 154 66.56 -25.15 27.76
N ASP S 155 66.99 -25.84 28.80
CA ASP S 155 66.46 -27.15 29.16
C ASP S 155 65.64 -27.09 30.45
N GLY S 156 65.16 -25.92 30.83
CA GLY S 156 64.40 -25.76 32.05
C GLY S 156 65.23 -25.52 33.30
N GLU S 157 66.55 -25.56 33.18
CA GLU S 157 67.42 -25.32 34.34
C GLU S 157 67.23 -23.90 34.86
N VAL S 158 66.75 -23.79 36.09
CA VAL S 158 66.54 -22.49 36.73
C VAL S 158 67.64 -22.26 37.76
N SER S 159 68.43 -21.21 37.55
CA SER S 159 69.57 -20.91 38.40
C SER S 159 69.40 -19.54 39.03
N VAL S 160 70.03 -19.36 40.19
CA VAL S 160 69.98 -18.09 40.91
C VAL S 160 71.40 -17.64 41.20
N ARG S 161 71.58 -16.33 41.35
CA ARG S 161 72.86 -15.72 41.67
C ARG S 161 72.81 -15.20 43.09
N VAL S 162 73.59 -15.80 43.97
CA VAL S 162 73.63 -15.44 45.39
C VAL S 162 74.96 -14.74 45.67
N ARG S 163 74.90 -13.62 46.37
CA ARG S 163 76.10 -12.86 46.67
C ARG S 163 76.97 -13.63 47.68
N GLY S 164 78.27 -13.58 47.52
CA GLY S 164 79.12 -14.40 48.39
C GLY S 164 79.65 -15.61 47.68
N GLN S 165 78.79 -16.54 47.26
CA GLN S 165 79.19 -17.81 46.61
C GLN S 165 79.49 -17.54 45.14
N GLN S 166 80.56 -18.12 44.58
CA GLN S 166 80.85 -18.02 43.12
C GLN S 166 80.08 -19.14 42.45
N ASP S 167 79.78 -19.07 41.18
CA ASP S 167 78.90 -19.98 40.44
C ASP S 167 77.45 -19.85 40.87
N ASN S 168 76.52 -20.08 39.95
CA ASN S 168 75.10 -19.96 40.24
C ASN S 168 74.57 -21.25 40.86
N GLN S 169 73.58 -21.10 41.75
CA GLN S 169 72.93 -22.22 42.39
C GLN S 169 71.72 -22.68 41.58
N VAL S 170 71.58 -23.99 41.43
CA VAL S 170 70.44 -24.57 40.74
C VAL S 170 69.34 -24.83 41.75
N VAL S 171 68.15 -24.29 41.48
CA VAL S 171 67.01 -24.41 42.38
C VAL S 171 65.97 -25.40 41.89
N GLY S 172 66.14 -25.96 40.71
CA GLY S 172 65.16 -26.89 40.16
C GLY S 172 65.28 -26.94 38.65
N GLN S 173 64.28 -27.53 38.03
CA GLN S 173 64.23 -27.64 36.57
C GLN S 173 62.78 -27.68 36.11
N LEU S 174 62.51 -26.97 35.02
CA LEU S 174 61.18 -26.96 34.44
C LEU S 174 60.98 -28.14 33.49
N THR S 175 59.71 -28.49 33.30
CA THR S 175 59.31 -29.51 32.34
C THR S 175 58.14 -29.01 31.52
N ILE S 176 58.02 -29.50 30.30
CA ILE S 176 56.90 -29.18 29.42
C ILE S 176 56.30 -30.48 28.90
N THR S 177 55.03 -30.41 28.52
CA THR S 177 54.26 -31.57 28.09
C THR S 177 53.81 -31.37 26.64
N ASP S 178 53.94 -32.43 25.84
CA ASP S 178 53.46 -32.44 24.48
C ASP S 178 52.29 -33.41 24.35
N PHE S 179 51.40 -33.15 23.39
CA PHE S 179 50.24 -33.97 23.15
C PHE S 179 50.23 -34.42 21.69
N VAL S 180 49.68 -35.62 21.47
CA VAL S 180 49.63 -36.17 20.11
C VAL S 180 48.74 -35.31 19.22
N ASN S 181 47.58 -34.90 19.74
CA ASN S 181 46.63 -34.05 19.03
C ASN S 181 46.40 -32.79 19.87
N PRO S 182 47.16 -31.74 19.63
CA PRO S 182 46.96 -30.50 20.42
C PRO S 182 45.57 -29.92 20.27
N GLY S 183 44.92 -30.11 19.12
CA GLY S 183 43.58 -29.60 18.92
C GLY S 183 42.53 -30.26 19.80
N GLY S 184 42.86 -31.40 20.42
CA GLY S 184 41.91 -32.10 21.28
C GLY S 184 41.84 -31.57 22.70
N LEU S 185 42.70 -30.61 23.05
CA LEU S 185 42.63 -30.02 24.38
C LEU S 185 41.41 -29.14 24.51
N GLU S 186 40.65 -29.33 25.58
CA GLU S 186 39.50 -28.46 25.76
C GLU S 186 39.92 -27.17 26.44
N PRO S 187 39.61 -26.01 25.87
CA PRO S 187 39.94 -24.73 26.54
C PRO S 187 38.99 -24.48 27.69
N ILE S 188 39.53 -24.11 28.85
CA ILE S 188 38.75 -23.82 30.04
C ILE S 188 38.91 -22.38 30.47
N GLY S 189 39.36 -21.51 29.57
CA GLY S 189 39.65 -20.14 29.93
C GLY S 189 40.95 -20.01 30.70
N GLN S 190 41.24 -18.78 31.14
CA GLN S 190 42.45 -18.47 31.89
C GLN S 190 43.71 -18.85 31.12
N ASN S 191 43.63 -18.89 29.79
CA ASN S 191 44.71 -19.32 28.92
C ASN S 191 45.14 -20.76 29.21
N LEU S 192 44.22 -21.56 29.77
CA LEU S 192 44.53 -22.91 30.21
C LEU S 192 43.77 -23.93 29.37
N TYR S 193 44.38 -25.10 29.20
CA TYR S 193 43.78 -26.20 28.46
C TYR S 193 43.77 -27.43 29.35
N LEU S 194 42.82 -28.33 29.08
CA LEU S 194 42.74 -29.59 29.81
C LEU S 194 42.82 -30.76 28.84
N PRO S 195 43.59 -31.80 29.17
CA PRO S 195 43.67 -32.96 28.30
C PRO S 195 42.34 -33.70 28.25
N THR S 196 42.04 -34.27 27.09
CA THR S 196 40.82 -35.05 26.88
C THR S 196 41.18 -36.33 26.13
N GLY S 197 40.17 -37.16 25.90
CA GLY S 197 40.38 -38.38 25.12
C GLY S 197 40.81 -38.08 23.70
N ALA S 198 40.25 -37.03 23.11
CA ALA S 198 40.63 -36.65 21.75
C ALA S 198 42.05 -36.12 21.66
N SER S 199 42.62 -35.65 22.77
CA SER S 199 43.98 -35.12 22.76
C SER S 199 45.01 -36.23 22.99
N GLY S 200 44.90 -36.93 24.12
CA GLY S 200 45.81 -38.00 24.46
C GLY S 200 46.42 -37.80 25.82
N ASP S 201 47.11 -38.85 26.26
CA ASP S 201 47.78 -38.80 27.56
C ASP S 201 48.96 -37.85 27.50
N PRO S 202 49.19 -37.06 28.56
CA PRO S 202 50.33 -36.13 28.57
C PRO S 202 51.66 -36.87 28.45
N GLN S 203 52.59 -36.26 27.72
CA GLN S 203 53.93 -36.80 27.52
C GLN S 203 54.93 -35.79 28.07
N GLU S 204 55.22 -35.89 29.35
CA GLU S 204 56.15 -34.98 30.01
C GLU S 204 57.59 -35.30 29.63
N GLY S 205 58.42 -34.27 29.59
CA GLY S 205 59.82 -34.45 29.28
C GLY S 205 60.59 -33.17 29.47
N VAL S 206 61.90 -33.30 29.42
CA VAL S 206 62.79 -32.12 29.56
C VAL S 206 62.59 -31.21 28.36
N PRO S 207 62.47 -29.89 28.56
CA PRO S 207 62.17 -29.00 27.44
C PRO S 207 63.36 -28.74 26.52
N GLY S 208 63.53 -29.61 25.52
CA GLY S 208 64.61 -29.43 24.57
C GLY S 208 65.15 -30.72 23.99
N LEU S 209 64.85 -31.84 24.65
CA LEU S 209 65.17 -33.16 24.12
C LEU S 209 63.89 -33.89 23.76
N ASP S 210 64.05 -34.97 22.98
CA ASP S 210 62.92 -35.79 22.52
C ASP S 210 61.91 -34.99 21.71
N GLY S 211 62.40 -33.98 20.98
CA GLY S 211 61.54 -33.19 20.11
C GLY S 211 60.75 -32.09 20.79
N LEU S 212 60.90 -31.91 22.10
CA LEU S 212 60.17 -30.86 22.79
C LEU S 212 60.77 -29.49 22.47
N GLY S 213 59.98 -28.45 22.73
CA GLY S 213 60.44 -27.11 22.53
C GLY S 213 61.39 -26.65 23.61
N GLU S 214 62.13 -25.58 23.31
CA GLU S 214 63.09 -25.01 24.23
C GLU S 214 62.50 -23.82 24.95
N ILE S 215 62.92 -23.63 26.19
CA ILE S 215 62.44 -22.52 27.02
C ILE S 215 63.30 -21.30 26.74
N ARG S 216 62.66 -20.20 26.37
CA ARG S 216 63.33 -18.92 26.14
C ARG S 216 62.92 -17.96 27.23
N GLN S 217 63.90 -17.46 27.98
CA GLN S 217 63.61 -16.54 29.07
C GLN S 217 63.45 -15.13 28.55
N SER S 218 62.65 -14.33 29.26
CA SER S 218 62.39 -12.94 28.91
C SER S 218 61.79 -12.82 27.51
N MET S 219 60.92 -13.77 27.15
CA MET S 219 60.23 -13.76 25.88
C MET S 219 58.80 -14.23 26.08
N LEU S 220 57.91 -13.82 25.18
CA LEU S 220 56.52 -14.20 25.23
C LEU S 220 56.01 -14.48 23.82
N GLU S 221 55.01 -15.35 23.73
CA GLU S 221 54.46 -15.78 22.44
C GLU S 221 53.15 -15.05 22.22
N ALA S 222 53.11 -14.21 21.19
CA ALA S 222 51.90 -13.47 20.87
C ALA S 222 50.84 -14.40 20.27
N SER S 223 49.61 -13.92 20.27
CA SER S 223 48.52 -14.68 19.67
C SER S 223 48.74 -14.79 18.17
N ASN S 224 48.35 -15.94 17.61
CA ASN S 224 48.54 -16.21 16.20
C ASN S 224 47.32 -15.84 15.36
N VAL S 225 46.38 -15.06 15.93
CA VAL S 225 45.22 -14.65 15.18
C VAL S 225 45.63 -13.73 14.03
N ASN S 226 44.98 -13.90 12.89
CA ASN S 226 45.22 -13.05 11.73
C ASN S 226 44.09 -12.03 11.66
N VAL S 227 44.41 -10.76 11.96
CA VAL S 227 43.39 -9.71 12.00
C VAL S 227 42.76 -9.46 10.65
N THR S 228 43.37 -9.94 9.56
CA THR S 228 42.79 -9.83 8.23
C THR S 228 41.93 -11.03 7.87
N GLU S 229 42.26 -12.22 8.39
CA GLU S 229 41.39 -13.38 8.18
C GLU S 229 40.02 -13.15 8.78
N GLU S 230 39.96 -12.59 9.99
CA GLU S 230 38.68 -12.39 10.66
C GLU S 230 37.81 -11.40 9.91
N LEU S 231 38.42 -10.32 9.39
CA LEU S 231 37.64 -9.32 8.66
C LEU S 231 37.09 -9.89 7.36
N VAL S 232 37.88 -10.70 6.66
CA VAL S 232 37.39 -11.36 5.45
C VAL S 232 36.33 -12.40 5.81
N ASN S 233 36.54 -13.11 6.93
CA ASN S 233 35.53 -14.07 7.38
C ASN S 233 34.24 -13.37 7.79
N MET S 234 34.35 -12.18 8.39
CA MET S 234 33.16 -11.42 8.73
C MET S 234 32.36 -11.03 7.49
N ILE S 235 33.07 -10.66 6.41
CA ILE S 235 32.38 -10.21 5.20
C ILE S 235 31.54 -11.33 4.61
N GLU S 236 32.11 -12.53 4.48
CA GLU S 236 31.36 -13.64 3.92
C GLU S 236 30.22 -14.06 4.84
N ALA S 237 30.49 -14.13 6.15
CA ALA S 237 29.47 -14.59 7.08
C ALA S 237 28.29 -13.63 7.13
N GLN S 238 28.57 -12.32 7.03
CA GLN S 238 27.48 -11.34 7.02
C GLN S 238 26.62 -11.48 5.77
N ARG S 239 27.24 -11.73 4.62
CA ARG S 239 26.48 -11.85 3.39
C ARG S 239 25.62 -13.12 3.38
N VAL S 240 26.19 -14.24 3.83
CA VAL S 240 25.42 -15.48 3.91
C VAL S 240 24.27 -15.33 4.89
N TYR S 241 24.49 -14.58 5.97
CA TYR S 241 23.42 -14.34 6.94
C TYR S 241 22.26 -13.59 6.31
N GLU S 242 22.56 -12.62 5.44
CA GLU S 242 21.50 -11.84 4.80
C GLU S 242 20.80 -12.62 3.70
N MET S 243 21.54 -13.47 2.98
CA MET S 243 20.95 -14.25 1.89
C MET S 243 19.92 -15.24 2.41
N ASN S 244 20.20 -15.88 3.54
CA ASN S 244 19.25 -16.82 4.11
C ASN S 244 18.02 -16.11 4.67
N SER S 245 18.19 -14.87 5.12
CA SER S 245 17.06 -14.11 5.63
C SER S 245 16.06 -13.83 4.52
N LYS S 246 16.54 -13.56 3.30
CA LYS S 246 15.64 -13.28 2.18
C LYS S 246 14.81 -14.51 1.83
N VAL S 247 15.41 -15.70 1.95
CA VAL S 247 14.65 -16.92 1.70
C VAL S 247 13.52 -17.06 2.70
N ILE S 248 13.80 -16.80 3.98
CA ILE S 248 12.76 -16.84 5.00
C ILE S 248 11.68 -15.82 4.70
N SER S 249 12.08 -14.60 4.32
CA SER S 249 11.09 -13.59 3.94
C SER S 249 10.32 -14.01 2.69
N SER S 250 11.00 -14.64 1.73
CA SER S 250 10.33 -15.06 0.50
C SER S 250 9.29 -16.14 0.78
N VAL S 251 9.65 -17.13 1.60
CA VAL S 251 8.70 -18.20 1.94
C VAL S 251 7.52 -17.62 2.71
N ASP S 252 7.77 -16.62 3.56
CA ASP S 252 6.68 -16.03 4.33
C ASP S 252 5.65 -15.38 3.42
N LYS S 253 6.10 -14.65 2.40
CA LYS S 253 5.17 -13.99 1.49
C LYS S 253 4.42 -14.99 0.62
N MET S 254 5.09 -16.08 0.23
CA MET S 254 4.42 -17.10 -0.57
C MET S 254 3.31 -17.79 0.22
N MET S 255 3.58 -18.12 1.49
CA MET S 255 2.54 -18.68 2.34
C MET S 255 1.46 -17.65 2.64
N SER S 256 1.84 -16.38 2.78
CA SER S 256 0.86 -15.32 2.99
C SER S 256 -0.02 -15.14 1.75
N PHE S 257 0.55 -15.34 0.56
CA PHE S 257 -0.24 -15.19 -0.66
C PHE S 257 -1.29 -16.29 -0.77
N VAL S 258 -0.97 -17.51 -0.35
CA VAL S 258 -1.88 -18.64 -0.52
C VAL S 258 -3.15 -18.44 0.28
N ASN S 259 -3.01 -18.12 1.57
CA ASN S 259 -4.19 -17.98 2.42
C ASN S 259 -4.86 -16.63 2.25
N GLN S 260 -4.26 -15.71 1.49
CA GLN S 260 -4.93 -14.46 1.16
C GLN S 260 -5.69 -14.58 -0.16
N GLN S 261 -5.22 -15.43 -1.07
CA GLN S 261 -5.86 -15.59 -2.37
C GLN S 261 -6.93 -16.69 -2.31
N LEU S 262 -6.52 -17.90 -1.92
CA LEU S 262 -7.44 -19.02 -1.83
C LEU S 262 -8.49 -18.83 -0.75
N MET T 1 -5.61 -4.92 27.21
CA MET T 1 -5.57 -5.36 25.82
C MET T 1 -5.59 -6.88 25.72
N HIS T 2 -5.26 -7.37 24.53
CA HIS T 2 -5.01 -8.80 24.35
C HIS T 2 -3.77 -9.19 25.15
N PRO T 3 -3.74 -10.40 25.72
CA PRO T 3 -2.58 -10.77 26.54
C PRO T 3 -1.26 -10.68 25.79
N ALA T 4 -1.25 -10.99 24.49
CA ALA T 4 -0.01 -10.90 23.72
C ALA T 4 0.43 -9.46 23.53
N LEU T 5 -0.53 -8.53 23.39
CA LEU T 5 -0.17 -7.13 23.17
C LEU T 5 0.52 -6.52 24.38
N TRP T 6 0.01 -6.81 25.58
CA TRP T 6 0.57 -6.18 26.78
C TRP T 6 1.92 -6.80 27.15
N VAL T 7 2.12 -8.07 26.84
CA VAL T 7 3.40 -8.72 27.12
C VAL T 7 4.52 -8.02 26.36
N SER T 8 4.29 -7.72 25.08
CA SER T 8 5.29 -7.02 24.30
C SER T 8 5.42 -5.56 24.71
N LYS T 9 4.32 -4.94 25.16
CA LYS T 9 4.37 -3.54 25.56
C LYS T 9 5.26 -3.34 26.77
N THR T 10 5.24 -4.28 27.72
CA THR T 10 6.11 -4.19 28.88
C THR T 10 7.57 -4.21 28.47
N GLY T 11 7.92 -5.01 27.46
CA GLY T 11 9.27 -4.98 26.94
C GLY T 11 9.63 -3.63 26.34
N LEU T 12 8.66 -2.97 25.71
CA LEU T 12 8.91 -1.65 25.14
C LEU T 12 9.08 -0.59 26.23
N ASP T 13 8.28 -0.67 27.29
CA ASP T 13 8.44 0.25 28.41
C ASP T 13 9.78 0.02 29.12
N ALA T 14 10.16 -1.25 29.30
CA ALA T 14 11.42 -1.55 29.97
C ALA T 14 12.60 -1.03 29.17
N GLN T 15 12.57 -1.18 27.84
CA GLN T 15 13.66 -0.67 27.02
C GLN T 15 13.67 0.85 26.98
N GLN T 16 12.49 1.47 27.06
CA GLN T 16 12.42 2.92 27.14
C GLN T 16 13.08 3.43 28.42
N THR T 17 12.83 2.75 29.54
CA THR T 17 13.50 3.10 30.79
C THR T 17 15.00 2.88 30.69
N ASN T 18 15.41 1.78 30.03
CA ASN T 18 16.83 1.48 29.91
C ASN T 18 17.56 2.55 29.09
N ILE T 19 16.95 3.01 28.01
CA ILE T 19 17.59 4.01 27.16
C ILE T 19 17.69 5.34 27.89
N ALA T 20 16.64 5.72 28.62
CA ALA T 20 16.69 6.97 29.38
C ALA T 20 17.76 6.91 30.46
N THR T 21 18.07 5.72 30.96
CA THR T 21 19.13 5.58 31.95
C THR T 21 20.50 5.77 31.32
N ILE T 22 20.74 5.14 30.16
CA ILE T 22 22.05 5.28 29.52
C ILE T 22 22.16 6.61 28.79
N SER T 23 21.03 7.24 28.48
CA SER T 23 21.06 8.62 28.00
C SER T 23 21.53 9.55 29.11
N ASN T 24 21.14 9.28 30.35
CA ASN T 24 21.57 10.09 31.48
C ASN T 24 23.08 9.97 31.69
N ASN T 25 23.63 8.77 31.53
CA ASN T 25 25.05 8.56 31.74
C ASN T 25 25.88 9.34 30.72
N LEU T 26 25.46 9.36 29.46
CA LEU T 26 26.19 10.10 28.45
C LEU T 26 26.08 11.60 28.64
N ALA T 27 24.92 12.08 29.11
CA ALA T 27 24.79 13.49 29.43
C ALA T 27 25.74 13.89 30.55
N ASN T 28 25.86 13.05 31.58
CA ASN T 28 26.79 13.28 32.68
C ASN T 28 28.13 12.58 32.43
N ALA T 29 28.73 12.83 31.27
CA ALA T 29 30.02 12.25 30.95
C ALA T 29 31.19 13.11 31.40
N SER T 30 30.92 14.31 31.94
CA SER T 30 31.98 15.21 32.36
C SER T 30 31.81 15.75 33.78
N THR T 31 30.68 15.51 34.42
CA THR T 31 30.45 16.06 35.76
C THR T 31 31.39 15.39 36.77
N VAL T 32 31.93 16.21 37.67
CA VAL T 32 32.92 15.71 38.63
C VAL T 32 32.23 14.82 39.66
N GLY T 33 32.81 13.65 39.90
CA GLY T 33 32.30 12.73 40.90
C GLY T 33 30.93 12.16 40.59
N TYR T 34 30.70 11.77 39.33
CA TYR T 34 29.45 11.16 38.92
C TYR T 34 29.59 9.64 38.92
N LYS T 35 28.53 8.96 39.35
CA LYS T 35 28.48 7.49 39.35
C LYS T 35 27.42 7.05 38.37
N LYS T 36 27.81 6.19 37.43
CA LYS T 36 26.90 5.75 36.39
C LYS T 36 25.82 4.84 36.96
N SER T 37 24.70 4.77 36.25
CA SER T 37 23.57 3.93 36.61
C SER T 37 23.31 2.92 35.50
N ARG T 38 22.96 1.71 35.88
CA ARG T 38 22.59 0.66 34.93
C ARG T 38 21.21 0.15 35.28
N ALA T 39 20.40 -0.07 34.24
CA ALA T 39 19.03 -0.56 34.45
C ALA T 39 19.05 -2.07 34.61
N VAL T 40 18.41 -2.56 35.67
CA VAL T 40 18.34 -3.98 35.97
C VAL T 40 16.95 -4.48 35.58
N PHE T 41 16.90 -5.49 34.73
CA PHE T 41 15.65 -6.06 34.25
C PHE T 41 15.26 -7.29 35.05
N GLU T 42 13.96 -7.52 35.18
CA GLU T 42 13.45 -8.71 35.82
C GLU T 42 12.20 -9.18 35.07
N ASP T 43 11.99 -10.48 35.04
CA ASP T 43 10.82 -11.05 34.39
C ASP T 43 9.63 -11.08 35.34
N LEU T 44 8.45 -10.74 34.82
CA LEU T 44 7.26 -10.70 35.62
C LEU T 44 6.75 -12.11 35.89
N PHE T 45 5.76 -12.21 36.78
CA PHE T 45 5.30 -13.51 37.26
C PHE T 45 4.57 -14.26 36.15
N TYR T 46 4.50 -15.59 36.31
CA TYR T 46 3.91 -16.47 35.32
C TYR T 46 2.55 -16.95 35.79
N GLN T 47 1.60 -17.05 34.85
CA GLN T 47 0.23 -17.39 35.14
C GLN T 47 -0.09 -18.81 34.70
N ASN T 48 -0.70 -19.59 35.58
CA ASN T 48 -1.17 -20.94 35.26
C ASN T 48 -2.56 -20.82 34.64
N ILE T 49 -2.61 -20.64 33.32
CA ILE T 49 -3.89 -20.42 32.65
C ILE T 49 -4.74 -21.69 32.66
N ASN T 50 -4.13 -22.85 32.44
CA ASN T 50 -4.87 -24.09 32.31
C ASN T 50 -5.14 -24.78 33.65
N GLN T 51 -4.65 -24.22 34.75
CA GLN T 51 -4.88 -24.84 36.05
C GLN T 51 -5.88 -24.03 36.86
N PRO T 52 -7.00 -24.62 37.29
CA PRO T 52 -7.96 -23.90 38.13
C PRO T 52 -7.62 -23.85 39.62
N GLY T 53 -6.48 -24.39 40.02
CA GLY T 53 -6.11 -24.39 41.42
C GLY T 53 -4.73 -23.83 41.67
N GLY T 54 -4.02 -23.51 40.60
CA GLY T 54 -2.68 -22.94 40.72
C GLY T 54 -1.65 -23.89 41.29
N GLN T 55 -1.68 -25.15 40.87
CA GLN T 55 -0.66 -26.13 41.24
C GLN T 55 0.20 -26.40 40.02
N SER T 56 1.52 -26.26 40.17
CA SER T 56 2.43 -26.30 39.04
C SER T 56 3.33 -27.51 39.00
N SER T 57 3.78 -28.04 40.14
CA SER T 57 4.70 -29.16 40.11
C SER T 57 3.97 -30.49 39.96
N GLN T 58 3.11 -30.59 38.95
CA GLN T 58 2.56 -31.87 38.55
C GLN T 58 2.91 -32.18 37.10
N ASN T 59 2.54 -31.28 36.20
CA ASN T 59 2.59 -31.52 34.76
C ASN T 59 3.15 -30.30 34.02
N THR T 60 4.29 -29.78 34.48
CA THR T 60 4.87 -28.60 33.83
C THR T 60 5.25 -28.85 32.38
N GLU T 61 5.39 -30.10 31.95
CA GLU T 61 5.72 -30.42 30.57
C GLU T 61 4.50 -30.88 29.77
N LEU T 62 3.30 -30.60 30.27
CA LEU T 62 2.04 -30.96 29.65
C LEU T 62 1.20 -29.70 29.48
N PRO T 63 0.19 -29.72 28.60
CA PRO T 63 -0.65 -28.53 28.43
C PRO T 63 -1.40 -28.12 29.68
N SER T 64 -1.59 -29.02 30.65
CA SER T 64 -2.28 -28.65 31.88
C SER T 64 -1.46 -27.67 32.70
N GLY T 65 -0.14 -27.86 32.75
CA GLY T 65 0.72 -27.04 33.58
C GLY T 65 1.37 -25.87 32.86
N LEU T 66 0.79 -25.46 31.73
CA LEU T 66 1.37 -24.36 30.96
C LEU T 66 1.33 -23.06 31.77
N MET T 67 2.45 -22.36 31.78
CA MET T 67 2.58 -21.09 32.47
C MET T 67 3.06 -20.03 31.48
N LEU T 68 2.38 -18.89 31.46
CA LEU T 68 2.67 -17.82 30.51
C LEU T 68 3.18 -16.60 31.25
N GLY T 69 4.28 -16.03 30.76
CA GLY T 69 4.84 -14.84 31.38
C GLY T 69 4.06 -13.59 31.05
N ALA T 70 4.30 -12.55 31.85
CA ALA T 70 3.63 -11.26 31.68
C ALA T 70 4.53 -10.20 31.06
N GLY T 71 5.75 -10.55 30.68
CA GLY T 71 6.66 -9.59 30.09
C GLY T 71 7.89 -9.33 30.93
N SER T 72 8.41 -8.10 30.88
CA SER T 72 9.61 -7.73 31.61
C SER T 72 9.41 -6.36 32.25
N LYS T 73 10.30 -6.03 33.19
CA LYS T 73 10.26 -4.74 33.85
C LYS T 73 11.68 -4.38 34.27
N VAL T 74 11.89 -3.08 34.51
CA VAL T 74 13.13 -2.59 35.09
C VAL T 74 12.92 -2.57 36.60
N VAL T 75 13.66 -3.42 37.32
CA VAL T 75 13.44 -3.54 38.75
C VAL T 75 14.18 -2.46 39.53
N ALA T 76 15.30 -1.98 39.00
CA ALA T 76 16.07 -0.95 39.68
C ALA T 76 17.03 -0.30 38.69
N THR T 77 17.51 0.89 39.06
CA THR T 77 18.58 1.58 38.34
C THR T 77 19.78 1.63 39.28
N GLN T 78 20.64 0.63 39.16
CA GLN T 78 21.72 0.45 40.12
C GLN T 78 22.86 1.42 39.85
N LYS T 79 23.25 2.18 40.87
CA LYS T 79 24.38 3.09 40.79
C LYS T 79 25.68 2.32 41.02
N VAL T 80 26.62 2.45 40.11
CA VAL T 80 27.91 1.77 40.19
C VAL T 80 28.90 2.76 40.78
N HIS T 81 29.28 2.55 42.03
CA HIS T 81 30.18 3.46 42.74
C HIS T 81 31.63 3.01 42.58
N THR T 82 32.07 2.96 41.32
CA THR T 82 33.47 2.69 41.01
C THR T 82 34.27 3.97 41.07
N HIS T 83 35.45 3.90 41.69
CA HIS T 83 36.30 5.07 41.84
C HIS T 83 36.74 5.59 40.47
N GLY T 84 36.57 6.90 40.25
CA GLY T 84 36.92 7.49 38.99
C GLY T 84 38.37 7.97 38.94
N ASN T 85 38.78 8.40 37.75
CA ASN T 85 40.13 8.89 37.55
C ASN T 85 40.27 10.28 38.16
N ALA T 86 41.51 10.78 38.15
CA ALA T 86 41.85 12.03 38.80
C ALA T 86 42.11 13.11 37.75
N GLN T 87 41.57 14.29 38.00
CA GLN T 87 41.84 15.47 37.17
C GLN T 87 42.67 16.45 37.99
N THR T 88 43.95 16.57 37.65
CA THR T 88 44.85 17.45 38.38
C THR T 88 44.61 18.89 37.94
N THR T 89 44.02 19.69 38.82
CA THR T 89 43.73 21.09 38.55
C THR T 89 44.71 21.98 39.31
N THR T 90 44.74 23.25 38.93
CA THR T 90 45.57 24.23 39.60
C THR T 90 44.82 25.04 40.64
N ASN T 91 43.50 24.99 40.63
CA ASN T 91 42.71 25.65 41.68
C ASN T 91 42.86 24.88 42.98
N ALA T 92 43.35 25.55 44.01
CA ALA T 92 43.72 24.88 45.26
C ALA T 92 42.54 24.66 46.19
N LEU T 93 41.34 25.07 45.82
CA LEU T 93 40.18 24.92 46.69
C LEU T 93 39.24 23.80 46.26
N ASP T 94 39.54 23.10 45.17
CA ASP T 94 38.82 21.88 44.82
C ASP T 94 39.63 20.69 45.31
N MET T 95 38.91 19.66 45.78
CA MET T 95 39.56 18.55 46.45
C MET T 95 38.88 17.24 46.05
N MET T 96 39.55 16.14 46.39
CA MET T 96 39.16 14.81 45.95
C MET T 96 39.36 13.83 47.10
N VAL T 97 38.53 12.80 47.13
CA VAL T 97 38.63 11.74 48.13
C VAL T 97 39.25 10.53 47.47
N GLU T 98 40.40 10.09 47.97
CA GLU T 98 41.06 8.89 47.47
C GLU T 98 40.54 7.68 48.25
N GLY T 99 39.59 6.97 47.65
CA GLY T 99 38.96 5.83 48.30
C GLY T 99 37.56 6.14 48.77
N ASP T 100 37.07 5.24 49.63
CA ASP T 100 35.70 5.35 50.12
C ASP T 100 35.55 6.54 51.05
N GLY T 101 34.46 7.26 50.89
CA GLY T 101 34.16 8.42 51.71
C GLY T 101 33.40 9.46 50.92
N PHE T 102 32.55 10.20 51.62
CA PHE T 102 31.73 11.25 51.02
C PHE T 102 31.91 12.55 51.78
N PHE T 103 31.97 13.66 51.04
CA PHE T 103 31.92 14.97 51.68
C PHE T 103 30.53 15.20 52.25
N GLN T 104 30.45 16.08 53.24
CA GLN T 104 29.19 16.42 53.88
C GLN T 104 28.94 17.92 53.75
N VAL T 105 27.74 18.29 53.29
CA VAL T 105 27.34 19.68 53.14
C VAL T 105 26.01 19.89 53.85
N THR T 106 25.73 21.15 54.16
CA THR T 106 24.53 21.53 54.88
C THR T 106 23.47 22.02 53.90
N LEU T 107 22.38 21.28 53.78
CA LEU T 107 21.29 21.67 52.91
C LEU T 107 20.49 22.82 53.53
N PRO T 108 19.74 23.56 52.71
CA PRO T 108 18.93 24.66 53.27
C PRO T 108 17.90 24.23 54.29
N ASP T 109 17.48 22.97 54.29
CA ASP T 109 16.49 22.48 55.24
C ASP T 109 17.09 22.12 56.59
N GLY T 110 18.41 22.16 56.72
CA GLY T 110 19.10 21.79 57.93
C GLY T 110 19.66 20.38 57.92
N ASN T 111 19.06 19.48 57.14
CA ASN T 111 19.60 18.14 57.01
C ASN T 111 20.91 18.15 56.26
N ILE T 112 21.75 17.17 56.55
CA ILE T 112 23.10 17.10 56.00
C ILE T 112 23.08 16.25 54.73
N GLY T 113 23.55 16.82 53.63
CA GLY T 113 23.65 16.11 52.37
C GLY T 113 25.08 15.70 52.08
N TYR T 114 25.21 14.61 51.33
CA TYR T 114 26.51 14.00 51.07
C TYR T 114 26.82 14.07 49.58
N THR T 115 28.08 14.37 49.27
CA THR T 115 28.50 14.57 47.89
C THR T 115 29.88 13.98 47.67
N ARG T 116 30.13 13.57 46.42
CA ARG T 116 31.47 13.19 45.98
C ARG T 116 32.14 14.27 45.16
N ASN T 117 31.40 15.28 44.72
CA ASN T 117 31.96 16.39 43.97
C ASN T 117 32.69 17.33 44.93
N GLY T 118 33.96 17.58 44.66
CA GLY T 118 34.78 18.36 45.56
C GLY T 118 35.13 19.75 45.07
N GLN T 119 34.36 20.28 44.13
CA GLN T 119 34.58 21.64 43.64
C GLN T 119 34.02 22.61 44.66
N PHE T 120 34.90 23.17 45.49
CA PHE T 120 34.51 24.05 46.58
C PHE T 120 35.08 25.45 46.36
N THR T 121 34.45 26.43 46.99
CA THR T 121 34.90 27.82 46.94
C THR T 121 34.70 28.42 48.33
N LEU T 122 34.80 29.74 48.41
CA LEU T 122 34.52 30.50 49.62
C LEU T 122 33.34 31.41 49.37
N ASN T 123 32.65 31.78 50.45
CA ASN T 123 31.54 32.72 50.36
C ASN T 123 32.02 34.10 50.83
N GLY T 124 31.07 35.02 51.00
CA GLY T 124 31.43 36.37 51.38
C GLY T 124 32.08 36.46 52.74
N GLU T 125 31.80 35.51 53.62
CA GLU T 125 32.36 35.49 54.97
C GLU T 125 33.54 34.56 55.11
N GLY T 126 34.00 33.95 54.03
CA GLY T 126 35.16 33.07 54.06
C GLY T 126 34.85 31.61 54.31
N THR T 127 33.61 31.26 54.60
CA THR T 127 33.26 29.87 54.85
C THR T 127 33.41 29.04 53.58
N LEU T 128 33.95 27.82 53.73
CA LEU T 128 34.09 26.92 52.60
C LEU T 128 32.72 26.41 52.17
N VAL T 129 32.35 26.66 50.91
CA VAL T 129 31.05 26.29 50.38
C VAL T 129 31.26 25.61 49.03
N THR T 130 30.20 24.94 48.57
CA THR T 130 30.23 24.32 47.25
C THR T 130 30.25 25.39 46.16
N SER T 131 30.81 25.03 45.01
CA SER T 131 30.92 25.96 43.89
C SER T 131 29.63 26.05 43.08
N GLY T 132 28.61 25.28 43.42
CA GLY T 132 27.35 25.31 42.71
C GLY T 132 26.30 26.11 43.46
N SER T 133 25.41 25.42 44.17
CA SER T 133 24.37 26.10 44.94
C SER T 133 24.93 26.93 46.08
N GLY T 134 26.15 26.65 46.53
CA GLY T 134 26.76 27.42 47.59
C GLY T 134 26.54 26.89 48.99
N TYR T 135 26.14 25.64 49.14
CA TYR T 135 25.86 25.08 50.45
C TYR T 135 27.15 24.99 51.28
N PRO T 136 27.09 25.30 52.57
CA PRO T 136 28.28 25.19 53.41
C PRO T 136 28.71 23.75 53.58
N VAL T 137 30.00 23.57 53.86
CA VAL T 137 30.59 22.25 54.06
C VAL T 137 30.74 22.02 55.56
N GLU T 138 30.24 20.87 56.03
CA GLU T 138 30.35 20.47 57.44
C GLU T 138 31.62 19.65 57.65
N PRO T 139 32.42 19.94 58.67
CA PRO T 139 32.29 21.04 59.64
C PRO T 139 32.64 22.39 59.03
N GLU T 140 32.13 23.48 59.59
CA GLU T 140 32.38 24.80 59.02
C GLU T 140 33.86 25.13 59.05
N ILE T 141 34.37 25.62 57.92
CA ILE T 141 35.77 26.01 57.77
C ILE T 141 35.77 27.46 57.31
N VAL T 142 36.32 28.34 58.15
CA VAL T 142 36.38 29.77 57.85
C VAL T 142 37.84 30.14 57.59
N ILE T 143 38.10 30.69 56.41
CA ILE T 143 39.45 31.08 56.02
C ILE T 143 39.65 32.54 56.44
N PRO T 144 40.69 32.86 57.20
CA PRO T 144 40.92 34.25 57.59
C PRO T 144 41.21 35.13 56.38
N GLU T 145 40.84 36.40 56.50
CA GLU T 145 41.01 37.32 55.37
C GLU T 145 42.47 37.59 55.06
N ASP T 146 43.36 37.50 56.05
CA ASP T 146 44.76 37.79 55.86
C ASP T 146 45.58 36.59 55.39
N ALA T 147 44.94 35.44 55.18
CA ALA T 147 45.64 34.27 54.69
C ALA T 147 46.09 34.49 53.25
N ILE T 148 47.33 34.11 52.95
CA ILE T 148 47.85 34.21 51.59
C ILE T 148 47.86 32.86 50.88
N SER T 149 47.71 31.75 51.61
CA SER T 149 47.72 30.43 51.01
C SER T 149 46.77 29.54 51.80
N ILE T 150 46.25 28.51 51.13
CA ILE T 150 45.37 27.52 51.74
C ILE T 150 45.96 26.15 51.44
N THR T 151 46.22 25.38 52.49
CA THR T 151 46.77 24.04 52.35
C THR T 151 45.86 23.06 53.08
N VAL T 152 45.40 22.04 52.36
CA VAL T 152 44.52 21.01 52.92
C VAL T 152 45.31 19.71 52.95
N GLY T 153 45.59 19.22 54.15
CA GLY T 153 46.32 17.99 54.31
C GLY T 153 45.50 16.77 53.93
N THR T 154 46.18 15.61 53.94
CA THR T 154 45.51 14.37 53.58
C THR T 154 44.42 13.98 54.55
N ASP T 155 44.46 14.49 55.78
CA ASP T 155 43.44 14.21 56.79
C ASP T 155 42.47 15.38 56.97
N GLY T 156 42.37 16.25 55.98
CA GLY T 156 41.47 17.39 56.06
C GLY T 156 41.98 18.56 56.87
N GLU T 157 43.23 18.52 57.33
CA GLU T 157 43.79 19.60 58.12
C GLU T 157 43.93 20.86 57.26
N VAL T 158 43.05 21.83 57.46
CA VAL T 158 43.06 23.06 56.70
C VAL T 158 43.93 24.07 57.44
N SER T 159 45.09 24.39 56.87
CA SER T 159 46.01 25.36 57.43
C SER T 159 46.26 26.46 56.43
N VAL T 160 46.59 27.65 56.94
CA VAL T 160 46.77 28.83 56.12
C VAL T 160 48.11 29.47 56.46
N ARG T 161 48.65 30.22 55.50
CA ARG T 161 49.90 30.94 55.66
C ARG T 161 49.60 32.41 55.88
N VAL T 162 50.15 32.97 56.97
CA VAL T 162 49.93 34.35 57.34
C VAL T 162 51.28 35.05 57.43
N ARG T 163 51.39 36.21 56.78
CA ARG T 163 52.63 36.98 56.83
C ARG T 163 52.89 37.51 58.23
N GLY T 164 54.16 37.69 58.55
CA GLY T 164 54.55 38.14 59.87
C GLY T 164 54.63 37.06 60.92
N GLN T 165 54.48 35.80 60.54
CA GLN T 165 54.48 34.70 61.51
C GLN T 165 54.78 33.41 60.77
N GLN T 166 55.85 32.73 61.16
CA GLN T 166 56.12 31.41 60.59
C GLN T 166 55.26 30.37 61.28
N ASP T 167 55.26 29.16 60.70
CA ASP T 167 54.38 28.06 61.07
C ASP T 167 52.96 28.36 60.62
N ASN T 168 52.30 27.40 60.00
CA ASN T 168 50.96 27.59 59.47
C ASN T 168 49.94 27.47 60.59
N GLN T 169 48.91 28.33 60.53
CA GLN T 169 47.84 28.32 61.51
C GLN T 169 46.71 27.42 61.01
N VAL T 170 46.34 26.44 61.81
CA VAL T 170 45.27 25.51 61.44
C VAL T 170 43.94 26.16 61.79
N VAL T 171 43.07 26.29 60.78
CA VAL T 171 41.79 26.95 60.93
C VAL T 171 40.63 25.98 61.01
N GLY T 172 40.88 24.69 60.89
CA GLY T 172 39.83 23.71 60.95
C GLY T 172 40.29 22.38 60.39
N GLN T 173 39.35 21.45 60.34
CA GLN T 173 39.61 20.12 59.79
C GLN T 173 38.33 19.54 59.21
N LEU T 174 38.44 18.95 58.03
CA LEU T 174 37.30 18.33 57.37
C LEU T 174 37.10 16.90 57.86
N THR T 175 35.86 16.43 57.75
CA THR T 175 35.51 15.05 58.03
C THR T 175 34.67 14.50 56.89
N ILE T 176 34.82 13.21 56.62
CA ILE T 176 34.10 12.55 55.55
C ILE T 176 33.29 11.40 56.15
N THR T 177 32.26 11.00 55.43
CA THR T 177 31.32 10.00 55.89
C THR T 177 31.30 8.81 54.95
N ASP T 178 31.22 7.60 55.52
CA ASP T 178 31.13 6.37 54.75
C ASP T 178 29.84 5.65 55.09
N PHE T 179 29.30 4.94 54.11
CA PHE T 179 28.04 4.23 54.26
C PHE T 179 28.27 2.73 54.01
N VAL T 180 27.49 1.91 54.72
CA VAL T 180 27.57 0.47 54.53
C VAL T 180 27.19 0.09 53.11
N ASN T 181 26.10 0.69 52.60
CA ASN T 181 25.60 0.45 51.24
C ASN T 181 25.50 1.79 50.54
N PRO T 182 26.58 2.27 49.91
CA PRO T 182 26.50 3.54 49.18
C PRO T 182 25.51 3.53 48.04
N GLY T 183 25.18 2.35 47.50
CA GLY T 183 24.23 2.27 46.41
C GLY T 183 22.81 2.59 46.79
N GLY T 184 22.49 2.49 48.08
CA GLY T 184 21.16 2.82 48.55
C GLY T 184 20.90 4.28 48.79
N LEU T 185 21.91 5.13 48.60
CA LEU T 185 21.74 6.57 48.78
C LEU T 185 20.79 7.11 47.71
N GLU T 186 19.97 8.07 48.11
CA GLU T 186 19.01 8.67 47.19
C GLU T 186 19.66 9.79 46.41
N PRO T 187 19.76 9.69 45.09
CA PRO T 187 20.28 10.82 44.29
C PRO T 187 19.25 11.92 44.21
N ILE T 188 19.64 13.13 44.63
CA ILE T 188 18.76 14.29 44.62
C ILE T 188 19.25 15.36 43.66
N GLY T 189 20.18 15.03 42.77
CA GLY T 189 20.77 16.00 41.88
C GLY T 189 21.84 16.82 42.58
N GLN T 190 22.40 17.77 41.83
CA GLN T 190 23.46 18.66 42.32
C GLN T 190 24.69 17.89 42.77
N ASN T 191 24.84 16.65 42.28
CA ASN T 191 25.88 15.73 42.73
C ASN T 191 25.78 15.49 44.23
N LEU T 192 24.55 15.45 44.74
CA LEU T 192 24.28 15.31 46.17
C LEU T 192 23.48 14.04 46.42
N TYR T 193 23.67 13.47 47.61
CA TYR T 193 22.98 12.24 48.01
C TYR T 193 22.37 12.42 49.39
N LEU T 194 21.29 11.70 49.64
CA LEU T 194 20.62 11.70 50.92
C LEU T 194 20.59 10.28 51.51
N PRO T 195 20.87 10.13 52.80
CA PRO T 195 20.81 8.81 53.41
C PRO T 195 19.39 8.27 53.43
N THR T 196 19.28 6.95 53.29
CA THR T 196 17.99 6.26 53.29
C THR T 196 18.07 5.06 54.23
N GLY T 197 16.95 4.35 54.34
CA GLY T 197 16.93 3.16 55.16
C GLY T 197 17.79 2.04 54.58
N ALA T 198 17.77 1.90 53.26
CA ALA T 198 18.55 0.87 52.59
C ALA T 198 20.02 1.22 52.44
N SER T 199 20.40 2.46 52.75
CA SER T 199 21.79 2.88 52.63
C SER T 199 22.59 2.49 53.87
N GLY T 200 22.11 2.87 55.05
CA GLY T 200 22.80 2.62 56.30
C GLY T 200 23.06 3.91 57.05
N ASP T 201 23.43 3.74 58.32
CA ASP T 201 23.68 4.89 59.17
C ASP T 201 24.99 5.56 58.75
N PRO T 202 25.03 6.89 58.72
CA PRO T 202 26.27 7.58 58.40
C PRO T 202 27.37 7.26 59.40
N GLN T 203 28.60 7.16 58.90
CA GLN T 203 29.77 6.84 59.71
C GLN T 203 30.81 7.94 59.52
N GLU T 204 30.71 9.00 60.32
CA GLU T 204 31.64 10.11 60.23
C GLU T 204 32.96 9.74 60.91
N GLY T 205 34.04 10.35 60.42
CA GLY T 205 35.35 10.10 60.99
C GLY T 205 36.40 10.93 60.28
N VAL T 206 37.63 10.77 60.75
CA VAL T 206 38.76 11.52 60.19
C VAL T 206 39.09 10.99 58.80
N PRO T 207 39.29 11.86 57.81
CA PRO T 207 39.57 11.37 56.45
C PRO T 207 40.98 10.82 56.28
N GLY T 208 41.16 9.54 56.61
CA GLY T 208 42.45 8.90 56.48
C GLY T 208 42.67 7.82 57.53
N LEU T 209 41.84 7.83 58.57
CA LEU T 209 41.88 6.81 59.61
C LEU T 209 40.58 6.04 59.61
N ASP T 210 40.62 4.85 60.23
CA ASP T 210 39.45 3.97 60.34
C ASP T 210 38.91 3.59 58.97
N GLY T 211 39.81 3.41 58.00
CA GLY T 211 39.43 2.95 56.68
C GLY T 211 38.85 3.99 55.75
N LEU T 212 38.80 5.25 56.18
CA LEU T 212 38.27 6.30 55.32
C LEU T 212 39.32 6.75 54.30
N GLY T 213 38.83 7.42 53.25
CA GLY T 213 39.71 7.91 52.21
C GLY T 213 40.45 9.16 52.62
N GLU T 214 41.40 9.56 51.78
CA GLU T 214 42.24 10.72 52.04
C GLU T 214 41.84 11.87 51.13
N ILE T 215 41.98 13.09 51.65
CA ILE T 215 41.60 14.29 50.93
C ILE T 215 42.80 14.76 50.11
N ARG T 216 42.62 14.87 48.80
CA ARG T 216 43.66 15.35 47.89
C ARG T 216 43.29 16.74 47.41
N GLN T 217 44.17 17.70 47.68
CA GLN T 217 43.93 19.09 47.32
C GLN T 217 44.30 19.34 45.87
N SER T 218 43.61 20.30 45.26
CA SER T 218 43.82 20.68 43.86
C SER T 218 43.70 19.48 42.92
N MET T 219 42.71 18.63 43.18
CA MET T 219 42.43 17.48 42.34
C MET T 219 40.93 17.24 42.32
N LEU T 220 40.45 16.62 41.25
CA LEU T 220 39.05 16.31 41.08
C LEU T 220 38.88 14.88 40.60
N GLU T 221 37.72 14.31 40.88
CA GLU T 221 37.40 12.93 40.53
C GLU T 221 36.50 12.94 39.30
N ALA T 222 37.01 12.41 38.19
CA ALA T 222 36.25 12.37 36.96
C ALA T 222 35.11 11.36 37.06
N SER T 223 34.10 11.54 36.22
CA SER T 223 33.00 10.60 36.16
C SER T 223 33.48 9.25 35.63
N ASN T 224 32.93 8.18 36.22
CA ASN T 224 33.35 6.82 35.90
C ASN T 224 32.57 6.20 34.76
N VAL T 225 31.79 7.00 34.03
CA VAL T 225 30.98 6.45 32.94
C VAL T 225 31.90 5.98 31.81
N ASN T 226 31.46 4.95 31.10
CA ASN T 226 32.17 4.40 29.96
C ASN T 226 31.35 4.69 28.71
N VAL T 227 31.83 5.63 27.90
CA VAL T 227 31.06 6.05 26.72
C VAL T 227 30.89 4.90 25.76
N THR T 228 31.87 3.98 25.71
CA THR T 228 31.75 2.81 24.85
C THR T 228 30.64 1.89 25.34
N GLU T 229 30.50 1.73 26.65
CA GLU T 229 29.44 0.88 27.19
C GLU T 229 28.07 1.41 26.81
N GLU T 230 27.86 2.72 26.89
CA GLU T 230 26.55 3.29 26.59
C GLU T 230 26.20 3.09 25.13
N LEU T 231 27.18 3.19 24.23
CA LEU T 231 26.92 3.01 22.80
C LEU T 231 26.57 1.56 22.48
N VAL T 232 27.25 0.61 23.14
CA VAL T 232 26.92 -0.80 22.94
C VAL T 232 25.55 -1.11 23.54
N ASN T 233 25.22 -0.52 24.68
CA ASN T 233 23.91 -0.72 25.28
C ASN T 233 22.82 -0.10 24.42
N MET T 234 23.11 1.02 23.76
CA MET T 234 22.14 1.62 22.86
C MET T 234 21.83 0.69 21.68
N ILE T 235 22.85 0.01 21.16
CA ILE T 235 22.64 -0.91 20.05
C ILE T 235 21.72 -2.06 20.48
N GLU T 236 22.01 -2.66 21.63
CA GLU T 236 21.16 -3.75 22.11
C GLU T 236 19.76 -3.28 22.42
N ALA T 237 19.63 -2.12 23.09
CA ALA T 237 18.32 -1.63 23.47
C ALA T 237 17.47 -1.27 22.26
N GLN T 238 18.08 -0.66 21.24
CA GLN T 238 17.33 -0.26 20.05
C GLN T 238 16.84 -1.48 19.28
N ARG T 239 17.69 -2.50 19.14
CA ARG T 239 17.29 -3.70 18.41
C ARG T 239 16.15 -4.43 19.12
N VAL T 240 16.25 -4.58 20.45
CA VAL T 240 15.20 -5.23 21.21
C VAL T 240 13.91 -4.43 21.13
N TYR T 241 14.01 -3.10 21.10
CA TYR T 241 12.84 -2.25 20.96
C TYR T 241 12.10 -2.54 19.66
N GLU T 242 12.85 -2.73 18.57
CA GLU T 242 12.22 -3.01 17.29
C GLU T 242 11.62 -4.41 17.25
N MET T 243 12.23 -5.36 17.96
CA MET T 243 11.73 -6.73 17.96
C MET T 243 10.34 -6.81 18.57
N ASN T 244 10.13 -6.12 19.69
CA ASN T 244 8.83 -6.16 20.33
C ASN T 244 7.78 -5.41 19.51
N SER T 245 8.21 -4.43 18.73
CA SER T 245 7.29 -3.72 17.85
C SER T 245 6.73 -4.64 16.77
N LYS T 246 7.57 -5.53 16.22
CA LYS T 246 7.10 -6.46 15.21
C LYS T 246 6.11 -7.47 15.79
N VAL T 247 6.29 -7.83 17.07
CA VAL T 247 5.34 -8.73 17.72
C VAL T 247 3.97 -8.06 17.84
N ILE T 248 3.95 -6.80 18.27
CA ILE T 248 2.70 -6.06 18.38
C ILE T 248 2.04 -5.92 17.01
N SER T 249 2.84 -5.62 15.99
CA SER T 249 2.30 -5.56 14.62
C SER T 249 1.80 -6.92 14.16
N SER T 250 2.50 -8.00 14.55
CA SER T 250 2.07 -9.33 14.15
C SER T 250 0.72 -9.69 14.77
N VAL T 251 0.52 -9.37 16.05
CA VAL T 251 -0.76 -9.65 16.70
C VAL T 251 -1.87 -8.83 16.06
N ASP T 252 -1.58 -7.56 15.74
CA ASP T 252 -2.60 -6.71 15.12
C ASP T 252 -3.04 -7.27 13.77
N LYS T 253 -2.09 -7.76 12.96
CA LYS T 253 -2.45 -8.38 11.70
C LYS T 253 -3.23 -9.67 11.92
N MET T 254 -2.84 -10.45 12.93
CA MET T 254 -3.52 -11.72 13.19
C MET T 254 -4.98 -11.49 13.59
N MET T 255 -5.21 -10.51 14.48
CA MET T 255 -6.58 -10.23 14.92
C MET T 255 -7.37 -9.50 13.85
N SER T 256 -6.69 -8.74 12.99
CA SER T 256 -7.38 -8.09 11.88
C SER T 256 -7.85 -9.13 10.87
N PHE T 257 -7.09 -10.20 10.69
CA PHE T 257 -7.50 -11.26 9.77
C PHE T 257 -8.73 -11.98 10.28
N VAL T 258 -8.88 -12.09 11.60
CA VAL T 258 -10.00 -12.83 12.17
C VAL T 258 -11.33 -12.15 11.85
N ASN T 259 -11.42 -10.84 12.10
CA ASN T 259 -12.67 -10.13 11.90
C ASN T 259 -12.88 -9.70 10.45
N GLN T 260 -11.87 -9.84 9.60
CA GLN T 260 -12.04 -9.60 8.17
C GLN T 260 -12.50 -10.85 7.44
N GLN T 261 -11.99 -12.01 7.85
CA GLN T 261 -12.35 -13.27 7.20
C GLN T 261 -13.65 -13.82 7.78
N LEU T 262 -13.74 -13.93 9.10
CA LEU T 262 -14.94 -14.46 9.75
C LEU T 262 -16.09 -13.46 9.64
N MET U 1 -18.34 15.69 11.39
CA MET U 1 -17.18 14.82 11.51
C MET U 1 -17.22 14.02 12.80
N HIS U 2 -16.58 12.86 12.78
CA HIS U 2 -16.32 12.14 14.02
C HIS U 2 -15.41 13.00 14.89
N PRO U 3 -15.79 13.31 16.13
CA PRO U 3 -14.96 14.21 16.95
C PRO U 3 -13.54 13.74 17.12
N ALA U 4 -13.26 12.44 17.02
CA ALA U 4 -11.88 11.97 17.12
C ALA U 4 -11.04 12.44 15.94
N LEU U 5 -11.67 12.66 14.77
CA LEU U 5 -10.92 13.13 13.61
C LEU U 5 -10.39 14.54 13.81
N TRP U 6 -11.25 15.45 14.28
CA TRP U 6 -10.82 16.84 14.43
C TRP U 6 -9.89 17.03 15.62
N VAL U 7 -10.01 16.18 16.64
CA VAL U 7 -9.09 16.25 17.78
C VAL U 7 -7.66 16.00 17.31
N SER U 8 -7.48 15.00 16.45
CA SER U 8 -6.15 14.70 15.92
C SER U 8 -5.69 15.77 14.93
N LYS U 9 -6.63 16.41 14.22
CA LYS U 9 -6.24 17.43 13.26
C LYS U 9 -5.66 18.66 13.95
N THR U 10 -6.20 19.02 15.11
CA THR U 10 -5.65 20.14 15.87
C THR U 10 -4.21 19.86 16.27
N GLY U 11 -3.89 18.61 16.57
CA GLY U 11 -2.50 18.25 16.82
C GLY U 11 -1.63 18.41 15.58
N LEU U 12 -2.20 18.15 14.40
CA LEU U 12 -1.45 18.33 13.16
C LEU U 12 -1.24 19.81 12.86
N ASP U 13 -2.25 20.65 13.10
CA ASP U 13 -2.08 22.08 12.88
C ASP U 13 -1.15 22.70 13.91
N ALA U 14 -1.18 22.18 15.14
CA ALA U 14 -0.27 22.67 16.17
C ALA U 14 1.18 22.40 15.78
N GLN U 15 1.46 21.22 15.25
CA GLN U 15 2.81 20.90 14.83
C GLN U 15 3.21 21.67 13.58
N GLN U 16 2.25 21.95 12.69
CA GLN U 16 2.56 22.74 11.50
C GLN U 16 3.01 24.14 11.87
N THR U 17 2.36 24.75 12.85
CA THR U 17 2.84 26.04 13.37
C THR U 17 4.20 25.88 14.03
N ASN U 18 4.42 24.77 14.73
CA ASN U 18 5.73 24.50 15.31
C ASN U 18 6.80 24.36 14.23
N ILE U 19 6.47 23.69 13.13
CA ILE U 19 7.43 23.54 12.03
C ILE U 19 7.69 24.89 11.38
N ALA U 20 6.65 25.72 11.24
CA ALA U 20 6.81 27.02 10.60
C ALA U 20 7.73 27.93 11.42
N THR U 21 7.52 27.99 12.73
CA THR U 21 8.34 28.86 13.57
C THR U 21 9.73 28.28 13.79
N ILE U 22 9.94 27.01 13.47
CA ILE U 22 11.25 26.40 13.67
C ILE U 22 12.09 26.51 12.40
N SER U 23 11.42 26.61 11.24
CA SER U 23 12.15 26.87 10.00
C SER U 23 12.54 28.34 9.90
N ASN U 24 11.72 29.22 10.48
CA ASN U 24 12.06 30.65 10.48
C ASN U 24 13.30 30.92 11.31
N ASN U 25 13.46 30.21 12.43
CA ASN U 25 14.63 30.40 13.27
C ASN U 25 15.90 29.98 12.54
N LEU U 26 15.87 28.85 11.84
CA LEU U 26 17.05 28.39 11.10
C LEU U 26 17.30 29.25 9.87
N ALA U 27 16.26 29.83 9.28
CA ALA U 27 16.46 30.77 8.18
C ALA U 27 17.23 32.01 8.65
N ASN U 28 16.86 32.54 9.81
CA ASN U 28 17.59 33.65 10.41
C ASN U 28 18.65 33.17 11.40
N ALA U 29 19.52 32.26 10.95
CA ALA U 29 20.59 31.78 11.81
C ALA U 29 21.84 32.64 11.72
N SER U 30 21.90 33.57 10.77
CA SER U 30 23.02 34.48 10.64
C SER U 30 22.60 35.95 10.70
N THR U 31 21.32 36.22 10.90
CA THR U 31 20.85 37.60 10.98
C THR U 31 21.40 38.26 12.24
N VAL U 32 21.91 39.49 12.09
CA VAL U 32 22.45 40.22 13.23
C VAL U 32 21.33 40.69 14.13
N GLY U 33 21.43 40.38 15.41
CA GLY U 33 20.42 40.81 16.37
C GLY U 33 19.07 40.16 16.19
N TYR U 34 19.03 38.89 15.83
CA TYR U 34 17.78 38.15 15.68
C TYR U 34 17.51 37.34 16.93
N LYS U 35 16.26 37.39 17.39
CA LYS U 35 15.82 36.67 18.58
C LYS U 35 14.97 35.47 18.17
N LYS U 36 15.32 34.30 18.69
CA LYS U 36 14.62 33.08 18.32
C LYS U 36 13.22 33.05 18.92
N SER U 37 12.34 32.29 18.28
CA SER U 37 10.98 32.10 18.74
C SER U 37 10.71 30.63 18.94
N ARG U 38 9.89 30.31 19.95
CA ARG U 38 9.47 28.94 20.21
C ARG U 38 7.95 28.89 20.25
N ALA U 39 7.39 27.82 19.71
CA ALA U 39 5.95 27.63 19.73
C ALA U 39 5.53 27.02 21.06
N VAL U 40 4.57 27.66 21.72
CA VAL U 40 4.08 27.22 23.02
C VAL U 40 2.73 26.57 22.84
N PHE U 41 2.60 25.32 23.27
CA PHE U 41 1.38 24.56 23.14
C PHE U 41 0.59 24.58 24.44
N GLU U 42 -0.73 24.47 24.33
CA GLU U 42 -1.58 24.25 25.48
C GLU U 42 -2.81 23.48 25.04
N ASP U 43 -3.29 22.61 25.93
CA ASP U 43 -4.43 21.76 25.61
C ASP U 43 -5.72 22.58 25.54
N LEU U 44 -6.67 22.09 24.78
CA LEU U 44 -7.95 22.77 24.62
C LEU U 44 -8.90 22.37 25.74
N PHE U 45 -10.10 22.93 25.73
CA PHE U 45 -11.06 22.74 26.82
C PHE U 45 -11.63 21.33 26.80
N TYR U 46 -11.93 20.83 28.00
CA TYR U 46 -12.55 19.52 28.18
C TYR U 46 -14.05 19.71 28.38
N GLN U 47 -14.84 18.89 27.71
CA GLN U 47 -16.29 18.97 27.75
C GLN U 47 -16.89 17.75 28.41
N ASN U 48 -17.89 17.96 29.25
CA ASN U 48 -18.59 16.87 29.91
C ASN U 48 -19.63 16.28 28.96
N ILE U 49 -19.48 15.00 28.63
CA ILE U 49 -20.36 14.34 27.67
C ILE U 49 -21.50 13.61 28.36
N ASN U 50 -21.20 12.88 29.43
CA ASN U 50 -22.21 12.08 30.13
C ASN U 50 -22.93 12.84 31.23
N GLN U 51 -22.64 14.13 31.41
CA GLN U 51 -23.29 14.94 32.44
C GLN U 51 -23.34 16.39 31.98
N PRO U 52 -24.37 16.75 31.22
CA PRO U 52 -24.47 18.13 30.72
C PRO U 52 -24.69 19.16 31.81
N GLY U 53 -24.91 18.74 33.06
CA GLY U 53 -25.12 19.71 34.14
C GLY U 53 -23.95 20.65 34.33
N GLY U 54 -22.74 20.19 34.00
CA GLY U 54 -21.56 21.02 34.11
C GLY U 54 -20.86 20.96 35.45
N GLN U 55 -21.08 19.91 36.24
CA GLN U 55 -20.43 19.72 37.53
C GLN U 55 -19.40 18.61 37.34
N SER U 56 -18.12 19.01 37.24
CA SER U 56 -17.04 18.09 36.94
C SER U 56 -16.39 17.49 38.19
N SER U 57 -16.91 17.81 39.37
CA SER U 57 -16.36 17.31 40.62
C SER U 57 -17.28 16.32 41.34
N GLN U 58 -18.44 16.00 40.76
CA GLN U 58 -19.38 15.11 41.42
C GLN U 58 -18.87 13.68 41.43
N ASN U 59 -18.74 13.08 40.24
CA ASN U 59 -18.34 11.69 40.08
C ASN U 59 -17.27 11.57 39.01
N THR U 60 -16.25 12.43 39.08
CA THR U 60 -15.28 12.54 37.99
C THR U 60 -14.60 11.21 37.70
N GLU U 61 -14.48 10.33 38.70
CA GLU U 61 -13.89 9.02 38.51
C GLU U 61 -14.89 7.98 38.01
N LEU U 62 -16.07 8.42 37.58
CA LEU U 62 -17.15 7.55 37.13
C LEU U 62 -17.51 7.89 35.68
N PRO U 63 -18.17 6.96 34.97
CA PRO U 63 -18.54 7.23 33.57
C PRO U 63 -19.42 8.46 33.41
N SER U 64 -20.24 8.77 34.42
CA SER U 64 -21.11 9.94 34.32
C SER U 64 -20.30 11.24 34.29
N GLY U 65 -19.15 11.25 34.96
CA GLY U 65 -18.33 12.45 35.02
C GLY U 65 -17.21 12.48 34.00
N LEU U 66 -17.35 11.71 32.93
CA LEU U 66 -16.30 11.64 31.92
C LEU U 66 -16.19 12.96 31.17
N MET U 67 -14.94 13.36 30.90
CA MET U 67 -14.64 14.59 30.17
C MET U 67 -13.65 14.27 29.06
N LEU U 68 -13.92 14.77 27.87
CA LEU U 68 -13.08 14.53 26.69
C LEU U 68 -12.53 15.85 26.17
N GLY U 69 -11.23 15.85 25.86
CA GLY U 69 -10.58 17.04 25.36
C GLY U 69 -10.91 17.32 23.89
N ALA U 70 -10.53 18.53 23.46
CA ALA U 70 -10.80 18.98 22.10
C ALA U 70 -9.53 19.11 21.27
N GLY U 71 -8.39 18.68 21.77
CA GLY U 71 -7.14 18.76 21.06
C GLY U 71 -6.17 19.73 21.68
N SER U 72 -5.19 20.14 20.86
CA SER U 72 -4.15 21.06 21.28
C SER U 72 -4.08 22.24 20.34
N LYS U 73 -3.43 23.30 20.80
CA LYS U 73 -3.23 24.49 19.98
C LYS U 73 -1.93 25.16 20.38
N VAL U 74 -1.39 25.96 19.47
CA VAL U 74 -0.24 26.81 19.75
C VAL U 74 -0.77 28.14 20.27
N VAL U 75 -0.48 28.45 21.53
CA VAL U 75 -1.05 29.63 22.15
C VAL U 75 -0.23 30.88 21.86
N ALA U 76 1.08 30.75 21.66
CA ALA U 76 1.92 31.89 21.38
C ALA U 76 3.24 31.43 20.78
N THR U 77 3.84 32.30 19.99
CA THR U 77 5.19 32.13 19.47
C THR U 77 6.10 33.04 20.29
N GLN U 78 6.58 32.52 21.42
CA GLN U 78 7.28 33.34 22.38
C GLN U 78 8.70 33.64 21.92
N LYS U 79 9.08 34.92 21.94
CA LYS U 79 10.43 35.34 21.60
C LYS U 79 11.32 35.22 22.84
N VAL U 80 12.49 34.63 22.66
CA VAL U 80 13.46 34.46 23.73
C VAL U 80 14.49 35.58 23.58
N HIS U 81 14.39 36.60 24.42
CA HIS U 81 15.23 37.79 24.30
C HIS U 81 16.49 37.66 25.17
N THR U 82 17.23 36.59 24.93
CA THR U 82 18.52 36.42 25.58
C THR U 82 19.61 37.12 24.76
N HIS U 83 20.62 37.61 25.44
CA HIS U 83 21.70 38.32 24.78
C HIS U 83 22.50 37.38 23.90
N GLY U 84 22.95 37.88 22.74
CA GLY U 84 23.73 37.09 21.83
C GLY U 84 25.23 37.36 21.95
N ASN U 85 26.01 36.54 21.25
CA ASN U 85 27.45 36.69 21.26
C ASN U 85 27.86 37.92 20.44
N ALA U 86 29.12 38.30 20.60
CA ALA U 86 29.66 39.51 19.98
C ALA U 86 30.45 39.14 18.73
N GLN U 87 30.18 39.86 17.64
CA GLN U 87 30.97 39.76 16.42
C GLN U 87 31.83 40.99 16.30
N THR U 88 33.15 40.78 16.21
CA THR U 88 34.09 41.88 16.10
C THR U 88 34.37 42.14 14.62
N THR U 89 33.93 43.29 14.12
CA THR U 89 34.11 43.67 12.74
C THR U 89 35.08 44.84 12.66
N THR U 90 35.38 45.27 11.43
CA THR U 90 36.30 46.39 11.20
C THR U 90 35.57 47.68 10.90
N ASN U 91 34.30 47.61 10.49
CA ASN U 91 33.54 48.82 10.20
C ASN U 91 33.33 49.63 11.48
N ALA U 92 33.43 50.95 11.35
CA ALA U 92 33.29 51.84 12.50
C ALA U 92 31.87 52.35 12.70
N LEU U 93 30.95 52.01 11.81
CA LEU U 93 29.59 52.53 11.87
C LEU U 93 28.58 51.54 12.44
N ASP U 94 28.96 50.28 12.65
CA ASP U 94 28.08 49.31 13.26
C ASP U 94 28.29 49.28 14.77
N MET U 95 27.21 49.15 15.52
CA MET U 95 27.26 49.24 16.97
C MET U 95 26.56 48.05 17.60
N MET U 96 26.74 47.92 18.90
CA MET U 96 26.18 46.82 19.67
C MET U 96 25.75 47.35 21.04
N VAL U 97 24.79 46.66 21.66
CA VAL U 97 24.32 47.00 23.00
C VAL U 97 24.75 45.88 23.93
N GLU U 98 25.50 46.24 24.97
CA GLU U 98 25.91 45.27 25.99
C GLU U 98 24.81 45.14 27.03
N GLY U 99 23.97 44.14 26.89
CA GLY U 99 22.88 43.93 27.81
C GLY U 99 21.57 44.49 27.30
N ASP U 100 20.75 44.92 28.25
CA ASP U 100 19.42 45.40 27.93
C ASP U 100 19.48 46.73 27.18
N GLY U 101 18.58 46.90 26.23
CA GLY U 101 18.48 48.12 25.46
C GLY U 101 18.09 47.84 24.02
N PHE U 102 17.47 48.83 23.40
CA PHE U 102 17.05 48.75 22.00
C PHE U 102 17.41 50.03 21.29
N PHE U 103 17.96 49.91 20.08
CA PHE U 103 18.19 51.08 19.25
C PHE U 103 16.87 51.63 18.74
N GLN U 104 16.87 52.90 18.36
CA GLN U 104 15.67 53.59 17.90
C GLN U 104 15.89 54.10 16.49
N VAL U 105 14.96 53.76 15.59
CA VAL U 105 14.97 54.27 14.22
C VAL U 105 13.57 54.79 13.92
N THR U 106 13.50 55.76 13.01
CA THR U 106 12.23 56.39 12.64
C THR U 106 11.70 55.76 11.37
N LEU U 107 10.49 55.21 11.44
CA LEU U 107 9.85 54.57 10.30
C LEU U 107 9.26 55.62 9.36
N PRO U 108 9.01 55.24 8.11
CA PRO U 108 8.41 56.21 7.17
C PRO U 108 7.06 56.75 7.62
N ASP U 109 6.25 55.93 8.29
CA ASP U 109 4.94 56.39 8.75
C ASP U 109 5.00 57.35 9.93
N GLY U 110 6.17 57.53 10.53
CA GLY U 110 6.33 58.52 11.58
C GLY U 110 6.72 57.97 12.94
N ASN U 111 6.11 56.85 13.35
CA ASN U 111 6.46 56.28 14.64
C ASN U 111 7.81 55.58 14.55
N ILE U 112 8.38 55.28 15.71
CA ILE U 112 9.73 54.73 15.80
C ILE U 112 9.64 53.24 16.06
N GLY U 113 10.59 52.50 15.49
CA GLY U 113 10.70 51.08 15.70
C GLY U 113 12.02 50.75 16.37
N TYR U 114 11.98 49.79 17.28
CA TYR U 114 13.11 49.45 18.12
C TYR U 114 13.80 48.20 17.60
N THR U 115 15.13 48.20 17.63
CA THR U 115 15.90 47.13 17.03
C THR U 115 17.10 46.77 17.90
N ARG U 116 17.51 45.51 17.81
CA ARG U 116 18.80 45.07 18.34
C ARG U 116 19.88 45.07 17.28
N ASN U 117 19.51 45.13 16.01
CA ASN U 117 20.48 45.18 14.93
C ASN U 117 21.21 46.51 14.94
N GLY U 118 22.54 46.45 14.91
CA GLY U 118 23.34 47.65 14.99
C GLY U 118 24.09 47.96 13.70
N GLN U 119 23.76 47.28 12.62
CA GLN U 119 24.41 47.49 11.34
C GLN U 119 23.91 48.81 10.76
N PHE U 120 24.73 49.85 10.90
CA PHE U 120 24.38 51.19 10.46
C PHE U 120 25.33 51.65 9.38
N THR U 121 25.01 52.80 8.79
CA THR U 121 25.84 53.44 7.77
C THR U 121 25.42 54.90 7.67
N LEU U 122 25.89 55.58 6.63
CA LEU U 122 25.55 56.97 6.38
C LEU U 122 24.89 57.10 5.02
N ASN U 123 23.98 58.06 4.90
CA ASN U 123 23.31 58.32 3.64
C ASN U 123 24.10 59.37 2.86
N GLY U 124 23.49 59.90 1.79
CA GLY U 124 24.16 60.95 1.02
C GLY U 124 24.35 62.23 1.81
N GLU U 125 23.40 62.55 2.68
CA GLU U 125 23.51 63.75 3.51
C GLU U 125 24.45 63.54 4.70
N GLY U 126 24.69 62.29 5.10
CA GLY U 126 25.59 62.00 6.20
C GLY U 126 24.93 61.61 7.49
N THR U 127 23.60 61.53 7.54
CA THR U 127 22.93 61.11 8.76
C THR U 127 23.11 59.62 8.99
N LEU U 128 23.12 59.22 10.26
CA LEU U 128 23.27 57.81 10.61
C LEU U 128 21.96 57.08 10.35
N VAL U 129 22.01 56.12 9.42
CA VAL U 129 20.83 55.39 8.98
C VAL U 129 21.13 53.90 9.05
N THR U 130 20.07 53.09 8.95
CA THR U 130 20.22 51.65 8.94
C THR U 130 20.88 51.20 7.64
N SER U 131 21.65 50.13 7.73
CA SER U 131 22.37 49.59 6.57
C SER U 131 21.45 48.91 5.56
N GLY U 132 20.18 48.72 5.91
CA GLY U 132 19.25 48.05 5.03
C GLY U 132 18.36 49.02 4.29
N SER U 133 17.12 49.18 4.77
CA SER U 133 16.18 50.07 4.11
C SER U 133 16.58 51.53 4.18
N GLY U 134 17.40 51.91 5.16
CA GLY U 134 17.88 53.28 5.27
C GLY U 134 17.09 54.17 6.19
N TYR U 135 16.41 53.62 7.17
CA TYR U 135 15.64 54.44 8.10
C TYR U 135 16.59 55.18 9.04
N PRO U 136 16.42 56.48 9.24
CA PRO U 136 17.33 57.23 10.11
C PRO U 136 17.22 56.78 11.56
N VAL U 137 18.30 57.01 12.30
CA VAL U 137 18.39 56.64 13.71
C VAL U 137 18.02 57.85 14.56
N GLU U 138 17.15 57.62 15.55
CA GLU U 138 16.74 58.64 16.50
C GLU U 138 17.64 58.62 17.73
N PRO U 139 18.24 59.74 18.14
CA PRO U 139 18.17 61.09 17.53
C PRO U 139 19.06 61.21 16.29
N GLU U 140 18.80 62.18 15.43
CA GLU U 140 19.57 62.33 14.21
C GLU U 140 21.02 62.69 14.52
N ILE U 141 21.94 62.05 13.79
CA ILE U 141 23.38 62.26 13.95
C ILE U 141 23.96 62.53 12.57
N VAL U 142 24.39 63.77 12.33
CA VAL U 142 24.93 64.17 11.04
C VAL U 142 26.44 64.31 11.17
N ILE U 143 27.17 63.63 10.29
CA ILE U 143 28.63 63.63 10.30
C ILE U 143 29.12 64.71 9.34
N PRO U 144 29.97 65.64 9.79
CA PRO U 144 30.51 66.65 8.88
C PRO U 144 31.40 66.03 7.81
N GLU U 145 31.47 66.71 6.67
CA GLU U 145 32.28 66.22 5.56
C GLU U 145 33.76 66.20 5.91
N ASP U 146 34.23 67.21 6.66
CA ASP U 146 35.65 67.30 7.01
C ASP U 146 36.10 66.23 7.99
N ALA U 147 35.18 65.49 8.59
CA ALA U 147 35.55 64.47 9.55
C ALA U 147 36.33 63.34 8.89
N ILE U 148 37.30 62.79 9.63
CA ILE U 148 38.12 61.70 9.12
C ILE U 148 37.88 60.38 9.85
N SER U 149 37.22 60.41 11.02
CA SER U 149 36.97 59.19 11.76
C SER U 149 35.75 59.42 12.65
N ILE U 150 35.11 58.31 13.03
CA ILE U 150 33.93 58.33 13.88
C ILE U 150 34.27 57.57 15.16
N THR U 151 34.00 58.18 16.30
CA THR U 151 34.21 57.55 17.60
C THR U 151 32.91 57.60 18.38
N VAL U 152 32.38 56.44 18.72
CA VAL U 152 31.16 56.31 19.51
C VAL U 152 31.54 55.81 20.89
N GLY U 153 31.30 56.63 21.90
CA GLY U 153 31.68 56.27 23.26
C GLY U 153 30.77 55.20 23.84
N THR U 154 31.15 54.73 25.02
CA THR U 154 30.37 53.71 25.72
C THR U 154 29.00 54.22 26.13
N ASP U 155 28.81 55.54 26.20
CA ASP U 155 27.52 56.14 26.52
C ASP U 155 26.85 56.74 25.29
N GLY U 156 27.27 56.33 24.10
CA GLY U 156 26.66 56.80 22.87
C GLY U 156 27.09 58.16 22.40
N GLU U 157 28.05 58.79 23.07
CA GLU U 157 28.49 60.14 22.71
C GLU U 157 29.31 60.07 21.43
N VAL U 158 28.74 60.53 20.33
CA VAL U 158 29.38 60.45 19.02
C VAL U 158 30.26 61.67 18.82
N SER U 159 31.55 61.44 18.56
CA SER U 159 32.50 62.50 18.28
C SER U 159 33.31 62.13 17.05
N VAL U 160 33.72 63.15 16.29
CA VAL U 160 34.50 62.96 15.08
C VAL U 160 35.83 63.68 15.22
N ARG U 161 36.87 63.18 14.55
CA ARG U 161 38.21 63.85 14.54
C ARG U 161 38.39 64.65 13.27
N VAL U 162 38.72 65.92 13.40
CA VAL U 162 38.90 66.88 12.32
C VAL U 162 40.32 67.44 12.41
N ARG U 163 41.00 67.51 11.30
CA ARG U 163 42.38 67.98 11.44
C ARG U 163 42.32 69.48 11.64
N GLY U 164 43.43 70.09 11.93
CA GLY U 164 43.53 71.49 12.24
C GLY U 164 43.13 71.88 13.65
N GLN U 165 42.64 70.92 14.44
CA GLN U 165 42.27 71.19 15.83
C GLN U 165 42.34 69.89 16.61
N GLN U 166 42.94 69.96 17.80
CA GLN U 166 42.95 68.81 18.68
C GLN U 166 41.63 68.71 19.45
N ASP U 167 41.45 67.56 20.13
CA ASP U 167 40.22 67.20 20.81
C ASP U 167 39.13 66.87 19.79
N ASN U 168 38.34 65.84 20.05
CA ASN U 168 37.27 65.43 19.16
C ASN U 168 36.04 66.29 19.43
N GLN U 169 35.39 66.73 18.35
CA GLN U 169 34.16 67.50 18.48
C GLN U 169 32.96 66.56 18.51
N VAL U 170 32.07 66.80 19.47
CA VAL U 170 30.90 65.96 19.67
C VAL U 170 29.79 66.45 18.76
N VAL U 171 29.18 65.53 18.02
CA VAL U 171 28.14 65.85 17.05
C VAL U 171 26.81 65.17 17.38
N GLY U 172 26.71 64.52 18.54
CA GLY U 172 25.49 63.87 18.92
C GLY U 172 25.73 62.85 20.01
N GLN U 173 24.63 62.33 20.55
CA GLN U 173 24.68 61.32 21.59
C GLN U 173 23.56 60.32 21.38
N LEU U 174 23.93 59.05 21.21
CA LEU U 174 22.94 57.99 21.04
C LEU U 174 22.14 57.79 22.32
N THR U 175 20.94 57.24 22.16
CA THR U 175 20.06 56.97 23.29
C THR U 175 19.23 55.74 22.98
N ILE U 176 19.21 54.77 23.90
CA ILE U 176 18.56 53.50 23.68
C ILE U 176 17.33 53.39 24.57
N THR U 177 16.44 52.48 24.20
CA THR U 177 15.17 52.28 24.88
C THR U 177 15.10 50.87 25.46
N ASP U 178 14.56 50.76 26.67
CA ASP U 178 14.31 49.48 27.32
C ASP U 178 12.84 49.34 27.63
N PHE U 179 12.38 48.09 27.71
CA PHE U 179 10.97 47.78 27.95
C PHE U 179 10.83 46.86 29.15
N VAL U 180 9.71 47.00 29.86
CA VAL U 180 9.42 46.11 30.98
C VAL U 180 9.25 44.68 30.48
N ASN U 181 8.54 44.51 29.38
CA ASN U 181 8.26 43.19 28.81
C ASN U 181 8.65 43.20 27.33
N PRO U 182 9.95 43.10 27.04
CA PRO U 182 10.37 43.10 25.63
C PRO U 182 9.84 41.93 24.83
N GLY U 183 9.41 40.85 25.48
CA GLY U 183 8.83 39.73 24.77
C GLY U 183 7.50 40.04 24.13
N GLY U 184 6.80 41.07 24.61
CA GLY U 184 5.54 41.49 24.05
C GLY U 184 5.64 42.41 22.85
N LEU U 185 6.85 42.74 22.41
CA LEU U 185 7.02 43.60 21.24
C LEU U 185 6.59 42.86 19.98
N GLU U 186 6.06 43.61 19.03
CA GLU U 186 5.55 43.03 17.79
C GLU U 186 6.64 43.02 16.73
N PRO U 187 7.09 41.86 16.26
CA PRO U 187 8.04 41.83 15.14
C PRO U 187 7.35 42.22 13.84
N ILE U 188 7.97 43.13 13.10
CA ILE U 188 7.42 43.62 11.84
C ILE U 188 8.36 43.37 10.67
N GLY U 189 9.41 42.58 10.88
CA GLY U 189 10.38 42.33 9.84
C GLY U 189 11.40 43.45 9.74
N GLN U 190 12.41 43.21 8.90
CA GLN U 190 13.51 44.16 8.68
C GLN U 190 14.24 44.47 9.98
N ASN U 191 14.29 43.51 10.90
CA ASN U 191 14.95 43.66 12.19
C ASN U 191 14.39 44.85 12.96
N LEU U 192 13.06 44.94 13.02
CA LEU U 192 12.39 46.04 13.69
C LEU U 192 11.30 45.50 14.62
N TYR U 193 11.06 46.21 15.71
CA TYR U 193 10.01 45.89 16.67
C TYR U 193 9.12 47.10 16.89
N LEU U 194 7.82 46.86 16.97
CA LEU U 194 6.89 47.92 17.30
C LEU U 194 6.35 47.74 18.71
N PRO U 195 6.29 48.81 19.50
CA PRO U 195 5.74 48.69 20.85
C PRO U 195 4.27 48.32 20.84
N THR U 196 3.88 47.53 21.84
CA THR U 196 2.50 47.06 21.98
C THR U 196 2.04 47.31 23.41
N GLY U 197 0.78 46.97 23.68
CA GLY U 197 0.26 47.11 25.02
C GLY U 197 0.91 46.17 26.01
N ALA U 198 1.16 44.92 25.60
CA ALA U 198 1.77 43.94 26.48
C ALA U 198 3.24 44.26 26.75
N SER U 199 3.91 45.01 25.88
CA SER U 199 5.31 45.34 26.10
C SER U 199 5.46 46.40 27.19
N GLY U 200 4.56 47.36 27.22
CA GLY U 200 4.64 48.48 28.15
C GLY U 200 5.14 49.73 27.48
N ASP U 201 5.15 50.81 28.25
CA ASP U 201 5.61 52.09 27.72
C ASP U 201 7.12 52.06 27.51
N PRO U 202 7.62 52.73 26.46
CA PRO U 202 9.07 52.81 26.28
C PRO U 202 9.74 53.52 27.44
N GLN U 203 10.93 53.05 27.80
CA GLN U 203 11.74 53.65 28.86
C GLN U 203 13.05 54.10 28.22
N GLU U 204 13.16 55.40 27.94
CA GLU U 204 14.29 55.95 27.22
C GLU U 204 15.26 56.61 28.19
N GLY U 205 16.56 56.40 27.92
CA GLY U 205 17.59 56.95 28.78
C GLY U 205 18.95 56.74 28.14
N VAL U 206 19.95 57.39 28.74
CA VAL U 206 21.30 57.35 28.17
C VAL U 206 21.84 55.93 28.26
N PRO U 207 22.59 55.47 27.26
CA PRO U 207 23.10 54.09 27.28
C PRO U 207 24.26 53.88 28.23
N GLY U 208 23.97 53.58 29.49
CA GLY U 208 25.00 53.34 30.47
C GLY U 208 24.61 53.77 31.87
N LEU U 209 23.47 54.43 31.99
CA LEU U 209 22.93 54.82 33.29
C LEU U 209 21.56 54.19 33.47
N ASP U 210 21.17 54.03 34.74
CA ASP U 210 19.87 53.47 35.11
C ASP U 210 19.68 52.06 34.55
N GLY U 211 20.73 51.25 34.62
CA GLY U 211 20.64 49.86 34.24
C GLY U 211 20.67 49.58 32.75
N LEU U 212 20.82 50.61 31.92
CA LEU U 212 20.86 50.40 30.48
C LEU U 212 22.21 49.86 30.03
N GLY U 213 22.22 49.29 28.84
CA GLY U 213 23.43 48.74 28.28
C GLY U 213 24.33 49.81 27.70
N GLU U 214 25.52 49.37 27.28
CA GLU U 214 26.54 50.27 26.75
C GLU U 214 26.72 50.04 25.27
N ILE U 215 26.95 51.11 24.53
CA ILE U 215 27.13 51.03 23.08
C ILE U 215 28.57 50.68 22.77
N ARG U 216 28.77 49.61 22.01
CA ARG U 216 30.10 49.16 21.62
C ARG U 216 30.27 49.38 20.12
N GLN U 217 31.32 50.11 19.75
CA GLN U 217 31.58 50.40 18.35
C GLN U 217 32.35 49.27 17.70
N SER U 218 32.15 49.10 16.39
CA SER U 218 32.80 48.04 15.61
C SER U 218 32.51 46.66 16.19
N MET U 219 31.27 46.44 16.62
CA MET U 219 30.87 45.18 17.20
C MET U 219 29.40 44.94 16.89
N LEU U 220 29.06 43.68 16.65
CA LEU U 220 27.71 43.30 16.26
C LEU U 220 27.22 42.15 17.13
N GLU U 221 25.90 42.07 17.29
CA GLU U 221 25.26 41.08 18.15
C GLU U 221 24.79 39.91 17.28
N ALA U 222 25.36 38.74 17.52
CA ALA U 222 25.00 37.56 16.75
C ALA U 222 23.59 37.10 17.11
N SER U 223 22.99 36.33 16.20
CA SER U 223 21.69 35.74 16.47
C SER U 223 21.81 34.69 17.58
N ASN U 224 20.81 34.66 18.46
CA ASN U 224 20.83 33.79 19.61
C ASN U 224 20.19 32.44 19.34
N VAL U 225 19.97 32.09 18.07
CA VAL U 225 19.37 30.81 17.75
C VAL U 225 20.35 29.69 18.08
N ASN U 226 19.81 28.56 18.51
CA ASN U 226 20.58 27.36 18.81
C ASN U 226 20.24 26.34 17.74
N VAL U 227 21.11 26.20 16.74
CA VAL U 227 20.81 25.35 15.59
C VAL U 227 20.57 23.92 16.01
N THR U 228 21.27 23.46 17.06
CA THR U 228 21.04 22.11 17.55
C THR U 228 19.68 21.99 18.21
N GLU U 229 19.25 23.04 18.93
CA GLU U 229 17.92 23.01 19.54
C GLU U 229 16.83 22.92 18.48
N GLU U 230 16.99 23.64 17.37
CA GLU U 230 16.01 23.57 16.31
C GLU U 230 15.96 22.18 15.69
N LEU U 231 17.13 21.57 15.49
CA LEU U 231 17.16 20.23 14.90
C LEU U 231 16.54 19.19 15.83
N VAL U 232 16.77 19.31 17.14
CA VAL U 232 16.17 18.37 18.08
C VAL U 232 14.65 18.54 18.11
N ASN U 233 14.19 19.79 18.21
CA ASN U 233 12.75 20.04 18.20
C ASN U 233 12.13 19.70 16.85
N MET U 234 12.91 19.81 15.77
CA MET U 234 12.42 19.39 14.46
C MET U 234 12.16 17.89 14.44
N ILE U 235 13.01 17.11 15.09
CA ILE U 235 12.84 15.66 15.14
C ILE U 235 11.55 15.30 15.86
N GLU U 236 11.31 15.93 17.01
CA GLU U 236 10.09 15.65 17.77
C GLU U 236 8.85 16.06 16.98
N ALA U 237 8.89 17.21 16.33
CA ALA U 237 7.72 17.72 15.63
C ALA U 237 7.30 16.80 14.50
N GLN U 238 8.26 16.21 13.79
CA GLN U 238 7.92 15.26 12.74
C GLN U 238 7.23 14.03 13.32
N ARG U 239 7.79 13.45 14.37
CA ARG U 239 7.24 12.21 14.91
C ARG U 239 5.85 12.42 15.50
N VAL U 240 5.64 13.55 16.19
CA VAL U 240 4.30 13.88 16.68
C VAL U 240 3.36 14.11 15.51
N TYR U 241 3.86 14.73 14.44
CA TYR U 241 3.05 14.92 13.24
C TYR U 241 2.64 13.59 12.62
N GLU U 242 3.57 12.64 12.55
CA GLU U 242 3.25 11.34 11.98
C GLU U 242 2.24 10.57 12.83
N MET U 243 2.38 10.68 14.16
CA MET U 243 1.50 9.93 15.05
C MET U 243 0.05 10.38 14.95
N ASN U 244 -0.17 11.69 14.79
CA ASN U 244 -1.53 12.19 14.61
C ASN U 244 -2.08 11.81 13.24
N SER U 245 -1.20 11.53 12.28
CA SER U 245 -1.67 11.01 10.99
C SER U 245 -2.14 9.57 11.11
N LYS U 246 -1.47 8.78 11.95
CA LYS U 246 -1.83 7.38 12.11
C LYS U 246 -3.24 7.21 12.67
N VAL U 247 -3.58 8.02 13.69
CA VAL U 247 -4.89 7.88 14.32
C VAL U 247 -6.00 8.32 13.38
N ILE U 248 -5.76 9.35 12.57
CA ILE U 248 -6.76 9.81 11.61
C ILE U 248 -7.10 8.69 10.63
N SER U 249 -6.08 8.00 10.12
CA SER U 249 -6.32 6.85 9.27
C SER U 249 -6.97 5.71 10.04
N SER U 250 -6.64 5.58 11.33
CA SER U 250 -7.27 4.55 12.14
C SER U 250 -8.76 4.79 12.30
N VAL U 251 -9.16 6.05 12.53
CA VAL U 251 -10.57 6.38 12.61
C VAL U 251 -11.24 6.18 11.25
N ASP U 252 -10.53 6.53 10.17
CA ASP U 252 -11.09 6.35 8.84
C ASP U 252 -11.36 4.89 8.53
N LYS U 253 -10.43 4.00 8.91
CA LYS U 253 -10.63 2.59 8.65
C LYS U 253 -11.79 2.02 9.46
N MET U 254 -11.95 2.47 10.71
CA MET U 254 -13.05 1.99 11.54
C MET U 254 -14.39 2.41 10.95
N MET U 255 -14.49 3.67 10.52
CA MET U 255 -15.75 4.14 9.94
C MET U 255 -16.03 3.50 8.59
N SER U 256 -14.98 3.21 7.83
CA SER U 256 -15.16 2.50 6.56
C SER U 256 -15.68 1.09 6.81
N PHE U 257 -15.24 0.46 7.90
CA PHE U 257 -15.71 -0.87 8.25
C PHE U 257 -17.19 -0.86 8.63
N VAL U 258 -17.65 0.22 9.26
CA VAL U 258 -19.03 0.28 9.74
C VAL U 258 -20.01 0.23 8.57
N ASN U 259 -19.80 1.09 7.57
CA ASN U 259 -20.73 1.13 6.44
C ASN U 259 -20.46 0.05 5.42
N GLN U 260 -19.38 -0.70 5.56
CA GLN U 260 -19.12 -1.86 4.70
C GLN U 260 -19.66 -3.16 5.32
N GLN U 261 -19.69 -3.24 6.64
CA GLN U 261 -20.20 -4.42 7.32
C GLN U 261 -21.69 -4.32 7.57
N LEU U 262 -22.13 -3.23 8.20
CA LEU U 262 -23.54 -2.99 8.45
C LEU U 262 -24.30 -2.72 7.16
N MET V 1 -18.44 11.71 -16.82
CA MET V 1 -17.47 11.89 -15.74
C MET V 1 -18.04 12.78 -14.65
N HIS V 2 -17.86 12.39 -13.40
CA HIS V 2 -18.17 13.29 -12.29
C HIS V 2 -17.22 14.49 -12.35
N PRO V 3 -17.71 15.70 -12.13
CA PRO V 3 -16.85 16.88 -12.28
C PRO V 3 -15.62 16.86 -11.39
N ALA V 4 -15.68 16.21 -10.24
CA ALA V 4 -14.52 16.16 -9.35
C ALA V 4 -13.35 15.41 -10.00
N LEU V 5 -13.66 14.42 -10.84
CA LEU V 5 -12.60 13.70 -11.54
C LEU V 5 -11.82 14.62 -12.48
N TRP V 6 -12.54 15.45 -13.24
CA TRP V 6 -11.86 16.31 -14.21
C TRP V 6 -11.17 17.49 -13.55
N VAL V 7 -11.73 18.02 -12.46
CA VAL V 7 -11.08 19.10 -11.74
C VAL V 7 -9.74 18.65 -11.21
N SER V 8 -9.69 17.45 -10.65
CA SER V 8 -8.41 16.90 -10.18
C SER V 8 -7.48 16.60 -11.34
N LYS V 9 -8.01 16.19 -12.49
CA LYS V 9 -7.16 15.89 -13.64
C LYS V 9 -6.48 17.15 -14.16
N THR V 10 -7.14 18.29 -14.07
CA THR V 10 -6.50 19.55 -14.47
C THR V 10 -5.27 19.84 -13.62
N GLY V 11 -5.35 19.56 -12.32
CA GLY V 11 -4.18 19.71 -11.46
C GLY V 11 -3.06 18.77 -11.83
N LEU V 12 -3.41 17.52 -12.18
CA LEU V 12 -2.39 16.57 -12.64
C LEU V 12 -1.76 17.03 -13.95
N ASP V 13 -2.57 17.52 -14.89
CA ASP V 13 -2.03 18.03 -16.14
C ASP V 13 -1.19 19.27 -15.92
N ALA V 14 -1.64 20.15 -15.02
CA ALA V 14 -0.89 21.38 -14.74
C ALA V 14 0.47 21.07 -14.13
N GLN V 15 0.51 20.14 -13.16
CA GLN V 15 1.78 19.79 -12.53
C GLN V 15 2.68 19.03 -13.50
N GLN V 16 2.09 18.28 -14.43
CA GLN V 16 2.87 17.58 -15.44
C GLN V 16 3.66 18.57 -16.30
N THR V 17 3.01 19.65 -16.73
CA THR V 17 3.71 20.67 -17.50
C THR V 17 4.77 21.37 -16.64
N ASN V 18 4.50 21.50 -15.33
CA ASN V 18 5.48 22.11 -14.44
C ASN V 18 6.74 21.25 -14.35
N ILE V 19 6.58 19.92 -14.27
CA ILE V 19 7.74 19.04 -14.22
C ILE V 19 8.53 19.14 -15.51
N ALA V 20 7.85 19.17 -16.66
CA ALA V 20 8.54 19.29 -17.94
C ALA V 20 9.28 20.62 -18.05
N THR V 21 8.68 21.69 -17.51
CA THR V 21 9.37 22.98 -17.51
C THR V 21 10.60 22.95 -16.62
N ILE V 22 10.48 22.36 -15.43
CA ILE V 22 11.62 22.25 -14.53
C ILE V 22 12.71 21.37 -15.14
N SER V 23 12.30 20.28 -15.79
CA SER V 23 13.28 19.34 -16.36
C SER V 23 14.14 20.00 -17.43
N ASN V 24 13.54 20.89 -18.22
CA ASN V 24 14.32 21.59 -19.24
C ASN V 24 15.32 22.55 -18.63
N ASN V 25 14.93 23.22 -17.53
CA ASN V 25 15.85 24.15 -16.88
C ASN V 25 17.09 23.45 -16.34
N LEU V 26 16.90 22.28 -15.71
CA LEU V 26 18.05 21.55 -15.20
C LEU V 26 18.88 20.94 -16.32
N ALA V 27 18.25 20.65 -17.46
CA ALA V 27 19.01 20.16 -18.61
C ALA V 27 19.96 21.23 -19.12
N ASN V 28 19.49 22.48 -19.21
CA ASN V 28 20.32 23.59 -19.65
C ASN V 28 20.96 24.31 -18.47
N ALA V 29 21.61 23.55 -17.59
CA ALA V 29 22.31 24.17 -16.46
C ALA V 29 23.72 24.62 -16.83
N SER V 30 24.26 24.15 -17.96
CA SER V 30 25.59 24.55 -18.42
C SER V 30 25.53 25.26 -19.76
N THR V 31 24.35 25.56 -20.27
CA THR V 31 24.24 26.25 -21.55
C THR V 31 24.57 27.72 -21.38
N VAL V 32 25.48 28.22 -22.21
CA VAL V 32 25.96 29.59 -22.08
C VAL V 32 24.88 30.56 -22.54
N GLY V 33 24.60 31.56 -21.71
CA GLY V 33 23.56 32.53 -22.03
C GLY V 33 22.16 31.98 -22.06
N TYR V 34 21.82 31.13 -21.09
CA TYR V 34 20.49 30.54 -20.99
C TYR V 34 19.69 31.26 -19.91
N LYS V 35 18.38 31.38 -20.12
CA LYS V 35 17.49 32.02 -19.17
C LYS V 35 16.46 31.01 -18.68
N LYS V 36 16.32 30.92 -17.36
CA LYS V 36 15.42 29.93 -16.78
C LYS V 36 13.96 30.32 -17.00
N SER V 37 13.12 29.31 -17.16
CA SER V 37 11.69 29.48 -17.33
C SER V 37 10.96 28.91 -16.12
N ARG V 38 9.88 29.57 -15.71
CA ARG V 38 9.05 29.11 -14.60
C ARG V 38 7.61 28.99 -15.07
N ALA V 39 6.91 28.01 -14.54
CA ALA V 39 5.50 27.81 -14.88
C ALA V 39 4.63 28.60 -13.93
N VAL V 40 3.63 29.29 -14.49
CA VAL V 40 2.71 30.13 -13.72
C VAL V 40 1.35 29.45 -13.70
N PHE V 41 0.81 29.26 -12.50
CA PHE V 41 -0.48 28.62 -12.30
C PHE V 41 -1.55 29.66 -12.02
N GLU V 42 -2.75 29.42 -12.55
CA GLU V 42 -3.89 30.27 -12.24
C GLU V 42 -5.14 29.40 -12.19
N ASP V 43 -6.12 29.84 -11.40
CA ASP V 43 -7.37 29.12 -11.28
C ASP V 43 -8.22 29.30 -12.53
N LEU V 44 -9.09 28.33 -12.76
CA LEU V 44 -9.95 28.32 -13.94
C LEU V 44 -11.28 29.00 -13.64
N PHE V 45 -12.24 28.84 -14.55
CA PHE V 45 -13.53 29.52 -14.43
C PHE V 45 -14.31 29.00 -13.23
N TYR V 46 -15.01 29.91 -12.55
CA TYR V 46 -15.85 29.57 -11.40
C TYR V 46 -17.31 29.68 -11.83
N GLN V 47 -18.07 28.62 -11.59
CA GLN V 47 -19.41 28.47 -12.15
C GLN V 47 -20.45 28.42 -11.04
N ASN V 48 -21.54 29.16 -11.24
CA ASN V 48 -22.69 29.09 -10.34
C ASN V 48 -23.52 27.86 -10.71
N ILE V 49 -23.70 26.95 -9.75
CA ILE V 49 -24.41 25.70 -10.00
C ILE V 49 -25.85 25.75 -9.52
N ASN V 50 -26.09 26.23 -8.30
CA ASN V 50 -27.43 26.27 -7.73
C ASN V 50 -28.25 27.44 -8.24
N GLN V 51 -27.82 28.11 -9.30
CA GLN V 51 -28.57 29.17 -9.94
C GLN V 51 -28.78 28.83 -11.41
N PRO V 52 -29.98 29.06 -11.95
CA PRO V 52 -30.18 28.86 -13.39
C PRO V 52 -29.27 29.74 -14.24
N GLY V 53 -28.99 30.95 -13.78
CA GLY V 53 -28.09 31.84 -14.48
C GLY V 53 -27.19 32.57 -13.50
N GLY V 54 -26.24 33.33 -14.06
CA GLY V 54 -25.30 34.05 -13.24
C GLY V 54 -25.89 35.27 -12.57
N GLN V 55 -26.79 35.05 -11.62
CA GLN V 55 -27.37 36.15 -10.86
C GLN V 55 -26.31 36.83 -10.02
N SER V 56 -26.11 38.12 -10.27
CA SER V 56 -25.06 38.88 -9.59
C SER V 56 -25.30 38.92 -8.08
N SER V 57 -24.23 38.69 -7.33
CA SER V 57 -24.27 38.62 -5.87
C SER V 57 -25.43 37.77 -5.37
N GLN V 58 -26.34 38.38 -4.60
CA GLN V 58 -27.58 37.73 -4.18
C GLN V 58 -27.30 36.45 -3.39
N ASN V 59 -26.81 36.65 -2.18
CA ASN V 59 -26.56 35.59 -1.20
C ASN V 59 -25.51 34.60 -1.67
N THR V 60 -24.27 35.08 -1.89
CA THR V 60 -23.17 34.20 -2.28
C THR V 60 -22.82 33.22 -1.17
N GLU V 61 -23.00 33.61 0.09
CA GLU V 61 -22.64 32.73 1.20
C GLU V 61 -23.63 31.61 1.43
N LEU V 62 -24.82 31.70 0.83
CA LEU V 62 -25.87 30.71 1.01
C LEU V 62 -25.76 29.61 -0.02
N PRO V 63 -26.47 28.49 0.17
CA PRO V 63 -26.39 27.40 -0.82
C PRO V 63 -26.83 27.81 -2.22
N SER V 64 -27.64 28.86 -2.36
CA SER V 64 -28.00 29.33 -3.69
C SER V 64 -26.81 29.95 -4.41
N GLY V 65 -25.87 30.53 -3.67
CA GLY V 65 -24.74 31.21 -4.28
C GLY V 65 -23.47 30.38 -4.31
N LEU V 66 -23.60 29.06 -4.20
CA LEU V 66 -22.43 28.20 -4.22
C LEU V 66 -21.78 28.24 -5.60
N MET V 67 -20.45 28.39 -5.61
CA MET V 67 -19.67 28.47 -6.83
C MET V 67 -18.54 27.44 -6.78
N LEU V 68 -18.40 26.65 -7.83
CA LEU V 68 -17.38 25.62 -7.91
C LEU V 68 -16.46 25.91 -9.09
N GLY V 69 -15.15 25.92 -8.83
CA GLY V 69 -14.18 26.16 -9.87
C GLY V 69 -13.95 24.95 -10.75
N ALA V 70 -13.30 25.19 -11.88
CA ALA V 70 -13.04 24.15 -12.87
C ALA V 70 -11.60 23.61 -12.81
N GLY V 71 -10.84 24.02 -11.81
CA GLY V 71 -9.49 23.50 -11.66
C GLY V 71 -8.40 24.55 -11.84
N SER V 72 -7.28 24.16 -12.45
CA SER V 72 -6.16 25.05 -12.65
C SER V 72 -5.43 24.67 -13.94
N LYS V 73 -4.60 25.59 -14.42
CA LYS V 73 -3.82 25.36 -15.61
C LYS V 73 -2.55 26.20 -15.56
N VAL V 74 -1.56 25.80 -16.35
CA VAL V 74 -0.34 26.58 -16.52
C VAL V 74 -0.59 27.60 -17.62
N VAL V 75 -0.46 28.88 -17.28
CA VAL V 75 -0.86 29.93 -18.19
C VAL V 75 0.29 30.40 -19.08
N ALA V 76 1.53 30.31 -18.60
CA ALA V 76 2.67 30.79 -19.36
C ALA V 76 3.96 30.28 -18.75
N THR V 77 4.92 29.94 -19.60
CA THR V 77 6.27 29.61 -19.16
C THR V 77 7.10 30.89 -19.26
N GLN V 78 7.08 31.65 -18.17
CA GLN V 78 7.68 32.98 -18.16
C GLN V 78 9.21 32.87 -18.14
N LYS V 79 9.86 33.63 -19.00
CA LYS V 79 11.31 33.69 -19.05
C LYS V 79 11.80 34.73 -18.05
N VAL V 80 12.72 34.32 -17.18
CA VAL V 80 13.31 35.20 -16.18
C VAL V 80 14.70 35.60 -16.69
N HIS V 81 14.82 36.84 -17.15
CA HIS V 81 16.07 37.32 -17.74
C HIS V 81 16.98 37.97 -16.70
N THR V 82 17.25 37.24 -15.62
CA THR V 82 18.24 37.70 -14.65
C THR V 82 19.64 37.55 -15.22
N HIS V 83 20.49 38.52 -14.91
CA HIS V 83 21.86 38.49 -15.42
C HIS V 83 22.65 37.38 -14.74
N GLY V 84 23.29 36.53 -15.55
CA GLY V 84 24.08 35.45 -15.03
C GLY V 84 25.47 35.89 -14.62
N ASN V 85 26.26 34.92 -14.17
CA ASN V 85 27.64 35.18 -13.77
C ASN V 85 28.53 35.30 -15.00
N ALA V 86 29.84 35.42 -14.77
CA ALA V 86 30.81 35.59 -15.83
C ALA V 86 31.72 34.39 -15.89
N GLN V 87 32.01 33.92 -17.11
CA GLN V 87 32.95 32.85 -17.34
C GLN V 87 34.16 33.40 -18.08
N THR V 88 35.27 33.55 -17.38
CA THR V 88 36.50 34.08 -17.96
C THR V 88 37.21 32.94 -18.69
N THR V 89 37.30 33.06 -20.02
CA THR V 89 37.94 32.05 -20.85
C THR V 89 39.09 32.67 -21.61
N THR V 90 39.96 31.82 -22.14
CA THR V 90 41.14 32.26 -22.88
C THR V 90 40.88 32.38 -24.38
N ASN V 91 39.73 31.93 -24.85
CA ASN V 91 39.40 32.08 -26.27
C ASN V 91 39.26 33.56 -26.62
N ALA V 92 39.71 33.92 -27.82
CA ALA V 92 39.70 35.30 -28.25
C ALA V 92 38.44 35.71 -29.01
N LEU V 93 37.54 34.77 -29.28
CA LEU V 93 36.35 35.06 -30.09
C LEU V 93 35.04 34.95 -29.33
N ASP V 94 35.05 34.51 -28.07
CA ASP V 94 33.84 34.45 -27.28
C ASP V 94 33.70 35.74 -26.47
N MET V 95 32.50 36.34 -26.55
CA MET V 95 32.28 37.66 -25.99
C MET V 95 30.99 37.68 -25.19
N MET V 96 30.89 38.63 -24.27
CA MET V 96 29.79 38.71 -23.32
C MET V 96 29.24 40.13 -23.29
N VAL V 97 27.93 40.22 -23.07
CA VAL V 97 27.24 41.50 -22.92
C VAL V 97 26.97 41.71 -21.43
N GLU V 98 27.39 42.86 -20.90
CA GLU V 98 27.15 43.20 -19.51
C GLU V 98 25.89 44.05 -19.42
N GLY V 99 24.75 43.42 -19.14
CA GLY V 99 23.50 44.11 -19.04
C GLY V 99 22.53 43.72 -20.14
N ASP V 100 21.64 44.66 -20.45
CA ASP V 100 20.62 44.44 -21.46
C ASP V 100 21.20 44.64 -22.86
N GLY V 101 20.86 43.74 -23.76
CA GLY V 101 21.33 43.76 -25.13
C GLY V 101 21.51 42.35 -25.64
N PHE V 102 21.32 42.19 -26.95
CA PHE V 102 21.40 40.89 -27.60
C PHE V 102 22.27 40.96 -28.84
N PHE V 103 23.03 39.91 -29.09
CA PHE V 103 23.72 39.78 -30.37
C PHE V 103 22.70 39.46 -31.47
N GLN V 104 22.98 39.96 -32.67
CA GLN V 104 22.12 39.73 -33.82
C GLN V 104 22.85 38.88 -34.85
N VAL V 105 22.24 37.74 -35.21
CA VAL V 105 22.80 36.82 -36.18
C VAL V 105 21.85 36.73 -37.37
N THR V 106 22.41 36.34 -38.52
CA THR V 106 21.64 36.25 -39.75
C THR V 106 21.16 34.81 -39.94
N LEU V 107 19.85 34.61 -39.85
CA LEU V 107 19.28 33.29 -40.04
C LEU V 107 19.21 32.94 -41.52
N PRO V 108 19.25 31.64 -41.85
CA PRO V 108 19.23 31.25 -43.27
C PRO V 108 17.97 31.68 -44.03
N ASP V 109 16.84 31.83 -43.35
CA ASP V 109 15.60 32.16 -44.03
C ASP V 109 15.45 33.66 -44.30
N GLY V 110 16.41 34.48 -43.89
CA GLY V 110 16.41 35.89 -44.25
C GLY V 110 16.31 36.85 -43.08
N ASN V 111 15.44 36.55 -42.12
CA ASN V 111 15.34 37.39 -40.94
C ASN V 111 16.55 37.17 -40.04
N ILE V 112 16.72 38.07 -39.08
CA ILE V 112 17.86 38.04 -38.17
C ILE V 112 17.41 37.46 -36.84
N GLY V 113 18.27 36.62 -36.25
CA GLY V 113 18.00 36.03 -34.95
C GLY V 113 18.83 36.68 -33.86
N TYR V 114 18.27 36.70 -32.65
CA TYR V 114 18.87 37.38 -31.52
C TYR V 114 19.29 36.37 -30.47
N THR V 115 20.54 36.46 -30.04
CA THR V 115 21.11 35.50 -29.11
C THR V 115 21.85 36.22 -28.00
N ARG V 116 21.82 35.62 -26.80
CA ARG V 116 22.64 36.08 -25.69
C ARG V 116 23.94 35.29 -25.57
N ASN V 117 24.01 34.10 -26.16
CA ASN V 117 25.24 33.32 -26.15
C ASN V 117 26.29 34.00 -27.02
N GLY V 118 27.53 34.05 -26.51
CA GLY V 118 28.61 34.72 -27.19
C GLY V 118 29.69 33.83 -27.76
N GLN V 119 29.49 32.52 -27.84
CA GLN V 119 30.51 31.64 -28.39
C GLN V 119 30.57 31.78 -29.90
N PHE V 120 31.39 32.72 -30.38
CA PHE V 120 31.54 33.02 -31.79
C PHE V 120 32.86 32.47 -32.32
N THR V 121 32.99 32.48 -33.64
CA THR V 121 34.21 32.06 -34.30
C THR V 121 34.19 32.63 -35.72
N LEU V 122 35.11 32.15 -36.56
CA LEU V 122 35.21 32.58 -37.95
C LEU V 122 34.95 31.39 -38.86
N ASN V 123 34.48 31.67 -40.07
CA ASN V 123 34.33 30.64 -41.08
C ASN V 123 35.48 30.75 -42.09
N GLY V 124 35.36 30.02 -43.20
CA GLY V 124 36.43 30.00 -44.19
C GLY V 124 36.73 31.37 -44.78
N GLU V 125 35.72 32.20 -44.95
CA GLU V 125 35.90 33.52 -45.55
C GLU V 125 36.36 34.57 -44.54
N GLY V 126 36.47 34.22 -43.26
CA GLY V 126 36.89 35.15 -42.24
C GLY V 126 35.78 35.92 -41.56
N THR V 127 34.53 35.65 -41.88
CA THR V 127 33.41 36.37 -41.28
C THR V 127 33.13 35.82 -39.89
N LEU V 128 32.85 36.71 -38.95
CA LEU V 128 32.56 36.34 -37.57
C LEU V 128 31.21 35.64 -37.51
N VAL V 129 31.22 34.33 -37.22
CA VAL V 129 30.01 33.53 -37.18
C VAL V 129 29.93 32.82 -35.84
N THR V 130 28.76 32.28 -35.55
CA THR V 130 28.56 31.52 -34.32
C THR V 130 29.31 30.19 -34.38
N SER V 131 29.63 29.66 -33.20
CA SER V 131 30.36 28.40 -33.10
C SER V 131 29.44 27.18 -33.11
N GLY V 132 28.15 27.37 -33.36
CA GLY V 132 27.23 26.26 -33.47
C GLY V 132 26.90 25.95 -34.92
N SER V 133 25.73 26.39 -35.37
CA SER V 133 25.32 26.15 -36.75
C SER V 133 26.12 26.99 -37.74
N GLY V 134 26.82 28.02 -37.28
CA GLY V 134 27.64 28.83 -38.14
C GLY V 134 26.95 30.03 -38.77
N TYR V 135 25.92 30.56 -38.13
CA TYR V 135 25.22 31.71 -38.69
C TYR V 135 26.09 32.96 -38.59
N PRO V 136 26.10 33.80 -39.62
CA PRO V 136 26.87 35.05 -39.54
C PRO V 136 26.32 35.99 -38.49
N VAL V 137 27.21 36.78 -37.91
CA VAL V 137 26.87 37.73 -36.86
C VAL V 137 26.76 39.11 -37.48
N GLU V 138 25.63 39.80 -37.23
CA GLU V 138 25.40 41.15 -37.74
C GLU V 138 26.00 42.19 -36.79
N PRO V 139 26.71 43.20 -37.30
CA PRO V 139 27.09 43.43 -38.71
C PRO V 139 28.23 42.53 -39.14
N GLU V 140 28.39 42.30 -40.44
CA GLU V 140 29.45 41.42 -40.93
C GLU V 140 30.81 41.96 -40.54
N ILE V 141 31.62 41.12 -39.92
CA ILE V 141 32.97 41.48 -39.48
C ILE V 141 33.92 40.48 -40.14
N VAL V 142 34.63 40.93 -41.17
CA VAL V 142 35.58 40.08 -41.88
C VAL V 142 36.97 40.34 -41.34
N ILE V 143 37.68 39.28 -41.00
CA ILE V 143 39.02 39.36 -40.42
C ILE V 143 40.03 39.15 -41.54
N PRO V 144 40.93 40.11 -41.80
CA PRO V 144 41.95 39.89 -42.83
C PRO V 144 42.90 38.77 -42.44
N GLU V 145 43.38 38.05 -43.45
CA GLU V 145 44.29 36.93 -43.20
C GLU V 145 45.66 37.38 -42.71
N ASP V 146 45.99 38.66 -42.84
CA ASP V 146 47.26 39.17 -42.34
C ASP V 146 47.21 39.52 -40.87
N ALA V 147 46.05 39.38 -40.22
CA ALA V 147 45.89 39.74 -38.83
C ALA V 147 46.51 38.68 -37.92
N ILE V 148 47.28 39.12 -36.94
CA ILE V 148 47.88 38.21 -35.96
C ILE V 148 47.23 38.32 -34.60
N SER V 149 46.33 39.28 -34.38
CA SER V 149 45.58 39.36 -33.15
C SER V 149 44.24 40.01 -33.43
N ILE V 150 43.27 39.77 -32.54
CA ILE V 150 41.93 40.33 -32.63
C ILE V 150 41.60 40.99 -31.30
N THR V 151 41.14 42.22 -31.36
CA THR V 151 40.73 42.96 -30.17
C THR V 151 39.31 43.47 -30.36
N VAL V 152 38.42 43.12 -29.45
CA VAL V 152 37.04 43.57 -29.46
C VAL V 152 36.87 44.56 -28.32
N GLY V 153 36.55 45.80 -28.66
CA GLY V 153 36.47 46.85 -27.68
C GLY V 153 35.22 46.80 -26.84
N THR V 154 35.14 47.74 -25.90
CA THR V 154 34.00 47.80 -24.99
C THR V 154 32.72 48.24 -25.70
N ASP V 155 32.83 48.74 -26.93
CA ASP V 155 31.66 49.09 -27.74
C ASP V 155 31.67 48.37 -29.09
N GLY V 156 32.21 47.15 -29.12
CA GLY V 156 32.16 46.34 -30.31
C GLY V 156 33.13 46.74 -31.40
N GLU V 157 34.02 47.69 -31.15
CA GLU V 157 34.98 48.13 -32.15
C GLU V 157 36.07 47.07 -32.29
N VAL V 158 36.01 46.29 -33.36
CA VAL V 158 36.94 45.19 -33.57
C VAL V 158 38.16 45.70 -34.32
N SER V 159 39.34 45.38 -33.81
CA SER V 159 40.60 45.81 -34.39
C SER V 159 41.50 44.61 -34.60
N VAL V 160 42.42 44.74 -35.55
CA VAL V 160 43.35 43.66 -35.89
C VAL V 160 44.77 44.20 -35.81
N ARG V 161 45.71 43.29 -35.59
CA ARG V 161 47.13 43.60 -35.53
C ARG V 161 47.80 43.10 -36.79
N VAL V 162 48.46 44.00 -37.52
CA VAL V 162 49.13 43.68 -38.78
C VAL V 162 50.62 43.89 -38.59
N ARG V 163 51.40 42.85 -38.87
CA ARG V 163 52.84 42.96 -38.78
C ARG V 163 53.38 43.91 -39.83
N GLY V 164 54.35 44.74 -39.43
CA GLY V 164 54.89 45.75 -40.31
C GLY V 164 54.13 47.05 -40.37
N GLN V 165 53.12 47.21 -39.51
CA GLN V 165 52.31 48.43 -39.48
C GLN V 165 51.87 48.66 -38.05
N GLN V 166 52.35 49.75 -37.44
CA GLN V 166 51.93 50.07 -36.09
C GLN V 166 50.52 50.63 -36.09
N ASP V 167 49.88 50.57 -34.91
CA ASP V 167 48.49 50.95 -34.69
C ASP V 167 47.56 49.92 -35.34
N ASN V 168 46.46 49.61 -34.66
CA ASN V 168 45.58 48.52 -35.09
C ASN V 168 44.51 49.05 -36.03
N GLN V 169 44.36 48.38 -37.17
CA GLN V 169 43.34 48.75 -38.14
C GLN V 169 41.96 48.34 -37.65
N VAL V 170 40.98 49.19 -37.90
CA VAL V 170 39.60 48.92 -37.52
C VAL V 170 38.93 48.19 -38.67
N VAL V 171 38.35 47.02 -38.37
CA VAL V 171 37.71 46.17 -39.37
C VAL V 171 36.20 46.20 -39.29
N GLY V 172 35.63 46.95 -38.37
CA GLY V 172 34.19 47.03 -38.24
C GLY V 172 33.80 47.39 -36.83
N GLN V 173 32.49 47.30 -36.56
CA GLN V 173 31.96 47.60 -35.25
C GLN V 173 30.71 46.76 -35.01
N LEU V 174 30.61 46.17 -33.82
CA LEU V 174 29.46 45.35 -33.47
C LEU V 174 28.30 46.22 -32.98
N THR V 175 27.11 45.65 -33.03
CA THR V 175 25.90 46.26 -32.50
C THR V 175 25.13 45.24 -31.69
N ILE V 176 24.41 45.72 -30.68
CA ILE V 176 23.57 44.87 -29.85
C ILE V 176 22.15 45.44 -29.88
N THR V 177 21.17 44.56 -30.07
CA THR V 177 19.77 44.93 -30.13
C THR V 177 19.13 44.78 -28.76
N ASP V 178 18.32 45.77 -28.38
CA ASP V 178 17.60 45.76 -27.12
C ASP V 178 16.10 45.73 -27.39
N PHE V 179 15.35 45.14 -26.46
CA PHE V 179 13.91 45.05 -26.56
C PHE V 179 13.29 45.60 -25.29
N VAL V 180 12.08 46.18 -25.44
CA VAL V 180 11.39 46.75 -24.28
C VAL V 180 10.96 45.65 -23.31
N ASN V 181 10.42 44.56 -23.83
CA ASN V 181 10.00 43.41 -23.02
C ASN V 181 10.83 42.20 -23.38
N PRO V 182 11.92 41.93 -22.66
CA PRO V 182 12.74 40.75 -22.97
C PRO V 182 11.99 39.44 -22.88
N GLY V 183 10.97 39.35 -22.01
CA GLY V 183 10.25 38.10 -21.84
C GLY V 183 9.33 37.76 -22.98
N GLY V 184 9.05 38.73 -23.87
CA GLY V 184 8.20 38.47 -25.02
C GLY V 184 8.90 37.79 -26.18
N LEU V 185 10.20 37.58 -26.10
CA LEU V 185 10.93 36.93 -27.16
C LEU V 185 10.52 35.47 -27.28
N GLU V 186 10.46 34.97 -28.52
CA GLU V 186 10.08 33.61 -28.78
C GLU V 186 11.32 32.74 -28.92
N PRO V 187 11.57 31.80 -28.02
CA PRO V 187 12.72 30.90 -28.20
C PRO V 187 12.50 29.96 -29.36
N ILE V 188 13.54 29.76 -30.16
CA ILE V 188 13.50 28.85 -31.29
C ILE V 188 14.63 27.81 -31.20
N GLY V 189 15.20 27.64 -30.02
CA GLY V 189 16.35 26.76 -29.87
C GLY V 189 17.62 27.41 -30.36
N GLN V 190 18.72 26.66 -30.23
CA GLN V 190 20.05 27.10 -30.65
C GLN V 190 20.47 28.38 -29.93
N ASN V 191 19.93 28.59 -28.71
CA ASN V 191 20.20 29.80 -27.92
C ASN V 191 19.80 31.05 -28.68
N LEU V 192 18.73 30.96 -29.46
CA LEU V 192 18.24 32.06 -30.27
C LEU V 192 16.84 32.46 -29.83
N TYR V 193 16.48 33.72 -30.13
CA TYR V 193 15.16 34.26 -29.86
C TYR V 193 14.68 35.02 -31.08
N LEU V 194 13.36 35.16 -31.19
CA LEU V 194 12.77 35.92 -32.29
C LEU V 194 11.84 37.00 -31.74
N PRO V 195 11.76 38.14 -32.43
CA PRO V 195 10.89 39.22 -31.94
C PRO V 195 9.43 38.96 -32.28
N THR V 196 8.57 39.10 -31.29
CA THR V 196 7.14 38.91 -31.43
C THR V 196 6.41 40.23 -31.17
N GLY V 197 5.08 40.19 -31.29
CA GLY V 197 4.30 41.37 -30.96
C GLY V 197 4.40 41.76 -29.50
N ALA V 198 4.53 40.76 -28.61
CA ALA V 198 4.66 41.02 -27.19
C ALA V 198 6.04 41.54 -26.80
N SER V 199 7.03 41.45 -27.70
CA SER V 199 8.37 41.92 -27.40
C SER V 199 8.56 43.38 -27.81
N GLY V 200 8.34 43.68 -29.09
CA GLY V 200 8.49 45.01 -29.61
C GLY V 200 9.49 45.07 -30.76
N ASP V 201 9.47 46.20 -31.45
CA ASP V 201 10.39 46.42 -32.55
C ASP V 201 11.82 46.48 -32.03
N PRO V 202 12.77 45.88 -32.74
CA PRO V 202 14.16 45.87 -32.26
C PRO V 202 14.71 47.28 -32.11
N GLN V 203 15.54 47.47 -31.08
CA GLN V 203 16.21 48.74 -30.82
C GLN V 203 17.71 48.52 -30.91
N GLU V 204 18.29 48.89 -32.04
CA GLU V 204 19.71 48.70 -32.28
C GLU V 204 20.50 49.91 -31.78
N GLY V 205 21.82 49.72 -31.65
CA GLY V 205 22.67 50.79 -31.20
C GLY V 205 24.06 50.28 -30.87
N VAL V 206 24.94 51.21 -30.58
CA VAL V 206 26.32 50.89 -30.22
C VAL V 206 26.35 50.26 -28.83
N PRO V 207 27.07 49.17 -28.62
CA PRO V 207 27.07 48.51 -27.31
C PRO V 207 27.86 49.24 -26.24
N GLY V 208 27.21 50.16 -25.55
CA GLY V 208 27.87 50.94 -24.52
C GLY V 208 27.33 52.35 -24.37
N LEU V 209 26.47 52.75 -25.31
CA LEU V 209 25.72 53.99 -25.20
C LEU V 209 24.23 53.70 -25.33
N ASP V 210 23.42 54.72 -25.03
CA ASP V 210 21.96 54.61 -25.09
C ASP V 210 21.45 53.50 -24.17
N GLY V 211 22.07 53.40 -22.97
CA GLY V 211 21.62 52.44 -21.98
C GLY V 211 21.95 51.00 -22.29
N LEU V 212 22.64 50.73 -23.40
CA LEU V 212 22.94 49.36 -23.80
C LEU V 212 24.06 48.79 -22.94
N GLY V 213 24.21 47.47 -23.01
CA GLY V 213 25.30 46.79 -22.33
C GLY V 213 26.61 46.96 -23.06
N GLU V 214 27.67 46.46 -22.43
CA GLU V 214 29.02 46.59 -22.95
C GLU V 214 29.58 45.22 -23.32
N ILE V 215 30.32 45.18 -24.43
CA ILE V 215 30.89 43.94 -24.92
C ILE V 215 32.17 43.63 -24.15
N ARG V 216 32.25 42.43 -23.58
CA ARG V 216 33.43 41.97 -22.88
C ARG V 216 34.03 40.81 -23.65
N GLN V 217 35.30 40.93 -24.01
CA GLN V 217 35.98 39.92 -24.81
C GLN V 217 36.54 38.83 -23.91
N SER V 218 36.64 37.62 -24.49
CA SER V 218 37.14 36.44 -23.77
C SER V 218 36.31 36.14 -22.53
N MET V 219 35.00 36.37 -22.62
CA MET V 219 34.09 36.08 -21.53
C MET V 219 32.86 35.37 -22.08
N LEU V 220 32.12 34.73 -21.17
CA LEU V 220 30.86 34.09 -21.50
C LEU V 220 29.89 34.30 -20.35
N GLU V 221 28.61 34.07 -20.61
CA GLU V 221 27.56 34.25 -19.62
C GLU V 221 26.99 32.87 -19.26
N ALA V 222 27.12 32.49 -18.00
CA ALA V 222 26.59 31.22 -17.53
C ALA V 222 25.08 31.29 -17.39
N SER V 223 24.45 30.12 -17.46
CA SER V 223 23.01 30.05 -17.28
C SER V 223 22.62 30.48 -15.88
N ASN V 224 21.48 31.18 -15.78
CA ASN V 224 21.00 31.74 -14.52
C ASN V 224 20.06 30.80 -13.78
N VAL V 225 20.02 29.53 -14.17
CA VAL V 225 19.16 28.57 -13.48
C VAL V 225 19.70 28.33 -12.08
N ASN V 226 18.78 28.23 -11.11
CA ASN V 226 19.13 27.92 -9.73
C ASN V 226 18.75 26.46 -9.49
N VAL V 227 19.76 25.60 -9.39
CA VAL V 227 19.51 24.17 -9.27
C VAL V 227 18.73 23.85 -7.99
N THR V 228 18.96 24.63 -6.94
CA THR V 228 18.22 24.42 -5.70
C THR V 228 16.75 24.79 -5.85
N GLU V 229 16.47 25.87 -6.60
CA GLU V 229 15.08 26.24 -6.86
C GLU V 229 14.34 25.15 -7.61
N GLU V 230 14.99 24.55 -8.62
CA GLU V 230 14.35 23.49 -9.37
C GLU V 230 14.08 22.28 -8.50
N LEU V 231 15.04 21.91 -7.64
CA LEU V 231 14.84 20.78 -6.75
C LEU V 231 13.72 21.05 -5.75
N VAL V 232 13.64 22.27 -5.23
CA VAL V 232 12.54 22.62 -4.33
C VAL V 232 11.22 22.63 -5.10
N ASN V 233 11.23 23.13 -6.34
CA ASN V 233 10.04 23.09 -7.17
C ASN V 233 9.62 21.66 -7.48
N MET V 234 10.60 20.77 -7.69
CA MET V 234 10.28 19.36 -7.95
C MET V 234 9.57 18.74 -6.75
N ILE V 235 10.02 19.07 -5.54
CA ILE V 235 9.43 18.49 -4.34
C ILE V 235 7.97 18.88 -4.22
N GLU V 236 7.67 20.17 -4.38
CA GLU V 236 6.29 20.62 -4.29
C GLU V 236 5.43 20.06 -5.41
N ALA V 237 5.96 20.06 -6.64
CA ALA V 237 5.17 19.59 -7.78
C ALA V 237 4.85 18.10 -7.65
N GLN V 238 5.80 17.32 -7.14
CA GLN V 238 5.54 15.89 -6.94
C GLN V 238 4.46 15.65 -5.90
N ARG V 239 4.49 16.41 -4.80
CA ARG V 239 3.51 16.21 -3.75
C ARG V 239 2.11 16.62 -4.20
N VAL V 240 1.99 17.72 -4.93
CA VAL V 240 0.69 18.13 -5.45
C VAL V 240 0.17 17.11 -6.45
N TYR V 241 1.08 16.52 -7.24
CA TYR V 241 0.69 15.50 -8.20
C TYR V 241 0.10 14.28 -7.51
N GLU V 242 0.71 13.85 -6.41
CA GLU V 242 0.22 12.68 -5.69
C GLU V 242 -1.09 12.97 -4.97
N MET V 243 -1.26 14.18 -4.46
CA MET V 243 -2.48 14.52 -3.72
C MET V 243 -3.69 14.49 -4.64
N ASN V 244 -3.57 15.02 -5.86
CA ASN V 244 -4.70 15.03 -6.78
C ASN V 244 -5.03 13.63 -7.26
N SER V 245 -4.05 12.73 -7.26
CA SER V 245 -4.32 11.34 -7.61
C SER V 245 -5.23 10.69 -6.58
N LYS V 246 -5.06 11.05 -5.30
CA LYS V 246 -5.90 10.48 -4.25
C LYS V 246 -7.35 10.91 -4.42
N VAL V 247 -7.58 12.16 -4.83
CA VAL V 247 -8.95 12.63 -5.04
C VAL V 247 -9.62 11.84 -6.16
N ILE V 248 -8.88 11.58 -7.25
CA ILE V 248 -9.44 10.79 -8.34
C ILE V 248 -9.76 9.38 -7.86
N SER V 249 -8.86 8.78 -7.07
CA SER V 249 -9.14 7.48 -6.49
C SER V 249 -10.31 7.55 -5.52
N SER V 250 -10.42 8.64 -4.76
CA SER V 250 -11.52 8.78 -3.82
C SER V 250 -12.86 8.88 -4.54
N VAL V 251 -12.91 9.66 -5.63
CA VAL V 251 -14.16 9.79 -6.38
C VAL V 251 -14.57 8.46 -6.99
N ASP V 252 -13.61 7.73 -7.55
CA ASP V 252 -13.92 6.45 -8.17
C ASP V 252 -14.46 5.45 -7.15
N LYS V 253 -13.86 5.43 -5.95
CA LYS V 253 -14.34 4.52 -4.91
C LYS V 253 -15.74 4.91 -4.45
N MET V 254 -16.03 6.20 -4.37
CA MET V 254 -17.38 6.64 -4.02
C MET V 254 -18.38 6.25 -5.09
N MET V 255 -18.01 6.40 -6.37
CA MET V 255 -18.90 6.01 -7.45
C MET V 255 -19.08 4.50 -7.50
N SER V 256 -18.04 3.74 -7.13
CA SER V 256 -18.15 2.29 -7.07
C SER V 256 -19.14 1.86 -6.00
N PHE V 257 -19.20 2.60 -4.90
CA PHE V 257 -20.11 2.25 -3.81
C PHE V 257 -21.56 2.47 -4.20
N VAL V 258 -21.81 3.39 -5.14
CA VAL V 258 -23.19 3.74 -5.47
C VAL V 258 -23.87 2.63 -6.25
N ASN V 259 -23.30 2.23 -7.39
CA ASN V 259 -23.95 1.22 -8.22
C ASN V 259 -23.77 -0.19 -7.69
N GLN V 260 -22.95 -0.37 -6.66
CA GLN V 260 -22.79 -1.67 -6.01
C GLN V 260 -23.76 -1.85 -4.85
N GLN V 261 -23.93 -0.81 -4.02
CA GLN V 261 -24.86 -0.90 -2.91
C GLN V 261 -26.31 -0.79 -3.37
N LEU V 262 -26.58 0.11 -4.31
CA LEU V 262 -27.92 0.30 -4.82
C LEU V 262 -28.26 -0.75 -5.87
N HIS W 2 6.34 9.96 -21.55
CA HIS W 2 6.43 11.17 -20.74
C HIS W 2 7.62 12.01 -21.17
N PRO W 3 7.34 13.21 -21.69
CA PRO W 3 8.43 14.06 -22.20
C PRO W 3 9.46 14.45 -21.14
N ALA W 4 9.08 14.44 -19.86
CA ALA W 4 10.01 14.83 -18.80
C ALA W 4 11.22 13.92 -18.75
N LEU W 5 10.99 12.61 -18.93
CA LEU W 5 12.10 11.66 -18.90
C LEU W 5 13.08 11.91 -20.04
N TRP W 6 12.56 12.18 -21.24
CA TRP W 6 13.42 12.37 -22.40
C TRP W 6 14.09 13.73 -22.40
N VAL W 7 13.46 14.73 -21.78
CA VAL W 7 14.10 16.03 -21.64
C VAL W 7 15.34 15.91 -20.76
N SER W 8 15.23 15.19 -19.64
CA SER W 8 16.38 14.97 -18.78
C SER W 8 17.41 14.06 -19.41
N LYS W 9 16.95 13.11 -20.24
CA LYS W 9 17.90 12.20 -20.91
C LYS W 9 18.82 12.97 -21.85
N THR W 10 18.29 13.99 -22.54
CA THR W 10 19.14 14.85 -23.34
C THR W 10 20.14 15.61 -22.47
N GLY W 11 19.69 16.05 -21.29
CA GLY W 11 20.61 16.70 -20.36
C GLY W 11 21.69 15.76 -19.85
N LEU W 12 21.33 14.49 -19.64
CA LEU W 12 22.33 13.50 -19.26
C LEU W 12 23.31 13.24 -20.40
N ASP W 13 22.78 13.10 -21.63
CA ASP W 13 23.65 12.85 -22.77
C ASP W 13 24.54 14.04 -23.06
N ALA W 14 24.03 15.25 -22.85
CA ALA W 14 24.84 16.45 -23.09
C ALA W 14 26.04 16.50 -22.15
N GLN W 15 25.84 16.18 -20.88
CA GLN W 15 26.94 16.21 -19.92
C GLN W 15 27.93 15.09 -20.17
N GLN W 16 27.46 13.92 -20.63
CA GLN W 16 28.36 12.82 -20.90
C GLN W 16 29.34 13.18 -22.01
N THR W 17 28.86 13.85 -23.07
CA THR W 17 29.76 14.33 -24.10
C THR W 17 30.69 15.41 -23.57
N ASN W 18 30.17 16.28 -22.69
CA ASN W 18 30.98 17.34 -22.11
C ASN W 18 32.14 16.76 -21.30
N ILE W 19 31.86 15.74 -20.49
CA ILE W 19 32.91 15.14 -19.68
C ILE W 19 33.93 14.43 -20.55
N ALA W 20 33.49 13.88 -21.69
CA ALA W 20 34.42 13.24 -22.61
C ALA W 20 35.45 14.23 -23.13
N THR W 21 35.02 15.45 -23.45
CA THR W 21 35.97 16.48 -23.91
C THR W 21 36.91 16.89 -22.79
N ILE W 22 36.42 16.96 -21.56
CA ILE W 22 37.27 17.30 -20.42
C ILE W 22 38.34 16.24 -20.21
N SER W 23 37.94 14.96 -20.29
CA SER W 23 38.91 13.88 -20.12
C SER W 23 39.97 13.89 -21.22
N ASN W 24 39.55 14.20 -22.45
CA ASN W 24 40.51 14.28 -23.54
C ASN W 24 41.45 15.47 -23.37
N ASN W 25 40.93 16.57 -22.81
CA ASN W 25 41.78 17.71 -22.52
C ASN W 25 42.84 17.36 -21.47
N LEU W 26 42.44 16.64 -20.42
CA LEU W 26 43.39 16.26 -19.39
C LEU W 26 44.34 15.17 -19.85
N ALA W 27 43.87 14.26 -20.71
CA ALA W 27 44.73 13.21 -21.22
C ALA W 27 45.87 13.79 -22.04
N ASN W 28 45.57 14.78 -22.88
CA ASN W 28 46.59 15.43 -23.70
C ASN W 28 47.15 16.67 -23.02
N ALA W 29 47.56 16.53 -21.76
CA ALA W 29 48.20 17.62 -21.03
C ALA W 29 49.70 17.67 -21.25
N SER W 30 50.27 16.65 -21.89
CA SER W 30 51.69 16.62 -22.21
C SER W 30 51.97 16.50 -23.70
N THR W 31 50.92 16.41 -24.52
CA THR W 31 51.12 16.30 -25.97
C THR W 31 51.65 17.61 -26.53
N VAL W 32 52.74 17.52 -27.31
CA VAL W 32 53.34 18.71 -27.89
C VAL W 32 52.46 19.22 -29.02
N GLY W 33 52.18 20.53 -29.00
CA GLY W 33 51.35 21.13 -30.04
C GLY W 33 49.91 20.68 -30.03
N TYR W 34 49.32 20.52 -28.84
CA TYR W 34 47.92 20.15 -28.70
C TYR W 34 47.10 21.38 -28.32
N LYS W 35 45.94 21.51 -28.93
CA LYS W 35 45.03 22.63 -28.68
C LYS W 35 43.80 22.10 -27.97
N LYS W 36 43.51 22.64 -26.79
CA LYS W 36 42.37 22.20 -26.02
C LYS W 36 41.07 22.58 -26.70
N SER W 37 40.01 21.86 -26.35
CA SER W 37 38.69 22.08 -26.93
C SER W 37 37.66 22.14 -25.81
N ARG W 38 36.63 22.97 -26.03
CA ARG W 38 35.54 23.12 -25.09
C ARG W 38 34.22 22.79 -25.78
N ALA W 39 33.33 22.13 -25.05
CA ALA W 39 32.03 21.77 -25.58
C ALA W 39 31.12 23.00 -25.64
N VAL W 40 30.30 23.05 -26.69
CA VAL W 40 29.36 24.14 -26.90
C VAL W 40 27.95 23.59 -26.70
N PHE W 41 27.23 24.16 -25.73
CA PHE W 41 25.87 23.73 -25.42
C PHE W 41 24.86 24.68 -26.04
N GLU W 42 23.72 24.12 -26.45
CA GLU W 42 22.60 24.93 -26.89
C GLU W 42 21.30 24.20 -26.59
N ASP W 43 20.25 24.97 -26.36
CA ASP W 43 18.95 24.39 -26.04
C ASP W 43 18.23 23.96 -27.31
N LEU W 44 17.45 22.90 -27.20
CA LEU W 44 16.75 22.33 -28.34
C LEU W 44 15.52 23.18 -28.68
N PHE W 45 14.81 22.77 -29.73
CA PHE W 45 13.68 23.54 -30.22
C PHE W 45 12.53 23.53 -29.21
N TYR W 46 11.73 24.59 -29.26
CA TYR W 46 10.60 24.76 -28.36
C TYR W 46 9.29 24.48 -29.10
N GLN W 47 8.24 24.22 -28.33
CA GLN W 47 6.94 23.83 -28.88
C GLN W 47 5.83 24.62 -28.21
N ASN W 48 4.79 24.91 -28.99
CA ASN W 48 3.58 25.57 -28.50
C ASN W 48 2.47 24.53 -28.42
N ILE W 49 2.05 24.19 -27.19
CA ILE W 49 1.10 23.10 -27.01
C ILE W 49 -0.33 23.56 -27.30
N ASN W 50 -0.75 24.70 -26.72
CA ASN W 50 -2.15 25.11 -26.85
C ASN W 50 -2.36 26.08 -28.00
N GLN W 51 -1.66 27.21 -27.99
CA GLN W 51 -1.87 28.27 -28.97
C GLN W 51 -3.33 28.70 -29.07
N GLY W 65 0.20 30.00 -26.35
CA GLY W 65 1.53 30.57 -26.30
C GLY W 65 2.38 30.03 -25.18
N LEU W 66 2.27 28.72 -24.94
CA LEU W 66 3.02 28.04 -23.90
C LEU W 66 4.20 27.32 -24.55
N MET W 67 5.41 27.63 -24.09
CA MET W 67 6.63 27.10 -24.67
C MET W 67 7.21 26.03 -23.76
N LEU W 68 7.51 24.87 -24.34
CA LEU W 68 8.15 23.77 -23.62
C LEU W 68 9.40 23.36 -24.37
N GLY W 69 10.54 23.39 -23.68
CA GLY W 69 11.79 22.98 -24.28
C GLY W 69 11.90 21.47 -24.41
N ALA W 70 12.88 21.05 -25.20
CA ALA W 70 13.13 19.64 -25.44
C ALA W 70 14.37 19.12 -24.71
N GLY W 71 15.15 20.00 -24.09
CA GLY W 71 16.36 19.62 -23.38
C GLY W 71 17.55 20.43 -23.85
N SER W 72 18.68 19.75 -24.03
CA SER W 72 19.91 20.40 -24.48
C SER W 72 20.77 19.37 -25.21
N LYS W 73 21.76 19.86 -25.93
CA LYS W 73 22.69 19.01 -26.65
C LYS W 73 24.01 19.74 -26.82
N VAL W 74 25.04 18.99 -27.17
CA VAL W 74 26.35 19.54 -27.50
C VAL W 74 26.42 19.65 -29.02
N VAL W 75 26.55 20.87 -29.51
CA VAL W 75 26.49 21.11 -30.96
C VAL W 75 27.88 21.09 -31.58
N ALA W 76 28.91 21.47 -30.84
CA ALA W 76 30.25 21.53 -31.41
C ALA W 76 31.27 21.45 -30.29
N THR W 77 32.51 21.11 -30.67
CA THR W 77 33.65 21.09 -29.76
C THR W 77 34.67 22.08 -30.32
N GLN W 78 34.61 23.31 -29.82
CA GLN W 78 35.46 24.38 -30.36
C GLN W 78 36.88 24.24 -29.84
N LYS W 79 37.84 24.13 -30.76
CA LYS W 79 39.25 24.01 -30.42
C LYS W 79 39.85 25.41 -30.30
N VAL W 80 40.36 25.73 -29.11
CA VAL W 80 40.97 27.03 -28.85
C VAL W 80 42.42 26.95 -29.30
N HIS W 81 42.73 27.61 -30.43
CA HIS W 81 44.09 27.59 -30.99
C HIS W 81 44.94 28.71 -30.42
N THR W 82 45.01 28.79 -29.10
CA THR W 82 45.91 29.74 -28.44
C THR W 82 47.28 29.10 -28.27
N HIS W 83 48.32 29.88 -28.59
CA HIS W 83 49.68 29.36 -28.56
C HIS W 83 50.06 28.95 -27.15
N GLY W 84 50.62 27.74 -27.01
CA GLY W 84 51.06 27.25 -25.73
C GLY W 84 52.43 27.78 -25.34
N ASN W 85 52.86 27.40 -24.15
CA ASN W 85 54.16 27.83 -23.65
C ASN W 85 55.29 27.17 -24.45
N ALA W 86 56.52 27.54 -24.11
CA ALA W 86 57.69 27.09 -24.83
C ALA W 86 58.49 26.11 -23.98
N GLN W 87 58.94 25.02 -24.62
CA GLN W 87 59.80 24.05 -23.99
C GLN W 87 61.16 24.06 -24.68
N THR W 88 62.22 24.24 -23.88
CA THR W 88 63.57 24.28 -24.41
C THR W 88 64.15 22.87 -24.44
N THR W 89 64.63 22.46 -25.61
CA THR W 89 65.22 21.14 -25.80
C THR W 89 66.62 21.29 -26.38
N THR W 90 67.37 20.19 -26.31
CA THR W 90 68.73 20.15 -26.85
C THR W 90 68.79 19.47 -28.22
N ASN W 91 67.73 18.78 -28.64
CA ASN W 91 67.71 18.17 -29.96
C ASN W 91 67.68 19.25 -31.04
N ALA W 92 68.38 19.00 -32.13
CA ALA W 92 68.52 19.97 -33.21
C ALA W 92 67.49 19.80 -34.32
N LEU W 93 66.55 18.86 -34.17
CA LEU W 93 65.58 18.59 -35.21
C LEU W 93 64.14 18.92 -34.83
N ASP W 94 63.84 19.07 -33.54
CA ASP W 94 62.52 19.46 -33.10
C ASP W 94 62.41 20.98 -33.08
N MET W 95 61.30 21.50 -33.59
CA MET W 95 61.16 22.93 -33.82
C MET W 95 59.76 23.37 -33.43
N MET W 96 59.61 24.69 -33.28
CA MET W 96 58.37 25.30 -32.88
C MET W 96 58.07 26.50 -33.76
N VAL W 97 56.79 26.65 -34.11
CA VAL W 97 56.37 27.86 -34.87
C VAL W 97 55.97 28.89 -33.82
N GLU W 98 56.73 29.95 -33.67
CA GLU W 98 56.38 31.01 -32.73
C GLU W 98 55.38 31.96 -33.36
N GLY W 99 54.16 31.53 -33.55
CA GLY W 99 53.13 32.41 -34.08
C GLY W 99 52.04 31.60 -34.73
N ASP W 100 51.46 32.08 -35.82
CA ASP W 100 50.41 31.40 -36.57
C ASP W 100 51.02 30.67 -37.75
N GLY W 101 50.71 29.39 -37.86
CA GLY W 101 51.24 28.56 -38.94
C GLY W 101 51.19 27.10 -38.59
N PHE W 102 51.23 26.28 -39.64
CA PHE W 102 51.18 24.83 -39.50
C PHE W 102 52.26 24.20 -40.35
N PHE W 103 53.03 23.28 -39.76
CA PHE W 103 53.90 22.44 -40.55
C PHE W 103 53.06 21.55 -41.47
N GLN W 104 53.54 21.35 -42.69
CA GLN W 104 52.83 20.53 -43.67
C GLN W 104 53.59 19.23 -43.90
N VAL W 105 52.88 18.12 -43.77
CA VAL W 105 53.47 16.79 -43.94
C VAL W 105 52.70 16.07 -45.05
N THR W 106 53.37 15.10 -45.66
CA THR W 106 52.83 14.34 -46.78
C THR W 106 52.25 13.03 -46.26
N LEU W 107 50.93 12.90 -46.29
CA LEU W 107 50.27 11.68 -45.85
C LEU W 107 50.50 10.57 -46.86
N PRO W 108 50.37 9.31 -46.43
CA PRO W 108 50.50 8.19 -47.38
C PRO W 108 49.49 8.26 -48.52
N ASP W 109 48.31 8.84 -48.28
CA ASP W 109 47.29 8.94 -49.32
C ASP W 109 47.71 9.87 -50.46
N GLY W 110 48.75 10.68 -50.25
CA GLY W 110 49.18 11.67 -51.22
C GLY W 110 48.73 13.08 -50.92
N ASN W 111 47.71 13.24 -50.09
CA ASN W 111 47.26 14.56 -49.68
C ASN W 111 48.18 15.11 -48.58
N ILE W 112 48.22 16.43 -48.49
CA ILE W 112 49.12 17.11 -47.55
C ILE W 112 48.38 17.34 -46.24
N GLY W 113 48.94 16.82 -45.15
CA GLY W 113 48.41 17.06 -43.83
C GLY W 113 49.16 18.19 -43.14
N TYR W 114 48.51 18.77 -42.13
CA TYR W 114 49.05 19.92 -41.42
C TYR W 114 49.12 19.62 -39.94
N THR W 115 50.23 20.02 -39.32
CA THR W 115 50.50 19.71 -37.92
C THR W 115 51.13 20.90 -37.24
N ARG W 116 50.99 20.95 -35.90
CA ARG W 116 51.68 21.92 -35.08
C ARG W 116 52.72 21.28 -34.18
N ASN W 117 52.68 19.97 -34.00
CA ASN W 117 53.75 19.26 -33.30
C ASN W 117 55.03 19.34 -34.14
N GLY W 118 56.13 19.75 -33.51
CA GLY W 118 57.39 19.92 -34.20
C GLY W 118 58.45 18.87 -33.93
N GLN W 119 58.10 17.75 -33.29
CA GLN W 119 59.08 16.70 -33.00
C GLN W 119 59.38 15.96 -34.29
N PHE W 120 60.47 16.34 -34.96
CA PHE W 120 60.86 15.76 -36.23
C PHE W 120 62.16 14.98 -36.09
N THR W 121 62.49 14.26 -37.15
CA THR W 121 63.73 13.49 -37.22
C THR W 121 64.04 13.24 -38.69
N LEU W 122 64.98 12.36 -38.95
CA LEU W 122 65.38 12.00 -40.30
C LEU W 122 65.11 10.53 -40.55
N ASN W 123 64.79 10.19 -41.80
CA ASN W 123 64.57 8.80 -42.18
C ASN W 123 65.90 8.21 -42.66
N GLY W 124 65.85 7.02 -43.25
CA GLY W 124 67.06 6.35 -43.68
C GLY W 124 67.82 7.11 -44.76
N GLU W 125 67.11 7.87 -45.59
CA GLU W 125 67.73 8.61 -46.67
C GLU W 125 68.05 10.06 -46.31
N GLY W 126 67.77 10.46 -45.07
CA GLY W 126 68.06 11.82 -44.64
C GLY W 126 66.91 12.79 -44.75
N THR W 127 65.80 12.40 -45.37
CA THR W 127 64.65 13.29 -45.49
C THR W 127 64.05 13.57 -44.12
N LEU W 128 63.69 14.83 -43.89
CA LEU W 128 63.07 15.22 -42.63
C LEU W 128 61.68 14.60 -42.53
N VAL W 129 61.43 13.84 -41.46
CA VAL W 129 60.15 13.18 -41.25
C VAL W 129 59.73 13.43 -39.81
N THR W 130 58.48 13.07 -39.52
CA THR W 130 57.97 13.17 -38.16
C THR W 130 58.54 12.05 -37.30
N SER W 131 58.68 12.33 -36.00
CA SER W 131 59.23 11.36 -35.08
C SER W 131 58.26 10.25 -34.72
N GLY W 132 57.00 10.35 -35.15
CA GLY W 132 55.99 9.36 -34.85
C GLY W 132 55.75 8.42 -36.01
N SER W 133 54.71 8.69 -36.79
CA SER W 133 54.36 7.82 -37.91
C SER W 133 55.42 7.80 -39.00
N GLY W 134 56.30 8.80 -39.05
CA GLY W 134 57.34 8.83 -40.05
C GLY W 134 56.99 9.50 -41.36
N TYR W 135 55.93 10.31 -41.39
CA TYR W 135 55.53 10.96 -42.62
C TYR W 135 56.55 12.03 -43.02
N PRO W 136 56.88 12.15 -44.30
CA PRO W 136 57.82 13.19 -44.73
C PRO W 136 57.25 14.58 -44.53
N VAL W 137 58.14 15.54 -44.34
CA VAL W 137 57.78 16.94 -44.15
C VAL W 137 57.94 17.66 -45.48
N GLU W 138 56.89 18.35 -45.92
CA GLU W 138 56.91 19.12 -47.17
C GLU W 138 57.30 20.57 -46.89
N PRO W 139 58.22 21.16 -47.66
CA PRO W 139 58.98 20.58 -48.77
C PRO W 139 60.04 19.61 -48.29
N GLU W 140 60.49 18.69 -49.14
CA GLU W 140 61.47 17.71 -48.70
C GLU W 140 62.83 18.36 -48.46
N ILE W 141 63.39 18.13 -47.28
CA ILE W 141 64.73 18.57 -46.92
C ILE W 141 65.58 17.32 -46.72
N VAL W 142 66.69 17.24 -47.43
CA VAL W 142 67.59 16.09 -47.36
C VAL W 142 68.88 16.54 -46.71
N ILE W 143 69.21 15.95 -45.57
CA ILE W 143 70.43 16.27 -44.84
C ILE W 143 71.53 15.34 -45.34
N PRO W 144 72.64 15.88 -45.87
CA PRO W 144 73.70 15.01 -46.38
C PRO W 144 74.41 14.26 -45.27
N GLU W 145 75.03 13.15 -45.65
CA GLU W 145 75.77 12.33 -44.70
C GLU W 145 77.08 12.98 -44.27
N ASP W 146 77.52 14.02 -44.94
CA ASP W 146 78.73 14.76 -44.56
C ASP W 146 78.45 15.86 -43.56
N ALA W 147 77.18 16.13 -43.25
CA ALA W 147 76.85 17.20 -42.32
C ALA W 147 77.24 16.84 -40.90
N ILE W 148 77.76 17.82 -40.17
CA ILE W 148 78.08 17.63 -38.76
C ILE W 148 77.10 18.36 -37.84
N SER W 149 76.37 19.35 -38.34
CA SER W 149 75.37 20.05 -37.54
C SER W 149 74.27 20.54 -38.47
N ILE W 150 73.09 20.75 -37.89
CA ILE W 150 71.92 21.21 -38.62
C ILE W 150 71.44 22.50 -37.97
N THR W 151 71.23 23.54 -38.78
CA THR W 151 70.76 24.84 -38.31
C THR W 151 69.52 25.23 -39.10
N VAL W 152 68.46 25.58 -38.38
CA VAL W 152 67.21 26.04 -39.00
C VAL W 152 67.03 27.50 -38.61
N GLY W 153 66.93 28.37 -39.61
CA GLY W 153 66.79 29.78 -39.37
C GLY W 153 65.39 30.17 -38.93
N THR W 154 65.23 31.45 -38.64
CA THR W 154 63.92 31.96 -38.24
C THR W 154 62.94 32.00 -39.41
N ASP W 155 63.42 31.82 -40.64
CA ASP W 155 62.57 31.79 -41.81
C ASP W 155 62.55 30.42 -42.50
N GLY W 156 62.91 29.37 -41.76
CA GLY W 156 62.89 28.02 -42.29
C GLY W 156 64.11 27.62 -43.09
N GLU W 157 65.09 28.50 -43.24
CA GLU W 157 66.29 28.19 -44.02
C GLU W 157 67.08 27.11 -43.32
N VAL W 158 67.08 25.90 -43.87
CA VAL W 158 67.79 24.77 -43.30
C VAL W 158 69.18 24.71 -43.92
N SER W 159 70.21 24.74 -43.08
CA SER W 159 71.59 24.71 -43.53
C SER W 159 72.36 23.69 -42.71
N VAL W 160 73.45 23.18 -43.30
CA VAL W 160 74.27 22.16 -42.68
C VAL W 160 75.73 22.61 -42.71
N ARG W 161 76.45 22.30 -41.64
CA ARG W 161 77.87 22.60 -41.52
C ARG W 161 78.66 21.41 -42.05
N VAL W 162 79.42 21.62 -43.12
CA VAL W 162 80.19 20.58 -43.79
C VAL W 162 81.66 20.82 -43.53
N ARG W 163 82.35 19.81 -43.01
CA ARG W 163 83.78 19.92 -42.74
C ARG W 163 84.55 20.07 -44.05
N GLY W 164 85.62 20.84 -44.00
CA GLY W 164 86.41 21.10 -45.18
C GLY W 164 85.84 22.15 -46.10
N GLN W 165 84.81 22.87 -45.68
CA GLN W 165 84.17 23.89 -46.51
C GLN W 165 83.65 25.00 -45.59
N GLN W 166 84.16 26.20 -45.79
CA GLN W 166 83.70 27.35 -45.02
C GLN W 166 82.32 27.76 -45.53
N ASP W 167 81.44 28.12 -44.58
CA ASP W 167 80.08 28.63 -44.82
C ASP W 167 79.12 27.46 -44.96
N ASN W 168 77.99 27.53 -44.25
CA ASN W 168 76.98 26.48 -44.32
C ASN W 168 76.28 26.52 -45.67
N GLN W 169 76.13 25.35 -46.29
CA GLN W 169 75.37 25.26 -47.53
C GLN W 169 73.91 24.95 -47.21
N VAL W 170 73.01 25.56 -48.00
CA VAL W 170 71.58 25.44 -47.77
C VAL W 170 71.05 24.25 -48.55
N VAL W 171 70.41 23.31 -47.85
CA VAL W 171 69.83 22.14 -48.48
C VAL W 171 68.36 22.32 -48.83
N GLY W 172 67.74 23.40 -48.38
CA GLY W 172 66.35 23.64 -48.65
C GLY W 172 65.81 24.73 -47.74
N GLN W 173 64.49 24.90 -47.81
CA GLN W 173 63.81 25.89 -46.99
C GLN W 173 62.42 25.39 -46.65
N LEU W 174 62.14 25.28 -45.36
CA LEU W 174 60.83 24.85 -44.89
C LEU W 174 59.80 25.94 -45.13
N THR W 175 58.55 25.51 -45.34
CA THR W 175 57.43 26.43 -45.49
C THR W 175 56.30 25.98 -44.57
N ILE W 176 55.49 26.96 -44.15
CA ILE W 176 54.34 26.69 -43.28
C ILE W 176 53.10 27.27 -43.93
N THR W 177 51.95 26.84 -43.43
CA THR W 177 50.65 27.24 -43.94
C THR W 177 49.80 27.81 -42.81
N ASP W 178 49.13 28.93 -43.07
CA ASP W 178 48.23 29.56 -42.12
C ASP W 178 46.80 29.46 -42.62
N PHE W 179 45.87 29.32 -41.68
CA PHE W 179 44.45 29.20 -41.99
C PHE W 179 43.69 30.32 -41.32
N VAL W 180 42.62 30.78 -42.00
CA VAL W 180 41.77 31.81 -41.44
C VAL W 180 41.10 31.31 -40.17
N ASN W 181 40.58 30.09 -40.20
CA ASN W 181 39.88 29.47 -39.08
C ASN W 181 40.52 28.12 -38.78
N PRO W 182 41.55 28.09 -37.93
CA PRO W 182 42.15 26.80 -37.55
C PRO W 182 41.17 25.86 -36.88
N GLY W 183 40.14 26.38 -36.21
CA GLY W 183 39.14 25.53 -35.60
C GLY W 183 38.30 24.75 -36.59
N GLY W 184 38.30 25.16 -37.86
CA GLY W 184 37.59 24.44 -38.89
C GLY W 184 38.29 23.21 -39.42
N LEU W 185 39.53 22.97 -38.98
CA LEU W 185 40.25 21.80 -39.41
C LEU W 185 39.66 20.54 -38.81
N GLU W 186 39.90 19.42 -39.48
CA GLU W 186 39.40 18.13 -39.01
C GLU W 186 40.55 17.33 -38.40
N PRO W 187 40.60 17.18 -37.08
CA PRO W 187 41.67 16.37 -36.48
C PRO W 187 41.50 14.90 -36.87
N ILE W 188 42.59 14.28 -37.30
CA ILE W 188 42.60 12.88 -37.69
C ILE W 188 43.54 12.07 -36.80
N GLY W 189 43.91 12.61 -35.64
CA GLY W 189 44.87 11.97 -34.78
C GLY W 189 46.30 12.22 -35.23
N GLN W 190 47.24 11.74 -34.41
CA GLN W 190 48.66 11.86 -34.70
C GLN W 190 49.10 13.32 -34.83
N ASN W 191 48.41 14.21 -34.13
CA ASN W 191 48.68 15.65 -34.18
C ASN W 191 48.54 16.20 -35.59
N LEU W 192 47.66 15.61 -36.40
CA LEU W 192 47.51 15.96 -37.79
C LEU W 192 46.11 16.50 -38.06
N TYR W 193 46.02 17.44 -38.99
CA TYR W 193 44.76 18.06 -39.37
C TYR W 193 44.55 17.92 -40.87
N LEU W 194 43.29 17.84 -41.27
CA LEU W 194 42.93 17.84 -42.69
C LEU W 194 42.15 19.09 -43.02
N PRO W 195 42.52 19.82 -44.06
CA PRO W 195 41.74 20.99 -44.46
C PRO W 195 40.31 20.62 -44.85
N THR W 196 39.37 21.45 -44.42
CA THR W 196 37.95 21.24 -44.68
C THR W 196 37.36 22.47 -45.35
N GLY W 197 36.04 22.43 -45.54
CA GLY W 197 35.37 23.55 -46.19
C GLY W 197 35.41 24.82 -45.36
N ALA W 198 35.15 24.71 -44.06
CA ALA W 198 35.14 25.86 -43.18
C ALA W 198 36.52 26.22 -42.64
N SER W 199 37.51 25.35 -42.84
CA SER W 199 38.86 25.64 -42.37
C SER W 199 39.43 26.87 -43.08
N GLY W 200 39.23 26.94 -44.39
CA GLY W 200 39.68 28.06 -45.17
C GLY W 200 40.49 27.58 -46.36
N ASP W 201 41.24 28.50 -46.96
CA ASP W 201 42.11 28.19 -48.08
C ASP W 201 43.55 28.17 -47.58
N PRO W 202 44.27 27.05 -47.73
CA PRO W 202 45.64 26.98 -47.22
C PRO W 202 46.52 28.07 -47.80
N GLN W 203 47.06 28.92 -46.91
CA GLN W 203 47.91 30.03 -47.30
C GLN W 203 49.36 29.68 -46.99
N GLU W 204 50.09 29.24 -48.01
CA GLU W 204 51.50 28.94 -47.86
C GLU W 204 52.32 30.22 -47.90
N GLY W 205 53.63 30.07 -47.75
CA GLY W 205 54.51 31.22 -47.82
C GLY W 205 55.76 30.98 -46.99
N VAL W 206 56.60 32.00 -46.94
CA VAL W 206 57.84 31.94 -46.17
C VAL W 206 57.49 31.97 -44.68
N PRO W 207 58.04 31.06 -43.86
CA PRO W 207 57.63 30.98 -42.46
C PRO W 207 58.19 32.13 -41.62
N GLY W 208 57.46 33.24 -41.57
CA GLY W 208 57.91 34.40 -40.82
C GLY W 208 57.47 35.71 -41.44
N LEU W 209 56.89 35.65 -42.63
CA LEU W 209 56.37 36.82 -43.32
C LEU W 209 54.89 36.64 -43.60
N ASP W 210 54.17 37.77 -43.60
CA ASP W 210 52.74 37.82 -43.93
C ASP W 210 51.92 36.96 -42.95
N GLY W 211 52.02 37.32 -41.67
CA GLY W 211 51.27 36.66 -40.62
C GLY W 211 51.77 35.29 -40.23
N LEU W 212 52.62 34.66 -41.05
CA LEU W 212 53.14 33.35 -40.72
C LEU W 212 54.14 33.43 -39.56
N GLY W 213 54.12 32.40 -38.72
CA GLY W 213 55.01 32.37 -37.58
C GLY W 213 56.44 32.03 -37.96
N GLU W 214 57.32 32.15 -36.98
CA GLU W 214 58.75 31.92 -37.17
C GLU W 214 59.14 30.56 -36.63
N ILE W 215 60.02 29.87 -37.35
CA ILE W 215 60.49 28.54 -36.95
C ILE W 215 61.54 28.70 -35.87
N ARG W 216 61.31 28.07 -34.72
CA ARG W 216 62.22 28.12 -33.58
C ARG W 216 62.85 26.74 -33.42
N GLN W 217 64.11 26.62 -33.81
CA GLN W 217 64.81 25.34 -33.71
C GLN W 217 65.10 25.00 -32.25
N SER W 218 65.21 23.69 -31.98
CA SER W 218 65.49 23.19 -30.63
C SER W 218 64.50 23.74 -29.62
N MET W 219 63.22 23.71 -30.00
CA MET W 219 62.16 24.28 -29.19
C MET W 219 60.88 23.52 -29.46
N LEU W 220 60.01 23.44 -28.46
CA LEU W 220 58.75 22.71 -28.58
C LEU W 220 57.61 23.57 -28.05
N GLU W 221 56.42 23.28 -28.55
CA GLU W 221 55.20 23.99 -28.17
C GLU W 221 54.38 23.09 -27.25
N ALA W 222 54.30 23.48 -25.99
CA ALA W 222 53.59 22.67 -25.00
C ALA W 222 52.07 22.76 -25.21
N SER W 223 51.36 21.83 -24.57
CA SER W 223 49.91 21.87 -24.60
C SER W 223 49.40 23.09 -23.84
N ASN W 224 48.28 23.63 -24.33
CA ASN W 224 47.70 24.84 -23.77
C ASN W 224 46.52 24.55 -22.85
N VAL W 225 46.32 23.28 -22.47
CA VAL W 225 45.21 22.94 -21.59
C VAL W 225 45.42 23.58 -20.23
N ASN W 226 44.32 23.99 -19.60
CA ASN W 226 44.33 24.53 -18.25
C ASN W 226 43.86 23.40 -17.33
N VAL W 227 44.80 22.74 -16.66
CA VAL W 227 44.46 21.58 -15.84
C VAL W 227 43.57 21.97 -14.68
N THR W 228 43.71 23.19 -14.15
CA THR W 228 42.83 23.66 -13.10
C THR W 228 41.40 23.82 -13.61
N GLU W 229 41.25 24.39 -14.81
CA GLU W 229 39.91 24.60 -15.36
C GLU W 229 39.19 23.27 -15.58
N GLU W 230 39.90 22.27 -16.09
CA GLU W 230 39.27 20.99 -16.37
C GLU W 230 38.76 20.32 -15.08
N LEU W 231 39.53 20.44 -13.99
CA LEU W 231 39.09 19.88 -12.72
C LEU W 231 37.85 20.60 -12.20
N VAL W 232 37.77 21.93 -12.40
CA VAL W 232 36.58 22.65 -12.04
C VAL W 232 35.43 22.30 -12.97
N ASN W 233 35.72 22.14 -14.27
CA ASN W 233 34.69 21.75 -15.22
C ASN W 233 34.13 20.37 -14.90
N MET W 234 34.95 19.49 -14.32
CA MET W 234 34.44 18.20 -13.87
C MET W 234 33.45 18.35 -12.73
N ILE W 235 33.65 19.37 -11.88
CA ILE W 235 32.77 19.56 -10.74
C ILE W 235 31.37 19.96 -11.20
N GLU W 236 31.29 20.94 -12.11
CA GLU W 236 29.97 21.40 -12.56
C GLU W 236 29.30 20.36 -13.46
N ALA W 237 30.09 19.64 -14.26
CA ALA W 237 29.51 18.61 -15.13
C ALA W 237 28.97 17.45 -14.31
N GLN W 238 29.69 17.04 -13.27
CA GLN W 238 29.24 15.92 -12.45
C GLN W 238 27.95 16.26 -11.71
N ARG W 239 27.88 17.45 -11.12
CA ARG W 239 26.71 17.81 -10.33
C ARG W 239 25.47 17.99 -11.20
N VAL W 240 25.61 18.63 -12.36
CA VAL W 240 24.48 18.80 -13.26
C VAL W 240 24.03 17.44 -13.79
N TYR W 241 24.98 16.54 -14.06
CA TYR W 241 24.62 15.19 -14.49
C TYR W 241 23.81 14.47 -13.42
N GLU W 242 24.21 14.60 -12.16
CA GLU W 242 23.48 13.95 -11.08
C GLU W 242 22.13 14.64 -10.84
N MET W 243 22.06 15.95 -11.10
CA MET W 243 20.79 16.66 -10.94
C MET W 243 19.75 16.16 -11.93
N ASN W 244 20.15 15.92 -13.18
CA ASN W 244 19.21 15.43 -14.18
C ASN W 244 18.71 14.03 -13.84
N SER W 245 19.53 13.23 -13.16
CA SER W 245 19.08 11.90 -12.75
C SER W 245 17.97 12.00 -11.71
N LYS W 246 18.00 13.04 -10.87
CA LYS W 246 17.00 13.19 -9.84
C LYS W 246 15.62 13.45 -10.42
N VAL W 247 15.54 14.22 -11.50
CA VAL W 247 14.27 14.46 -12.16
C VAL W 247 13.72 13.16 -12.74
N ILE W 248 14.60 12.34 -13.33
CA ILE W 248 14.16 11.06 -13.87
C ILE W 248 13.64 10.16 -12.76
N SER W 249 14.34 10.14 -11.61
CA SER W 249 13.87 9.33 -10.49
C SER W 249 12.54 9.83 -9.96
N SER W 250 12.37 11.16 -9.87
CA SER W 250 11.13 11.71 -9.35
C SER W 250 9.96 11.41 -10.27
N VAL W 251 10.16 11.53 -11.58
CA VAL W 251 9.11 11.19 -12.52
C VAL W 251 8.79 9.70 -12.46
N ASP W 252 9.81 8.87 -12.22
CA ASP W 252 9.58 7.43 -12.06
C ASP W 252 8.67 7.16 -10.86
N LYS W 253 8.90 7.85 -9.74
CA LYS W 253 8.08 7.63 -8.56
C LYS W 253 6.70 8.25 -8.71
N MET W 254 6.58 9.36 -9.45
CA MET W 254 5.27 9.95 -9.70
C MET W 254 4.39 9.01 -10.50
N MET W 255 4.93 8.39 -11.54
CA MET W 255 4.15 7.46 -12.34
C MET W 255 3.88 6.16 -11.59
N SER W 256 4.88 5.70 -10.81
CA SER W 256 4.68 4.48 -10.02
C SER W 256 3.61 4.68 -8.95
N PHE W 257 3.47 5.91 -8.44
CA PHE W 257 2.43 6.18 -7.45
C PHE W 257 1.04 6.14 -8.08
N VAL W 258 0.90 6.72 -9.27
CA VAL W 258 -0.42 6.87 -9.88
C VAL W 258 -0.99 5.52 -10.28
N ASN W 259 -0.21 4.71 -11.00
CA ASN W 259 -0.74 3.43 -11.45
C ASN W 259 -0.91 2.43 -10.32
N GLN W 260 -0.33 2.72 -9.16
CA GLN W 260 -0.58 1.92 -7.96
C GLN W 260 -1.77 2.44 -7.17
N GLN W 261 -1.94 3.77 -7.14
CA GLN W 261 -3.06 4.36 -6.40
C GLN W 261 -4.39 4.09 -7.09
N LEU W 262 -4.45 4.32 -8.40
CA LEU W 262 -5.70 4.19 -9.14
C LEU W 262 -6.06 2.73 -9.37
N ALA X 2 -94.59 -4.73 3.33
CA ALA X 2 -93.26 -5.26 3.16
C ALA X 2 -93.13 -6.02 1.83
N ILE X 3 -92.32 -7.08 1.84
CA ILE X 3 -91.99 -7.85 0.64
C ILE X 3 -91.54 -6.90 -0.46
N SER X 4 -90.39 -6.25 -0.25
CA SER X 4 -89.80 -5.38 -1.24
C SER X 4 -88.30 -5.57 -1.24
N PHE X 5 -87.71 -5.26 -2.39
CA PHE X 5 -86.25 -5.43 -2.57
C PHE X 5 -85.55 -4.47 -1.63
N ASP X 6 -86.05 -3.26 -1.41
CA ASP X 6 -85.30 -2.39 -0.46
C ASP X 6 -85.30 -3.05 0.92
N ASN X 7 -86.49 -3.34 1.46
CA ASN X 7 -86.60 -3.91 2.82
C ASN X 7 -85.90 -5.27 2.89
N ALA X 8 -85.57 -5.88 1.76
CA ALA X 8 -84.98 -7.23 1.80
C ALA X 8 -83.47 -7.14 1.71
N LEU X 9 -82.94 -6.26 0.86
CA LEU X 9 -81.49 -6.18 0.61
C LEU X 9 -80.83 -5.34 1.72
N GLY X 10 -81.54 -4.33 2.21
CA GLY X 10 -80.98 -3.55 3.29
C GLY X 10 -80.04 -2.46 2.77
N ILE X 11 -78.95 -2.24 3.49
CA ILE X 11 -77.95 -1.27 3.07
C ILE X 11 -76.76 -1.95 2.38
N HIS X 12 -76.87 -3.25 2.11
CA HIS X 12 -75.78 -3.97 1.48
C HIS X 12 -75.68 -3.70 -0.02
N GLN X 13 -76.67 -3.05 -0.61
CA GLN X 13 -76.61 -2.64 -2.01
C GLN X 13 -75.96 -1.27 -2.17
N HIS X 14 -76.23 -0.35 -1.25
CA HIS X 14 -75.57 0.95 -1.29
C HIS X 14 -74.13 0.87 -0.82
N THR X 15 -73.86 0.00 0.15
CA THR X 15 -72.50 -0.11 0.69
C THR X 15 -71.51 -0.58 -0.37
N VAL X 16 -71.93 -1.50 -1.24
CA VAL X 16 -71.04 -2.01 -2.28
C VAL X 16 -70.60 -0.88 -3.20
N GLY X 17 -71.54 -0.01 -3.60
CA GLY X 17 -71.18 1.09 -4.46
C GLY X 17 -70.19 2.05 -3.83
N VAL X 18 -70.36 2.30 -2.52
CA VAL X 18 -69.45 3.20 -1.82
C VAL X 18 -68.07 2.58 -1.69
N ARG X 19 -68.00 1.27 -1.44
CA ARG X 19 -66.71 0.60 -1.31
C ARG X 19 -65.95 0.63 -2.63
N GLU X 20 -66.66 0.48 -3.75
CA GLU X 20 -66.02 0.63 -5.05
C GLU X 20 -65.60 2.07 -5.30
N ARG X 21 -66.41 3.02 -4.83
CA ARG X 21 -66.03 4.43 -4.93
C ARG X 21 -64.76 4.71 -4.13
N ASN X 22 -64.67 4.14 -2.92
CA ASN X 22 -63.48 4.35 -2.09
C ASN X 22 -62.24 3.76 -2.74
N ALA X 23 -62.38 2.59 -3.37
CA ALA X 23 -61.24 1.97 -4.04
C ALA X 23 -60.76 2.81 -5.20
N GLU X 24 -61.69 3.47 -5.91
CA GLU X 24 -61.30 4.38 -6.97
C GLU X 24 -60.54 5.58 -6.42
N VAL X 25 -60.95 6.08 -5.25
CA VAL X 25 -60.24 7.20 -4.62
C VAL X 25 -58.87 6.77 -4.13
N ILE X 26 -58.80 5.60 -3.47
CA ILE X 26 -57.52 5.14 -2.95
C ILE X 26 -56.54 4.84 -4.07
N SER X 27 -57.01 4.19 -5.14
CA SER X 27 -56.14 3.89 -6.27
C SER X 27 -55.65 5.17 -6.93
N THR X 28 -56.48 6.21 -6.95
CA THR X 28 -56.06 7.49 -7.51
C THR X 28 -54.90 8.08 -6.73
N ASN X 29 -54.96 8.01 -5.39
CA ASN X 29 -53.88 8.52 -4.57
C ASN X 29 -52.58 7.75 -4.81
N ILE X 30 -52.68 6.43 -4.96
CA ILE X 30 -51.50 5.62 -5.21
C ILE X 30 -50.88 5.97 -6.56
N ALA X 31 -51.72 6.10 -7.59
CA ALA X 31 -51.21 6.46 -8.91
C ALA X 31 -50.60 7.86 -8.92
N GLN X 32 -51.24 8.81 -8.24
CA GLN X 32 -50.77 10.19 -8.19
C GLN X 32 -49.80 10.44 -7.05
N ALA X 33 -49.17 9.40 -6.51
CA ALA X 33 -48.24 9.58 -5.40
C ALA X 33 -47.04 10.41 -5.80
N ASN X 34 -46.50 10.18 -6.99
CA ASN X 34 -45.29 10.85 -7.43
C ASN X 34 -45.54 12.20 -8.09
N THR X 35 -46.79 12.55 -8.36
CA THR X 35 -47.08 13.84 -8.99
C THR X 35 -46.89 14.96 -7.97
N PRO X 36 -45.99 15.90 -8.21
CA PRO X 36 -45.82 17.00 -7.25
C PRO X 36 -47.03 17.92 -7.23
N GLY X 37 -47.32 18.46 -6.05
CA GLY X 37 -48.44 19.35 -5.87
C GLY X 37 -49.78 18.68 -5.72
N TYR X 38 -49.87 17.37 -5.93
CA TYR X 38 -51.11 16.64 -5.78
C TYR X 38 -51.40 16.39 -4.31
N LYS X 39 -52.62 16.68 -3.88
CA LYS X 39 -53.03 16.51 -2.50
C LYS X 39 -53.85 15.24 -2.35
N ALA X 40 -53.54 14.46 -1.33
CA ALA X 40 -54.23 13.19 -1.12
C ALA X 40 -55.71 13.42 -0.85
N ARG X 41 -56.55 12.58 -1.44
CA ARG X 41 -57.99 12.71 -1.36
C ARG X 41 -58.54 11.64 -0.42
N GLY X 42 -59.41 12.06 0.49
CA GLY X 42 -60.07 11.15 1.41
C GLY X 42 -61.55 11.09 1.13
N LEU X 43 -62.19 10.03 1.62
CA LEU X 43 -63.61 9.81 1.42
C LEU X 43 -64.26 9.46 2.74
N ASP X 44 -65.39 10.11 3.03
CA ASP X 44 -66.16 9.82 4.24
C ASP X 44 -67.17 8.74 3.92
N PHE X 45 -67.05 7.59 4.58
CA PHE X 45 -67.97 6.49 4.31
C PHE X 45 -69.37 6.80 4.81
N ALA X 46 -69.48 7.38 6.00
CA ALA X 46 -70.80 7.66 6.58
C ALA X 46 -71.59 8.62 5.73
N LYS X 47 -70.95 9.70 5.27
CA LYS X 47 -71.65 10.67 4.43
C LYS X 47 -71.99 10.08 3.07
N GLU X 48 -71.07 9.31 2.48
CA GLU X 48 -71.33 8.70 1.18
C GLU X 48 -72.48 7.70 1.25
N LEU X 49 -72.51 6.89 2.31
CA LEU X 49 -73.60 5.94 2.48
C LEU X 49 -74.93 6.64 2.66
N GLN X 50 -74.94 7.74 3.42
CA GLN X 50 -76.17 8.52 3.59
C GLN X 50 -76.63 9.11 2.25
N ALA X 51 -75.68 9.64 1.46
CA ALA X 51 -76.05 10.19 0.16
C ALA X 51 -76.57 9.11 -0.78
N ALA X 52 -75.94 7.93 -0.76
CA ALA X 52 -76.39 6.85 -1.63
C ALA X 52 -77.80 6.38 -1.26
N THR X 53 -78.09 6.30 0.05
CA THR X 53 -79.40 5.82 0.49
C THR X 53 -80.52 6.77 0.07
N SER X 54 -80.22 8.07 -0.05
CA SER X 54 -81.22 9.07 -0.41
C SER X 54 -80.56 10.07 -1.37
N GLY X 55 -80.77 9.86 -2.66
CA GLY X 55 -80.21 10.75 -3.66
C GLY X 55 -80.24 10.15 -5.06
N ASP X 77 -67.36 19.53 0.55
CA ASP X 77 -67.58 18.15 0.15
C ASP X 77 -66.25 17.42 0.02
N LYS X 78 -65.28 18.06 -0.61
CA LYS X 78 -63.96 17.46 -0.82
C LYS X 78 -63.24 17.35 0.51
N LEU X 79 -62.87 16.13 0.90
CA LEU X 79 -62.11 15.88 2.12
C LEU X 79 -60.67 15.55 1.76
N TYR X 80 -59.74 16.25 2.39
CA TYR X 80 -58.31 16.04 2.19
C TYR X 80 -57.69 15.40 3.41
N ARG X 81 -56.66 14.59 3.19
CA ARG X 81 -56.01 13.84 4.25
C ARG X 81 -54.82 14.62 4.77
N LEU X 82 -54.78 14.86 6.08
CA LEU X 82 -53.68 15.61 6.67
C LEU X 82 -52.42 14.78 6.69
N PRO X 83 -51.31 15.28 6.12
CA PRO X 83 -50.08 14.48 6.10
C PRO X 83 -49.50 14.30 7.49
N THR X 84 -48.88 13.14 7.69
CA THR X 84 -48.20 12.86 8.96
C THR X 84 -46.88 13.59 9.06
N GLN X 85 -46.21 13.83 7.94
CA GLN X 85 -44.92 14.50 7.88
C GLN X 85 -44.92 15.49 6.72
N PRO X 86 -44.08 16.53 6.81
CA PRO X 86 -44.03 17.50 5.71
C PRO X 86 -43.50 16.87 4.43
N ASP X 87 -43.93 17.43 3.30
CA ASP X 87 -43.42 17.00 2.01
C ASP X 87 -41.97 17.44 1.83
N THR X 88 -41.26 16.73 0.96
CA THR X 88 -39.87 17.03 0.68
C THR X 88 -39.68 18.17 -0.32
N GLY X 89 -40.73 18.92 -0.62
CA GLY X 89 -40.61 20.05 -1.51
C GLY X 89 -41.56 19.98 -2.70
N ASP X 90 -41.89 18.76 -3.13
CA ASP X 90 -42.79 18.59 -4.27
C ASP X 90 -44.18 19.13 -3.96
N GLY X 91 -44.65 18.93 -2.74
CA GLY X 91 -45.98 19.33 -2.34
C GLY X 91 -46.99 18.22 -2.26
N ASN X 92 -46.61 16.97 -2.55
CA ASN X 92 -47.52 15.84 -2.55
C ASN X 92 -47.64 15.29 -1.14
N THR X 93 -48.88 15.15 -0.67
CA THR X 93 -49.17 14.71 0.70
C THR X 93 -49.68 13.28 0.73
N VAL X 94 -49.34 12.48 -0.27
CA VAL X 94 -49.78 11.08 -0.34
C VAL X 94 -48.79 10.23 0.44
N ASP X 95 -49.28 9.59 1.50
CA ASP X 95 -48.47 8.67 2.31
C ASP X 95 -48.76 7.27 1.78
N LEU X 96 -47.87 6.77 0.92
CA LEU X 96 -48.11 5.50 0.25
C LEU X 96 -48.15 4.33 1.23
N ASP X 97 -47.55 4.47 2.41
CA ASP X 97 -47.68 3.43 3.43
C ASP X 97 -49.12 3.31 3.90
N LEU X 98 -49.80 4.44 4.10
CA LEU X 98 -51.19 4.43 4.53
C LEU X 98 -52.14 4.03 3.41
N GLU X 99 -51.86 4.43 2.17
CA GLU X 99 -52.75 4.13 1.06
C GLU X 99 -52.87 2.63 0.84
N ARG X 100 -51.76 1.90 0.91
CA ARG X 100 -51.82 0.45 0.75
C ARG X 100 -52.61 -0.19 1.88
N ASN X 101 -52.44 0.29 3.11
CA ASN X 101 -53.18 -0.27 4.23
C ASN X 101 -54.68 -0.04 4.09
N LEU X 102 -55.07 1.15 3.64
CA LEU X 102 -56.49 1.44 3.46
C LEU X 102 -57.06 0.66 2.28
N PHE X 103 -56.29 0.50 1.21
CA PHE X 103 -56.76 -0.28 0.06
C PHE X 103 -56.97 -1.74 0.45
N MET X 104 -56.06 -2.29 1.26
CA MET X 104 -56.23 -3.66 1.72
C MET X 104 -57.48 -3.81 2.58
N GLN X 105 -57.72 -2.85 3.48
CA GLN X 105 -58.92 -2.90 4.32
C GLN X 105 -60.18 -2.74 3.47
N ASN X 106 -60.15 -1.83 2.50
CA ASN X 106 -61.34 -1.59 1.68
C ASN X 106 -61.72 -2.83 0.88
N GLN X 107 -60.72 -3.57 0.39
CA GLN X 107 -61.00 -4.77 -0.39
C GLN X 107 -61.64 -5.86 0.47
N ILE X 108 -61.21 -5.99 1.72
CA ILE X 108 -61.77 -7.00 2.61
C ILE X 108 -63.23 -6.66 2.93
N ARG X 109 -63.48 -5.40 3.30
CA ARG X 109 -64.85 -5.00 3.63
C ARG X 109 -65.76 -5.04 2.42
N HIS X 110 -65.20 -4.79 1.23
CA HIS X 110 -66.00 -4.91 0.00
C HIS X 110 -66.36 -6.35 -0.28
N GLN X 111 -65.45 -7.29 0.01
CA GLN X 111 -65.74 -8.70 -0.18
C GLN X 111 -66.85 -9.16 0.77
N ALA X 112 -66.82 -8.67 2.01
CA ALA X 112 -67.89 -9.00 2.95
C ALA X 112 -69.23 -8.44 2.48
N SER X 113 -69.23 -7.23 1.93
CA SER X 113 -70.47 -6.62 1.47
C SER X 113 -71.07 -7.40 0.31
N LEU X 114 -70.23 -7.89 -0.61
CA LEU X 114 -70.72 -8.75 -1.69
C LEU X 114 -71.30 -10.04 -1.14
N ASP X 115 -70.64 -10.63 -0.14
CA ASP X 115 -71.17 -11.82 0.50
C ASP X 115 -72.49 -11.52 1.22
N PHE X 116 -72.55 -10.38 1.90
CA PHE X 116 -73.78 -9.99 2.58
C PHE X 116 -74.91 -9.74 1.56
N LEU X 117 -74.60 -9.00 0.49
CA LEU X 117 -75.62 -8.72 -0.52
C LEU X 117 -75.96 -9.96 -1.32
N GLY X 118 -74.97 -10.79 -1.64
CA GLY X 118 -75.24 -12.00 -2.38
C GLY X 118 -76.14 -12.96 -1.63
N SER X 119 -75.98 -13.02 -0.31
CA SER X 119 -76.82 -13.91 0.49
C SER X 119 -78.24 -13.40 0.60
N LYS X 120 -78.45 -12.09 0.40
CA LYS X 120 -79.81 -11.55 0.41
C LYS X 120 -80.62 -12.09 -0.76
N PHE X 121 -80.01 -12.16 -1.95
CA PHE X 121 -80.70 -12.68 -3.11
C PHE X 121 -80.91 -14.20 -3.01
N LYS X 122 -79.91 -14.91 -2.47
CA LYS X 122 -80.04 -16.36 -2.34
C LYS X 122 -81.16 -16.73 -1.39
N ASN X 123 -81.29 -16.01 -0.27
CA ASN X 123 -82.37 -16.28 0.67
C ASN X 123 -83.73 -15.92 0.07
N LEU X 124 -83.80 -14.83 -0.70
CA LEU X 124 -85.06 -14.47 -1.36
C LEU X 124 -85.44 -15.53 -2.38
N THR X 125 -84.49 -16.01 -3.17
CA THR X 125 -84.79 -17.08 -4.13
C THR X 125 -85.18 -18.37 -3.41
N LYS X 126 -84.54 -18.65 -2.28
CA LYS X 126 -84.85 -19.86 -1.53
C LYS X 126 -86.29 -19.84 -1.02
N ALA X 127 -86.75 -18.68 -0.54
CA ALA X 127 -88.10 -18.60 0.01
C ALA X 127 -89.16 -18.66 -1.08
N ILE X 128 -88.91 -17.99 -2.21
CA ILE X 128 -89.90 -17.95 -3.30
C ILE X 128 -89.98 -19.26 -4.06
N LYS X 129 -89.08 -20.20 -3.80
CA LYS X 129 -89.08 -21.49 -4.48
C LYS X 129 -89.08 -22.68 -3.53
N GLY X 130 -88.83 -22.46 -2.24
CA GLY X 130 -88.83 -23.56 -1.29
C GLY X 130 -87.79 -24.62 -1.57
N GLU X 131 -86.62 -24.21 -2.06
CA GLU X 131 -85.57 -25.15 -2.43
C GLU X 131 -84.34 -24.96 -1.55
N ALA Y 2 -66.30 -19.20 -40.66
CA ALA Y 2 -65.08 -18.98 -39.90
C ALA Y 2 -64.98 -19.96 -38.73
N ILE Y 3 -64.62 -19.43 -37.56
CA ILE Y 3 -64.47 -20.21 -36.33
C ILE Y 3 -63.47 -21.34 -36.58
N SER Y 4 -62.21 -20.98 -36.75
CA SER Y 4 -61.14 -21.96 -37.03
C SER Y 4 -59.95 -21.65 -36.13
N PHE Y 5 -59.06 -22.62 -35.89
CA PHE Y 5 -57.93 -22.40 -34.94
C PHE Y 5 -56.99 -21.34 -35.49
N ASP Y 6 -56.83 -21.28 -36.82
CA ASP Y 6 -55.95 -20.26 -37.45
C ASP Y 6 -56.40 -18.86 -37.05
N ASN Y 7 -57.71 -18.61 -37.05
CA ASN Y 7 -58.23 -17.26 -36.72
C ASN Y 7 -58.36 -17.09 -35.21
N ALA Y 8 -58.58 -18.19 -34.48
CA ALA Y 8 -58.81 -18.08 -33.02
C ALA Y 8 -57.48 -17.79 -32.33
N LEU Y 9 -56.42 -18.39 -32.83
CA LEU Y 9 -55.10 -18.24 -32.23
C LEU Y 9 -54.35 -17.03 -32.75
N GLY Y 10 -54.78 -16.48 -33.89
CA GLY Y 10 -54.03 -15.37 -34.45
C GLY Y 10 -52.64 -15.80 -34.90
N ILE Y 11 -51.69 -14.87 -34.83
CA ILE Y 11 -50.30 -15.18 -35.14
C ILE Y 11 -49.50 -15.58 -33.91
N HIS Y 12 -50.14 -15.64 -32.74
CA HIS Y 12 -49.42 -16.04 -31.53
C HIS Y 12 -48.99 -17.50 -31.57
N GLN Y 13 -49.56 -18.30 -32.46
CA GLN Y 13 -49.15 -19.69 -32.59
C GLN Y 13 -47.79 -19.81 -33.25
N HIS Y 14 -47.41 -18.83 -34.08
CA HIS Y 14 -46.12 -18.85 -34.76
C HIS Y 14 -45.04 -18.08 -34.03
N THR Y 15 -45.40 -17.05 -33.26
CA THR Y 15 -44.39 -16.21 -32.62
C THR Y 15 -43.58 -17.01 -31.60
N VAL Y 16 -44.22 -17.94 -30.89
CA VAL Y 16 -43.51 -18.74 -29.89
C VAL Y 16 -42.39 -19.53 -30.55
N GLY Y 17 -42.64 -20.06 -31.75
CA GLY Y 17 -41.60 -20.79 -32.46
C GLY Y 17 -40.44 -19.91 -32.89
N VAL Y 18 -40.73 -18.69 -33.34
CA VAL Y 18 -39.67 -17.80 -33.79
C VAL Y 18 -38.81 -17.36 -32.63
N ARG Y 19 -39.43 -17.11 -31.47
CA ARG Y 19 -38.65 -16.72 -30.29
C ARG Y 19 -37.77 -17.87 -29.81
N GLU Y 20 -38.18 -19.11 -30.07
CA GLU Y 20 -37.31 -20.24 -29.75
C GLU Y 20 -36.14 -20.31 -30.73
N ARG Y 21 -36.41 -20.13 -32.03
CA ARG Y 21 -35.33 -20.11 -33.01
C ARG Y 21 -34.36 -18.97 -32.74
N ASN Y 22 -34.89 -17.78 -32.39
CA ASN Y 22 -34.03 -16.65 -32.09
C ASN Y 22 -33.16 -16.93 -30.88
N ALA Y 23 -33.72 -17.57 -29.85
CA ALA Y 23 -32.92 -17.91 -28.67
C ALA Y 23 -31.82 -18.90 -29.01
N GLU Y 24 -32.10 -19.85 -29.91
CA GLU Y 24 -31.08 -20.81 -30.32
C GLU Y 24 -29.92 -20.12 -31.02
N VAL Y 25 -30.21 -19.16 -31.90
CA VAL Y 25 -29.16 -18.47 -32.64
C VAL Y 25 -28.28 -17.64 -31.70
N ILE Y 26 -28.91 -16.95 -30.74
CA ILE Y 26 -28.14 -16.16 -29.78
C ILE Y 26 -27.27 -17.07 -28.92
N SER Y 27 -27.80 -18.24 -28.55
CA SER Y 27 -27.00 -19.20 -27.80
C SER Y 27 -25.80 -19.68 -28.62
N THR Y 28 -26.01 -19.87 -29.92
CA THR Y 28 -24.89 -20.24 -30.79
C THR Y 28 -23.84 -19.13 -30.85
N ASN Y 29 -24.28 -17.88 -30.94
CA ASN Y 29 -23.33 -16.77 -31.05
C ASN Y 29 -22.46 -16.66 -29.80
N ILE Y 30 -23.06 -16.81 -28.61
CA ILE Y 30 -22.30 -16.71 -27.38
C ILE Y 30 -21.31 -17.84 -27.27
N ALA Y 31 -21.72 -19.06 -27.61
CA ALA Y 31 -20.83 -20.22 -27.53
C ALA Y 31 -19.67 -20.10 -28.52
N GLN Y 32 -19.95 -19.62 -29.73
CA GLN Y 32 -18.95 -19.50 -30.77
C GLN Y 32 -18.22 -18.16 -30.73
N ALA Y 33 -18.27 -17.46 -29.60
CA ALA Y 33 -17.62 -16.15 -29.51
C ALA Y 33 -16.11 -16.28 -29.56
N ASN Y 34 -15.56 -17.34 -28.98
CA ASN Y 34 -14.11 -17.51 -28.93
C ASN Y 34 -13.54 -18.24 -30.14
N THR Y 35 -14.35 -18.98 -30.89
CA THR Y 35 -13.83 -19.73 -32.03
C THR Y 35 -13.55 -18.78 -33.18
N PRO Y 36 -12.30 -18.69 -33.65
CA PRO Y 36 -12.00 -17.76 -34.74
C PRO Y 36 -12.63 -18.20 -36.06
N GLY Y 37 -12.90 -17.21 -36.90
CA GLY Y 37 -13.50 -17.44 -38.19
C GLY Y 37 -15.01 -17.55 -38.21
N TYR Y 38 -15.64 -17.67 -37.05
CA TYR Y 38 -17.09 -17.74 -36.98
C TYR Y 38 -17.69 -16.35 -37.15
N LYS Y 39 -18.70 -16.25 -38.01
CA LYS Y 39 -19.39 -15.00 -38.28
C LYS Y 39 -20.73 -15.02 -37.55
N ALA Y 40 -20.98 -13.97 -36.77
CA ALA Y 40 -22.21 -13.91 -35.98
C ALA Y 40 -23.43 -13.96 -36.89
N ARG Y 41 -24.39 -14.80 -36.52
CA ARG Y 41 -25.60 -15.01 -37.30
C ARG Y 41 -26.75 -14.28 -36.63
N GLY Y 42 -27.52 -13.54 -37.42
CA GLY Y 42 -28.72 -12.88 -36.93
C GLY Y 42 -29.93 -13.40 -37.65
N LEU Y 43 -31.07 -13.42 -36.95
CA LEU Y 43 -32.32 -13.90 -37.50
C LEU Y 43 -33.25 -12.72 -37.75
N ASP Y 44 -33.83 -12.67 -38.95
CA ASP Y 44 -34.74 -11.58 -39.30
C ASP Y 44 -36.16 -11.97 -38.91
N PHE Y 45 -36.75 -11.18 -38.00
CA PHE Y 45 -38.06 -11.51 -37.47
C PHE Y 45 -39.13 -11.49 -38.56
N ALA Y 46 -39.06 -10.50 -39.45
CA ALA Y 46 -40.08 -10.37 -40.49
C ALA Y 46 -40.05 -11.55 -41.46
N LYS Y 47 -38.90 -12.20 -41.61
CA LYS Y 47 -38.82 -13.35 -42.51
C LYS Y 47 -39.66 -14.52 -42.01
N GLU Y 48 -39.52 -14.86 -40.72
CA GLU Y 48 -40.36 -15.90 -40.15
C GLU Y 48 -41.82 -15.45 -40.03
N LEU Y 49 -42.07 -14.14 -39.97
CA LEU Y 49 -43.43 -13.64 -40.10
C LEU Y 49 -44.00 -13.96 -41.47
N GLN Y 50 -43.21 -13.75 -42.53
CA GLN Y 50 -43.64 -14.11 -43.86
C GLN Y 50 -43.76 -15.62 -44.02
N ALA Y 51 -42.83 -16.38 -43.43
CA ALA Y 51 -42.91 -17.84 -43.47
C ALA Y 51 -44.15 -18.34 -42.75
N ALA Y 52 -44.59 -17.62 -41.72
CA ALA Y 52 -45.80 -18.02 -41.00
C ALA Y 52 -47.05 -17.76 -41.84
N THR Y 53 -47.15 -16.56 -42.43
CA THR Y 53 -48.32 -16.21 -43.22
C THR Y 53 -48.22 -16.75 -44.64
N ASP Y 77 -33.52 -14.43 -43.76
CA ASP Y 77 -33.56 -15.52 -42.79
C ASP Y 77 -32.16 -16.07 -42.55
N LYS Y 78 -31.75 -16.09 -41.28
CA LYS Y 78 -30.41 -16.54 -40.87
C LYS Y 78 -29.33 -15.71 -41.56
N LEU Y 79 -29.36 -14.41 -41.26
CA LEU Y 79 -28.46 -13.45 -41.88
C LEU Y 79 -27.16 -13.34 -41.09
N TYR Y 80 -26.31 -12.40 -41.49
CA TYR Y 80 -25.05 -12.13 -40.83
C TYR Y 80 -25.08 -10.74 -40.19
N ARG Y 81 -24.42 -10.61 -39.05
CA ARG Y 81 -24.37 -9.34 -38.32
C ARG Y 81 -23.08 -8.61 -38.65
N LEU Y 82 -23.22 -7.39 -39.15
CA LEU Y 82 -22.04 -6.59 -39.47
C LEU Y 82 -21.45 -6.01 -38.19
N PRO Y 83 -20.14 -6.17 -37.96
CA PRO Y 83 -19.56 -5.73 -36.69
C PRO Y 83 -19.50 -4.20 -36.59
N THR Y 84 -19.55 -3.72 -35.35
CA THR Y 84 -19.34 -2.31 -35.08
C THR Y 84 -17.88 -1.98 -34.80
N GLN Y 85 -17.08 -2.99 -34.47
CA GLN Y 85 -15.65 -2.85 -34.26
C GLN Y 85 -14.90 -3.88 -35.09
N PRO Y 86 -13.66 -3.59 -35.46
CA PRO Y 86 -12.87 -4.56 -36.24
C PRO Y 86 -12.50 -5.77 -35.39
N ASP Y 87 -12.17 -6.85 -36.09
CA ASP Y 87 -11.71 -8.06 -35.41
C ASP Y 87 -10.29 -7.84 -34.89
N THR Y 88 -9.74 -8.86 -34.25
CA THR Y 88 -8.38 -8.80 -33.73
C THR Y 88 -7.53 -9.94 -34.27
N GLY Y 89 -7.82 -10.36 -35.52
CA GLY Y 89 -7.16 -11.47 -36.13
C GLY Y 89 -7.94 -12.77 -36.10
N ASP Y 90 -8.93 -12.88 -35.22
CA ASP Y 90 -9.76 -14.08 -35.18
C ASP Y 90 -10.74 -14.13 -36.33
N GLY Y 91 -11.25 -12.98 -36.75
CA GLY Y 91 -12.34 -12.94 -37.70
C GLY Y 91 -13.70 -13.16 -37.09
N ASN Y 92 -13.78 -13.24 -35.76
CA ASN Y 92 -15.04 -13.52 -35.07
C ASN Y 92 -15.77 -12.20 -34.83
N THR Y 93 -17.02 -12.13 -35.31
CA THR Y 93 -17.80 -10.90 -35.28
C THR Y 93 -18.90 -10.94 -34.22
N VAL Y 94 -18.64 -11.60 -33.09
CA VAL Y 94 -19.62 -11.73 -32.01
C VAL Y 94 -19.30 -10.70 -30.93
N ASP Y 95 -20.27 -9.86 -30.61
CA ASP Y 95 -20.16 -8.90 -29.51
C ASP Y 95 -20.97 -9.43 -28.34
N LEU Y 96 -20.28 -9.83 -27.27
CA LEU Y 96 -20.96 -10.48 -26.16
C LEU Y 96 -21.86 -9.51 -25.40
N ASP Y 97 -21.56 -8.22 -25.45
CA ASP Y 97 -22.47 -7.23 -24.87
C ASP Y 97 -23.81 -7.23 -25.61
N LEU Y 98 -23.78 -7.30 -26.94
CA LEU Y 98 -25.00 -7.29 -27.73
C LEU Y 98 -25.79 -8.59 -27.52
N GLU Y 99 -25.10 -9.72 -27.50
CA GLU Y 99 -25.79 -11.01 -27.43
C GLU Y 99 -26.57 -11.16 -26.13
N ARG Y 100 -25.96 -10.75 -25.00
CA ARG Y 100 -26.65 -10.86 -23.72
C ARG Y 100 -27.93 -10.02 -23.70
N ASN Y 101 -27.86 -8.80 -24.22
CA ASN Y 101 -29.05 -7.95 -24.27
C ASN Y 101 -30.10 -8.52 -25.20
N LEU Y 102 -29.69 -9.06 -26.35
CA LEU Y 102 -30.66 -9.64 -27.29
C LEU Y 102 -31.23 -10.94 -26.76
N PHE Y 103 -30.49 -11.67 -25.92
CA PHE Y 103 -31.04 -12.88 -25.31
C PHE Y 103 -32.02 -12.52 -24.19
N MET Y 104 -31.73 -11.46 -23.44
CA MET Y 104 -32.65 -11.01 -22.41
C MET Y 104 -33.97 -10.52 -23.00
N GLN Y 105 -33.89 -9.74 -24.08
CA GLN Y 105 -35.11 -9.24 -24.70
C GLN Y 105 -35.94 -10.37 -25.28
N ASN Y 106 -35.30 -11.33 -25.94
CA ASN Y 106 -36.03 -12.44 -26.55
C ASN Y 106 -36.72 -13.29 -25.49
N GLN Y 107 -36.06 -13.52 -24.36
CA GLN Y 107 -36.65 -14.34 -23.31
C GLN Y 107 -37.86 -13.66 -22.69
N ILE Y 108 -37.80 -12.34 -22.49
CA ILE Y 108 -38.94 -11.61 -21.95
C ILE Y 108 -40.11 -11.65 -22.92
N ARG Y 109 -39.83 -11.42 -24.21
CA ARG Y 109 -40.90 -11.44 -25.20
C ARG Y 109 -41.44 -12.85 -25.41
N HIS Y 110 -40.60 -13.87 -25.22
CA HIS Y 110 -41.07 -15.25 -25.36
C HIS Y 110 -42.11 -15.59 -24.30
N GLN Y 111 -41.90 -15.12 -23.06
CA GLN Y 111 -42.87 -15.37 -22.00
C GLN Y 111 -44.19 -14.67 -22.28
N ALA Y 112 -44.13 -13.46 -22.84
CA ALA Y 112 -45.35 -12.74 -23.19
C ALA Y 112 -46.13 -13.47 -24.28
N SER Y 113 -45.42 -14.05 -25.26
CA SER Y 113 -46.09 -14.80 -26.31
C SER Y 113 -46.79 -16.03 -25.74
N LEU Y 114 -46.16 -16.70 -24.78
CA LEU Y 114 -46.81 -17.82 -24.10
C LEU Y 114 -48.06 -17.35 -23.36
N ASP Y 115 -47.98 -16.19 -22.71
CA ASP Y 115 -49.15 -15.65 -22.02
C ASP Y 115 -50.26 -15.32 -23.00
N PHE Y 116 -49.91 -14.73 -24.15
CA PHE Y 116 -50.91 -14.39 -25.15
C PHE Y 116 -51.55 -15.64 -25.73
N LEU Y 117 -50.72 -16.60 -26.17
CA LEU Y 117 -51.24 -17.81 -26.78
C LEU Y 117 -51.92 -18.72 -25.76
N GLY Y 118 -51.43 -18.72 -24.52
CA GLY Y 118 -52.07 -19.52 -23.49
C GLY Y 118 -53.48 -19.05 -23.17
N SER Y 119 -53.68 -17.73 -23.12
CA SER Y 119 -54.99 -17.18 -22.82
C SER Y 119 -55.97 -17.34 -23.99
N LYS Y 120 -55.46 -17.61 -25.20
CA LYS Y 120 -56.36 -17.87 -26.32
C LYS Y 120 -57.19 -19.13 -26.10
N PHE Y 121 -56.56 -20.17 -25.57
CA PHE Y 121 -57.29 -21.41 -25.27
C PHE Y 121 -58.13 -21.26 -24.00
N LYS Y 122 -57.65 -20.50 -23.02
CA LYS Y 122 -58.42 -20.31 -21.79
C LYS Y 122 -59.73 -19.60 -22.06
N ASN Y 123 -59.71 -18.56 -22.91
CA ASN Y 123 -60.94 -17.93 -23.33
C ASN Y 123 -61.76 -18.85 -24.21
N LEU Y 124 -61.10 -19.61 -25.09
CA LEU Y 124 -61.81 -20.52 -25.99
C LEU Y 124 -62.53 -21.62 -25.21
N THR Y 125 -61.88 -22.16 -24.17
CA THR Y 125 -62.52 -23.21 -23.37
C THR Y 125 -63.68 -22.65 -22.56
N LYS Y 126 -63.56 -21.42 -22.07
CA LYS Y 126 -64.63 -20.82 -21.28
C LYS Y 126 -65.86 -20.54 -22.14
N ALA Y 127 -65.66 -20.18 -23.40
CA ALA Y 127 -66.79 -19.97 -24.30
C ALA Y 127 -67.55 -21.27 -24.55
N ILE Y 128 -66.82 -22.38 -24.75
CA ILE Y 128 -67.47 -23.64 -25.06
C ILE Y 128 -68.18 -24.21 -23.84
N LYS Y 129 -67.48 -24.27 -22.70
CA LYS Y 129 -68.06 -24.86 -21.51
C LYS Y 129 -69.05 -23.93 -20.81
N GLY Y 130 -68.95 -22.63 -21.05
CA GLY Y 130 -69.82 -21.69 -20.37
C GLY Y 130 -69.56 -21.53 -18.89
N GLU Y 131 -68.43 -22.01 -18.41
CA GLU Y 131 -68.10 -21.95 -16.99
C GLU Y 131 -66.61 -21.81 -16.76
N ALA Z 2 -60.24 -51.97 -28.26
CA ALA Z 2 -59.01 -51.19 -28.36
C ALA Z 2 -58.83 -50.30 -27.14
N ILE Z 3 -59.88 -50.20 -26.33
CA ILE Z 3 -59.86 -49.38 -25.12
C ILE Z 3 -59.07 -50.14 -24.07
N SER Z 4 -57.82 -49.75 -23.84
CA SER Z 4 -56.97 -50.43 -22.83
C SER Z 4 -55.95 -49.43 -22.30
N PHE Z 5 -55.41 -49.66 -21.11
CA PHE Z 5 -54.50 -48.66 -20.50
C PHE Z 5 -53.23 -48.54 -21.34
N ASP Z 6 -52.73 -49.65 -21.88
CA ASP Z 6 -51.51 -49.62 -22.71
C ASP Z 6 -51.74 -48.70 -23.91
N ASN Z 7 -52.89 -48.80 -24.56
CA ASN Z 7 -53.21 -47.99 -25.76
C ASN Z 7 -53.49 -46.54 -25.35
N ALA Z 8 -54.08 -46.31 -24.19
CA ALA Z 8 -54.47 -44.94 -23.78
C ALA Z 8 -53.28 -44.20 -23.17
N LEU Z 9 -52.44 -44.91 -22.40
CA LEU Z 9 -51.36 -44.18 -21.70
C LEU Z 9 -50.12 -44.06 -22.60
N GLY Z 10 -50.03 -44.83 -23.68
CA GLY Z 10 -48.91 -44.72 -24.59
C GLY Z 10 -47.61 -45.11 -23.92
N ILE Z 11 -46.51 -44.47 -24.36
CA ILE Z 11 -45.20 -44.74 -23.79
C ILE Z 11 -44.92 -43.89 -22.55
N HIS Z 12 -45.82 -42.97 -22.20
CA HIS Z 12 -45.57 -42.09 -21.07
C HIS Z 12 -45.66 -42.81 -19.73
N GLN Z 13 -46.32 -43.96 -19.68
CA GLN Z 13 -46.33 -44.76 -18.47
C GLN Z 13 -44.99 -45.42 -18.19
N HIS Z 14 -44.14 -45.53 -19.21
CA HIS Z 14 -42.81 -46.11 -19.05
C HIS Z 14 -41.70 -45.08 -19.01
N THR Z 15 -41.88 -43.92 -19.66
CA THR Z 15 -40.82 -42.93 -19.73
C THR Z 15 -40.51 -42.34 -18.35
N VAL Z 16 -41.54 -42.18 -17.51
CA VAL Z 16 -41.34 -41.59 -16.19
C VAL Z 16 -40.39 -42.46 -15.36
N GLY Z 17 -40.60 -43.77 -15.39
CA GLY Z 17 -39.71 -44.66 -14.65
C GLY Z 17 -38.30 -44.65 -15.19
N VAL Z 18 -38.13 -44.51 -16.50
CA VAL Z 18 -36.80 -44.52 -17.10
C VAL Z 18 -36.04 -43.25 -16.72
N ARG Z 19 -36.72 -42.10 -16.76
CA ARG Z 19 -36.06 -40.85 -16.40
C ARG Z 19 -35.77 -40.76 -14.91
N GLU Z 20 -36.58 -41.44 -14.09
CA GLU Z 20 -36.23 -41.58 -12.68
C GLU Z 20 -34.95 -42.42 -12.53
N ARG Z 21 -34.83 -43.49 -13.31
CA ARG Z 21 -33.61 -44.29 -13.29
C ARG Z 21 -32.41 -43.47 -13.74
N ASN Z 22 -32.59 -42.64 -14.78
CA ASN Z 22 -31.49 -41.81 -15.26
C ASN Z 22 -31.06 -40.81 -14.20
N ALA Z 23 -32.01 -40.24 -13.46
CA ALA Z 23 -31.68 -39.31 -12.39
C ALA Z 23 -30.85 -39.98 -11.31
N GLU Z 24 -31.19 -41.23 -10.97
CA GLU Z 24 -30.39 -41.96 -9.99
C GLU Z 24 -28.98 -42.21 -10.51
N VAL Z 25 -28.85 -42.56 -11.80
CA VAL Z 25 -27.53 -42.82 -12.37
C VAL Z 25 -26.71 -41.53 -12.42
N ILE Z 26 -27.34 -40.41 -12.74
CA ILE Z 26 -26.63 -39.14 -12.76
C ILE Z 26 -26.26 -38.70 -11.35
N SER Z 27 -27.19 -38.89 -10.40
CA SER Z 27 -26.95 -38.42 -9.03
C SER Z 27 -25.79 -39.17 -8.39
N THR Z 28 -25.70 -40.48 -8.63
CA THR Z 28 -24.61 -41.26 -8.04
C THR Z 28 -23.28 -40.92 -8.69
N ASN Z 29 -23.31 -40.36 -9.91
CA ASN Z 29 -22.07 -39.87 -10.52
C ASN Z 29 -21.62 -38.57 -9.86
N ILE Z 30 -22.58 -37.69 -9.54
CA ILE Z 30 -22.25 -36.44 -8.85
C ILE Z 30 -21.73 -36.71 -7.45
N ALA Z 31 -22.39 -37.63 -6.73
CA ALA Z 31 -21.97 -37.94 -5.36
C ALA Z 31 -20.60 -38.62 -5.34
N GLN Z 32 -20.33 -39.50 -6.30
CA GLN Z 32 -19.08 -40.24 -6.37
C GLN Z 32 -18.04 -39.53 -7.25
N ALA Z 33 -18.10 -38.21 -7.35
CA ALA Z 33 -17.19 -37.48 -8.22
C ALA Z 33 -15.75 -37.57 -7.71
N ASN Z 34 -15.56 -37.58 -6.40
CA ASN Z 34 -14.22 -37.59 -5.82
C ASN Z 34 -13.69 -38.98 -5.55
N THR Z 35 -14.51 -40.02 -5.68
CA THR Z 35 -14.05 -41.37 -5.41
C THR Z 35 -13.11 -41.84 -6.52
N PRO Z 36 -11.86 -42.16 -6.21
CA PRO Z 36 -10.94 -42.61 -7.26
C PRO Z 36 -11.26 -44.03 -7.70
N GLY Z 37 -11.03 -44.30 -8.99
CA GLY Z 37 -11.36 -45.59 -9.55
C GLY Z 37 -12.80 -45.74 -10.01
N TYR Z 38 -13.64 -44.74 -9.76
CA TYR Z 38 -15.04 -44.78 -10.14
C TYR Z 38 -15.20 -44.27 -11.57
N LYS Z 39 -15.79 -45.09 -12.44
CA LYS Z 39 -16.04 -44.72 -13.81
C LYS Z 39 -17.46 -44.19 -13.94
N ALA Z 40 -17.60 -43.01 -14.55
CA ALA Z 40 -18.91 -42.41 -14.72
C ALA Z 40 -19.81 -43.33 -15.54
N ARG Z 41 -21.03 -43.52 -15.07
CA ARG Z 41 -21.98 -44.43 -15.70
C ARG Z 41 -23.04 -43.64 -16.45
N GLY Z 42 -23.51 -44.21 -17.55
CA GLY Z 42 -24.54 -43.58 -18.35
C GLY Z 42 -25.57 -44.61 -18.76
N LEU Z 43 -26.80 -44.15 -18.91
CA LEU Z 43 -27.94 -45.00 -19.23
C LEU Z 43 -28.47 -44.61 -20.60
N ASP Z 44 -28.50 -45.57 -21.53
CA ASP Z 44 -29.02 -45.29 -22.85
C ASP Z 44 -30.55 -45.21 -22.79
N PHE Z 45 -31.10 -44.09 -23.27
CA PHE Z 45 -32.53 -43.88 -23.17
C PHE Z 45 -33.30 -44.73 -24.17
N ALA Z 46 -32.79 -44.84 -25.40
CA ALA Z 46 -33.50 -45.60 -26.43
C ALA Z 46 -33.58 -47.08 -26.07
N LYS Z 47 -32.48 -47.64 -25.56
CA LYS Z 47 -32.47 -49.05 -25.19
C LYS Z 47 -33.36 -49.31 -23.98
N GLU Z 48 -33.27 -48.45 -22.96
CA GLU Z 48 -34.04 -48.66 -21.74
C GLU Z 48 -35.53 -48.51 -21.99
N LEU Z 49 -35.92 -47.55 -22.83
CA LEU Z 49 -37.34 -47.39 -23.16
C LEU Z 49 -37.86 -48.61 -23.92
N GLN Z 50 -37.08 -49.12 -24.88
CA GLN Z 50 -37.50 -50.31 -25.62
C GLN Z 50 -37.61 -51.52 -24.71
N ALA Z 51 -36.67 -51.68 -23.78
CA ALA Z 51 -36.74 -52.80 -22.84
C ALA Z 51 -37.97 -52.71 -21.97
N ALA Z 52 -38.31 -51.51 -21.50
CA ALA Z 52 -39.50 -51.33 -20.68
C ALA Z 52 -40.77 -51.61 -21.48
N THR Z 53 -40.81 -51.18 -22.75
CA THR Z 53 -42.01 -51.34 -23.56
C THR Z 53 -42.33 -52.81 -23.78
N SER Z 54 -41.33 -53.62 -24.12
CA SER Z 54 -41.53 -55.05 -24.37
C SER Z 54 -40.55 -55.80 -23.48
N GLY Z 55 -41.05 -56.32 -22.36
CA GLY Z 55 -40.22 -57.09 -21.44
C GLY Z 55 -39.98 -58.51 -21.90
N ASP Z 77 -27.23 -52.75 -16.02
CA ASP Z 77 -26.84 -52.76 -17.43
C ASP Z 77 -26.64 -51.33 -17.94
N LYS Z 78 -26.05 -50.49 -17.09
CA LYS Z 78 -25.76 -49.11 -17.46
C LYS Z 78 -24.40 -49.01 -18.14
N LEU Z 79 -24.34 -48.20 -19.19
CA LEU Z 79 -23.13 -48.10 -19.99
C LEU Z 79 -22.09 -47.19 -19.30
N TYR Z 80 -20.91 -47.12 -19.92
CA TYR Z 80 -19.82 -46.30 -19.41
C TYR Z 80 -19.67 -45.05 -20.27
N ARG Z 81 -19.40 -43.94 -19.60
CA ARG Z 81 -19.30 -42.64 -20.25
C ARG Z 81 -17.83 -42.33 -20.54
N LEU Z 82 -17.50 -42.12 -21.80
CA LEU Z 82 -16.11 -41.91 -22.17
C LEU Z 82 -15.66 -40.51 -21.76
N PRO Z 83 -14.48 -40.38 -21.15
CA PRO Z 83 -14.01 -39.06 -20.70
C PRO Z 83 -13.51 -38.20 -21.86
N THR Z 84 -13.82 -36.91 -21.78
CA THR Z 84 -13.33 -35.95 -22.76
C THR Z 84 -11.87 -35.57 -22.51
N GLN Z 85 -11.38 -35.75 -21.30
CA GLN Z 85 -10.01 -35.46 -20.92
C GLN Z 85 -9.52 -36.53 -19.97
N PRO Z 86 -8.21 -36.80 -19.94
CA PRO Z 86 -7.70 -37.85 -19.05
C PRO Z 86 -7.87 -37.45 -17.58
N ASP Z 87 -8.03 -38.48 -16.75
CA ASP Z 87 -8.08 -38.24 -15.31
C ASP Z 87 -6.70 -37.83 -14.81
N THR Z 88 -6.70 -37.10 -13.70
CA THR Z 88 -5.48 -36.51 -13.14
C THR Z 88 -4.70 -37.47 -12.27
N GLY Z 89 -4.94 -38.77 -12.41
CA GLY Z 89 -4.21 -39.78 -11.64
C GLY Z 89 -5.05 -40.54 -10.64
N ASP Z 90 -6.34 -40.24 -10.51
CA ASP Z 90 -7.20 -40.98 -9.60
C ASP Z 90 -8.01 -42.07 -10.28
N GLY Z 91 -8.06 -42.07 -11.61
CA GLY Z 91 -8.85 -43.03 -12.34
C GLY Z 91 -10.33 -42.71 -12.45
N ASN Z 92 -10.80 -41.66 -11.77
CA ASN Z 92 -12.19 -41.29 -11.82
C ASN Z 92 -12.46 -40.47 -13.07
N THR Z 93 -13.46 -40.89 -13.85
CA THR Z 93 -13.79 -40.24 -15.12
C THR Z 93 -15.13 -39.52 -15.07
N VAL Z 94 -15.45 -38.92 -13.92
CA VAL Z 94 -16.68 -38.16 -13.77
C VAL Z 94 -16.39 -36.70 -14.06
N ASP Z 95 -17.05 -36.16 -15.09
CA ASP Z 95 -16.96 -34.75 -15.44
C ASP Z 95 -18.12 -34.04 -14.76
N LEU Z 96 -17.87 -33.52 -13.55
CA LEU Z 96 -18.93 -32.92 -12.75
C LEU Z 96 -19.57 -31.74 -13.47
N ASP Z 97 -18.83 -31.08 -14.36
CA ASP Z 97 -19.40 -30.03 -15.18
C ASP Z 97 -20.48 -30.59 -16.11
N LEU Z 98 -20.24 -31.75 -16.68
CA LEU Z 98 -21.21 -32.38 -17.58
C LEU Z 98 -22.37 -33.00 -16.82
N GLU Z 99 -22.10 -33.58 -15.64
CA GLU Z 99 -23.14 -34.28 -14.91
C GLU Z 99 -24.26 -33.34 -14.49
N ARG Z 100 -23.92 -32.12 -14.08
CA ARG Z 100 -24.94 -31.15 -13.70
C ARG Z 100 -25.85 -30.82 -14.89
N ASN Z 101 -25.28 -30.71 -16.08
CA ASN Z 101 -26.06 -30.38 -17.27
C ASN Z 101 -27.06 -31.49 -17.60
N LEU Z 102 -26.63 -32.75 -17.48
CA LEU Z 102 -27.52 -33.86 -17.79
C LEU Z 102 -28.61 -34.00 -16.73
N PHE Z 103 -28.28 -33.75 -15.47
CA PHE Z 103 -29.29 -33.84 -14.41
C PHE Z 103 -30.36 -32.78 -14.60
N MET Z 104 -29.97 -31.58 -15.00
CA MET Z 104 -30.94 -30.52 -15.25
C MET Z 104 -31.86 -30.88 -16.42
N GLN Z 105 -31.27 -31.39 -17.51
CA GLN Z 105 -32.09 -31.78 -18.66
C GLN Z 105 -33.04 -32.91 -18.31
N ASN Z 106 -32.56 -33.93 -17.59
CA ASN Z 106 -33.42 -35.05 -17.23
C ASN Z 106 -34.55 -34.62 -16.33
N GLN Z 107 -34.29 -33.67 -15.42
CA GLN Z 107 -35.33 -33.19 -14.52
C GLN Z 107 -36.45 -32.49 -15.29
N ILE Z 108 -36.08 -31.69 -16.29
CA ILE Z 108 -37.10 -31.00 -17.09
C ILE Z 108 -37.88 -31.98 -17.93
N ARG Z 109 -37.19 -32.94 -18.56
CA ARG Z 109 -37.88 -33.95 -19.36
C ARG Z 109 -38.71 -34.89 -18.50
N HIS Z 110 -38.28 -35.13 -17.26
CA HIS Z 110 -39.08 -35.93 -16.34
C HIS Z 110 -40.41 -35.22 -16.02
N GLN Z 111 -40.36 -33.91 -15.79
CA GLN Z 111 -41.57 -33.16 -15.52
C GLN Z 111 -42.49 -33.13 -16.74
N ALA Z 112 -41.91 -32.99 -17.93
CA ALA Z 112 -42.71 -32.97 -19.15
C ALA Z 112 -43.44 -34.30 -19.35
N SER Z 113 -42.77 -35.41 -19.03
CA SER Z 113 -43.43 -36.71 -19.13
C SER Z 113 -44.54 -36.84 -18.09
N LEU Z 114 -44.35 -36.26 -16.91
CA LEU Z 114 -45.41 -36.27 -15.89
C LEU Z 114 -46.64 -35.50 -16.38
N ASP Z 115 -46.42 -34.36 -17.05
CA ASP Z 115 -47.54 -33.60 -17.58
C ASP Z 115 -48.25 -34.36 -18.70
N PHE Z 116 -47.47 -35.08 -19.53
CA PHE Z 116 -48.09 -35.89 -20.58
C PHE Z 116 -48.87 -37.05 -20.00
N LEU Z 117 -48.27 -37.78 -19.07
CA LEU Z 117 -48.94 -38.93 -18.46
C LEU Z 117 -50.13 -38.49 -17.62
N GLY Z 118 -50.00 -37.38 -16.90
CA GLY Z 118 -51.09 -36.91 -16.07
C GLY Z 118 -52.31 -36.53 -16.88
N SER Z 119 -52.10 -35.97 -18.08
CA SER Z 119 -53.23 -35.61 -18.93
C SER Z 119 -53.92 -36.83 -19.51
N LYS Z 120 -53.19 -37.95 -19.62
CA LYS Z 120 -53.80 -39.18 -20.14
C LYS Z 120 -54.91 -39.67 -19.23
N PHE Z 121 -54.69 -39.65 -17.91
CA PHE Z 121 -55.72 -40.07 -16.98
C PHE Z 121 -56.85 -39.05 -16.90
N LYS Z 122 -56.53 -37.76 -16.94
CA LYS Z 122 -57.56 -36.73 -16.88
C LYS Z 122 -58.46 -36.77 -18.11
N ASN Z 123 -57.88 -37.03 -19.28
CA ASN Z 123 -58.68 -37.14 -20.50
C ASN Z 123 -59.62 -38.34 -20.44
N LEU Z 124 -59.14 -39.47 -19.88
CA LEU Z 124 -60.01 -40.62 -19.71
C LEU Z 124 -61.15 -40.33 -18.75
N THR Z 125 -60.85 -39.63 -17.65
CA THR Z 125 -61.86 -39.37 -16.64
C THR Z 125 -62.97 -38.47 -17.16
N LYS Z 126 -62.62 -37.43 -17.92
CA LYS Z 126 -63.64 -36.52 -18.42
C LYS Z 126 -64.46 -37.17 -19.54
N ALA Z 127 -63.88 -38.11 -20.27
CA ALA Z 127 -64.66 -38.87 -21.25
C ALA Z 127 -65.64 -39.82 -20.54
N ILE Z 128 -65.19 -40.46 -19.47
CA ILE Z 128 -66.04 -41.40 -18.75
C ILE Z 128 -67.17 -40.66 -18.04
N LYS Z 129 -66.82 -39.58 -17.33
CA LYS Z 129 -67.82 -38.85 -16.55
C LYS Z 129 -68.63 -37.88 -17.39
N GLY Z 130 -68.25 -37.62 -18.64
CA GLY Z 130 -68.98 -36.72 -19.49
C GLY Z 130 -68.93 -35.26 -19.10
N GLU Z 131 -68.04 -34.89 -18.18
CA GLU Z 131 -67.95 -33.51 -17.72
C GLU Z 131 -66.51 -33.02 -17.72
N ALA AA 2 -65.07 -57.83 5.26
CA ALA AA 2 -66.16 -56.97 5.73
C ALA AA 2 -65.82 -55.50 5.53
N ILE AA 3 -66.85 -54.66 5.57
CA ILE AA 3 -66.68 -53.22 5.42
C ILE AA 3 -66.41 -52.65 6.80
N SER AA 4 -65.18 -52.18 7.02
CA SER AA 4 -64.79 -51.53 8.26
C SER AA 4 -63.65 -50.58 7.97
N PHE AA 5 -63.39 -49.65 8.90
CA PHE AA 5 -62.35 -48.63 8.62
C PHE AA 5 -60.97 -49.27 8.73
N ASP AA 6 -60.81 -50.29 9.58
CA ASP AA 6 -59.51 -50.98 9.75
C ASP AA 6 -59.12 -51.69 8.45
N ASN AA 7 -60.11 -52.11 7.65
CA ASN AA 7 -59.86 -52.79 6.37
C ASN AA 7 -59.92 -51.78 5.23
N ALA AA 8 -60.58 -50.64 5.42
CA ALA AA 8 -60.75 -49.65 4.33
C ALA AA 8 -59.58 -48.67 4.33
N LEU AA 9 -59.17 -48.24 5.51
CA LEU AA 9 -58.06 -47.30 5.63
C LEU AA 9 -56.71 -48.00 5.57
N GLY AA 10 -56.65 -49.28 5.92
CA GLY AA 10 -55.37 -49.96 5.92
C GLY AA 10 -54.45 -49.44 7.02
N ILE AA 11 -53.14 -49.53 6.76
CA ILE AA 11 -52.14 -49.04 7.71
C ILE AA 11 -51.97 -47.53 7.66
N HIS AA 12 -52.56 -46.87 6.65
CA HIS AA 12 -52.33 -45.44 6.48
C HIS AA 12 -52.88 -44.61 7.63
N GLN AA 13 -53.83 -45.16 8.40
CA GLN AA 13 -54.33 -44.44 9.56
C GLN AA 13 -53.29 -44.37 10.67
N HIS AA 14 -52.42 -45.38 10.77
CA HIS AA 14 -51.37 -45.41 11.78
C HIS AA 14 -50.07 -44.81 11.30
N THR AA 15 -49.77 -44.90 10.00
CA THR AA 15 -48.50 -44.41 9.48
C THR AA 15 -48.39 -42.89 9.62
N VAL AA 16 -49.50 -42.18 9.41
CA VAL AA 16 -49.49 -40.72 9.53
C VAL AA 16 -49.08 -40.31 10.93
N GLY AA 17 -49.65 -40.97 11.94
CA GLY AA 17 -49.33 -40.63 13.33
C GLY AA 17 -47.88 -40.89 13.67
N VAL AA 18 -47.32 -42.00 13.18
CA VAL AA 18 -45.95 -42.36 13.52
C VAL AA 18 -44.97 -41.33 12.97
N ARG AA 19 -45.20 -40.88 11.74
CA ARG AA 19 -44.27 -39.92 11.14
C ARG AA 19 -44.33 -38.57 11.84
N GLU AA 20 -45.48 -38.23 12.44
CA GLU AA 20 -45.55 -37.04 13.26
C GLU AA 20 -44.66 -37.17 14.50
N ARG AA 21 -44.67 -38.36 15.12
CA ARG AA 21 -43.77 -38.62 16.24
C ARG AA 21 -42.32 -38.53 15.79
N ASN AA 22 -42.01 -39.09 14.62
CA ASN AA 22 -40.65 -39.04 14.10
C ASN AA 22 -40.21 -37.60 13.84
N ALA AA 23 -41.15 -36.74 13.47
CA ALA AA 23 -40.84 -35.32 13.31
C ALA AA 23 -40.41 -34.70 14.64
N GLU AA 24 -41.12 -35.05 15.72
CA GLU AA 24 -40.75 -34.54 17.03
C GLU AA 24 -39.37 -35.04 17.45
N VAL AA 25 -39.09 -36.31 17.20
CA VAL AA 25 -37.80 -36.89 17.60
C VAL AA 25 -36.66 -36.19 16.88
N ILE AA 26 -36.83 -35.94 15.58
CA ILE AA 26 -35.81 -35.22 14.82
C ILE AA 26 -35.74 -33.77 15.28
N SER AA 27 -36.90 -33.17 15.58
CA SER AA 27 -36.93 -31.77 16.01
C SER AA 27 -36.19 -31.58 17.34
N THR AA 28 -36.39 -32.50 18.28
CA THR AA 28 -35.69 -32.38 19.56
C THR AA 28 -34.21 -32.69 19.44
N ASN AA 29 -33.80 -33.36 18.37
CA ASN AA 29 -32.38 -33.55 18.12
C ASN AA 29 -31.71 -32.27 17.62
N ILE AA 30 -32.39 -31.54 16.74
CA ILE AA 30 -31.83 -30.31 16.19
C ILE AA 30 -31.72 -29.23 17.27
N ALA AA 31 -32.73 -29.13 18.12
CA ALA AA 31 -32.71 -28.11 19.18
C ALA AA 31 -31.59 -28.38 20.17
N GLN AA 32 -31.38 -29.64 20.54
CA GLN AA 32 -30.36 -30.02 21.52
C GLN AA 32 -28.98 -30.20 20.88
N ALA AA 33 -28.75 -29.64 19.70
CA ALA AA 33 -27.46 -29.80 19.04
C ALA AA 33 -26.34 -29.18 19.85
N ASN AA 34 -26.60 -28.04 20.48
CA ASN AA 34 -25.59 -27.34 21.25
C ASN AA 34 -25.58 -27.71 22.72
N THR AA 35 -26.53 -28.50 23.18
CA THR AA 35 -26.56 -28.91 24.58
C THR AA 35 -25.55 -30.02 24.83
N PRO AA 36 -24.54 -29.81 25.66
CA PRO AA 36 -23.59 -30.89 25.93
C PRO AA 36 -24.22 -32.01 26.73
N GLY AA 37 -23.75 -33.22 26.47
CA GLY AA 37 -24.27 -34.40 27.16
C GLY AA 37 -25.53 -34.98 26.57
N TYR AA 38 -26.10 -34.37 25.55
CA TYR AA 38 -27.29 -34.89 24.89
C TYR AA 38 -26.91 -35.89 23.82
N LYS AA 39 -27.55 -37.06 23.87
CA LYS AA 39 -27.33 -38.12 22.90
C LYS AA 39 -28.47 -38.12 21.89
N ALA AA 40 -28.13 -38.04 20.61
CA ALA AA 40 -29.15 -38.05 19.57
C ALA AA 40 -29.92 -39.35 19.60
N ARG AA 41 -31.25 -39.25 19.61
CA ARG AA 41 -32.12 -40.42 19.66
C ARG AA 41 -32.89 -40.55 18.36
N GLY AA 42 -33.10 -41.81 17.94
CA GLY AA 42 -33.84 -42.10 16.73
C GLY AA 42 -35.10 -42.89 17.04
N LEU AA 43 -35.91 -43.11 16.01
CA LEU AA 43 -37.16 -43.84 16.11
C LEU AA 43 -37.21 -44.89 15.01
N ASP AA 44 -37.41 -46.14 15.41
CA ASP AA 44 -37.45 -47.24 14.44
C ASP AA 44 -38.86 -47.33 13.85
N PHE AA 45 -38.99 -46.93 12.59
CA PHE AA 45 -40.31 -46.82 11.98
C PHE AA 45 -41.01 -48.17 11.89
N ALA AA 46 -40.26 -49.22 11.54
CA ALA AA 46 -40.86 -50.55 11.39
C ALA AA 46 -41.42 -51.05 12.71
N LYS AA 47 -40.68 -50.82 13.80
CA LYS AA 47 -41.14 -51.30 15.11
C LYS AA 47 -42.28 -50.45 15.64
N GLU AA 48 -42.19 -49.12 15.49
CA GLU AA 48 -43.24 -48.24 15.99
C GLU AA 48 -44.55 -48.46 15.25
N LEU AA 49 -44.47 -48.64 13.93
CA LEU AA 49 -45.68 -48.88 13.15
C LEU AA 49 -46.35 -50.18 13.57
N GLN AA 50 -45.56 -51.23 13.82
CA GLN AA 50 -46.11 -52.50 14.25
C GLN AA 50 -46.79 -52.38 15.61
N ALA AA 51 -46.19 -51.61 16.52
CA ALA AA 51 -46.79 -51.42 17.84
C ALA AA 51 -48.14 -50.70 17.73
N ALA AA 52 -48.21 -49.66 16.89
CA ALA AA 52 -49.46 -48.94 16.71
C ALA AA 52 -50.53 -49.82 16.06
N THR AA 53 -50.13 -50.61 15.05
CA THR AA 53 -51.10 -51.46 14.36
C THR AA 53 -51.70 -52.50 15.29
N SER AA 54 -50.87 -53.15 16.09
CA SER AA 54 -51.30 -54.19 17.02
C SER AA 54 -51.05 -53.69 18.44
N GLY AA 55 -52.05 -53.03 19.01
CA GLY AA 55 -51.95 -52.51 20.35
C GLY AA 55 -53.29 -52.27 21.02
N LYS AA 78 -37.23 -45.02 20.80
CA LYS AA 78 -36.28 -44.06 21.34
C LYS AA 78 -34.87 -44.64 21.43
N LEU AA 79 -34.41 -45.27 20.36
CA LEU AA 79 -33.06 -45.81 20.32
C LEU AA 79 -32.05 -44.69 20.12
N TYR AA 80 -30.80 -44.99 20.43
CA TYR AA 80 -29.71 -44.02 20.34
C TYR AA 80 -28.98 -44.18 19.02
N ARG AA 81 -28.69 -43.06 18.36
CA ARG AA 81 -27.96 -43.09 17.11
C ARG AA 81 -26.46 -43.13 17.37
N LEU AA 82 -25.76 -43.96 16.58
CA LEU AA 82 -24.32 -44.04 16.76
C LEU AA 82 -23.63 -42.90 16.01
N PRO AA 83 -22.65 -42.26 16.63
CA PRO AA 83 -21.96 -41.14 15.97
C PRO AA 83 -21.01 -41.61 14.89
N THR AA 84 -21.02 -40.89 13.76
CA THR AA 84 -20.07 -41.18 12.69
C THR AA 84 -18.66 -40.75 13.06
N GLN AA 85 -18.52 -39.70 13.85
CA GLN AA 85 -17.25 -39.20 14.34
C GLN AA 85 -17.34 -38.92 15.83
N PRO AA 86 -16.22 -38.96 16.54
CA PRO AA 86 -16.25 -38.64 17.97
C PRO AA 86 -16.65 -37.18 18.20
N ASP AA 87 -17.33 -36.94 19.31
CA ASP AA 87 -17.75 -35.59 19.62
C ASP AA 87 -16.54 -34.72 19.97
N THR AA 88 -16.72 -33.40 19.83
CA THR AA 88 -15.61 -32.48 20.00
C THR AA 88 -15.19 -32.36 21.47
N GLY AA 89 -16.00 -32.87 22.39
CA GLY AA 89 -15.65 -32.85 23.80
C GLY AA 89 -16.81 -32.53 24.70
N ASP AA 90 -17.86 -31.92 24.14
CA ASP AA 90 -19.03 -31.57 24.93
C ASP AA 90 -19.78 -32.81 25.41
N GLY AA 91 -19.85 -33.83 24.56
CA GLY AA 91 -20.58 -35.04 24.90
C GLY AA 91 -21.83 -35.18 24.07
N ASN AA 92 -21.97 -34.30 23.07
CA ASN AA 92 -23.15 -34.24 22.22
C ASN AA 92 -22.88 -35.02 20.94
N THR AA 93 -23.79 -35.94 20.60
CA THR AA 93 -23.64 -36.79 19.43
C THR AA 93 -24.68 -36.47 18.36
N VAL AA 94 -25.12 -35.22 18.29
CA VAL AA 94 -26.09 -34.80 17.29
C VAL AA 94 -25.34 -34.34 16.05
N ASP AA 95 -25.55 -35.04 14.94
CA ASP AA 95 -24.98 -34.66 13.65
C ASP AA 95 -26.05 -33.84 12.92
N LEU AA 96 -25.84 -32.52 12.86
CA LEU AA 96 -26.90 -31.62 12.41
C LEU AA 96 -27.25 -31.84 10.94
N ASP AA 97 -26.26 -32.11 10.09
CA ASP AA 97 -26.56 -32.29 8.67
C ASP AA 97 -27.34 -33.58 8.43
N LEU AA 98 -27.13 -34.61 9.25
CA LEU AA 98 -27.94 -35.82 9.15
C LEU AA 98 -29.37 -35.55 9.57
N GLU AA 99 -29.57 -34.73 10.60
CA GLU AA 99 -30.92 -34.43 11.07
C GLU AA 99 -31.73 -33.68 10.00
N ARG AA 100 -31.09 -32.75 9.31
CA ARG AA 100 -31.78 -32.04 8.23
C ARG AA 100 -32.18 -32.99 7.11
N ASN AA 101 -31.30 -33.91 6.74
CA ASN AA 101 -31.62 -34.86 5.69
C ASN AA 101 -32.74 -35.79 6.11
N LEU AA 102 -32.73 -36.25 7.36
CA LEU AA 102 -33.78 -37.14 7.84
C LEU AA 102 -35.11 -36.41 7.99
N PHE AA 103 -35.07 -35.15 8.45
CA PHE AA 103 -36.30 -34.38 8.57
C PHE AA 103 -36.92 -34.10 7.20
N MET AA 104 -36.08 -33.83 6.20
CA MET AA 104 -36.58 -33.57 4.86
C MET AA 104 -37.28 -34.79 4.28
N GLN AA 105 -36.67 -35.97 4.43
CA GLN AA 105 -37.29 -37.20 3.92
C GLN AA 105 -38.58 -37.52 4.67
N ASN AA 106 -38.57 -37.34 6.00
CA ASN AA 106 -39.75 -37.63 6.80
C ASN AA 106 -40.92 -36.73 6.42
N GLN AA 107 -40.62 -35.47 6.07
CA GLN AA 107 -41.68 -34.55 5.67
C GLN AA 107 -42.27 -34.93 4.32
N ILE AA 108 -41.43 -35.43 3.40
CA ILE AA 108 -41.92 -35.84 2.10
C ILE AA 108 -42.83 -37.05 2.23
N ARG AA 109 -42.40 -38.06 2.99
CA ARG AA 109 -43.20 -39.27 3.13
C ARG AA 109 -44.45 -39.02 3.98
N HIS AA 110 -44.40 -38.04 4.88
CA HIS AA 110 -45.58 -37.67 5.65
C HIS AA 110 -46.66 -37.10 4.75
N GLN AA 111 -46.26 -36.28 3.76
CA GLN AA 111 -47.22 -35.75 2.80
C GLN AA 111 -47.81 -36.86 1.95
N ALA AA 112 -46.99 -37.83 1.57
CA ALA AA 112 -47.50 -38.98 0.83
C ALA AA 112 -48.47 -39.80 1.67
N SER AA 113 -48.16 -39.98 2.96
CA SER AA 113 -49.06 -40.70 3.85
C SER AA 113 -50.40 -39.99 3.96
N LEU AA 114 -50.38 -38.65 4.07
CA LEU AA 114 -51.63 -37.90 4.06
C LEU AA 114 -52.37 -38.05 2.74
N ASP AA 115 -51.63 -38.07 1.63
CA ASP AA 115 -52.26 -38.23 0.32
C ASP AA 115 -52.95 -39.58 0.21
N PHE AA 116 -52.29 -40.64 0.67
CA PHE AA 116 -52.88 -41.98 0.61
C PHE AA 116 -54.07 -42.10 1.54
N LEU AA 117 -53.91 -41.67 2.80
CA LEU AA 117 -54.99 -41.80 3.77
C LEU AA 117 -56.18 -40.91 3.41
N GLY AA 118 -55.91 -39.69 2.94
CA GLY AA 118 -56.99 -38.81 2.54
C GLY AA 118 -57.78 -39.34 1.36
N SER AA 119 -57.08 -39.96 0.40
CA SER AA 119 -57.77 -40.53 -0.75
C SER AA 119 -58.62 -41.73 -0.37
N LYS AA 120 -58.28 -42.42 0.73
CA LYS AA 120 -59.10 -43.54 1.18
C LYS AA 120 -60.50 -43.07 1.57
N PHE AA 121 -60.59 -41.95 2.29
CA PHE AA 121 -61.90 -41.42 2.67
C PHE AA 121 -62.67 -40.92 1.45
N LYS AA 122 -61.99 -40.24 0.52
CA LYS AA 122 -62.67 -39.69 -0.64
C LYS AA 122 -63.22 -40.78 -1.54
N ASN AA 123 -62.45 -41.86 -1.75
CA ASN AA 123 -62.97 -43.00 -2.50
C ASN AA 123 -64.05 -43.71 -1.72
N LEU AA 124 -63.95 -43.71 -0.38
CA LEU AA 124 -65.00 -44.31 0.44
C LEU AA 124 -66.29 -43.51 0.35
N THR AA 125 -66.19 -42.18 0.35
CA THR AA 125 -67.38 -41.35 0.22
C THR AA 125 -68.02 -41.49 -1.15
N LYS AA 126 -67.20 -41.64 -2.20
CA LYS AA 126 -67.73 -41.78 -3.55
C LYS AA 126 -68.56 -43.05 -3.68
N ALA AA 127 -68.15 -44.13 -3.02
CA ALA AA 127 -68.90 -45.38 -3.09
C ALA AA 127 -70.25 -45.26 -2.38
N ILE AA 128 -70.27 -44.70 -1.18
CA ILE AA 128 -71.51 -44.59 -0.43
C ILE AA 128 -72.47 -43.56 -1.03
N LYS AA 129 -71.98 -42.67 -1.88
CA LYS AA 129 -72.82 -41.64 -2.48
C LYS AA 129 -73.15 -41.93 -3.94
N GLY AA 130 -72.33 -42.72 -4.63
CA GLY AA 130 -72.62 -43.11 -5.99
C GLY AA 130 -72.25 -42.12 -7.06
N GLU AA 131 -71.58 -41.02 -6.71
CA GLU AA 131 -71.15 -40.03 -7.68
C GLU AA 131 -70.07 -39.12 -7.12
N ALA BA 2 -82.35 -31.04 23.86
CA ALA BA 2 -81.23 -30.99 22.92
C ALA BA 2 -81.63 -30.24 21.65
N ILE BA 3 -80.90 -30.49 20.56
CA ILE BA 3 -81.07 -29.76 19.31
C ILE BA 3 -81.07 -28.26 19.58
N SER BA 4 -79.98 -27.77 20.14
CA SER BA 4 -79.77 -26.35 20.35
C SER BA 4 -78.42 -25.96 19.77
N PHE BA 5 -78.32 -24.69 19.38
CA PHE BA 5 -77.05 -24.22 18.77
C PHE BA 5 -75.95 -24.33 19.82
N ASP BA 6 -76.25 -24.15 21.10
CA ASP BA 6 -75.19 -24.38 22.11
C ASP BA 6 -74.74 -25.83 22.01
N ASN BA 7 -75.66 -26.77 22.24
CA ASN BA 7 -75.31 -28.22 22.20
C ASN BA 7 -74.79 -28.59 20.82
N ALA BA 8 -75.13 -27.83 19.79
CA ALA BA 8 -74.74 -28.23 18.41
C ALA BA 8 -73.32 -27.79 18.09
N LEU BA 9 -72.89 -26.63 18.59
CA LEU BA 9 -71.55 -26.10 18.21
C LEU BA 9 -70.56 -26.35 19.35
N GLY BA 10 -71.06 -26.48 20.58
CA GLY BA 10 -70.10 -26.69 21.64
C GLY BA 10 -69.28 -25.45 21.92
N ILE BA 11 -68.02 -25.67 22.33
CA ILE BA 11 -67.12 -24.56 22.64
C ILE BA 11 -66.50 -23.95 21.39
N HIS BA 12 -66.77 -24.50 20.22
CA HIS BA 12 -66.16 -23.98 18.99
C HIS BA 12 -66.67 -22.60 18.63
N GLN BA 13 -67.90 -22.25 19.03
CA GLN BA 13 -68.42 -20.92 18.76
C GLN BA 13 -67.78 -19.86 19.63
N HIS BA 14 -67.11 -20.26 20.71
CA HIS BA 14 -66.45 -19.31 21.61
C HIS BA 14 -64.94 -19.27 21.43
N THR BA 15 -64.33 -20.37 20.99
CA THR BA 15 -62.88 -20.39 20.81
C THR BA 15 -62.45 -19.45 19.70
N VAL BA 16 -63.30 -19.25 18.69
CA VAL BA 16 -62.94 -18.35 17.59
C VAL BA 16 -62.74 -16.93 18.10
N GLY BA 17 -63.64 -16.46 18.96
CA GLY BA 17 -63.53 -15.11 19.49
C GLY BA 17 -62.31 -14.95 20.39
N VAL BA 18 -62.02 -15.96 21.21
CA VAL BA 18 -60.90 -15.87 22.14
C VAL BA 18 -59.58 -15.78 21.39
N ARG BA 19 -59.41 -16.61 20.35
CA ARG BA 19 -58.16 -16.58 19.61
C ARG BA 19 -58.03 -15.33 18.75
N GLU BA 20 -59.16 -14.72 18.36
CA GLU BA 20 -59.11 -13.41 17.75
C GLU BA 20 -58.63 -12.36 18.75
N ARG BA 21 -59.11 -12.44 19.99
CA ARG BA 21 -58.60 -11.55 21.03
C ARG BA 21 -57.13 -11.80 21.30
N ASN BA 22 -56.72 -13.08 21.31
CA ASN BA 22 -55.31 -13.39 21.56
C ASN BA 22 -54.43 -12.84 20.45
N ALA BA 23 -54.90 -12.92 19.19
CA ALA BA 23 -54.14 -12.34 18.09
C ALA BA 23 -54.02 -10.84 18.24
N GLU BA 24 -55.07 -10.17 18.72
CA GLU BA 24 -55.02 -8.74 18.95
C GLU BA 24 -54.00 -8.40 20.04
N VAL BA 25 -53.95 -9.18 21.11
CA VAL BA 25 -53.01 -8.93 22.19
C VAL BA 25 -51.58 -9.21 21.73
N ILE BA 26 -51.38 -10.28 20.96
CA ILE BA 26 -50.05 -10.59 20.46
C ILE BA 26 -49.61 -9.54 19.43
N SER BA 27 -50.54 -9.07 18.61
CA SER BA 27 -50.18 -8.10 17.57
C SER BA 27 -49.73 -6.78 18.17
N THR BA 28 -50.40 -6.32 19.23
CA THR BA 28 -50.01 -5.05 19.84
C THR BA 28 -48.68 -5.17 20.59
N ASN BA 29 -48.33 -6.38 21.03
CA ASN BA 29 -47.01 -6.58 21.62
C ASN BA 29 -45.91 -6.36 20.58
N ILE BA 30 -46.13 -6.85 19.36
CA ILE BA 30 -45.14 -6.67 18.29
C ILE BA 30 -45.03 -5.19 17.91
N ALA BA 31 -46.17 -4.51 17.80
CA ALA BA 31 -46.16 -3.10 17.43
C ALA BA 31 -45.49 -2.24 18.50
N GLN BA 32 -45.80 -2.51 19.77
CA GLN BA 32 -45.25 -1.76 20.89
C GLN BA 32 -43.89 -2.28 21.34
N ALA BA 33 -43.22 -3.07 20.51
CA ALA BA 33 -41.92 -3.61 20.90
C ALA BA 33 -40.89 -2.51 21.10
N ASN BA 34 -40.88 -1.52 20.21
CA ASN BA 34 -39.92 -0.43 20.30
C ASN BA 34 -40.34 0.67 21.26
N THR BA 35 -41.59 0.67 21.73
CA THR BA 35 -42.02 1.69 22.67
C THR BA 35 -41.39 1.45 24.03
N PRO BA 36 -40.59 2.38 24.55
CA PRO BA 36 -39.95 2.16 25.85
C PRO BA 36 -40.96 2.19 26.98
N GLY BA 37 -40.69 1.37 27.99
CA GLY BA 37 -41.51 1.31 29.18
C GLY BA 37 -42.79 0.51 29.04
N TYR BA 38 -43.03 -0.11 27.89
CA TYR BA 38 -44.22 -0.90 27.68
C TYR BA 38 -43.96 -2.34 28.10
N LYS BA 39 -44.82 -2.86 28.97
CA LYS BA 39 -44.69 -4.21 29.49
C LYS BA 39 -45.51 -5.16 28.64
N ALA BA 40 -44.88 -6.24 28.18
CA ALA BA 40 -45.56 -7.21 27.33
C ALA BA 40 -46.77 -7.78 28.05
N ARG BA 41 -47.89 -7.88 27.34
CA ARG BA 41 -49.15 -8.29 27.91
C ARG BA 41 -49.52 -9.68 27.40
N GLY BA 42 -49.92 -10.56 28.30
CA GLY BA 42 -50.34 -11.90 27.92
C GLY BA 42 -51.80 -12.14 28.18
N LEU BA 43 -52.35 -13.20 27.59
CA LEU BA 43 -53.74 -13.57 27.77
C LEU BA 43 -53.83 -15.02 28.22
N ASP BA 44 -54.68 -15.28 29.22
CA ASP BA 44 -54.86 -16.62 29.75
C ASP BA 44 -56.02 -17.28 29.01
N PHE BA 45 -55.70 -18.28 28.17
CA PHE BA 45 -56.72 -18.88 27.31
C PHE BA 45 -57.77 -19.62 28.13
N ALA BA 46 -57.34 -20.36 29.15
CA ALA BA 46 -58.29 -21.13 29.96
C ALA BA 46 -59.27 -20.21 30.68
N LYS BA 47 -58.78 -19.10 31.22
CA LYS BA 47 -59.65 -18.18 31.94
C LYS BA 47 -60.59 -17.44 30.99
N GLU BA 48 -60.08 -16.98 29.85
CA GLU BA 48 -60.91 -16.25 28.90
C GLU BA 48 -61.95 -17.16 28.26
N LEU BA 49 -61.59 -18.41 27.96
CA LEU BA 49 -62.55 -19.34 27.40
C LEU BA 49 -63.66 -19.64 28.40
N GLN BA 50 -63.31 -19.79 29.67
CA GLN BA 50 -64.32 -20.02 30.71
C GLN BA 50 -65.27 -18.83 30.82
N ALA BA 51 -64.73 -17.61 30.76
CA ALA BA 51 -65.58 -16.42 30.87
C ALA BA 51 -66.57 -16.34 29.70
N ALA BA 52 -66.10 -16.63 28.49
CA ALA BA 52 -66.98 -16.57 27.33
C ALA BA 52 -68.03 -17.67 27.36
N THR BA 53 -67.64 -18.87 27.81
CA THR BA 53 -68.59 -19.99 27.86
C THR BA 53 -69.73 -19.71 28.82
N SER BA 54 -69.44 -19.11 29.98
CA SER BA 54 -70.45 -18.77 30.98
C SER BA 54 -70.47 -17.25 31.11
N GLY BA 55 -71.28 -16.60 30.29
CA GLY BA 55 -71.38 -15.15 30.29
C GLY BA 55 -72.02 -14.59 31.55
N LYS BA 78 -56.22 -9.50 31.41
CA LYS BA 78 -54.94 -9.64 30.72
C LYS BA 78 -53.78 -9.52 31.71
N LEU BA 79 -52.82 -10.44 31.61
CA LEU BA 79 -51.71 -10.52 32.54
C LEU BA 79 -50.43 -10.06 31.86
N TYR BA 80 -49.38 -9.94 32.66
CA TYR BA 80 -48.08 -9.48 32.18
C TYR BA 80 -47.14 -10.66 31.98
N ARG BA 81 -46.24 -10.52 31.01
CA ARG BA 81 -45.33 -11.59 30.61
C ARG BA 81 -43.97 -11.36 31.23
N LEU BA 82 -43.49 -12.32 32.01
CA LEU BA 82 -42.22 -12.18 32.69
C LEU BA 82 -41.07 -12.30 31.68
N PRO BA 83 -40.10 -11.39 31.72
CA PRO BA 83 -39.04 -11.42 30.69
C PRO BA 83 -38.03 -12.53 30.95
N THR BA 84 -37.51 -13.09 29.86
CA THR BA 84 -36.44 -14.08 29.97
C THR BA 84 -35.11 -13.41 30.30
N GLN BA 85 -34.87 -12.22 29.75
CA GLN BA 85 -33.67 -11.45 30.00
C GLN BA 85 -34.05 -10.03 30.40
N PRO BA 86 -33.22 -9.36 31.19
CA PRO BA 86 -33.51 -7.97 31.55
C PRO BA 86 -33.47 -7.06 30.34
N ASP BA 87 -34.32 -6.04 30.36
CA ASP BA 87 -34.33 -5.08 29.27
C ASP BA 87 -33.05 -4.27 29.27
N THR BA 88 -32.76 -3.66 28.13
CA THR BA 88 -31.52 -2.93 27.92
C THR BA 88 -31.56 -1.51 28.44
N GLY BA 89 -32.68 -1.08 29.03
CA GLY BA 89 -32.73 0.23 29.64
C GLY BA 89 -33.97 1.04 29.27
N ASP BA 90 -34.77 0.52 28.37
CA ASP BA 90 -35.99 1.20 27.93
C ASP BA 90 -37.23 0.76 28.71
N GLY BA 91 -37.10 -0.19 29.62
CA GLY BA 91 -38.24 -0.67 30.38
C GLY BA 91 -39.20 -1.53 29.59
N ASN BA 92 -38.80 -2.01 28.42
CA ASN BA 92 -39.67 -2.78 27.54
C ASN BA 92 -39.35 -4.27 27.69
N THR BA 93 -40.37 -5.07 27.96
CA THR BA 93 -40.21 -6.50 28.20
C THR BA 93 -40.81 -7.33 27.07
N VAL BA 94 -40.76 -6.83 25.84
CA VAL BA 94 -41.31 -7.53 24.69
C VAL BA 94 -40.18 -8.27 23.98
N ASP BA 95 -40.27 -9.59 23.95
CA ASP BA 95 -39.34 -10.44 23.20
C ASP BA 95 -40.01 -10.79 21.88
N LEU BA 96 -39.50 -10.21 20.79
CA LEU BA 96 -40.17 -10.37 19.50
C LEU BA 96 -40.08 -11.79 18.98
N ASP BA 97 -39.05 -12.54 19.37
CA ASP BA 97 -38.97 -13.94 18.98
C ASP BA 97 -40.10 -14.74 19.60
N LEU BA 98 -40.47 -14.43 20.84
CA LEU BA 98 -41.60 -15.09 21.48
C LEU BA 98 -42.92 -14.64 20.88
N GLU BA 99 -43.03 -13.35 20.55
CA GLU BA 99 -44.28 -12.84 19.99
C GLU BA 99 -44.54 -13.41 18.60
N ARG BA 100 -43.49 -13.55 17.79
CA ARG BA 100 -43.65 -14.16 16.47
C ARG BA 100 -44.08 -15.61 16.59
N ASN BA 101 -43.45 -16.36 17.51
CA ASN BA 101 -43.76 -17.77 17.66
C ASN BA 101 -45.19 -17.99 18.13
N LEU BA 102 -45.66 -17.16 19.07
CA LEU BA 102 -47.01 -17.32 19.58
C LEU BA 102 -48.05 -16.88 18.55
N PHE BA 103 -47.70 -15.95 17.66
CA PHE BA 103 -48.66 -15.46 16.68
C PHE BA 103 -48.99 -16.54 15.66
N MET BA 104 -47.99 -17.27 15.18
CA MET BA 104 -48.25 -18.30 14.18
C MET BA 104 -48.97 -19.50 14.78
N GLN BA 105 -48.69 -19.84 16.04
CA GLN BA 105 -49.43 -20.92 16.69
C GLN BA 105 -50.89 -20.56 16.86
N ASN BA 106 -51.17 -19.32 17.22
CA ASN BA 106 -52.56 -18.87 17.35
C ASN BA 106 -53.26 -18.89 15.99
N GLN BA 107 -52.55 -18.49 14.93
CA GLN BA 107 -53.15 -18.46 13.60
C GLN BA 107 -53.51 -19.87 13.12
N ILE BA 108 -52.65 -20.85 13.38
CA ILE BA 108 -52.97 -22.23 13.01
C ILE BA 108 -54.17 -22.73 13.81
N ARG BA 109 -54.18 -22.45 15.11
CA ARG BA 109 -55.30 -22.87 15.94
C ARG BA 109 -56.58 -22.12 15.59
N HIS BA 110 -56.46 -20.85 15.21
CA HIS BA 110 -57.64 -20.10 14.77
C HIS BA 110 -58.22 -20.70 13.48
N GLN BA 111 -57.35 -21.06 12.54
CA GLN BA 111 -57.82 -21.71 11.32
C GLN BA 111 -58.46 -23.06 11.61
N ALA BA 112 -57.82 -23.84 12.50
CA ALA BA 112 -58.39 -25.14 12.86
C ALA BA 112 -59.72 -24.96 13.59
N SER BA 113 -59.86 -23.90 14.39
CA SER BA 113 -61.12 -23.64 15.07
C SER BA 113 -62.23 -23.34 14.08
N LEU BA 114 -61.93 -22.58 13.03
CA LEU BA 114 -62.92 -22.29 12.01
C LEU BA 114 -63.33 -23.55 11.24
N ASP BA 115 -62.38 -24.46 11.00
CA ASP BA 115 -62.71 -25.73 10.38
C ASP BA 115 -63.65 -26.54 11.25
N PHE BA 116 -63.41 -26.56 12.56
CA PHE BA 116 -64.28 -27.29 13.47
C PHE BA 116 -65.65 -26.66 13.53
N LEU BA 117 -65.70 -25.33 13.73
CA LEU BA 117 -66.98 -24.64 13.82
C LEU BA 117 -67.73 -24.66 12.50
N GLY BA 118 -67.02 -24.50 11.39
CA GLY BA 118 -67.67 -24.47 10.09
C GLY BA 118 -68.34 -25.78 9.74
N SER BA 119 -67.69 -26.90 10.06
CA SER BA 119 -68.28 -28.20 9.76
C SER BA 119 -69.44 -28.54 10.68
N LYS BA 120 -69.52 -27.91 11.86
CA LYS BA 120 -70.68 -28.10 12.71
C LYS BA 120 -71.95 -27.61 12.02
N PHE BA 121 -71.87 -26.44 11.36
CA PHE BA 121 -73.00 -25.94 10.60
C PHE BA 121 -73.30 -26.80 9.38
N LYS BA 122 -72.24 -27.22 8.67
CA LYS BA 122 -72.44 -28.01 7.45
C LYS BA 122 -73.05 -29.37 7.77
N ASN BA 123 -72.59 -30.03 8.84
CA ASN BA 123 -73.20 -31.28 9.26
C ASN BA 123 -74.64 -31.04 9.74
N LEU BA 124 -74.88 -29.92 10.42
CA LEU BA 124 -76.23 -29.58 10.85
C LEU BA 124 -77.13 -29.33 9.65
N THR BA 125 -76.61 -28.66 8.62
CA THR BA 125 -77.40 -28.45 7.41
C THR BA 125 -77.62 -29.76 6.65
N LYS BA 126 -76.65 -30.68 6.71
CA LYS BA 126 -76.80 -31.96 6.04
C LYS BA 126 -77.95 -32.77 6.65
N ALA BA 127 -78.08 -32.73 7.98
CA ALA BA 127 -79.13 -33.50 8.64
C ALA BA 127 -80.52 -32.96 8.32
N ILE BA 128 -80.68 -31.63 8.37
CA ILE BA 128 -82.00 -31.04 8.15
C ILE BA 128 -82.46 -31.20 6.72
N LYS BA 129 -81.55 -31.21 5.75
CA LYS BA 129 -81.91 -31.34 4.34
C LYS BA 129 -81.84 -32.78 3.85
N GLY BA 130 -81.23 -33.69 4.61
CA GLY BA 130 -81.13 -35.07 4.18
C GLY BA 130 -80.20 -35.31 3.01
N GLU BA 131 -79.31 -34.37 2.71
CA GLU BA 131 -78.42 -34.51 1.56
C GLU BA 131 -77.04 -33.91 1.86
N SER CA 2 -65.93 3.07 -17.37
CA SER CA 2 -67.09 2.99 -16.48
C SER CA 2 -67.01 1.76 -15.58
N LEU CA 3 -66.89 0.58 -16.19
CA LEU CA 3 -66.73 -0.66 -15.43
C LEU CA 3 -65.28 -0.93 -15.06
N PHE CA 4 -64.34 -0.14 -15.59
CA PHE CA 4 -62.91 -0.37 -15.38
C PHE CA 4 -62.17 0.93 -15.07
N ASN CA 5 -62.75 1.80 -14.24
CA ASN CA 5 -62.15 3.09 -13.93
C ASN CA 5 -60.78 2.94 -13.29
N VAL CA 6 -60.61 1.95 -12.42
CA VAL CA 6 -59.32 1.74 -11.76
C VAL CA 6 -58.26 1.38 -12.78
N PHE CA 7 -58.61 0.57 -13.78
CA PHE CA 7 -57.65 0.17 -14.80
C PHE CA 7 -57.15 1.37 -15.59
N ASN CA 8 -58.03 2.33 -15.91
CA ASN CA 8 -57.61 3.49 -16.68
C ASN CA 8 -56.64 4.36 -15.90
N VAL CA 9 -56.74 4.37 -14.56
CA VAL CA 9 -55.87 5.19 -13.72
C VAL CA 9 -54.56 4.46 -13.47
N THR CA 10 -54.65 3.20 -13.03
CA THR CA 10 -53.45 2.41 -12.82
C THR CA 10 -52.68 2.25 -14.13
N GLY CA 11 -53.39 1.96 -15.22
CA GLY CA 11 -52.73 1.84 -16.51
C GLY CA 11 -52.07 3.13 -16.95
N SER CA 12 -52.71 4.27 -16.66
CA SER CA 12 -52.11 5.56 -16.99
C SER CA 12 -50.82 5.77 -16.21
N ALA CA 13 -50.80 5.35 -14.94
CA ALA CA 13 -49.57 5.43 -14.16
C ALA CA 13 -48.48 4.55 -14.76
N MET CA 14 -48.84 3.36 -15.21
CA MET CA 14 -47.86 2.47 -15.84
C MET CA 14 -47.24 3.13 -17.07
N SER CA 15 -48.07 3.78 -17.89
CA SER CA 15 -47.54 4.50 -19.05
C SER CA 15 -46.77 5.74 -18.62
N ALA CA 16 -47.21 6.41 -17.56
CA ALA CA 16 -46.52 7.60 -17.08
C ALA CA 16 -45.16 7.25 -16.49
N GLU CA 17 -45.11 6.25 -15.61
CA GLU CA 17 -43.85 5.85 -15.01
C GLU CA 17 -42.90 5.21 -16.00
N SER CA 18 -43.43 4.62 -17.09
CA SER CA 18 -42.58 4.07 -18.13
C SER CA 18 -41.79 5.16 -18.83
N VAL CA 19 -42.44 6.30 -19.09
CA VAL CA 19 -41.76 7.40 -19.76
C VAL CA 19 -40.63 7.95 -18.90
N ARG CA 20 -40.86 8.02 -17.58
CA ARG CA 20 -39.82 8.54 -16.69
C ARG CA 20 -38.60 7.62 -16.66
N LEU CA 21 -38.78 6.32 -16.83
CA LEU CA 21 -37.65 5.41 -16.89
C LEU CA 21 -36.89 5.55 -18.21
N ASN CA 22 -37.62 5.74 -19.31
CA ASN CA 22 -36.98 5.98 -20.60
C ASN CA 22 -36.16 7.26 -20.56
N THR CA 23 -36.71 8.30 -19.92
CA THR CA 23 -35.98 9.56 -19.80
C THR CA 23 -34.73 9.38 -18.94
N THR CA 24 -34.83 8.61 -17.86
CA THR CA 24 -33.66 8.34 -17.02
C THR CA 24 -32.59 7.58 -17.80
N SER CA 25 -32.99 6.60 -18.62
CA SER CA 25 -32.02 5.84 -19.39
C SER CA 25 -31.28 6.73 -20.38
N SER CA 26 -32.00 7.66 -21.01
CA SER CA 26 -31.35 8.57 -21.95
C SER CA 26 -30.39 9.52 -21.25
N ASN CA 27 -30.73 9.97 -20.04
CA ASN CA 27 -29.86 10.86 -19.29
C ASN CA 27 -28.55 10.18 -18.89
N LEU CA 28 -28.63 8.91 -18.48
CA LEU CA 28 -27.42 8.19 -18.10
C LEU CA 28 -26.60 7.76 -19.31
N ALA CA 29 -27.25 7.42 -20.41
CA ALA CA 29 -26.53 7.04 -21.61
C ALA CA 29 -25.91 8.23 -22.33
N ASN CA 30 -26.32 9.45 -22.01
CA ASN CA 30 -25.80 10.65 -22.65
C ASN CA 30 -25.17 11.58 -21.62
N ALA CA 31 -24.69 11.02 -20.51
CA ALA CA 31 -24.02 11.83 -19.49
C ALA CA 31 -22.62 12.27 -19.90
N ASP CA 32 -22.03 11.62 -20.91
CA ASP CA 32 -20.68 11.94 -21.36
C ASP CA 32 -20.66 12.27 -22.86
N SER CA 33 -21.80 12.64 -23.43
CA SER CA 33 -21.90 12.97 -24.85
C SER CA 33 -21.65 14.47 -25.01
N VAL CA 34 -20.42 14.82 -25.34
CA VAL CA 34 -20.07 16.23 -25.49
C VAL CA 34 -20.75 16.84 -26.72
N SER CA 35 -20.98 16.03 -27.75
CA SER CA 35 -21.52 16.50 -29.03
C SER CA 35 -20.71 17.67 -29.55
N SER CA 36 -21.39 18.65 -30.15
CA SER CA 36 -20.72 19.79 -30.77
C SER CA 36 -21.36 21.09 -30.29
N SER CA 37 -20.65 22.18 -30.51
CA SER CA 37 -21.08 23.55 -30.17
C SER CA 37 -21.25 23.64 -28.65
N ALA CA 38 -22.09 24.56 -28.19
CA ALA CA 38 -22.38 24.70 -26.76
C ALA CA 38 -23.85 24.85 -26.46
N LYS CA 39 -24.72 24.90 -27.48
CA LYS CA 39 -26.15 24.95 -27.29
C LYS CA 39 -26.87 23.72 -27.82
N ASP CA 40 -26.25 22.95 -28.71
CA ASP CA 40 -26.76 21.65 -29.12
C ASP CA 40 -26.34 20.53 -28.19
N THR CA 41 -25.56 20.85 -27.15
CA THR CA 41 -25.14 19.84 -26.19
C THR CA 41 -26.34 19.24 -25.48
N TYR CA 42 -26.27 17.92 -25.23
CA TYR CA 42 -27.37 17.23 -24.56
C TYR CA 42 -27.59 17.82 -23.17
N LYS CA 43 -28.85 17.88 -22.77
CA LYS CA 43 -29.23 18.33 -21.44
C LYS CA 43 -30.20 17.33 -20.84
N ALA CA 44 -30.12 17.15 -19.52
CA ALA CA 44 -30.95 16.18 -18.83
C ALA CA 44 -32.42 16.49 -19.04
N ARG CA 45 -33.17 15.50 -19.53
CA ARG CA 45 -34.59 15.64 -19.78
C ARG CA 45 -35.38 15.00 -18.65
N HIS CA 46 -36.57 15.54 -18.40
CA HIS CA 46 -37.43 15.05 -17.33
C HIS CA 46 -38.89 15.19 -17.76
N ALA CA 47 -39.66 14.13 -17.57
CA ALA CA 47 -41.09 14.16 -17.87
C ALA CA 47 -41.83 14.99 -16.82
N VAL CA 48 -42.97 15.55 -17.21
CA VAL CA 48 -43.81 16.31 -16.30
C VAL CA 48 -45.14 15.57 -16.16
N PHE CA 49 -45.47 15.17 -14.94
CA PHE CA 49 -46.76 14.53 -14.66
C PHE CA 49 -47.82 15.59 -14.38
N GLY CA 50 -49.05 15.25 -14.71
CA GLY CA 50 -50.15 16.18 -14.52
C GLY CA 50 -51.42 15.46 -14.11
N ALA CA 51 -52.26 16.16 -13.36
CA ALA CA 51 -53.53 15.62 -12.89
C ALA CA 51 -54.60 16.69 -13.02
N GLU CA 52 -55.59 16.44 -13.87
CA GLU CA 52 -56.68 17.38 -14.10
C GLU CA 52 -57.84 17.02 -13.18
N LEU CA 53 -58.04 17.80 -12.13
CA LEU CA 53 -59.11 17.58 -11.16
C LEU CA 53 -60.21 18.60 -11.45
N SER CA 54 -61.08 18.26 -12.40
CA SER CA 54 -62.18 19.14 -12.78
C SER CA 54 -63.36 18.99 -11.81
N ASP CA 61 -64.31 10.89 -8.05
CA ASP CA 61 -64.08 9.65 -8.76
C ASP CA 61 -62.58 9.37 -8.93
N THR CA 62 -62.11 9.43 -10.18
CA THR CA 62 -60.73 9.10 -10.52
C THR CA 62 -60.08 10.23 -11.31
N VAL CA 63 -58.83 10.51 -10.99
CA VAL CA 63 -58.05 11.54 -11.67
C VAL CA 63 -56.87 10.87 -12.35
N PRO CA 64 -56.91 10.70 -13.67
CA PRO CA 64 -55.78 10.07 -14.37
C PRO CA 64 -54.54 10.95 -14.34
N VAL CA 65 -53.39 10.29 -14.52
CA VAL CA 65 -52.10 10.95 -14.57
C VAL CA 65 -51.67 11.01 -16.04
N LYS CA 66 -51.41 12.22 -16.52
CA LYS CA 66 -51.07 12.45 -17.92
C LYS CA 66 -49.71 13.14 -18.01
N VAL CA 67 -48.84 12.59 -18.85
CA VAL CA 67 -47.55 13.23 -19.09
C VAL CA 67 -47.74 14.40 -20.04
N MET CA 68 -47.25 15.58 -19.63
CA MET CA 68 -47.46 16.82 -20.37
C MET CA 68 -46.21 17.24 -21.15
N GLY CA 69 -45.37 16.30 -21.54
CA GLY CA 69 -44.21 16.63 -22.35
C GLY CA 69 -42.92 16.50 -21.58
N ILE CA 70 -41.81 16.39 -22.32
CA ILE CA 70 -40.49 16.29 -21.73
C ILE CA 70 -39.89 17.69 -21.62
N VAL CA 71 -39.30 17.99 -20.47
CA VAL CA 71 -38.75 19.32 -20.19
C VAL CA 71 -37.28 19.15 -19.83
N GLU CA 72 -36.43 19.98 -20.43
CA GLU CA 72 -35.00 19.95 -20.15
C GLU CA 72 -34.70 20.63 -18.81
N SER CA 73 -33.70 20.10 -18.12
CA SER CA 73 -33.29 20.66 -16.84
C SER CA 73 -32.68 22.03 -17.02
N ASP CA 74 -32.83 22.87 -15.99
CA ASP CA 74 -32.31 24.23 -16.01
C ASP CA 74 -30.93 24.34 -15.39
N LYS CA 75 -30.34 23.22 -14.96
CA LYS CA 75 -29.01 23.26 -14.36
C LYS CA 75 -27.98 23.70 -15.41
N PRO CA 76 -27.02 24.55 -15.04
CA PRO CA 76 -25.98 24.93 -15.99
C PRO CA 76 -25.14 23.74 -16.43
N LEU CA 77 -24.65 23.80 -17.66
CA LEU CA 77 -23.85 22.72 -18.21
C LEU CA 77 -22.53 22.59 -17.45
N SER CA 78 -22.07 21.34 -17.32
CA SER CA 78 -20.81 21.06 -16.64
C SER CA 78 -19.66 21.43 -17.56
N ALA CA 79 -18.89 22.45 -17.17
CA ALA CA 79 -17.76 22.88 -17.97
C ALA CA 79 -16.50 22.11 -17.60
N GLU CA 80 -15.72 21.77 -18.62
CA GLU CA 80 -14.45 21.07 -18.42
C GLU CA 80 -13.38 21.71 -19.29
N TYR CA 81 -12.20 21.88 -18.70
CA TYR CA 81 -11.05 22.46 -19.39
C TYR CA 81 -10.34 21.33 -20.12
N ASN CA 82 -10.30 21.42 -21.45
CA ASN CA 82 -9.70 20.40 -22.29
C ASN CA 82 -9.36 21.00 -23.65
N PRO CA 83 -8.24 21.76 -23.73
CA PRO CA 83 -7.81 22.34 -25.01
C PRO CA 83 -7.11 21.33 -25.91
N ASP CA 84 -7.64 20.12 -25.95
CA ASP CA 84 -7.18 19.03 -26.80
C ASP CA 84 -8.29 18.45 -27.65
N HIS CA 85 -9.51 18.39 -27.13
CA HIS CA 85 -10.64 17.96 -27.91
C HIS CA 85 -10.87 18.91 -29.07
N PRO CA 86 -10.93 18.42 -30.32
CA PRO CA 86 -11.11 19.32 -31.46
C PRO CA 86 -12.42 20.08 -31.43
N LEU CA 87 -13.41 19.62 -30.66
CA LEU CA 87 -14.68 20.31 -30.52
C LEU CA 87 -14.71 21.25 -29.33
N ALA CA 88 -13.55 21.76 -28.91
CA ALA CA 88 -13.47 22.68 -27.79
C ALA CA 88 -13.74 24.10 -28.28
N ASN CA 89 -13.48 25.09 -27.41
CA ASN CA 89 -13.73 26.48 -27.76
C ASN CA 89 -12.48 27.32 -27.57
N GLU CA 90 -12.62 28.65 -27.60
CA GLU CA 90 -11.47 29.54 -27.53
C GLU CA 90 -10.65 29.30 -26.27
N GLU CA 91 -11.31 29.13 -25.13
CA GLU CA 91 -10.63 28.94 -23.86
C GLU CA 91 -10.36 27.48 -23.54
N GLY CA 92 -10.52 26.59 -24.51
CA GLY CA 92 -10.28 25.17 -24.28
C GLY CA 92 -11.27 24.53 -23.34
N TYR CA 93 -12.55 24.86 -23.46
CA TYR CA 93 -13.60 24.32 -22.62
C TYR CA 93 -14.56 23.50 -23.46
N ILE CA 94 -14.92 22.32 -22.98
CA ILE CA 94 -15.98 21.50 -23.58
C ILE CA 94 -17.11 21.42 -22.57
N TYR CA 95 -18.30 21.86 -22.97
CA TYR CA 95 -19.44 21.82 -22.07
C TYR CA 95 -20.14 20.47 -22.18
N LYS CA 96 -20.43 19.87 -21.04
CA LYS CA 96 -20.99 18.53 -20.95
C LYS CA 96 -22.40 18.55 -20.37
N PRO CA 97 -23.20 17.51 -20.62
CA PRO CA 97 -24.57 17.51 -20.14
C PRO CA 97 -24.66 17.62 -18.63
N ASN CA 98 -25.70 18.31 -18.17
CA ASN CA 98 -25.91 18.56 -16.74
C ASN CA 98 -26.68 17.40 -16.10
N VAL CA 99 -26.13 16.20 -16.27
CA VAL CA 99 -26.72 14.98 -15.73
C VAL CA 99 -26.03 14.64 -14.43
N ASN CA 100 -26.81 14.50 -13.36
CA ASN CA 100 -26.30 14.14 -12.04
C ASN CA 100 -26.63 12.67 -11.80
N VAL CA 101 -25.59 11.87 -11.55
CA VAL CA 101 -25.78 10.42 -11.43
C VAL CA 101 -26.64 10.09 -10.22
N MET CA 102 -26.42 10.79 -9.11
CA MET CA 102 -27.16 10.49 -7.89
C MET CA 102 -28.66 10.69 -8.06
N GLU CA 103 -29.06 11.75 -8.76
CA GLU CA 103 -30.48 11.98 -8.98
C GLU CA 103 -31.06 11.00 -10.00
N GLU CA 104 -30.23 10.50 -10.92
CA GLU CA 104 -30.71 9.49 -11.85
C GLU CA 104 -30.91 8.15 -11.17
N MET CA 105 -30.03 7.80 -10.23
CA MET CA 105 -30.20 6.57 -9.47
C MET CA 105 -31.47 6.61 -8.62
N ALA CA 106 -31.74 7.75 -7.98
CA ALA CA 106 -32.95 7.89 -7.18
C ALA CA 106 -34.20 7.80 -8.04
N ASN CA 107 -34.18 8.42 -9.22
CA ASN CA 107 -35.32 8.31 -10.13
C ASN CA 107 -35.54 6.88 -10.59
N MET CA 108 -34.44 6.15 -10.83
CA MET CA 108 -34.56 4.74 -11.20
C MET CA 108 -35.23 3.93 -10.10
N ILE CA 109 -34.85 4.18 -8.85
CA ILE CA 109 -35.48 3.49 -7.73
C ILE CA 109 -36.94 3.90 -7.58
N SER CA 110 -37.21 5.21 -7.67
CA SER CA 110 -38.57 5.70 -7.49
C SER CA 110 -39.49 5.24 -8.62
N ALA CA 111 -39.00 5.27 -9.86
CA ALA CA 111 -39.84 4.90 -11.00
C ALA CA 111 -40.18 3.40 -10.96
N SER CA 112 -39.19 2.56 -10.68
CA SER CA 112 -39.42 1.12 -10.70
C SER CA 112 -40.41 0.71 -9.61
N ARG CA 113 -40.22 1.23 -8.38
CA ARG CA 113 -41.09 0.84 -7.27
C ARG CA 113 -42.51 1.35 -7.48
N ALA CA 114 -42.65 2.61 -7.91
CA ALA CA 114 -43.98 3.18 -8.13
C ALA CA 114 -44.68 2.47 -9.29
N TYR CA 115 -43.94 2.09 -10.32
CA TYR CA 115 -44.53 1.36 -11.43
C TYR CA 115 -45.08 0.01 -10.98
N GLN CA 116 -44.31 -0.71 -10.17
CA GLN CA 116 -44.76 -2.02 -9.70
C GLN CA 116 -45.86 -1.92 -8.66
N THR CA 117 -45.95 -0.80 -7.94
CA THR CA 117 -47.04 -0.61 -6.99
C THR CA 117 -48.38 -0.54 -7.71
N ASN CA 118 -48.42 0.14 -8.86
CA ASN CA 118 -49.66 0.23 -9.62
C ASN CA 118 -50.02 -1.11 -10.27
N VAL CA 119 -49.04 -1.98 -10.48
CA VAL CA 119 -49.35 -3.33 -10.94
C VAL CA 119 -50.19 -4.06 -9.91
N GLN CA 120 -49.81 -3.95 -8.64
CA GLN CA 120 -50.57 -4.60 -7.57
C GLN CA 120 -51.99 -4.06 -7.49
N VAL CA 121 -52.15 -2.75 -7.58
CA VAL CA 121 -53.48 -2.15 -7.51
C VAL CA 121 -54.33 -2.58 -8.69
N ALA CA 122 -53.77 -2.56 -9.89
CA ALA CA 122 -54.51 -3.01 -11.08
C ALA CA 122 -54.84 -4.50 -11.00
N ASP CA 123 -53.89 -5.31 -10.53
CA ASP CA 123 -54.15 -6.74 -10.39
C ASP CA 123 -55.21 -7.01 -9.33
N SER CA 124 -55.16 -6.28 -8.21
CA SER CA 124 -56.16 -6.46 -7.17
C SER CA 124 -57.51 -5.90 -7.60
N SER CA 125 -57.53 -4.90 -8.46
CA SER CA 125 -58.78 -4.35 -8.95
C SER CA 125 -59.55 -5.38 -9.77
N LYS CA 126 -58.84 -6.19 -10.56
CA LYS CA 126 -59.48 -7.24 -11.33
C LYS CA 126 -60.15 -8.27 -10.42
N GLN CA 127 -59.51 -8.60 -9.30
CA GLN CA 127 -60.08 -9.56 -8.37
C GLN CA 127 -61.42 -9.07 -7.82
N MET CA 128 -61.51 -7.77 -7.49
CA MET CA 128 -62.77 -7.23 -7.01
C MET CA 128 -63.85 -7.33 -8.09
N LEU CA 129 -63.49 -7.09 -9.35
CA LEU CA 129 -64.45 -7.24 -10.44
C LEU CA 129 -64.87 -8.69 -10.59
N LEU CA 130 -63.93 -9.63 -10.45
CA LEU CA 130 -64.28 -11.04 -10.57
C LEU CA 130 -65.20 -11.48 -9.44
N ARG CA 131 -64.96 -10.98 -8.22
CA ARG CA 131 -65.82 -11.33 -7.10
C ARG CA 131 -67.22 -10.75 -7.26
N THR CA 132 -67.34 -9.59 -7.93
CA THR CA 132 -68.65 -8.98 -8.15
C THR CA 132 -69.51 -9.87 -9.02
N LEU CA 133 -68.91 -10.54 -10.00
CA LEU CA 133 -69.67 -11.45 -10.86
C LEU CA 133 -70.23 -12.65 -10.10
N GLN CA 134 -69.66 -12.97 -8.94
CA GLN CA 134 -70.12 -14.08 -8.13
C GLN CA 134 -71.19 -13.68 -7.11
N MET CA 135 -71.66 -12.44 -7.15
CA MET CA 135 -72.73 -12.02 -6.26
C MET CA 135 -73.99 -12.82 -6.55
N GLY CA 136 -74.62 -13.32 -5.49
CA GLY CA 136 -75.84 -14.09 -5.63
C GLY CA 136 -75.65 -15.53 -6.07
N GLN CA 137 -74.41 -16.02 -6.10
CA GLN CA 137 -74.15 -17.38 -6.52
C GLN CA 137 -73.51 -18.19 -5.39
N SER DA 2 -36.45 -25.44 -30.39
CA SER DA 2 -36.08 -26.47 -29.42
C SER DA 2 -35.03 -25.96 -28.45
N LEU DA 3 -35.45 -25.51 -27.27
CA LEU DA 3 -34.52 -25.01 -26.27
C LEU DA 3 -33.66 -26.11 -25.66
N PHE DA 4 -34.00 -27.39 -25.90
CA PHE DA 4 -33.11 -28.47 -25.45
C PHE DA 4 -31.84 -28.49 -26.29
N ASN DA 5 -31.93 -28.03 -27.54
CA ASN DA 5 -30.73 -27.88 -28.36
C ASN DA 5 -29.82 -26.79 -27.80
N VAL DA 6 -30.40 -25.79 -27.12
CA VAL DA 6 -29.60 -24.74 -26.50
C VAL DA 6 -28.69 -25.33 -25.43
N PHE DA 7 -29.22 -26.26 -24.65
CA PHE DA 7 -28.44 -26.92 -23.59
C PHE DA 7 -27.25 -27.66 -24.18
N ASN DA 8 -27.41 -28.24 -25.38
CA ASN DA 8 -26.29 -28.87 -26.04
C ASN DA 8 -25.23 -27.85 -26.43
N VAL DA 9 -25.64 -26.69 -26.94
CA VAL DA 9 -24.69 -25.67 -27.37
C VAL DA 9 -23.96 -25.07 -26.18
N THR DA 10 -24.71 -24.71 -25.13
CA THR DA 10 -24.08 -24.21 -23.92
C THR DA 10 -23.26 -25.30 -23.23
N GLY DA 11 -23.79 -26.52 -23.21
CA GLY DA 11 -23.04 -27.62 -22.62
C GLY DA 11 -21.75 -27.92 -23.37
N SER DA 12 -21.80 -27.86 -24.70
CA SER DA 12 -20.58 -28.04 -25.49
C SER DA 12 -19.62 -26.87 -25.29
N ALA DA 13 -20.17 -25.66 -25.13
CA ALA DA 13 -19.33 -24.49 -24.88
C ALA DA 13 -18.57 -24.63 -23.56
N MET DA 14 -19.25 -25.05 -22.50
CA MET DA 14 -18.59 -25.19 -21.20
C MET DA 14 -17.51 -26.26 -21.26
N SER DA 15 -17.75 -27.35 -22.00
CA SER DA 15 -16.73 -28.36 -22.18
C SER DA 15 -15.52 -27.80 -22.91
N ALA DA 16 -15.76 -26.97 -23.94
CA ALA DA 16 -14.66 -26.38 -24.70
C ALA DA 16 -13.85 -25.44 -23.82
N GLU DA 17 -14.52 -24.60 -23.03
CA GLU DA 17 -13.82 -23.66 -22.16
C GLU DA 17 -13.08 -24.37 -21.03
N SER DA 18 -13.59 -25.51 -20.57
CA SER DA 18 -12.90 -26.26 -19.52
C SER DA 18 -11.64 -26.92 -20.06
N VAL DA 19 -11.68 -27.35 -21.33
CA VAL DA 19 -10.48 -27.90 -21.96
C VAL DA 19 -9.40 -26.84 -22.06
N ARG DA 20 -9.77 -25.62 -22.46
CA ARG DA 20 -8.79 -24.55 -22.57
C ARG DA 20 -8.19 -24.19 -21.21
N LEU DA 21 -8.98 -24.26 -20.14
CA LEU DA 21 -8.47 -23.94 -18.82
C LEU DA 21 -7.42 -24.95 -18.37
N ASN DA 22 -7.68 -26.24 -18.62
CA ASN DA 22 -6.71 -27.27 -18.25
C ASN DA 22 -5.45 -27.15 -19.09
N THR DA 23 -5.60 -26.78 -20.36
CA THR DA 23 -4.45 -26.50 -21.21
C THR DA 23 -3.64 -25.32 -20.66
N THR DA 24 -4.34 -24.29 -20.19
CA THR DA 24 -3.66 -23.16 -19.55
C THR DA 24 -2.97 -23.60 -18.26
N SER DA 25 -3.61 -24.49 -17.50
CA SER DA 25 -3.02 -24.97 -16.27
C SER DA 25 -1.73 -25.74 -16.53
N SER DA 26 -1.71 -26.55 -17.59
CA SER DA 26 -0.52 -27.32 -17.92
C SER DA 26 0.58 -26.43 -18.48
N ASN DA 27 0.21 -25.30 -19.09
CA ASN DA 27 1.23 -24.36 -19.58
C ASN DA 27 1.91 -23.63 -18.43
N LEU DA 28 1.14 -23.17 -17.44
CA LEU DA 28 1.73 -22.49 -16.29
C LEU DA 28 2.60 -23.44 -15.48
N ALA DA 29 2.19 -24.69 -15.32
CA ALA DA 29 2.96 -25.67 -14.58
C ALA DA 29 4.22 -26.11 -15.31
N ASN DA 30 4.32 -25.86 -16.62
CA ASN DA 30 5.46 -26.31 -17.42
C ASN DA 30 6.13 -25.14 -18.14
N ALA DA 31 6.07 -23.95 -17.57
CA ALA DA 31 6.77 -22.80 -18.14
C ALA DA 31 8.27 -22.83 -17.86
N ASP DA 32 8.73 -23.74 -17.01
CA ASP DA 32 10.14 -23.82 -16.66
C ASP DA 32 10.66 -25.26 -16.68
N SER DA 33 10.04 -26.13 -17.47
CA SER DA 33 10.38 -27.55 -17.50
C SER DA 33 11.25 -27.85 -18.71
N VAL DA 34 12.49 -28.25 -18.47
CA VAL DA 34 13.40 -28.56 -19.55
C VAL DA 34 13.25 -30.02 -20.00
N SER DA 35 13.12 -30.93 -19.04
CA SER DA 35 13.01 -32.35 -19.36
C SER DA 35 11.54 -32.69 -19.63
N SER DA 36 11.29 -33.96 -19.93
CA SER DA 36 9.94 -34.47 -20.13
C SER DA 36 9.99 -35.99 -20.15
N SER DA 37 8.83 -36.61 -19.96
CA SER DA 37 8.71 -38.05 -20.08
C SER DA 37 9.07 -38.48 -21.50
N ALA DA 38 8.31 -38.00 -22.48
CA ALA DA 38 8.72 -38.12 -23.86
C ALA DA 38 9.93 -37.23 -24.11
N LYS DA 39 10.93 -37.76 -24.80
CA LYS DA 39 12.19 -37.02 -24.99
C LYS DA 39 11.99 -35.95 -26.05
N ASP DA 40 11.24 -34.92 -25.67
CA ASP DA 40 11.05 -33.73 -26.50
C ASP DA 40 10.59 -32.61 -25.60
N THR DA 41 11.17 -31.41 -25.76
CA THR DA 41 10.86 -30.29 -24.90
C THR DA 41 9.40 -29.90 -25.01
N TYR DA 42 8.79 -29.59 -23.87
CA TYR DA 42 7.39 -29.17 -23.85
C TYR DA 42 7.20 -27.90 -24.66
N LYS DA 43 6.16 -27.90 -25.50
CA LYS DA 43 5.75 -26.74 -26.26
C LYS DA 43 4.37 -26.31 -25.80
N ALA DA 44 4.15 -25.00 -25.78
CA ALA DA 44 2.88 -24.46 -25.31
C ALA DA 44 1.73 -25.04 -26.11
N ARG DA 45 0.71 -25.54 -25.41
CA ARG DA 45 -0.40 -26.21 -26.03
C ARG DA 45 -1.60 -25.29 -26.14
N HIS DA 46 -2.42 -25.51 -27.16
CA HIS DA 46 -3.61 -24.70 -27.40
C HIS DA 46 -4.67 -25.56 -28.06
N ALA DA 47 -5.77 -25.79 -27.35
CA ALA DA 47 -6.88 -26.54 -27.91
C ALA DA 47 -7.51 -25.77 -29.07
N VAL DA 48 -7.91 -26.49 -30.11
CA VAL DA 48 -8.47 -25.88 -31.31
C VAL DA 48 -9.98 -26.04 -31.27
N PHE DA 49 -10.69 -24.91 -31.18
CA PHE DA 49 -12.15 -24.95 -31.25
C PHE DA 49 -12.60 -25.06 -32.70
N GLY DA 50 -13.82 -25.51 -32.89
CA GLY DA 50 -14.36 -25.69 -34.23
C GLY DA 50 -15.86 -25.48 -34.27
N ALA DA 51 -16.35 -25.09 -35.44
CA ALA DA 51 -17.78 -24.87 -35.66
C ALA DA 51 -18.21 -25.51 -36.96
N GLU DA 52 -19.25 -26.34 -36.90
CA GLU DA 52 -19.78 -27.01 -38.08
C GLU DA 52 -20.97 -26.23 -38.67
N LEU DA 53 -20.74 -24.96 -38.94
CA LEU DA 53 -21.80 -24.12 -39.50
C LEU DA 53 -22.17 -24.61 -40.90
N SER DA 54 -23.47 -24.62 -41.19
CA SER DA 54 -23.96 -25.07 -42.48
C SER DA 54 -25.36 -24.53 -42.75
N ASP DA 61 -29.42 -23.16 -37.52
CA ASP DA 61 -30.02 -23.28 -36.19
C ASP DA 61 -28.97 -23.26 -35.09
N THR DA 62 -28.70 -24.42 -34.50
CA THR DA 62 -27.75 -24.56 -33.40
C THR DA 62 -26.47 -25.18 -33.91
N VAL DA 63 -25.36 -24.50 -33.70
CA VAL DA 63 -24.05 -24.98 -34.10
C VAL DA 63 -23.20 -25.15 -32.85
N PRO DA 64 -23.03 -26.38 -32.37
CA PRO DA 64 -22.18 -26.60 -31.19
C PRO DA 64 -20.72 -26.32 -31.51
N VAL DA 65 -19.99 -25.89 -30.49
CA VAL DA 65 -18.55 -25.69 -30.57
C VAL DA 65 -17.85 -26.96 -30.11
N LYS DA 66 -16.94 -27.47 -30.92
CA LYS DA 66 -16.28 -28.73 -30.64
C LYS DA 66 -14.77 -28.52 -30.60
N VAL DA 67 -14.11 -29.24 -29.70
CA VAL DA 67 -12.65 -29.24 -29.64
C VAL DA 67 -12.14 -30.35 -30.55
N MET DA 68 -11.38 -29.97 -31.58
CA MET DA 68 -10.90 -30.91 -32.58
C MET DA 68 -9.45 -31.30 -32.37
N GLY DA 69 -8.86 -30.96 -31.23
CA GLY DA 69 -7.51 -31.37 -30.93
C GLY DA 69 -6.64 -30.29 -30.36
N ILE DA 70 -5.53 -30.69 -29.73
CA ILE DA 70 -4.59 -29.76 -29.13
C ILE DA 70 -3.45 -29.53 -30.11
N VAL DA 71 -3.13 -28.26 -30.38
CA VAL DA 71 -2.10 -27.88 -31.32
C VAL DA 71 -1.08 -27.01 -30.60
N GLU DA 72 0.19 -27.39 -30.71
CA GLU DA 72 1.26 -26.65 -30.03
C GLU DA 72 1.62 -25.39 -30.79
N SER DA 73 2.08 -24.39 -30.04
CA SER DA 73 2.58 -23.17 -30.66
C SER DA 73 3.90 -23.43 -31.38
N ASP DA 74 4.08 -22.76 -32.51
CA ASP DA 74 5.25 -22.97 -33.36
C ASP DA 74 6.40 -22.03 -33.03
N LYS DA 75 6.28 -21.20 -32.01
CA LYS DA 75 7.36 -20.31 -31.64
C LYS DA 75 8.58 -21.11 -31.18
N PRO DA 76 9.78 -20.60 -31.43
CA PRO DA 76 10.98 -21.35 -31.04
C PRO DA 76 11.11 -21.48 -29.54
N LEU DA 77 11.70 -22.58 -29.11
CA LEU DA 77 11.98 -22.78 -27.70
C LEU DA 77 13.04 -21.79 -27.23
N SER DA 78 12.79 -21.18 -26.08
CA SER DA 78 13.68 -20.15 -25.54
C SER DA 78 14.97 -20.81 -25.07
N ALA DA 79 16.07 -20.51 -25.75
CA ALA DA 79 17.36 -21.09 -25.41
C ALA DA 79 18.01 -20.31 -24.27
N GLU DA 80 18.63 -21.04 -23.35
CA GLU DA 80 19.36 -20.47 -22.23
C GLU DA 80 20.80 -20.94 -22.26
N TYR DA 81 21.72 -20.01 -22.04
CA TYR DA 81 23.14 -20.34 -21.99
C TYR DA 81 23.45 -20.91 -20.61
N ASN DA 82 23.46 -22.24 -20.53
CA ASN DA 82 23.77 -22.97 -19.30
C ASN DA 82 24.82 -24.02 -19.63
N PRO DA 83 26.07 -23.61 -19.84
CA PRO DA 83 27.09 -24.56 -20.34
C PRO DA 83 27.36 -25.73 -19.41
N ASP DA 84 27.28 -25.53 -18.11
CA ASP DA 84 27.55 -26.61 -17.16
C ASP DA 84 26.35 -27.51 -16.92
N HIS DA 85 25.20 -27.20 -17.50
CA HIS DA 85 24.04 -28.07 -17.35
C HIS DA 85 24.28 -29.40 -18.06
N PRO DA 86 23.86 -30.52 -17.46
CA PRO DA 86 24.10 -31.82 -18.10
C PRO DA 86 23.46 -31.97 -19.46
N LEU DA 87 22.35 -31.28 -19.73
CA LEU DA 87 21.64 -31.40 -20.98
C LEU DA 87 22.08 -30.37 -22.01
N ALA DA 88 23.15 -29.62 -21.73
CA ALA DA 88 23.60 -28.59 -22.65
C ALA DA 88 24.09 -29.20 -23.97
N ASN DA 89 23.88 -28.46 -25.06
CA ASN DA 89 24.32 -28.90 -26.37
C ASN DA 89 25.79 -28.55 -26.58
N GLU DA 90 26.28 -28.67 -27.82
CA GLU DA 90 27.68 -28.41 -28.10
C GLU DA 90 28.08 -26.97 -27.78
N GLU DA 91 27.15 -26.04 -27.84
CA GLU DA 91 27.42 -24.64 -27.57
C GLU DA 91 26.93 -24.19 -26.20
N GLY DA 92 26.45 -25.11 -25.37
CA GLY DA 92 26.07 -24.77 -24.01
C GLY DA 92 24.69 -24.19 -23.84
N TYR DA 93 23.79 -24.42 -24.78
CA TYR DA 93 22.44 -23.88 -24.71
C TYR DA 93 21.45 -24.98 -24.33
N ILE DA 94 20.59 -24.69 -23.36
CA ILE DA 94 19.47 -25.55 -23.02
C ILE DA 94 18.20 -24.85 -23.47
N TYR DA 95 17.24 -25.64 -23.94
CA TYR DA 95 16.02 -25.12 -24.55
C TYR DA 95 14.85 -25.31 -23.60
N LYS DA 96 14.02 -24.27 -23.50
CA LYS DA 96 12.92 -24.19 -22.55
C LYS DA 96 11.63 -23.91 -23.30
N PRO DA 97 10.49 -24.24 -22.69
CA PRO DA 97 9.21 -24.03 -23.38
C PRO DA 97 8.99 -22.56 -23.70
N ASN DA 98 8.22 -22.33 -24.77
CA ASN DA 98 7.92 -20.99 -25.26
C ASN DA 98 6.66 -20.41 -24.65
N VAL DA 99 6.33 -20.79 -23.41
CA VAL DA 99 5.12 -20.29 -22.76
C VAL DA 99 5.30 -18.82 -22.44
N ASN DA 100 4.30 -18.01 -22.81
CA ASN DA 100 4.28 -16.59 -22.51
C ASN DA 100 3.33 -16.34 -21.35
N VAL DA 101 3.83 -15.71 -20.29
CA VAL DA 101 3.05 -15.56 -19.07
C VAL DA 101 1.83 -14.67 -19.30
N MET DA 102 2.02 -13.55 -20.00
CA MET DA 102 0.92 -12.61 -20.18
C MET DA 102 -0.22 -13.22 -20.98
N GLU DA 103 0.10 -13.99 -22.02
CA GLU DA 103 -0.96 -14.57 -22.84
C GLU DA 103 -1.67 -15.71 -22.13
N GLU DA 104 -1.02 -16.35 -21.16
CA GLU DA 104 -1.68 -17.41 -20.40
C GLU DA 104 -2.65 -16.83 -19.38
N MET DA 105 -2.32 -15.68 -18.80
CA MET DA 105 -3.23 -15.04 -17.86
C MET DA 105 -4.49 -14.55 -18.55
N ALA DA 106 -4.36 -14.05 -19.78
CA ALA DA 106 -5.54 -13.65 -20.55
C ALA DA 106 -6.41 -14.86 -20.88
N ASN DA 107 -5.78 -16.00 -21.18
CA ASN DA 107 -6.54 -17.21 -21.43
C ASN DA 107 -7.26 -17.68 -20.17
N MET DA 108 -6.62 -17.55 -19.01
CA MET DA 108 -7.27 -17.90 -17.76
C MET DA 108 -8.48 -17.00 -17.50
N ILE DA 109 -8.32 -15.69 -17.74
CA ILE DA 109 -9.44 -14.77 -17.57
C ILE DA 109 -10.52 -15.04 -18.61
N SER DA 110 -10.13 -15.25 -19.86
CA SER DA 110 -11.13 -15.47 -20.92
C SER DA 110 -11.87 -16.79 -20.72
N ALA DA 111 -11.15 -17.85 -20.33
CA ALA DA 111 -11.79 -19.16 -20.18
C ALA DA 111 -12.79 -19.14 -19.03
N SER DA 112 -12.48 -18.43 -17.94
CA SER DA 112 -13.39 -18.38 -16.81
C SER DA 112 -14.64 -17.59 -17.14
N ARG DA 113 -14.47 -16.42 -17.77
CA ARG DA 113 -15.63 -15.59 -18.11
C ARG DA 113 -16.52 -16.26 -19.14
N ALA DA 114 -15.91 -16.90 -20.15
CA ALA DA 114 -16.71 -17.59 -21.15
C ALA DA 114 -17.43 -18.79 -20.56
N TYR DA 115 -16.81 -19.43 -19.56
CA TYR DA 115 -17.47 -20.53 -18.87
C TYR DA 115 -18.70 -20.05 -18.10
N GLN DA 116 -18.59 -18.90 -17.43
CA GLN DA 116 -19.66 -18.45 -16.55
C GLN DA 116 -20.84 -17.89 -17.34
N THR DA 117 -20.58 -17.28 -18.49
CA THR DA 117 -21.67 -16.72 -19.28
C THR DA 117 -22.52 -17.80 -19.94
N ASN DA 118 -21.95 -18.98 -20.20
CA ASN DA 118 -22.74 -20.08 -20.73
C ASN DA 118 -23.65 -20.70 -19.67
N VAL DA 119 -23.27 -20.58 -18.39
CA VAL DA 119 -24.16 -21.00 -17.32
C VAL DA 119 -25.40 -20.12 -17.28
N GLN DA 120 -25.21 -18.81 -17.51
CA GLN DA 120 -26.34 -17.89 -17.53
C GLN DA 120 -27.32 -18.23 -18.66
N VAL DA 121 -26.79 -18.55 -19.84
CA VAL DA 121 -27.66 -18.89 -20.96
C VAL DA 121 -28.42 -20.18 -20.68
N ALA DA 122 -27.72 -21.19 -20.13
CA ALA DA 122 -28.38 -22.44 -19.81
C ALA DA 122 -29.45 -22.25 -18.74
N ASP DA 123 -29.15 -21.46 -17.71
CA ASP DA 123 -30.16 -21.19 -16.68
C ASP DA 123 -31.33 -20.40 -17.24
N SER DA 124 -31.05 -19.40 -18.08
CA SER DA 124 -32.14 -18.63 -18.68
C SER DA 124 -32.97 -19.48 -19.63
N SER DA 125 -32.31 -20.33 -20.41
CA SER DA 125 -33.05 -21.21 -21.31
C SER DA 125 -33.87 -22.24 -20.54
N LYS DA 126 -33.39 -22.63 -19.35
CA LYS DA 126 -34.15 -23.56 -18.52
C LYS DA 126 -35.48 -22.95 -18.08
N GLN DA 127 -35.48 -21.66 -17.76
CA GLN DA 127 -36.72 -21.00 -17.35
C GLN DA 127 -37.73 -20.97 -18.49
N MET DA 128 -37.26 -20.78 -19.73
CA MET DA 128 -38.17 -20.74 -20.86
C MET DA 128 -38.90 -22.06 -21.04
N LEU DA 129 -38.18 -23.17 -20.91
CA LEU DA 129 -38.81 -24.49 -21.06
C LEU DA 129 -39.83 -24.74 -19.95
N LEU DA 130 -39.50 -24.36 -18.72
CA LEU DA 130 -40.46 -24.54 -17.62
C LEU DA 130 -41.70 -23.67 -17.83
N ARG DA 131 -41.51 -22.47 -18.36
CA ARG DA 131 -42.65 -21.60 -18.63
C ARG DA 131 -43.52 -22.17 -19.73
N THR DA 132 -42.93 -22.90 -20.69
CA THR DA 132 -43.72 -23.53 -21.74
C THR DA 132 -44.57 -24.67 -21.18
N LEU DA 133 -44.07 -25.38 -20.18
CA LEU DA 133 -44.85 -26.43 -19.55
C LEU DA 133 -46.12 -25.90 -18.91
N GLN DA 134 -46.13 -24.63 -18.52
CA GLN DA 134 -47.30 -24.02 -17.90
C GLN DA 134 -48.29 -23.48 -18.92
N MET DA 135 -47.98 -23.57 -20.21
CA MET DA 135 -48.87 -23.05 -21.24
C MET DA 135 -50.23 -23.75 -21.20
N GLY DA 136 -51.29 -22.96 -21.27
CA GLY DA 136 -52.63 -23.51 -21.25
C GLY DA 136 -53.08 -23.94 -19.87
N GLN DA 137 -52.31 -24.83 -19.24
CA GLN DA 137 -52.64 -25.34 -17.93
C GLN DA 137 -52.54 -24.25 -16.86
N SER EA 2 -41.52 2.42 -24.53
CA SER EA 2 -41.86 1.37 -23.59
C SER EA 2 -40.64 0.98 -22.76
N LEU EA 3 -40.81 -0.03 -21.91
CA LEU EA 3 -39.68 -0.51 -21.12
C LEU EA 3 -38.67 -1.25 -21.98
N PHE EA 4 -39.11 -1.76 -23.15
CA PHE EA 4 -38.17 -2.41 -24.05
C PHE EA 4 -37.27 -1.39 -24.74
N ASN EA 5 -37.75 -0.15 -24.90
CA ASN EA 5 -36.90 0.90 -25.45
C ASN EA 5 -35.72 1.18 -24.54
N VAL EA 6 -35.88 0.96 -23.23
CA VAL EA 6 -34.76 1.11 -22.30
C VAL EA 6 -33.63 0.17 -22.66
N PHE EA 7 -33.96 -1.06 -23.04
CA PHE EA 7 -32.93 -2.02 -23.44
C PHE EA 7 -32.17 -1.54 -24.65
N ASN EA 8 -32.86 -0.95 -25.63
CA ASN EA 8 -32.17 -0.39 -26.79
C ASN EA 8 -31.31 0.81 -26.41
N VAL EA 9 -31.82 1.66 -25.52
CA VAL EA 9 -31.07 2.85 -25.12
C VAL EA 9 -29.88 2.47 -24.24
N THR EA 10 -30.12 1.65 -23.21
CA THR EA 10 -29.02 1.21 -22.36
C THR EA 10 -28.04 0.34 -23.12
N GLY EA 11 -28.54 -0.55 -23.98
CA GLY EA 11 -27.65 -1.39 -24.76
C GLY EA 11 -26.74 -0.59 -25.66
N SER EA 12 -27.25 0.51 -26.21
CA SER EA 12 -26.43 1.38 -27.04
C SER EA 12 -25.29 1.99 -26.23
N ALA EA 13 -25.56 2.38 -24.99
CA ALA EA 13 -24.50 2.91 -24.13
C ALA EA 13 -23.47 1.85 -23.79
N MET EA 14 -23.91 0.60 -23.62
CA MET EA 14 -22.98 -0.49 -23.36
C MET EA 14 -22.00 -0.65 -24.52
N SER EA 15 -22.50 -0.58 -25.76
CA SER EA 15 -21.62 -0.60 -26.92
C SER EA 15 -20.81 0.69 -27.01
N ALA EA 16 -21.41 1.82 -26.65
CA ALA EA 16 -20.71 3.09 -26.74
C ALA EA 16 -19.51 3.13 -25.81
N GLU EA 17 -19.69 2.73 -24.55
CA GLU EA 17 -18.58 2.71 -23.60
C GLU EA 17 -17.55 1.66 -23.96
N SER EA 18 -17.94 0.62 -24.70
CA SER EA 18 -16.99 -0.38 -25.15
C SER EA 18 -16.06 0.19 -26.23
N VAL EA 19 -16.61 1.06 -27.09
CA VAL EA 19 -15.80 1.69 -28.12
C VAL EA 19 -14.75 2.60 -27.49
N ARG EA 20 -15.15 3.39 -26.50
CA ARG EA 20 -14.19 4.25 -25.82
C ARG EA 20 -13.14 3.46 -25.04
N LEU EA 21 -13.51 2.30 -24.51
CA LEU EA 21 -12.54 1.46 -23.81
C LEU EA 21 -11.49 0.92 -24.77
N ASN EA 22 -11.92 0.47 -25.95
CA ASN EA 22 -10.98 -0.05 -26.94
C ASN EA 22 -10.08 1.06 -27.48
N THR EA 23 -10.64 2.25 -27.68
CA THR EA 23 -9.85 3.38 -28.13
C THR EA 23 -8.77 3.73 -27.10
N THR EA 24 -9.14 3.72 -25.82
CA THR EA 24 -8.17 3.98 -24.76
C THR EA 24 -7.10 2.88 -24.72
N SER EA 25 -7.50 1.63 -24.93
CA SER EA 25 -6.53 0.54 -24.94
C SER EA 25 -5.50 0.73 -26.06
N SER EA 26 -5.95 1.15 -27.24
CA SER EA 26 -5.02 1.41 -28.33
C SER EA 26 -4.16 2.65 -28.07
N ASN EA 27 -4.67 3.58 -27.27
CA ASN EA 27 -3.86 4.75 -26.89
C ASN EA 27 -2.76 4.36 -25.92
N LEU EA 28 -3.08 3.52 -24.93
CA LEU EA 28 -2.07 3.10 -23.95
C LEU EA 28 -1.00 2.24 -24.59
N ALA EA 29 -1.36 1.45 -25.60
CA ALA EA 29 -0.43 0.55 -26.27
C ALA EA 29 0.40 1.24 -27.33
N ASN EA 30 0.10 2.49 -27.67
CA ASN EA 30 0.81 3.22 -28.72
C ASN EA 30 1.40 4.53 -28.20
N ALA EA 31 1.59 4.63 -26.88
CA ALA EA 31 2.14 5.85 -26.30
C ALA EA 31 3.64 5.98 -26.53
N ASP EA 32 4.32 4.92 -26.95
CA ASP EA 32 5.77 4.94 -27.12
C ASP EA 32 6.16 4.34 -28.47
N SER EA 33 5.26 4.37 -29.45
CA SER EA 33 5.50 3.78 -30.76
C SER EA 33 5.92 4.89 -31.72
N VAL EA 34 7.22 4.96 -32.00
CA VAL EA 34 7.72 5.96 -32.93
C VAL EA 34 7.30 5.64 -34.36
N SER EA 35 7.30 4.37 -34.74
CA SER EA 35 6.96 3.95 -36.09
C SER EA 35 5.53 3.44 -36.14
N SER EA 36 5.02 3.33 -37.37
CA SER EA 36 3.63 2.88 -37.56
C SER EA 36 3.39 2.48 -39.02
N SER EA 37 2.70 1.36 -39.26
CA SER EA 37 2.31 1.04 -40.65
C SER EA 37 1.31 2.12 -41.06
N ALA EA 38 1.17 2.41 -42.36
CA ALA EA 38 0.25 3.47 -42.86
C ALA EA 38 0.97 4.82 -42.93
N LYS EA 39 2.28 4.84 -42.68
CA LYS EA 39 3.06 6.09 -42.86
C LYS EA 39 2.45 7.24 -42.08
N ASP EA 40 1.97 6.98 -40.85
CA ASP EA 40 1.39 8.05 -40.01
C ASP EA 40 1.83 7.83 -38.56
N THR EA 41 2.53 8.79 -37.96
CA THR EA 41 2.87 8.66 -36.52
C THR EA 41 1.57 8.71 -35.73
N TYR EA 42 1.06 7.55 -35.29
CA TYR EA 42 -0.13 7.47 -34.44
C TYR EA 42 -0.28 8.71 -33.58
N LYS EA 43 -1.50 9.22 -33.52
CA LYS EA 43 -1.88 10.31 -32.65
C LYS EA 43 -3.05 9.86 -31.80
N ALA EA 44 -3.15 10.41 -30.60
CA ALA EA 44 -4.16 9.96 -29.64
C ALA EA 44 -5.55 10.10 -30.22
N ARG EA 45 -6.32 9.02 -30.14
CA ARG EA 45 -7.66 8.96 -30.68
C ARG EA 45 -8.69 9.09 -29.56
N HIS EA 46 -9.82 9.70 -29.89
CA HIS EA 46 -10.90 9.91 -28.93
C HIS EA 46 -12.22 9.52 -29.57
N ALA EA 47 -13.08 8.84 -28.82
CA ALA EA 47 -14.42 8.52 -29.28
C ALA EA 47 -15.38 9.61 -28.82
N VAL EA 48 -15.97 10.32 -29.77
CA VAL EA 48 -16.87 11.42 -29.47
C VAL EA 48 -18.29 10.90 -29.53
N PHE EA 49 -18.94 10.82 -28.36
CA PHE EA 49 -20.31 10.37 -28.30
C PHE EA 49 -21.25 11.45 -28.84
N GLY EA 50 -22.45 11.02 -29.20
CA GLY EA 50 -23.46 11.95 -29.68
C GLY EA 50 -24.87 11.42 -29.51
N ALA EA 51 -25.76 12.25 -28.98
CA ALA EA 51 -27.14 11.86 -28.81
C ALA EA 51 -27.87 11.90 -30.14
N GLU EA 52 -28.43 10.74 -30.50
CA GLU EA 52 -29.18 10.63 -31.78
C GLU EA 52 -30.65 10.83 -31.43
N LEU EA 53 -31.07 12.08 -31.27
CA LEU EA 53 -32.46 12.30 -30.83
C LEU EA 53 -33.37 11.41 -31.69
N SER EA 54 -33.29 11.56 -33.02
CA SER EA 54 -34.18 10.78 -33.93
C SER EA 54 -35.26 10.07 -33.12
N ASP EA 61 -38.12 11.72 -25.08
CA ASP EA 61 -38.43 10.42 -24.49
C ASP EA 61 -37.19 9.53 -24.44
N THR EA 62 -37.01 8.72 -25.48
CA THR EA 62 -35.87 7.81 -25.59
C THR EA 62 -34.84 8.40 -26.55
N VAL EA 63 -33.64 8.63 -26.04
CA VAL EA 63 -32.54 9.21 -26.81
C VAL EA 63 -31.35 8.27 -26.73
N PRO EA 64 -31.17 7.40 -27.71
CA PRO EA 64 -29.97 6.54 -27.73
C PRO EA 64 -28.72 7.35 -27.97
N VAL EA 65 -27.58 6.78 -27.53
CA VAL EA 65 -26.27 7.38 -27.74
C VAL EA 65 -25.55 6.59 -28.83
N LYS EA 66 -24.93 7.29 -29.76
CA LYS EA 66 -24.22 6.67 -30.87
C LYS EA 66 -22.81 7.25 -30.97
N VAL EA 67 -21.86 6.41 -31.37
CA VAL EA 67 -20.53 6.88 -31.72
C VAL EA 67 -20.57 7.36 -33.18
N MET EA 68 -20.25 8.63 -33.39
CA MET EA 68 -20.30 9.23 -34.71
C MET EA 68 -18.98 9.15 -35.46
N GLY EA 69 -17.97 8.54 -34.87
CA GLY EA 69 -16.65 8.45 -35.49
C GLY EA 69 -15.56 8.77 -34.47
N ILE EA 70 -14.39 8.21 -34.71
CA ILE EA 70 -13.25 8.42 -33.83
C ILE EA 70 -12.47 9.64 -34.32
N VAL EA 71 -12.10 10.51 -33.39
CA VAL EA 71 -11.43 11.76 -33.71
C VAL EA 71 -10.04 11.76 -33.06
N GLU EA 72 -9.04 12.25 -33.79
CA GLU EA 72 -7.68 12.27 -33.29
C GLU EA 72 -7.41 13.51 -32.44
N SER EA 73 -6.40 13.41 -31.59
CA SER EA 73 -6.04 14.51 -30.71
C SER EA 73 -5.43 15.66 -31.50
N ASP EA 74 -5.68 16.88 -31.02
CA ASP EA 74 -5.16 18.10 -31.64
C ASP EA 74 -3.83 18.53 -31.06
N LYS EA 75 -3.36 17.89 -30.00
CA LYS EA 75 -2.10 18.29 -29.38
C LYS EA 75 -0.93 17.97 -30.33
N PRO EA 76 0.09 18.83 -30.36
CA PRO EA 76 1.26 18.54 -31.19
C PRO EA 76 2.01 17.31 -30.69
N LEU EA 77 2.61 16.59 -31.63
CA LEU EA 77 3.39 15.41 -31.29
C LEU EA 77 4.61 15.79 -30.46
N SER EA 78 5.00 14.88 -29.57
CA SER EA 78 6.14 15.12 -28.69
C SER EA 78 7.43 14.87 -29.45
N ALA EA 79 8.20 15.94 -29.69
CA ALA EA 79 9.44 15.83 -30.43
C ALA EA 79 10.60 15.54 -29.48
N GLU EA 80 11.42 14.56 -29.86
CA GLU EA 80 12.56 14.14 -29.06
C GLU EA 80 13.80 14.06 -29.93
N TYR EA 81 14.91 14.63 -29.46
CA TYR EA 81 16.14 14.72 -30.24
C TYR EA 81 16.86 13.38 -30.17
N ASN EA 82 16.77 12.61 -31.25
CA ASN EA 82 17.44 11.31 -31.38
C ASN EA 82 18.16 11.29 -32.71
N PRO EA 83 19.30 11.97 -32.81
CA PRO EA 83 19.94 12.17 -34.12
C PRO EA 83 20.37 10.89 -34.81
N ASP EA 84 20.77 9.86 -34.06
CA ASP EA 84 21.30 8.64 -34.63
C ASP EA 84 20.22 7.63 -35.02
N HIS EA 85 18.95 7.95 -34.77
CA HIS EA 85 17.88 7.04 -35.15
C HIS EA 85 17.68 7.08 -36.67
N PRO EA 86 17.35 5.94 -37.30
CA PRO EA 86 17.09 5.96 -38.75
C PRO EA 86 15.90 6.79 -39.16
N LEU EA 87 14.96 7.06 -38.25
CA LEU EA 87 13.80 7.89 -38.55
C LEU EA 87 14.02 9.35 -38.22
N ALA EA 88 15.22 9.72 -37.80
CA ALA EA 88 15.52 11.10 -37.45
C ALA EA 88 15.54 11.97 -38.70
N ASN EA 89 14.97 13.17 -38.56
CA ASN EA 89 15.01 14.14 -39.65
C ASN EA 89 16.38 14.79 -39.72
N GLU EA 90 16.51 15.82 -40.57
CA GLU EA 90 17.77 16.52 -40.71
C GLU EA 90 18.20 17.16 -39.39
N GLU EA 91 17.25 17.75 -38.67
CA GLU EA 91 17.57 18.35 -37.38
C GLU EA 91 17.86 17.27 -36.33
N GLY EA 92 17.40 16.06 -36.56
CA GLY EA 92 17.68 14.94 -35.67
C GLY EA 92 16.59 14.58 -34.69
N TYR EA 93 15.39 15.14 -34.83
CA TYR EA 93 14.31 14.90 -33.89
C TYR EA 93 13.39 13.81 -34.42
N ILE EA 94 13.08 12.84 -33.57
CA ILE EA 94 12.05 11.85 -33.84
C ILE EA 94 10.80 12.26 -33.07
N TYR EA 95 9.64 11.94 -33.63
CA TYR EA 95 8.37 12.37 -33.07
C TYR EA 95 7.61 11.18 -32.50
N LYS EA 96 6.97 11.38 -31.35
CA LYS EA 96 6.24 10.32 -30.69
C LYS EA 96 4.78 10.75 -30.48
N PRO EA 97 3.85 9.80 -30.39
CA PRO EA 97 2.44 10.17 -30.21
C PRO EA 97 2.19 11.07 -29.02
N ASN EA 98 1.12 11.86 -29.11
CA ASN EA 98 0.74 12.81 -28.07
C ASN EA 98 -0.19 12.19 -27.04
N VAL EA 99 -0.08 10.88 -26.81
CA VAL EA 99 -0.94 10.21 -25.84
C VAL EA 99 -0.62 10.72 -24.44
N ASN EA 100 -1.65 11.18 -23.74
CA ASN EA 100 -1.53 11.62 -22.36
C ASN EA 100 -2.01 10.50 -21.45
N VAL EA 101 -1.11 10.00 -20.60
CA VAL EA 101 -1.43 8.84 -19.79
C VAL EA 101 -2.56 9.14 -18.82
N MET EA 102 -2.53 10.33 -18.20
CA MET EA 102 -3.48 10.64 -17.13
C MET EA 102 -4.91 10.66 -17.65
N GLU EA 103 -5.12 11.21 -18.86
CA GLU EA 103 -6.48 11.24 -19.39
C GLU EA 103 -6.97 9.85 -19.78
N GLU EA 104 -6.06 8.98 -20.22
CA GLU EA 104 -6.46 7.61 -20.53
C GLU EA 104 -6.86 6.85 -19.27
N MET EA 105 -6.14 7.06 -18.18
CA MET EA 105 -6.53 6.44 -16.91
C MET EA 105 -7.85 6.99 -16.42
N ALA EA 106 -8.06 8.30 -16.57
CA ALA EA 106 -9.36 8.89 -16.22
C ALA EA 106 -10.46 8.39 -17.14
N ASN EA 107 -10.16 8.26 -18.43
CA ASN EA 107 -11.14 7.68 -19.36
C ASN EA 107 -11.41 6.22 -19.02
N MET EA 108 -10.38 5.49 -18.61
CA MET EA 108 -10.56 4.09 -18.24
C MET EA 108 -11.50 3.96 -17.05
N ILE EA 109 -11.36 4.83 -16.05
CA ILE EA 109 -12.23 4.79 -14.89
C ILE EA 109 -13.64 5.20 -15.27
N SER EA 110 -13.79 6.31 -16.01
CA SER EA 110 -15.12 6.80 -16.36
C SER EA 110 -15.86 5.82 -17.24
N ALA EA 111 -15.17 5.22 -18.22
CA ALA EA 111 -15.82 4.26 -19.11
C ALA EA 111 -16.33 3.05 -18.35
N SER EA 112 -15.54 2.57 -17.38
CA SER EA 112 -15.97 1.41 -16.60
C SER EA 112 -17.13 1.76 -15.68
N ARG EA 113 -17.07 2.93 -15.03
CA ARG EA 113 -18.15 3.34 -14.14
C ARG EA 113 -19.44 3.58 -14.91
N ALA EA 114 -19.36 4.22 -16.08
CA ALA EA 114 -20.56 4.45 -16.89
C ALA EA 114 -21.10 3.15 -17.47
N TYR EA 115 -20.23 2.21 -17.81
CA TYR EA 115 -20.68 0.91 -18.33
C TYR EA 115 -21.50 0.15 -17.30
N GLN EA 116 -21.05 0.16 -16.04
CA GLN EA 116 -21.71 -0.65 -15.02
C GLN EA 116 -23.04 -0.04 -14.59
N THR EA 117 -23.15 1.29 -14.61
CA THR EA 117 -24.41 1.91 -14.23
C THR EA 117 -25.48 1.77 -15.32
N ASN EA 118 -25.08 1.48 -16.56
CA ASN EA 118 -26.05 1.15 -17.59
C ASN EA 118 -26.61 -0.25 -17.40
N VAL EA 119 -25.85 -1.13 -16.74
CA VAL EA 119 -26.34 -2.47 -16.45
C VAL EA 119 -27.47 -2.43 -15.43
N GLN EA 120 -27.37 -1.52 -14.45
CA GLN EA 120 -28.41 -1.41 -13.44
C GLN EA 120 -29.74 -0.97 -14.05
N VAL EA 121 -29.70 -0.04 -15.00
CA VAL EA 121 -30.93 0.44 -15.64
C VAL EA 121 -31.58 -0.69 -16.43
N ALA EA 122 -30.78 -1.46 -17.16
CA ALA EA 122 -31.32 -2.61 -17.89
C ALA EA 122 -31.90 -3.64 -16.92
N ASP EA 123 -31.21 -3.87 -15.80
CA ASP EA 123 -31.75 -4.77 -14.79
C ASP EA 123 -33.02 -4.21 -14.16
N SER EA 124 -33.06 -2.90 -13.93
CA SER EA 124 -34.25 -2.29 -13.33
C SER EA 124 -35.45 -2.41 -14.26
N SER EA 125 -35.25 -2.20 -15.56
CA SER EA 125 -36.35 -2.33 -16.50
C SER EA 125 -36.78 -3.77 -16.68
N LYS EA 126 -35.86 -4.72 -16.49
CA LYS EA 126 -36.21 -6.13 -16.61
C LYS EA 126 -37.23 -6.53 -15.55
N GLN EA 127 -37.04 -6.09 -14.31
CA GLN EA 127 -37.96 -6.46 -13.24
C GLN EA 127 -39.35 -5.87 -13.47
N MET EA 128 -39.41 -4.65 -14.02
CA MET EA 128 -40.70 -4.02 -14.27
C MET EA 128 -41.50 -4.78 -15.33
N LEU EA 129 -40.80 -5.32 -16.34
CA LEU EA 129 -41.51 -6.10 -17.36
C LEU EA 129 -41.98 -7.44 -16.81
N LEU EA 130 -41.19 -8.06 -15.94
CA LEU EA 130 -41.61 -9.34 -15.35
C LEU EA 130 -42.84 -9.16 -14.48
N ARG EA 131 -42.89 -8.09 -13.69
CA ARG EA 131 -44.07 -7.81 -12.89
C ARG EA 131 -45.27 -7.46 -13.77
N THR EA 132 -45.02 -6.73 -14.86
CA THR EA 132 -46.11 -6.41 -15.79
C THR EA 132 -46.68 -7.67 -16.42
N LEU EA 133 -45.87 -8.73 -16.53
CA LEU EA 133 -46.35 -10.03 -17.09
C LEU EA 133 -47.12 -10.83 -16.04
N GLN EA 134 -46.74 -10.69 -14.76
CA GLN EA 134 -47.44 -11.41 -13.66
C GLN EA 134 -48.89 -10.91 -13.56
N MET EA 135 -49.17 -9.72 -14.10
CA MET EA 135 -50.56 -9.21 -14.15
C MET EA 135 -51.29 -9.94 -15.28
N GLY EA 136 -52.42 -10.59 -14.99
CA GLY EA 136 -53.13 -11.38 -16.01
C GLY EA 136 -52.99 -12.87 -15.72
N GLN EA 137 -52.19 -13.22 -14.71
CA GLN EA 137 -51.96 -14.64 -14.37
C GLN EA 137 -52.77 -15.03 -13.13
N SER FA 2 -37.05 -44.57 -8.10
CA SER FA 2 -36.96 -44.42 -6.65
C SER FA 2 -36.06 -43.25 -6.27
N LEU FA 3 -36.62 -42.05 -6.29
CA LEU FA 3 -35.84 -40.86 -5.95
C LEU FA 3 -35.46 -40.80 -4.48
N PHE FA 4 -36.06 -41.64 -3.63
CA PHE FA 4 -35.63 -41.70 -2.24
C PHE FA 4 -34.26 -42.34 -2.10
N ASN FA 5 -33.91 -43.22 -3.05
CA ASN FA 5 -32.56 -43.76 -3.11
C ASN FA 5 -31.53 -42.66 -3.33
N VAL FA 6 -31.91 -41.59 -4.03
CA VAL FA 6 -30.98 -40.47 -4.23
C VAL FA 6 -30.64 -39.83 -2.89
N PHE FA 7 -31.62 -39.72 -2.00
CA PHE FA 7 -31.36 -39.17 -0.67
C PHE FA 7 -30.37 -40.04 0.09
N ASN FA 8 -30.34 -41.34 -0.19
CA ASN FA 8 -29.34 -42.21 0.43
C ASN FA 8 -27.97 -42.01 -0.19
N VAL FA 9 -27.91 -41.56 -1.43
CA VAL FA 9 -26.63 -41.38 -2.11
C VAL FA 9 -26.04 -40.01 -1.82
N THR FA 10 -26.83 -38.96 -2.08
CA THR FA 10 -26.35 -37.60 -1.79
C THR FA 10 -26.11 -37.41 -0.30
N GLY FA 11 -27.00 -37.93 0.55
CA GLY FA 11 -26.81 -37.81 1.98
C GLY FA 11 -25.55 -38.49 2.46
N SER FA 12 -25.21 -39.64 1.86
CA SER FA 12 -23.98 -40.32 2.21
C SER FA 12 -22.77 -39.49 1.84
N ALA FA 13 -22.83 -38.78 0.70
CA ALA FA 13 -21.73 -37.90 0.31
C ALA FA 13 -21.59 -36.73 1.27
N MET FA 14 -22.72 -36.24 1.81
CA MET FA 14 -22.66 -35.17 2.78
C MET FA 14 -21.83 -35.56 4.01
N SER FA 15 -22.06 -36.78 4.51
CA SER FA 15 -21.26 -37.27 5.63
C SER FA 15 -19.83 -37.55 5.19
N ALA FA 16 -19.65 -38.11 3.98
CA ALA FA 16 -18.32 -38.46 3.51
C ALA FA 16 -17.46 -37.21 3.32
N GLU FA 17 -18.04 -36.14 2.76
CA GLU FA 17 -17.28 -34.91 2.60
C GLU FA 17 -17.08 -34.18 3.92
N SER FA 18 -17.91 -34.45 4.91
CA SER FA 18 -17.71 -33.85 6.23
C SER FA 18 -16.55 -34.52 6.95
N VAL FA 19 -16.38 -35.83 6.77
CA VAL FA 19 -15.25 -36.53 7.37
C VAL FA 19 -13.94 -36.00 6.79
N ARG FA 20 -13.88 -35.82 5.47
CA ARG FA 20 -12.68 -35.30 4.85
C ARG FA 20 -12.39 -33.86 5.28
N LEU FA 21 -13.42 -33.08 5.62
CA LEU FA 21 -13.20 -31.73 6.12
C LEU FA 21 -12.63 -31.75 7.53
N ASN FA 22 -13.19 -32.60 8.40
CA ASN FA 22 -12.65 -32.72 9.75
C ASN FA 22 -11.27 -33.35 9.73
N THR FA 23 -11.00 -34.22 8.75
CA THR FA 23 -9.66 -34.74 8.57
C THR FA 23 -8.68 -33.62 8.20
N THR FA 24 -9.13 -32.71 7.33
CA THR FA 24 -8.28 -31.57 6.97
C THR FA 24 -8.00 -30.68 8.17
N SER FA 25 -9.01 -30.44 9.01
CA SER FA 25 -8.83 -29.58 10.18
C SER FA 25 -7.80 -30.17 11.13
N SER FA 26 -7.84 -31.49 11.35
CA SER FA 26 -6.84 -32.12 12.21
C SER FA 26 -5.45 -32.04 11.62
N ASN FA 27 -5.34 -32.05 10.29
CA ASN FA 27 -4.03 -31.90 9.63
C ASN FA 27 -3.53 -30.46 9.71
N LEU FA 28 -4.43 -29.47 9.58
CA LEU FA 28 -4.01 -28.08 9.66
C LEU FA 28 -3.55 -27.72 11.07
N ALA FA 29 -4.26 -28.21 12.08
CA ALA FA 29 -3.96 -27.87 13.46
C ALA FA 29 -2.74 -28.60 14.02
N ASN FA 30 -2.35 -29.72 13.42
CA ASN FA 30 -1.25 -30.54 13.92
C ASN FA 30 -0.09 -30.57 12.94
N ALA FA 31 0.08 -29.51 12.15
CA ALA FA 31 1.20 -29.43 11.22
C ALA FA 31 2.51 -29.02 11.89
N ASP FA 32 2.44 -28.53 13.13
CA ASP FA 32 3.63 -28.07 13.85
C ASP FA 32 3.76 -28.75 15.20
N SER FA 33 2.98 -29.80 15.46
CA SER FA 33 2.94 -30.47 16.75
C SER FA 33 4.00 -31.58 16.76
N VAL FA 34 5.01 -31.43 17.61
CA VAL FA 34 6.09 -32.41 17.67
C VAL FA 34 5.81 -33.52 18.65
N SER FA 35 4.97 -33.30 19.66
CA SER FA 35 4.65 -34.29 20.67
C SER FA 35 3.27 -34.89 20.40
N SER FA 36 2.91 -35.88 21.21
CA SER FA 36 1.63 -36.54 21.07
C SER FA 36 1.28 -37.24 22.37
N SER FA 37 -0.02 -37.46 22.58
CA SER FA 37 -0.49 -38.17 23.77
C SER FA 37 -0.39 -39.67 23.63
N ALA FA 38 -0.18 -40.20 22.42
CA ALA FA 38 -0.08 -41.64 22.19
C ALA FA 38 1.34 -42.07 21.86
N LYS FA 39 2.33 -41.22 22.13
CA LYS FA 39 3.75 -41.48 21.98
C LYS FA 39 4.18 -41.73 20.54
N ASP FA 40 3.32 -41.46 19.55
CA ASP FA 40 3.70 -41.56 18.14
C ASP FA 40 3.45 -40.21 17.48
N THR FA 41 4.45 -39.73 16.72
CA THR FA 41 4.33 -38.43 16.08
C THR FA 41 3.16 -38.41 15.11
N TYR FA 42 2.42 -37.31 15.11
CA TYR FA 42 1.26 -37.17 14.24
C TYR FA 42 1.68 -37.26 12.78
N LYS FA 43 0.86 -37.92 11.98
CA LYS FA 43 1.05 -38.00 10.54
C LYS FA 43 -0.23 -37.59 9.84
N ALA FA 44 -0.07 -36.99 8.65
CA ALA FA 44 -1.21 -36.46 7.92
C ALA FA 44 -2.22 -37.56 7.62
N ARG FA 45 -3.37 -37.49 8.28
CA ARG FA 45 -4.42 -38.48 8.12
C ARG FA 45 -5.26 -38.16 6.88
N HIS FA 46 -5.84 -39.19 6.29
CA HIS FA 46 -6.68 -39.02 5.11
C HIS FA 46 -7.77 -40.08 5.09
N ALA FA 47 -8.95 -39.69 4.62
CA ALA FA 47 -10.08 -40.60 4.54
C ALA FA 47 -9.99 -41.45 3.28
N VAL FA 48 -10.67 -42.60 3.29
CA VAL FA 48 -10.72 -43.51 2.15
C VAL FA 48 -12.17 -43.64 1.71
N PHE FA 49 -12.45 -43.24 0.48
CA PHE FA 49 -13.79 -43.37 -0.09
C PHE FA 49 -13.93 -44.70 -0.82
N GLY FA 50 -15.15 -45.20 -0.87
CA GLY FA 50 -15.40 -46.48 -1.51
C GLY FA 50 -16.69 -46.43 -2.33
N ALA FA 51 -16.74 -47.29 -3.34
CA ALA FA 51 -17.93 -47.42 -4.17
C ALA FA 51 -18.12 -48.90 -4.49
N GLU FA 52 -19.18 -49.49 -3.94
CA GLU FA 52 -19.45 -50.92 -4.10
C GLU FA 52 -20.23 -51.14 -5.40
N LEU FA 53 -19.58 -50.79 -6.51
CA LEU FA 53 -20.22 -50.92 -7.81
C LEU FA 53 -20.35 -52.38 -8.20
N SER FA 54 -21.51 -52.73 -8.75
CA SER FA 54 -21.80 -54.11 -9.13
C SER FA 54 -22.87 -54.17 -10.20
N ASP FA 61 -27.75 -49.22 -10.28
CA ASP FA 61 -28.68 -48.16 -9.92
C ASP FA 61 -28.00 -47.07 -9.10
N THR FA 62 -28.10 -47.18 -7.78
CA THR FA 62 -27.54 -46.19 -6.86
C THR FA 62 -26.41 -46.83 -6.06
N VAL FA 63 -25.25 -46.19 -6.08
CA VAL FA 63 -24.08 -46.67 -5.36
C VAL FA 63 -23.67 -45.67 -4.30
N PRO FA 64 -23.99 -45.93 -3.03
CA PRO FA 64 -23.61 -44.99 -1.97
C PRO FA 64 -22.11 -44.92 -1.78
N VAL FA 65 -21.64 -43.77 -1.30
CA VAL FA 65 -20.24 -43.56 -0.98
C VAL FA 65 -20.06 -43.67 0.53
N LYS FA 66 -19.19 -44.57 0.96
CA LYS FA 66 -18.96 -44.80 2.38
C LYS FA 66 -17.48 -44.70 2.69
N VAL FA 67 -17.17 -44.02 3.80
CA VAL FA 67 -15.80 -43.97 4.30
C VAL FA 67 -15.49 -45.29 5.02
N MET FA 68 -14.43 -45.95 4.58
CA MET FA 68 -14.04 -47.25 5.12
C MET FA 68 -12.89 -47.16 6.11
N GLY FA 69 -12.47 -45.95 6.48
CA GLY FA 69 -11.40 -45.78 7.44
C GLY FA 69 -10.44 -44.67 7.06
N ILE FA 70 -9.78 -44.11 8.08
CA ILE FA 70 -8.82 -43.03 7.90
C ILE FA 70 -7.42 -43.64 7.87
N VAL FA 71 -6.61 -43.18 6.91
CA VAL FA 71 -5.29 -43.73 6.67
C VAL FA 71 -4.26 -42.60 6.68
N GLU FA 72 -3.13 -42.85 7.32
CA GLU FA 72 -2.06 -41.86 7.39
C GLU FA 72 -1.28 -41.80 6.08
N SER FA 73 -0.70 -40.63 5.81
CA SER FA 73 0.06 -40.42 4.59
C SER FA 73 1.36 -41.22 4.62
N ASP FA 74 1.85 -41.56 3.43
CA ASP FA 74 3.06 -42.35 3.29
C ASP FA 74 4.33 -41.50 3.22
N LYS FA 75 4.21 -40.17 3.20
CA LYS FA 75 5.38 -39.32 3.12
C LYS FA 75 6.22 -39.47 4.40
N PRO FA 76 7.54 -39.41 4.30
CA PRO FA 76 8.37 -39.45 5.49
C PRO FA 76 8.18 -38.20 6.34
N LEU FA 77 8.40 -38.36 7.65
CA LEU FA 77 8.29 -37.22 8.56
C LEU FA 77 9.36 -36.18 8.24
N SER FA 78 9.00 -34.91 8.43
CA SER FA 78 9.91 -33.81 8.16
C SER FA 78 10.87 -33.67 9.34
N ALA FA 79 12.16 -33.90 9.08
CA ALA FA 79 13.17 -33.81 10.12
C ALA FA 79 13.71 -32.39 10.25
N GLU FA 80 13.95 -31.98 11.48
CA GLU FA 80 14.49 -30.66 11.78
C GLU FA 80 15.65 -30.78 12.76
N TYR FA 81 16.72 -30.04 12.47
CA TYR FA 81 17.92 -30.06 13.30
C TYR FA 81 17.71 -29.14 14.49
N ASN FA 82 17.32 -29.74 15.63
CA ASN FA 82 17.13 -29.04 16.90
C ASN FA 82 17.92 -29.77 17.96
N PRO FA 83 19.24 -29.55 18.04
CA PRO FA 83 20.09 -30.37 18.92
C PRO FA 83 19.82 -30.18 20.41
N ASP FA 84 19.27 -29.04 20.82
CA ASP FA 84 19.04 -28.76 22.23
C ASP FA 84 17.60 -29.02 22.67
N HIS FA 85 16.75 -29.50 21.77
CA HIS FA 85 15.38 -29.82 22.16
C HIS FA 85 15.38 -31.04 23.07
N PRO FA 86 14.47 -31.11 24.04
CA PRO FA 86 14.41 -32.30 24.91
C PRO FA 86 14.13 -33.59 24.18
N LEU FA 87 13.42 -33.54 23.05
CA LEU FA 87 13.03 -34.73 22.31
C LEU FA 87 13.98 -35.07 21.17
N ALA FA 88 15.12 -34.38 21.09
CA ALA FA 88 16.07 -34.62 20.01
C ALA FA 88 16.74 -35.97 20.19
N ASN FA 89 17.22 -36.52 19.07
CA ASN FA 89 17.90 -37.81 19.06
C ASN FA 89 19.41 -37.59 19.15
N GLU FA 90 20.17 -38.66 18.95
CA GLU FA 90 21.63 -38.56 19.03
C GLU FA 90 22.18 -37.64 17.96
N GLU FA 91 21.65 -37.71 16.74
CA GLU FA 91 22.11 -36.85 15.66
C GLU FA 91 21.61 -35.42 15.78
N GLY FA 92 20.70 -35.15 16.72
CA GLY FA 92 20.22 -33.80 16.94
C GLY FA 92 18.97 -33.42 16.19
N TYR FA 93 18.24 -34.39 15.66
CA TYR FA 93 17.07 -34.11 14.84
C TYR FA 93 15.78 -34.42 15.60
N ILE FA 94 14.78 -33.57 15.40
CA ILE FA 94 13.42 -33.82 15.84
C ILE FA 94 12.56 -34.01 14.61
N TYR FA 95 11.46 -34.75 14.77
CA TYR FA 95 10.59 -35.11 13.66
C TYR FA 95 9.24 -34.44 13.82
N LYS FA 96 8.70 -33.95 12.70
CA LYS FA 96 7.45 -33.21 12.67
C LYS FA 96 6.52 -33.84 11.65
N PRO FA 97 5.21 -33.65 11.79
CA PRO FA 97 4.26 -34.28 10.87
C PRO FA 97 4.50 -33.86 9.42
N ASN FA 98 4.22 -34.78 8.52
CA ASN FA 98 4.39 -34.57 7.07
C ASN FA 98 3.16 -33.96 6.43
N VAL FA 99 2.70 -32.83 6.96
CA VAL FA 99 1.51 -32.17 6.46
C VAL FA 99 1.94 -31.09 5.46
N ASN FA 100 1.38 -31.14 4.26
CA ASN FA 100 1.70 -30.19 3.20
C ASN FA 100 0.57 -29.18 3.09
N VAL FA 101 0.93 -27.89 3.15
CA VAL FA 101 -0.07 -26.82 3.19
C VAL FA 101 -0.88 -26.79 1.90
N MET FA 102 -0.21 -26.92 0.76
CA MET FA 102 -0.91 -26.72 -0.52
C MET FA 102 -2.00 -27.76 -0.73
N GLU FA 103 -1.73 -29.03 -0.40
CA GLU FA 103 -2.74 -30.06 -0.61
C GLU FA 103 -3.89 -29.94 0.39
N GLU FA 104 -3.62 -29.41 1.59
CA GLU FA 104 -4.70 -29.18 2.54
C GLU FA 104 -5.66 -28.12 2.04
N MET FA 105 -5.12 -27.05 1.42
CA MET FA 105 -5.98 -26.02 0.86
C MET FA 105 -6.85 -26.57 -0.27
N ALA FA 106 -6.27 -27.42 -1.13
CA ALA FA 106 -7.05 -28.04 -2.19
C ALA FA 106 -8.13 -28.96 -1.63
N ASN FA 107 -7.81 -29.70 -0.56
CA ASN FA 107 -8.81 -30.54 0.08
C ASN FA 107 -9.92 -29.70 0.70
N MET FA 108 -9.57 -28.57 1.32
CA MET FA 108 -10.59 -27.68 1.88
C MET FA 108 -11.49 -27.13 0.78
N ILE FA 109 -10.93 -26.75 -0.36
CA ILE FA 109 -11.72 -26.24 -1.47
C ILE FA 109 -12.54 -27.36 -2.11
N SER FA 110 -11.94 -28.52 -2.33
CA SER FA 110 -12.63 -29.62 -2.99
C SER FA 110 -13.75 -30.18 -2.12
N ALA FA 111 -13.47 -30.38 -0.82
CA ALA FA 111 -14.48 -30.98 0.06
C ALA FA 111 -15.67 -30.04 0.25
N SER FA 112 -15.40 -28.74 0.41
CA SER FA 112 -16.50 -27.79 0.61
C SER FA 112 -17.38 -27.71 -0.64
N ARG FA 113 -16.77 -27.67 -1.82
CA ARG FA 113 -17.56 -27.61 -3.05
C ARG FA 113 -18.30 -28.91 -3.30
N ALA FA 114 -17.67 -30.05 -2.98
CA ALA FA 114 -18.35 -31.34 -3.14
C ALA FA 114 -19.50 -31.47 -2.16
N TYR FA 115 -19.36 -30.91 -0.97
CA TYR FA 115 -20.46 -30.94 0.00
C TYR FA 115 -21.66 -30.16 -0.51
N GLN FA 116 -21.42 -29.00 -1.12
CA GLN FA 116 -22.52 -28.14 -1.53
C GLN FA 116 -23.20 -28.64 -2.80
N THR FA 117 -22.45 -29.30 -3.70
CA THR FA 117 -23.05 -29.77 -4.94
C THR FA 117 -23.95 -30.98 -4.70
N ASN FA 118 -23.82 -31.64 -3.54
CA ASN FA 118 -24.75 -32.71 -3.21
C ASN FA 118 -26.01 -32.18 -2.56
N VAL FA 119 -25.96 -30.97 -1.98
CA VAL FA 119 -27.17 -30.33 -1.47
C VAL FA 119 -28.12 -30.02 -2.62
N GLN FA 120 -27.59 -29.52 -3.74
CA GLN FA 120 -28.42 -29.18 -4.88
C GLN FA 120 -29.11 -30.40 -5.45
N VAL FA 121 -28.40 -31.53 -5.55
CA VAL FA 121 -29.01 -32.75 -6.05
C VAL FA 121 -30.07 -33.26 -5.08
N ALA FA 122 -29.77 -33.21 -3.77
CA ALA FA 122 -30.75 -33.62 -2.78
C ALA FA 122 -31.94 -32.67 -2.75
N ASP FA 123 -31.71 -31.39 -3.00
CA ASP FA 123 -32.82 -30.43 -3.05
C ASP FA 123 -33.62 -30.59 -4.33
N SER FA 124 -32.93 -30.82 -5.47
CA SER FA 124 -33.63 -30.98 -6.73
C SER FA 124 -34.41 -32.30 -6.77
N SER FA 125 -33.82 -33.36 -6.23
CA SER FA 125 -34.54 -34.64 -6.17
C SER FA 125 -35.77 -34.55 -5.27
N LYS FA 126 -35.76 -33.63 -4.31
CA LYS FA 126 -36.93 -33.41 -3.48
C LYS FA 126 -38.10 -32.87 -4.30
N GLN FA 127 -37.81 -31.95 -5.23
CA GLN FA 127 -38.86 -31.35 -6.03
C GLN FA 127 -39.48 -32.36 -6.99
N MET FA 128 -38.67 -33.27 -7.55
CA MET FA 128 -39.20 -34.27 -8.47
C MET FA 128 -40.17 -35.21 -7.77
N LEU FA 129 -39.97 -35.45 -6.47
CA LEU FA 129 -40.90 -36.29 -5.72
C LEU FA 129 -42.20 -35.56 -5.45
N LEU FA 130 -42.13 -34.27 -5.14
CA LEU FA 130 -43.35 -33.51 -4.86
C LEU FA 130 -44.24 -33.41 -6.10
N ARG FA 131 -43.64 -33.21 -7.27
CA ARG FA 131 -44.42 -33.18 -8.50
C ARG FA 131 -44.98 -34.55 -8.83
N THR FA 132 -44.28 -35.63 -8.45
CA THR FA 132 -44.81 -36.97 -8.67
C THR FA 132 -46.09 -37.20 -7.89
N LEU FA 133 -46.15 -36.70 -6.65
CA LEU FA 133 -47.39 -36.77 -5.88
C LEU FA 133 -48.51 -36.00 -6.55
N GLN FA 134 -48.17 -34.92 -7.26
CA GLN FA 134 -49.17 -34.09 -7.91
C GLN FA 134 -49.65 -34.66 -9.23
N MET FA 135 -49.05 -35.75 -9.71
CA MET FA 135 -49.45 -36.33 -10.99
C MET FA 135 -50.88 -36.85 -10.92
N GLY FA 136 -51.62 -36.67 -12.01
CA GLY FA 136 -52.96 -37.18 -12.14
C GLY FA 136 -54.05 -36.23 -11.64
N GLN FA 137 -53.67 -35.15 -10.99
CA GLN FA 137 -54.65 -34.19 -10.48
C GLN FA 137 -54.33 -32.77 -10.97
N SER GA 2 -48.72 -35.15 18.55
CA SER GA 2 -48.87 -33.76 18.92
C SER GA 2 -47.80 -32.90 18.26
N LEU GA 3 -47.99 -32.63 16.96
CA LEU GA 3 -47.00 -31.88 16.20
C LEU GA 3 -46.84 -30.44 16.68
N PHE GA 4 -47.79 -29.94 17.47
CA PHE GA 4 -47.63 -28.60 18.03
C PHE GA 4 -46.50 -28.54 19.05
N ASN GA 5 -46.16 -29.67 19.67
CA ASN GA 5 -45.06 -29.70 20.62
C ASN GA 5 -43.72 -29.39 19.95
N VAL GA 6 -43.64 -29.49 18.62
CA VAL GA 6 -42.44 -29.07 17.91
C VAL GA 6 -42.20 -27.58 18.11
N PHE GA 7 -43.29 -26.79 18.13
CA PHE GA 7 -43.16 -25.36 18.35
C PHE GA 7 -42.62 -25.04 19.74
N ASN GA 8 -42.97 -25.86 20.73
CA ASN GA 8 -42.44 -25.65 22.08
C ASN GA 8 -40.95 -25.97 22.14
N VAL GA 9 -40.46 -26.85 21.27
CA VAL GA 9 -39.06 -27.22 21.28
C VAL GA 9 -38.23 -26.24 20.47
N THR GA 10 -38.66 -25.97 19.23
CA THR GA 10 -37.96 -25.00 18.40
C THR GA 10 -37.99 -23.61 19.03
N GLY GA 11 -39.14 -23.23 19.60
CA GLY GA 11 -39.23 -21.94 20.26
C GLY GA 11 -38.29 -21.84 21.45
N SER GA 12 -38.18 -22.90 22.24
CA SER GA 12 -37.26 -22.91 23.37
C SER GA 12 -35.82 -22.81 22.90
N ALA GA 13 -35.48 -23.49 21.80
CA ALA GA 13 -34.14 -23.38 21.24
C ALA GA 13 -33.86 -21.96 20.76
N MET GA 14 -34.85 -21.32 20.14
CA MET GA 14 -34.68 -19.94 19.70
C MET GA 14 -34.41 -19.02 20.88
N SER GA 15 -35.10 -19.23 21.99
CA SER GA 15 -34.86 -18.44 23.19
C SER GA 15 -33.50 -18.77 23.79
N ALA GA 16 -33.12 -20.05 23.78
CA ALA GA 16 -31.84 -20.47 24.34
C ALA GA 16 -30.67 -19.85 23.57
N GLU GA 17 -30.75 -19.88 22.24
CA GLU GA 17 -29.67 -19.31 21.43
C GLU GA 17 -29.66 -17.79 21.49
N SER GA 18 -30.78 -17.16 21.83
CA SER GA 18 -30.80 -15.71 22.00
C SER GA 18 -30.09 -15.31 23.27
N VAL GA 19 -30.22 -16.11 24.33
CA VAL GA 19 -29.51 -15.85 25.58
C VAL GA 19 -28.00 -15.97 25.36
N ARG GA 20 -27.58 -17.02 24.64
CA ARG GA 20 -26.15 -17.21 24.42
C ARG GA 20 -25.55 -16.11 23.56
N LEU GA 21 -26.32 -15.53 22.64
CA LEU GA 21 -25.80 -14.42 21.83
C LEU GA 21 -25.61 -13.17 22.68
N ASN GA 22 -26.58 -12.87 23.54
CA ASN GA 22 -26.47 -11.70 24.41
C ASN GA 22 -25.29 -11.84 25.36
N THR GA 23 -25.06 -13.04 25.89
CA THR GA 23 -23.91 -13.27 26.76
C THR GA 23 -22.61 -13.05 26.00
N THR GA 24 -22.56 -13.48 24.74
CA THR GA 24 -21.39 -13.20 23.91
C THR GA 24 -21.22 -11.70 23.67
N SER GA 25 -22.34 -10.99 23.49
CA SER GA 25 -22.27 -9.55 23.30
C SER GA 25 -21.69 -8.85 24.53
N SER GA 26 -22.09 -9.30 25.73
CA SER GA 26 -21.57 -8.70 26.95
C SER GA 26 -20.11 -9.06 27.15
N ASN GA 27 -19.70 -10.26 26.74
CA ASN GA 27 -18.28 -10.64 26.83
C ASN GA 27 -17.41 -9.82 25.89
N LEU GA 28 -17.86 -9.58 24.66
CA LEU GA 28 -17.09 -8.79 23.72
C LEU GA 28 -16.99 -7.34 24.16
N ALA GA 29 -18.05 -6.79 24.72
CA ALA GA 29 -18.06 -5.40 25.17
C ALA GA 29 -17.29 -5.19 26.46
N ASN GA 30 -16.98 -6.26 27.20
CA ASN GA 30 -16.30 -6.15 28.49
C ASN GA 30 -15.03 -6.98 28.53
N ALA GA 31 -14.33 -7.08 27.40
CA ALA GA 31 -13.04 -7.76 27.36
C ALA GA 31 -11.89 -6.86 27.80
N ASP GA 32 -12.13 -5.57 27.97
CA ASP GA 32 -11.09 -4.60 28.32
C ASP GA 32 -11.52 -3.73 29.50
N SER GA 33 -12.43 -4.20 30.33
CA SER GA 33 -13.01 -3.41 31.41
C SER GA 33 -12.39 -3.85 32.73
N VAL GA 34 -11.41 -3.07 33.22
CA VAL GA 34 -10.79 -3.37 34.50
C VAL GA 34 -11.71 -3.11 35.68
N SER GA 35 -12.52 -2.06 35.63
CA SER GA 35 -13.40 -1.68 36.73
C SER GA 35 -14.81 -2.21 36.50
N SER GA 36 -15.63 -2.13 37.54
CA SER GA 36 -16.99 -2.65 37.49
C SER GA 36 -17.84 -1.91 38.51
N SER GA 37 -19.14 -1.82 38.22
CA SER GA 37 -20.05 -1.10 39.11
C SER GA 37 -20.12 -1.75 40.48
N ALA GA 38 -20.16 -3.09 40.53
CA ALA GA 38 -20.18 -3.83 41.78
C ALA GA 38 -18.82 -4.44 42.09
N LYS GA 39 -17.76 -3.90 41.52
CA LYS GA 39 -16.38 -4.42 41.65
C LYS GA 39 -16.41 -5.87 41.16
N ASP GA 40 -15.63 -6.76 41.77
CA ASP GA 40 -15.55 -8.20 41.49
C ASP GA 40 -14.81 -8.53 40.20
N THR GA 41 -14.42 -7.52 39.40
CA THR GA 41 -13.57 -7.73 38.22
C THR GA 41 -14.22 -8.71 37.24
N TYR GA 42 -15.28 -8.20 36.58
CA TYR GA 42 -16.14 -8.98 35.70
C TYR GA 42 -15.38 -10.06 34.94
N LYS GA 43 -15.92 -11.28 35.00
CA LYS GA 43 -15.36 -12.43 34.32
C LYS GA 43 -16.33 -12.88 33.23
N ALA GA 44 -15.78 -13.55 32.22
CA ALA GA 44 -16.59 -13.97 31.08
C ALA GA 44 -17.73 -14.87 31.53
N ARG GA 45 -18.95 -14.52 31.11
CA ARG GA 45 -20.16 -15.24 31.48
C ARG GA 45 -20.55 -16.20 30.39
N HIS GA 46 -21.28 -17.25 30.78
CA HIS GA 46 -21.75 -18.25 29.83
C HIS GA 46 -23.07 -18.82 30.32
N ALA GA 47 -24.03 -18.92 29.41
CA ALA GA 47 -25.30 -19.57 29.71
C ALA GA 47 -25.08 -21.08 29.85
N VAL GA 48 -25.98 -21.73 30.56
CA VAL GA 48 -25.93 -23.18 30.76
C VAL GA 48 -27.21 -23.78 30.20
N PHE GA 49 -27.10 -24.58 29.15
CA PHE GA 49 -28.26 -25.23 28.56
C PHE GA 49 -28.56 -26.53 29.31
N GLY GA 50 -29.81 -26.97 29.20
CA GLY GA 50 -30.22 -28.21 29.84
C GLY GA 50 -31.29 -28.97 29.09
N ALA GA 51 -31.27 -30.29 29.20
CA ALA GA 51 -32.27 -31.15 28.59
C ALA GA 51 -32.81 -32.08 29.67
N GLU GA 52 -34.07 -31.87 30.06
CA GLU GA 52 -34.71 -32.68 31.10
C GLU GA 52 -35.25 -33.96 30.47
N LEU GA 53 -34.33 -34.88 30.18
CA LEU GA 53 -34.67 -36.17 29.59
C LEU GA 53 -34.87 -37.19 30.71
N SER GA 54 -36.00 -37.87 30.67
CA SER GA 54 -36.34 -38.86 31.71
C SER GA 54 -37.38 -39.85 31.19
N ASP GA 61 -40.41 -38.35 23.38
CA ASP GA 61 -41.19 -37.39 22.62
C ASP GA 61 -40.41 -36.10 22.36
N THR GA 62 -40.75 -35.05 23.09
CA THR GA 62 -40.13 -33.74 22.93
C THR GA 62 -39.45 -33.33 24.23
N VAL GA 63 -38.20 -32.89 24.12
CA VAL GA 63 -37.41 -32.46 25.27
C VAL GA 63 -36.94 -31.02 25.00
N PRO GA 64 -37.64 -30.03 25.52
CA PRO GA 64 -37.21 -28.64 25.32
C PRO GA 64 -35.89 -28.36 25.99
N VAL GA 65 -35.13 -27.44 25.41
CA VAL GA 65 -33.85 -26.99 25.96
C VAL GA 65 -34.11 -25.73 26.78
N LYS GA 66 -33.67 -25.74 28.04
CA LYS GA 66 -33.93 -24.67 28.98
C LYS GA 66 -32.62 -24.15 29.56
N VAL GA 67 -32.52 -22.83 29.68
CA VAL GA 67 -31.37 -22.20 30.33
C VAL GA 67 -31.59 -22.19 31.83
N MET GA 68 -30.65 -22.75 32.57
CA MET GA 68 -30.75 -22.85 34.02
C MET GA 68 -29.91 -21.81 34.75
N GLY GA 69 -29.32 -20.87 34.03
CA GLY GA 69 -28.55 -19.82 34.66
C GLY GA 69 -27.25 -19.51 33.97
N ILE GA 70 -26.59 -18.42 34.39
CA ILE GA 70 -25.33 -17.98 33.81
C ILE GA 70 -24.20 -18.34 34.76
N VAL GA 71 -23.14 -18.92 34.19
CA VAL GA 71 -21.98 -19.35 34.96
C VAL GA 71 -20.75 -18.66 34.40
N GLU GA 72 -19.99 -18.00 35.30
CA GLU GA 72 -18.78 -17.31 34.89
C GLU GA 72 -17.68 -18.31 34.55
N SER GA 73 -16.84 -17.93 33.59
CA SER GA 73 -15.73 -18.79 33.19
C SER GA 73 -14.74 -18.96 34.33
N ASP GA 74 -14.13 -20.15 34.40
CA ASP GA 74 -13.17 -20.47 35.44
C ASP GA 74 -11.74 -20.13 35.05
N LYS GA 75 -11.54 -19.52 33.88
CA LYS GA 75 -10.21 -19.15 33.45
C LYS GA 75 -9.66 -18.03 34.36
N PRO GA 76 -8.37 -18.06 34.68
CA PRO GA 76 -7.81 -17.00 35.52
C PRO GA 76 -7.89 -15.64 34.85
N LEU GA 77 -8.06 -14.60 35.66
CA LEU GA 77 -8.08 -13.24 35.14
C LEU GA 77 -6.71 -12.87 34.60
N SER GA 78 -6.69 -12.19 33.46
CA SER GA 78 -5.43 -11.75 32.87
C SER GA 78 -4.83 -10.64 33.72
N ALA GA 79 -3.55 -10.80 34.07
CA ALA GA 79 -2.86 -9.82 34.90
C ALA GA 79 -1.97 -8.94 34.04
N GLU GA 80 -2.16 -7.63 34.15
CA GLU GA 80 -1.37 -6.65 33.42
C GLU GA 80 -0.56 -5.81 34.39
N TYR GA 81 0.72 -5.64 34.08
CA TYR GA 81 1.63 -4.86 34.93
C TYR GA 81 1.49 -3.39 34.56
N ASN GA 82 0.70 -2.67 35.34
CA ASN GA 82 0.48 -1.23 35.17
C ASN GA 82 0.70 -0.58 36.53
N PRO GA 83 1.96 -0.43 36.96
CA PRO GA 83 2.23 0.00 38.34
C PRO GA 83 1.73 1.40 38.65
N ASP GA 84 1.54 2.26 37.65
CA ASP GA 84 1.06 3.61 37.88
C ASP GA 84 -0.46 3.72 37.86
N HIS GA 85 -1.16 2.64 37.54
CA HIS GA 85 -2.62 2.68 37.54
C HIS GA 85 -3.12 2.77 38.98
N PRO GA 86 -4.20 3.53 39.22
CA PRO GA 86 -4.72 3.65 40.60
C PRO GA 86 -5.14 2.34 41.21
N LEU GA 87 -5.54 1.35 40.42
CA LEU GA 87 -6.02 0.07 40.92
C LEU GA 87 -4.91 -0.96 41.04
N ALA GA 88 -3.65 -0.58 40.83
CA ALA GA 88 -2.55 -1.52 40.96
C ALA GA 88 -2.42 -2.00 42.39
N ASN GA 89 -2.09 -3.27 42.55
CA ASN GA 89 -1.92 -3.88 43.87
C ASN GA 89 -0.52 -3.58 44.40
N GLU GA 90 -0.13 -4.27 45.48
CA GLU GA 90 1.18 -4.05 46.08
C GLU GA 90 2.32 -4.44 45.15
N GLU GA 91 2.05 -5.21 44.10
CA GLU GA 91 3.07 -5.62 43.16
C GLU GA 91 3.01 -4.84 41.84
N GLY GA 92 2.02 -3.96 41.68
CA GLY GA 92 1.90 -3.17 40.48
C GLY GA 92 1.02 -3.76 39.40
N TYR GA 93 0.36 -4.88 39.65
CA TYR GA 93 -0.46 -5.55 38.66
C TYR GA 93 -1.92 -5.10 38.76
N ILE GA 94 -2.61 -5.16 37.62
CA ILE GA 94 -4.05 -5.00 37.56
C ILE GA 94 -4.63 -6.22 36.86
N TYR GA 95 -5.90 -6.50 37.13
CA TYR GA 95 -6.55 -7.70 36.63
C TYR GA 95 -7.67 -7.33 35.65
N LYS GA 96 -7.76 -8.10 34.58
CA LYS GA 96 -8.67 -7.85 33.48
C LYS GA 96 -9.46 -9.11 33.17
N PRO GA 97 -10.63 -8.97 32.53
CA PRO GA 97 -11.45 -10.14 32.25
C PRO GA 97 -10.72 -11.16 31.38
N ASN GA 98 -11.15 -12.41 31.49
CA ASN GA 98 -10.54 -13.54 30.81
C ASN GA 98 -11.23 -13.88 29.49
N VAL GA 99 -11.74 -12.86 28.79
CA VAL GA 99 -12.45 -13.10 27.55
C VAL GA 99 -11.45 -13.42 26.44
N ASN GA 100 -11.68 -14.53 25.75
CA ASN GA 100 -10.84 -14.96 24.63
C ASN GA 100 -11.57 -14.67 23.33
N VAL GA 101 -10.91 -13.94 22.43
CA VAL GA 101 -11.56 -13.48 21.20
C VAL GA 101 -11.95 -14.65 20.31
N MET GA 102 -11.05 -15.62 20.13
CA MET GA 102 -11.28 -16.68 19.16
C MET GA 102 -12.48 -17.55 19.55
N GLU GA 103 -12.75 -17.67 20.85
CA GLU GA 103 -13.87 -18.50 21.27
C GLU GA 103 -15.18 -17.72 21.30
N GLU GA 104 -15.12 -16.40 21.43
CA GLU GA 104 -16.34 -15.59 21.34
C GLU GA 104 -16.84 -15.50 19.92
N MET GA 105 -15.92 -15.44 18.94
CA MET GA 105 -16.31 -15.38 17.55
C MET GA 105 -16.99 -16.67 17.10
N ALA GA 106 -16.52 -17.81 17.60
CA ALA GA 106 -17.16 -19.08 17.29
C ALA GA 106 -18.57 -19.14 17.86
N ASN GA 107 -18.76 -18.62 19.07
CA ASN GA 107 -20.09 -18.58 19.66
C ASN GA 107 -21.02 -17.67 18.89
N MET GA 108 -20.48 -16.58 18.34
CA MET GA 108 -21.29 -15.70 17.49
C MET GA 108 -21.78 -16.44 16.25
N ILE GA 109 -20.89 -17.22 15.62
CA ILE GA 109 -21.27 -18.01 14.45
C ILE GA 109 -22.19 -19.15 14.85
N SER GA 110 -21.85 -19.85 15.92
CA SER GA 110 -22.62 -21.03 16.32
C SER GA 110 -24.04 -20.65 16.75
N ALA GA 111 -24.17 -19.59 17.55
CA ALA GA 111 -25.49 -19.19 18.04
C ALA GA 111 -26.38 -18.70 16.90
N SER GA 112 -25.80 -17.95 15.95
CA SER GA 112 -26.59 -17.43 14.84
C SER GA 112 -27.10 -18.55 13.94
N ARG GA 113 -26.22 -19.49 13.59
CA ARG GA 113 -26.63 -20.57 12.69
C ARG GA 113 -27.58 -21.53 13.38
N ALA GA 114 -27.38 -21.77 14.68
CA ALA GA 114 -28.31 -22.60 15.43
C ALA GA 114 -29.68 -21.93 15.55
N TYR GA 115 -29.69 -20.61 15.69
CA TYR GA 115 -30.94 -19.88 15.74
C TYR GA 115 -31.70 -19.99 14.42
N GLN GA 116 -30.98 -19.90 13.30
CA GLN GA 116 -31.64 -19.87 11.99
C GLN GA 116 -32.15 -21.24 11.59
N THR GA 117 -31.47 -22.31 12.01
CA THR GA 117 -31.92 -23.65 11.61
C THR GA 117 -33.16 -24.07 12.39
N ASN GA 118 -33.39 -23.50 13.58
CA ASN GA 118 -34.61 -23.80 14.30
C ASN GA 118 -35.80 -23.06 13.70
N VAL GA 119 -35.56 -22.00 12.94
CA VAL GA 119 -36.64 -21.35 12.20
C VAL GA 119 -37.10 -22.26 11.07
N GLN GA 120 -36.16 -22.93 10.40
CA GLN GA 120 -36.53 -23.84 9.31
C GLN GA 120 -37.38 -25.00 9.82
N VAL GA 121 -37.03 -25.55 10.98
CA VAL GA 121 -37.82 -26.65 11.54
C VAL GA 121 -39.20 -26.17 11.93
N ALA GA 122 -39.29 -24.99 12.56
CA ALA GA 122 -40.58 -24.44 12.94
C ALA GA 122 -41.42 -24.10 11.70
N ASP GA 123 -40.78 -23.55 10.67
CA ASP GA 123 -41.50 -23.24 9.43
C ASP GA 123 -41.95 -24.52 8.72
N SER GA 124 -41.08 -25.52 8.66
CA SER GA 124 -41.46 -26.78 8.02
C SER GA 124 -42.54 -27.50 8.80
N SER GA 125 -42.47 -27.47 10.12
CA SER GA 125 -43.51 -28.09 10.94
C SER GA 125 -44.83 -27.35 10.80
N LYS GA 126 -44.79 -26.05 10.51
CA LYS GA 126 -46.01 -25.29 10.27
C LYS GA 126 -46.71 -25.77 9.00
N GLN GA 127 -45.94 -26.10 7.97
CA GLN GA 127 -46.54 -26.56 6.72
C GLN GA 127 -47.21 -27.92 6.89
N MET GA 128 -46.61 -28.81 7.68
CA MET GA 128 -47.19 -30.14 7.88
C MET GA 128 -48.53 -30.06 8.58
N LEU GA 129 -48.67 -29.14 9.54
CA LEU GA 129 -49.95 -28.98 10.23
C LEU GA 129 -51.05 -28.50 9.30
N LEU GA 130 -50.71 -27.57 8.39
CA LEU GA 130 -51.71 -27.09 7.44
C LEU GA 130 -52.18 -28.20 6.51
N ARG GA 131 -51.26 -29.04 6.05
CA ARG GA 131 -51.65 -30.17 5.21
C ARG GA 131 -52.51 -31.17 5.98
N THR GA 132 -52.27 -31.32 7.29
CA THR GA 132 -53.12 -32.18 8.10
C THR GA 132 -54.55 -31.65 8.14
N LEU GA 133 -54.72 -30.34 8.24
CA LEU GA 133 -56.04 -29.75 8.23
C LEU GA 133 -56.76 -30.01 6.90
N GLN GA 134 -56.01 -30.19 5.82
CA GLN GA 134 -56.59 -30.42 4.51
C GLN GA 134 -56.79 -31.90 4.20
N MET GA 135 -56.51 -32.80 5.14
CA MET GA 135 -56.69 -34.22 4.91
C MET GA 135 -58.15 -34.56 4.73
N GLY GA 136 -58.47 -35.16 3.58
CA GLY GA 136 -59.84 -35.56 3.29
C GLY GA 136 -60.74 -34.41 2.90
N GLN GA 137 -60.72 -33.34 3.70
CA GLN GA 137 -61.54 -32.17 3.44
C GLN GA 137 -60.96 -31.33 2.31
N SER HA 2 -62.15 -9.07 16.37
CA SER HA 2 -62.13 -8.18 15.22
C SER HA 2 -60.71 -7.87 14.79
N LEU HA 3 -60.23 -8.57 13.76
CA LEU HA 3 -58.87 -8.39 13.29
C LEU HA 3 -58.67 -7.06 12.58
N PHE HA 4 -59.73 -6.31 12.29
CA PHE HA 4 -59.55 -4.99 11.70
C PHE HA 4 -58.84 -4.04 12.65
N ASN HA 5 -58.92 -4.31 13.95
CA ASN HA 5 -58.15 -3.53 14.93
C ASN HA 5 -56.66 -3.73 14.73
N VAL HA 6 -56.25 -4.96 14.39
CA VAL HA 6 -54.85 -5.28 14.11
C VAL HA 6 -54.33 -4.40 12.99
N PHE HA 7 -55.17 -4.14 11.99
CA PHE HA 7 -54.77 -3.28 10.89
C PHE HA 7 -54.46 -1.87 11.38
N ASN HA 8 -55.27 -1.36 12.30
CA ASN HA 8 -55.01 -0.05 12.89
C ASN HA 8 -53.70 -0.04 13.67
N VAL HA 9 -53.45 -1.09 14.45
CA VAL HA 9 -52.25 -1.13 15.28
C VAL HA 9 -51.01 -1.27 14.42
N THR HA 10 -51.01 -2.20 13.46
CA THR HA 10 -49.86 -2.35 12.59
C THR HA 10 -49.66 -1.12 11.72
N GLY HA 11 -50.75 -0.53 11.24
CA GLY HA 11 -50.63 0.70 10.46
C GLY HA 11 -50.06 1.85 11.27
N SER HA 12 -50.47 1.97 12.54
CA SER HA 12 -49.91 3.01 13.40
C SER HA 12 -48.44 2.72 13.70
N ALA HA 13 -48.09 1.44 13.86
CA ALA HA 13 -46.70 1.08 14.08
C ALA HA 13 -45.85 1.39 12.84
N MET HA 14 -46.37 1.06 11.66
CA MET HA 14 -45.63 1.33 10.42
C MET HA 14 -45.45 2.83 10.22
N SER HA 15 -46.46 3.63 10.57
CA SER HA 15 -46.32 5.07 10.49
C SER HA 15 -45.27 5.57 11.47
N ALA HA 16 -45.24 5.00 12.67
CA ALA HA 16 -44.24 5.41 13.67
C ALA HA 16 -42.83 5.07 13.21
N GLU HA 17 -42.64 3.89 12.60
CA GLU HA 17 -41.32 3.52 12.11
C GLU HA 17 -40.89 4.42 10.96
N SER HA 18 -41.83 4.82 10.10
CA SER HA 18 -41.51 5.73 9.02
C SER HA 18 -41.06 7.09 9.56
N VAL HA 19 -41.70 7.57 10.62
CA VAL HA 19 -41.27 8.83 11.24
C VAL HA 19 -39.87 8.68 11.82
N ARG HA 20 -39.59 7.55 12.46
CA ARG HA 20 -38.25 7.32 13.01
C ARG HA 20 -37.20 7.25 11.92
N LEU HA 21 -37.54 6.61 10.79
CA LEU HA 21 -36.58 6.50 9.69
C LEU HA 21 -36.23 7.87 9.12
N ASN HA 22 -37.23 8.74 8.95
CA ASN HA 22 -36.97 10.08 8.44
C ASN HA 22 -36.14 10.89 9.42
N THR HA 23 -36.37 10.69 10.72
CA THR HA 23 -35.55 11.35 11.72
C THR HA 23 -34.10 10.90 11.65
N THR HA 24 -33.90 9.59 11.45
CA THR HA 24 -32.53 9.08 11.26
C THR HA 24 -31.92 9.63 9.97
N SER HA 25 -32.72 9.75 8.91
CA SER HA 25 -32.19 10.26 7.65
C SER HA 25 -31.72 11.70 7.79
N SER HA 26 -32.44 12.52 8.56
CA SER HA 26 -32.03 13.90 8.75
C SER HA 26 -30.78 13.99 9.61
N ASN HA 27 -30.65 13.14 10.62
CA ASN HA 27 -29.48 13.16 11.48
C ASN HA 27 -28.22 12.81 10.70
N LEU HA 28 -28.29 11.79 9.85
CA LEU HA 28 -27.13 11.42 9.04
C LEU HA 28 -26.76 12.52 8.05
N ALA HA 29 -27.76 13.17 7.45
CA ALA HA 29 -27.49 14.26 6.52
C ALA HA 29 -27.03 15.53 7.20
N ASN HA 30 -27.40 15.75 8.46
CA ASN HA 30 -27.06 16.98 9.18
C ASN HA 30 -26.12 16.70 10.34
N ALA HA 31 -25.27 15.68 10.21
CA ALA HA 31 -24.27 15.38 11.22
C ALA HA 31 -23.01 16.22 11.05
N ASP HA 32 -22.94 17.08 10.04
CA ASP HA 32 -21.75 17.85 9.73
C ASP HA 32 -22.08 19.30 9.41
N SER HA 33 -23.22 19.81 9.88
CA SER HA 33 -23.71 21.13 9.51
C SER HA 33 -23.54 22.09 10.68
N VAL HA 34 -22.60 23.02 10.54
CA VAL HA 34 -22.40 24.04 11.57
C VAL HA 34 -23.42 25.17 11.48
N SER HA 35 -24.12 25.30 10.37
CA SER HA 35 -25.13 26.33 10.16
C SER HA 35 -26.53 25.75 10.33
N SER HA 36 -27.53 26.58 10.09
CA SER HA 36 -28.92 26.15 10.19
C SER HA 36 -29.79 27.12 9.41
N SER HA 37 -31.07 26.76 9.27
CA SER HA 37 -31.99 27.60 8.53
C SER HA 37 -32.15 28.96 9.19
N ALA HA 38 -32.71 29.01 10.41
CA ALA HA 38 -32.91 30.31 11.06
C ALA HA 38 -31.69 30.76 11.86
N LYS HA 39 -31.52 30.20 13.08
CA LYS HA 39 -30.41 30.66 13.91
C LYS HA 39 -29.85 29.64 14.90
N ASP HA 40 -30.21 28.35 14.81
CA ASP HA 40 -29.88 27.44 15.90
C ASP HA 40 -29.27 26.16 15.37
N THR HA 41 -28.09 25.82 15.89
CA THR HA 41 -27.35 24.65 15.42
C THR HA 41 -28.19 23.39 15.56
N TYR HA 42 -28.15 22.55 14.53
CA TYR HA 42 -28.91 21.31 14.53
C TYR HA 42 -28.50 20.42 15.69
N LYS HA 43 -29.52 19.82 16.33
CA LYS HA 43 -29.30 18.87 17.45
C LYS HA 43 -30.02 17.58 17.08
N ALA HA 44 -29.40 16.43 17.33
CA ALA HA 44 -29.95 15.14 16.93
C ALA HA 44 -31.39 14.97 17.40
N ARG HA 45 -32.30 14.83 16.44
CA ARG HA 45 -33.72 14.70 16.75
C ARG HA 45 -34.09 13.25 17.00
N HIS HA 46 -35.15 13.06 17.76
CA HIS HA 46 -35.66 11.73 18.08
C HIS HA 46 -37.16 11.79 18.27
N ALA HA 47 -37.88 10.96 17.52
CA ALA HA 47 -39.32 10.85 17.70
C ALA HA 47 -39.63 10.19 19.04
N VAL HA 48 -40.80 10.51 19.59
CA VAL HA 48 -41.25 9.94 20.86
C VAL HA 48 -42.44 9.05 20.60
N PHE HA 49 -42.30 7.76 20.88
CA PHE HA 49 -43.40 6.81 20.77
C PHE HA 49 -44.18 6.78 22.08
N GLY HA 50 -45.47 6.46 21.99
CA GLY HA 50 -46.29 6.38 23.18
C GLY HA 50 -47.36 5.30 23.12
N ALA HA 51 -47.67 4.71 24.28
CA ALA HA 51 -48.71 3.70 24.39
C ALA HA 51 -49.73 4.15 25.43
N GLU HA 52 -50.95 4.42 24.99
CA GLU HA 52 -52.00 4.95 25.85
C GLU HA 52 -52.78 3.78 26.49
N LEU HA 53 -52.05 3.00 27.28
CA LEU HA 53 -52.67 1.86 27.94
C LEU HA 53 -53.70 2.31 28.97
N SER HA 54 -54.80 1.59 29.05
CA SER HA 54 -55.88 1.92 29.98
C SER HA 54 -55.99 0.88 31.09
N ASP HA 61 -58.05 -6.16 24.24
CA ASP HA 61 -58.10 -5.20 23.15
C ASP HA 61 -56.70 -4.85 22.64
N THR HA 62 -56.59 -3.72 21.96
CA THR HA 62 -55.35 -3.30 21.34
C THR HA 62 -54.99 -1.87 21.78
N VAL HA 63 -53.70 -1.60 21.82
CA VAL HA 63 -53.17 -0.29 22.18
C VAL HA 63 -52.31 0.22 21.02
N PRO HA 64 -52.84 1.11 20.19
CA PRO HA 64 -52.05 1.67 19.09
C PRO HA 64 -50.89 2.50 19.61
N VAL HA 65 -49.81 2.52 18.83
CA VAL HA 65 -48.62 3.30 19.14
C VAL HA 65 -48.66 4.58 18.32
N LYS HA 66 -48.52 5.72 19.00
CA LYS HA 66 -48.63 7.02 18.36
C LYS HA 66 -47.39 7.86 18.63
N VAL HA 67 -46.91 8.55 17.60
CA VAL HA 67 -45.82 9.50 17.76
C VAL HA 67 -46.38 10.80 18.30
N MET HA 68 -45.78 11.30 19.37
CA MET HA 68 -46.30 12.46 20.08
C MET HA 68 -45.39 13.68 19.99
N GLY HA 69 -44.46 13.70 19.05
CA GLY HA 69 -43.58 14.84 18.87
C GLY HA 69 -42.13 14.45 18.74
N ILE HA 70 -41.33 15.38 18.24
CA ILE HA 70 -39.89 15.17 18.04
C ILE HA 70 -39.14 15.93 19.12
N VAL HA 71 -38.19 15.25 19.77
CA VAL HA 71 -37.40 15.81 20.86
C VAL HA 71 -35.93 15.67 20.50
N GLU HA 72 -35.19 16.77 20.61
CA GLU HA 72 -33.76 16.75 20.33
C GLU HA 72 -33.00 16.05 21.46
N SER HA 73 -31.88 15.44 21.08
CA SER HA 73 -31.01 14.80 22.08
C SER HA 73 -30.38 15.86 22.98
N ASP HA 74 -30.15 15.47 24.24
CA ASP HA 74 -29.61 16.37 25.24
C ASP HA 74 -28.10 16.31 25.34
N LYS HA 75 -27.45 15.55 24.46
CA LYS HA 75 -26.00 15.50 24.47
C LYS HA 75 -25.42 16.86 24.08
N PRO HA 76 -24.30 17.27 24.67
CA PRO HA 76 -23.70 18.56 24.31
C PRO HA 76 -23.21 18.55 22.88
N LEU HA 77 -23.25 19.73 22.26
CA LEU HA 77 -22.72 19.88 20.91
C LEU HA 77 -21.21 19.72 20.91
N SER HA 78 -20.70 19.02 19.91
CA SER HA 78 -19.27 18.74 19.82
C SER HA 78 -18.55 20.00 19.36
N ALA HA 79 -17.78 20.59 20.27
CA ALA HA 79 -17.04 21.81 19.96
C ALA HA 79 -15.75 21.47 19.23
N GLU HA 80 -15.51 22.20 18.13
CA GLU HA 80 -14.30 22.03 17.34
C GLU HA 80 -13.55 23.36 17.28
N TYR HA 81 -12.22 23.26 17.27
CA TYR HA 81 -11.35 24.43 17.23
C TYR HA 81 -11.12 24.79 15.78
N ASN HA 82 -11.89 25.75 15.29
CA ASN HA 82 -11.75 26.30 13.93
C ASN HA 82 -11.64 27.81 14.07
N PRO HA 83 -10.51 28.30 14.59
CA PRO HA 83 -10.40 29.74 14.93
C PRO HA 83 -10.52 30.66 13.73
N ASP HA 84 -10.09 30.24 12.54
CA ASP HA 84 -10.18 31.09 11.36
C ASP HA 84 -11.56 31.02 10.70
N HIS HA 85 -12.46 30.18 11.21
CA HIS HA 85 -13.80 30.09 10.64
C HIS HA 85 -14.57 31.39 10.90
N PRO HA 86 -15.41 31.81 9.96
CA PRO HA 86 -16.21 33.03 10.19
C PRO HA 86 -17.12 32.95 11.39
N LEU HA 87 -17.64 31.77 11.73
CA LEU HA 87 -18.59 31.61 12.81
C LEU HA 87 -17.93 31.28 14.15
N ALA HA 88 -16.61 31.33 14.23
CA ALA HA 88 -15.92 31.02 15.47
C ALA HA 88 -16.27 32.03 16.56
N ASN HA 89 -16.34 31.56 17.79
CA ASN HA 89 -16.67 32.39 18.94
C ASN HA 89 -15.42 33.14 19.40
N GLU HA 90 -15.47 33.70 20.61
CA GLU HA 90 -14.33 34.45 21.14
C GLU HA 90 -13.11 33.56 21.36
N GLU HA 91 -13.32 32.27 21.61
CA GLU HA 91 -12.23 31.33 21.85
C GLU HA 91 -11.84 30.55 20.61
N GLY HA 92 -12.46 30.83 19.46
CA GLY HA 92 -12.13 30.12 18.25
C GLY HA 92 -12.79 28.77 18.08
N TYR HA 93 -13.83 28.49 18.87
CA TYR HA 93 -14.55 27.23 18.81
C TYR HA 93 -15.80 27.37 17.94
N ILE HA 94 -16.06 26.35 17.13
CA ILE HA 94 -17.34 26.22 16.45
C ILE HA 94 -18.00 24.93 16.92
N TYR HA 95 -19.32 24.95 16.97
CA TYR HA 95 -20.09 23.83 17.50
C TYR HA 95 -20.80 23.10 16.36
N LYS HA 96 -20.86 21.79 16.47
CA LYS HA 96 -21.42 20.92 15.45
C LYS HA 96 -22.42 19.96 16.07
N PRO HA 97 -23.36 19.43 15.28
CA PRO HA 97 -24.42 18.61 15.85
C PRO HA 97 -23.88 17.39 16.58
N ASN HA 98 -24.61 16.98 17.61
CA ASN HA 98 -24.24 15.87 18.47
C ASN HA 98 -24.66 14.51 17.92
N VAL HA 99 -24.85 14.42 16.60
CA VAL HA 99 -25.24 13.16 15.98
C VAL HA 99 -24.10 12.15 16.14
N ASN HA 100 -24.44 10.98 16.67
CA ASN HA 100 -23.48 9.88 16.81
C ASN HA 100 -23.77 8.84 15.74
N VAL HA 101 -22.74 8.48 14.97
CA VAL HA 101 -22.94 7.59 13.83
C VAL HA 101 -23.44 6.22 14.26
N MET HA 102 -22.85 5.67 15.33
CA MET HA 102 -23.15 4.29 15.71
C MET HA 102 -24.62 4.12 16.09
N GLU HA 103 -25.18 5.06 16.85
CA GLU HA 103 -26.57 4.91 17.27
C GLU HA 103 -27.54 5.22 16.15
N GLU HA 104 -27.16 6.08 15.20
CA GLU HA 104 -28.04 6.34 14.06
C GLU HA 104 -28.09 5.15 13.12
N MET HA 105 -26.97 4.43 12.97
CA MET HA 105 -26.97 3.22 12.16
C MET HA 105 -27.84 2.14 12.80
N ALA HA 106 -27.79 2.02 14.13
CA ALA HA 106 -28.64 1.06 14.82
C ALA HA 106 -30.12 1.41 14.62
N ASN HA 107 -30.45 2.70 14.67
CA ASN HA 107 -31.82 3.12 14.40
C ASN HA 107 -32.24 2.76 12.98
N MET HA 108 -31.33 2.92 12.00
CA MET HA 108 -31.64 2.53 10.64
C MET HA 108 -31.94 1.04 10.53
N ILE HA 109 -31.15 0.21 11.20
CA ILE HA 109 -31.40 -1.22 11.19
C ILE HA 109 -32.66 -1.55 11.97
N SER HA 110 -32.81 -0.97 13.16
CA SER HA 110 -33.94 -1.33 14.02
C SER HA 110 -35.26 -0.89 13.41
N ALA HA 111 -35.32 0.33 12.87
CA ALA HA 111 -36.58 0.83 12.31
C ALA HA 111 -37.00 0.02 11.09
N SER HA 112 -36.05 -0.36 10.25
CA SER HA 112 -36.39 -1.10 9.03
C SER HA 112 -36.88 -2.50 9.37
N ARG HA 113 -36.21 -3.19 10.30
CA ARG HA 113 -36.65 -4.53 10.67
C ARG HA 113 -37.97 -4.50 11.43
N ALA HA 114 -38.19 -3.45 12.23
CA ALA HA 114 -39.47 -3.31 12.92
C ALA HA 114 -40.58 -2.96 11.95
N TYR HA 115 -40.27 -2.19 10.91
CA TYR HA 115 -41.27 -1.84 9.90
C TYR HA 115 -41.72 -3.07 9.13
N GLN HA 116 -40.79 -3.96 8.79
CA GLN HA 116 -41.12 -5.10 7.93
C GLN HA 116 -41.89 -6.17 8.68
N THR HA 117 -41.65 -6.32 9.98
CA THR HA 117 -42.35 -7.35 10.74
C THR HA 117 -43.79 -6.96 11.00
N ASN HA 118 -44.10 -5.66 11.02
CA ASN HA 118 -45.49 -5.23 11.17
C ASN HA 118 -46.28 -5.46 9.89
N VAL HA 119 -45.62 -5.41 8.73
CA VAL HA 119 -46.27 -5.78 7.49
C VAL HA 119 -46.63 -7.27 7.49
N GLN HA 120 -45.75 -8.09 8.07
CA GLN HA 120 -46.02 -9.53 8.17
C GLN HA 120 -47.25 -9.81 9.01
N VAL HA 121 -47.40 -9.09 10.13
CA VAL HA 121 -48.56 -9.29 11.00
C VAL HA 121 -49.84 -8.87 10.28
N ALA HA 122 -49.81 -7.72 9.62
CA ALA HA 122 -50.98 -7.26 8.89
C ALA HA 122 -51.36 -8.21 7.76
N ASP HA 123 -50.36 -8.70 7.04
CA ASP HA 123 -50.63 -9.67 5.98
C ASP HA 123 -51.19 -10.98 6.54
N SER HA 124 -50.62 -11.46 7.65
CA SER HA 124 -51.16 -12.65 8.29
C SER HA 124 -52.54 -12.41 8.84
N SER HA 125 -52.77 -11.24 9.45
CA SER HA 125 -54.10 -10.90 9.95
C SER HA 125 -55.10 -10.74 8.82
N LYS HA 126 -54.64 -10.28 7.65
CA LYS HA 126 -55.52 -10.16 6.50
C LYS HA 126 -56.04 -11.52 6.08
N GLN HA 127 -55.18 -12.54 6.11
CA GLN HA 127 -55.61 -13.90 5.75
C GLN HA 127 -56.65 -14.43 6.73
N MET HA 128 -56.48 -14.17 8.02
CA MET HA 128 -57.40 -14.71 9.01
C MET HA 128 -58.82 -14.18 8.81
N LEU HA 129 -58.94 -12.91 8.43
CA LEU HA 129 -60.25 -12.36 8.12
C LEU HA 129 -60.87 -13.05 6.91
N LEU HA 130 -60.05 -13.35 5.90
CA LEU HA 130 -60.57 -14.02 4.70
C LEU HA 130 -61.09 -15.42 5.02
N ARG HA 131 -60.37 -16.16 5.86
CA ARG HA 131 -60.83 -17.51 6.21
C ARG HA 131 -62.10 -17.48 7.03
N THR HA 132 -62.33 -16.40 7.78
CA THR HA 132 -63.60 -16.26 8.51
C THR HA 132 -64.76 -16.05 7.54
N LEU HA 133 -64.53 -15.32 6.44
CA LEU HA 133 -65.56 -15.14 5.44
C LEU HA 133 -65.97 -16.46 4.81
N GLN HA 134 -65.01 -17.35 4.59
CA GLN HA 134 -65.27 -18.64 3.96
C GLN HA 134 -65.76 -19.69 4.96
N MET HA 135 -65.87 -19.36 6.24
CA MET HA 135 -66.37 -20.31 7.22
C MET HA 135 -67.83 -20.67 6.93
N GLY HA 136 -68.11 -21.98 6.98
CA GLY HA 136 -69.46 -22.47 6.77
C GLY HA 136 -69.79 -22.86 5.35
N GLN HA 137 -69.03 -22.40 4.37
CA GLN HA 137 -69.29 -22.73 2.98
C GLN HA 137 -68.00 -23.14 2.26
N MET IA 1 -23.81 -26.70 13.55
CA MET IA 1 -23.08 -26.96 12.31
C MET IA 1 -22.02 -28.02 12.51
N ASP IA 2 -21.06 -28.08 11.59
CA ASP IA 2 -19.98 -29.06 11.69
C ASP IA 2 -19.05 -28.70 12.84
N ARG IA 3 -18.56 -29.74 13.52
CA ARG IA 3 -17.67 -29.57 14.65
C ARG IA 3 -16.25 -29.17 14.23
N ALA IA 4 -15.96 -29.17 12.93
CA ALA IA 4 -14.66 -28.68 12.47
C ALA IA 4 -14.48 -27.19 12.76
N LEU IA 5 -15.59 -26.48 13.02
CA LEU IA 5 -15.49 -25.08 13.44
C LEU IA 5 -14.77 -24.98 14.78
N PHE IA 6 -15.11 -25.87 15.72
CA PHE IA 6 -14.47 -25.85 17.03
C PHE IA 6 -13.11 -26.54 17.00
N LEU IA 7 -12.90 -27.47 16.07
CA LEU IA 7 -11.58 -28.09 15.92
C LEU IA 7 -10.56 -27.06 15.48
N ALA IA 8 -10.93 -26.20 14.52
CA ALA IA 8 -10.02 -25.14 14.09
C ALA IA 8 -9.97 -24.01 15.11
N MET IA 9 -11.08 -23.71 15.78
CA MET IA 9 -11.07 -22.67 16.80
C MET IA 9 -10.11 -23.02 17.93
N SER IA 10 -10.12 -24.29 18.35
CA SER IA 10 -9.18 -24.72 19.39
C SER IA 10 -7.74 -24.58 18.91
N GLY IA 11 -7.47 -24.95 17.65
CA GLY IA 11 -6.14 -24.78 17.11
C GLY IA 11 -5.71 -23.32 17.03
N ALA IA 12 -6.63 -22.45 16.59
CA ALA IA 12 -6.31 -21.03 16.50
C ALA IA 12 -6.12 -20.42 17.88
N LYS IA 13 -6.88 -20.88 18.87
CA LYS IA 13 -6.71 -20.41 20.24
C LYS IA 13 -5.33 -20.78 20.78
N GLN IA 14 -4.87 -22.00 20.51
CA GLN IA 14 -3.59 -22.43 21.04
C GLN IA 14 -2.43 -21.73 20.35
N ASN IA 15 -2.60 -21.36 19.07
CA ASN IA 15 -1.55 -20.63 18.36
C ASN IA 15 -1.32 -19.26 19.00
N MET IA 16 -2.40 -18.61 19.45
CA MET IA 16 -2.25 -17.34 20.17
C MET IA 16 -1.51 -17.54 21.49
N GLN IA 17 -1.82 -18.63 22.20
CA GLN IA 17 -1.13 -18.87 23.47
C GLN IA 17 0.34 -19.14 23.27
N ALA IA 18 0.70 -19.89 22.22
CA ALA IA 18 2.11 -20.06 21.88
C ALA IA 18 2.75 -18.73 21.50
N LEU IA 19 1.97 -17.85 20.87
CA LEU IA 19 2.48 -16.53 20.54
C LEU IA 19 2.83 -15.74 21.79
N GLN IA 20 2.01 -15.84 22.83
CA GLN IA 20 2.31 -15.19 24.10
C GLN IA 20 3.57 -15.77 24.72
N LEU IA 21 3.77 -17.08 24.62
CA LEU IA 21 4.97 -17.70 25.16
C LEU IA 21 6.21 -17.21 24.42
N ARG IA 22 6.12 -17.05 23.10
CA ARG IA 22 7.25 -16.51 22.34
C ARG IA 22 7.41 -15.02 22.58
N ALA IA 23 6.29 -14.30 22.78
CA ALA IA 23 6.36 -12.86 23.00
C ALA IA 23 7.05 -12.54 24.32
N ASN IA 24 6.88 -13.41 25.33
CA ASN IA 24 7.57 -13.21 26.61
C ASN IA 24 9.06 -13.40 26.46
N ASN IA 25 9.49 -14.30 25.58
CA ASN IA 25 10.91 -14.52 25.36
C ASN IA 25 11.59 -13.28 24.78
N LEU IA 26 10.94 -12.61 23.83
CA LEU IA 26 11.53 -11.43 23.22
C LEU IA 26 11.47 -10.23 24.15
N ALA IA 27 10.54 -10.22 25.11
CA ALA IA 27 10.47 -9.13 26.06
C ALA IA 27 11.59 -9.21 27.09
N ASN IA 28 12.11 -10.42 27.34
CA ASN IA 28 13.12 -10.65 28.36
C ASN IA 28 14.51 -10.92 27.76
N VAL IA 29 14.81 -10.31 26.61
CA VAL IA 29 16.13 -10.47 26.01
C VAL IA 29 17.19 -9.78 26.86
N SER IA 30 16.86 -8.61 27.41
CA SER IA 30 17.82 -7.85 28.22
C SER IA 30 17.83 -8.28 29.69
N THR IA 31 16.94 -9.18 30.10
CA THR IA 31 16.90 -9.61 31.48
C THR IA 31 18.16 -10.40 31.83
N THR IA 32 18.57 -10.28 33.09
CA THR IA 32 19.80 -10.91 33.57
C THR IA 32 19.50 -12.33 34.03
N GLY IA 33 20.25 -13.29 33.51
CA GLY IA 33 20.07 -14.68 33.89
C GLY IA 33 18.73 -15.26 33.48
N PHE IA 34 18.29 -14.99 32.26
CA PHE IA 34 17.00 -15.46 31.77
C PHE IA 34 17.19 -16.71 30.92
N ARG IA 35 16.30 -17.68 31.10
CA ARG IA 35 16.33 -18.92 30.34
C ARG IA 35 15.12 -18.93 29.40
N ALA IA 36 15.38 -19.06 28.11
CA ALA IA 36 14.31 -19.04 27.12
C ALA IA 36 13.41 -20.25 27.29
N ASP IA 37 12.10 -20.03 27.17
CA ASP IA 37 11.11 -21.09 27.31
C ASP IA 37 10.75 -21.64 25.94
N LEU IA 38 10.84 -22.96 25.80
CA LEU IA 38 10.52 -23.61 24.53
C LEU IA 38 9.02 -23.82 24.41
N ALA IA 39 8.49 -23.62 23.21
CA ALA IA 39 7.07 -23.80 22.94
C ALA IA 39 6.90 -24.87 21.87
N GLN IA 40 6.03 -25.84 22.14
CA GLN IA 40 5.68 -26.88 21.19
C GLN IA 40 4.18 -27.14 21.29
N ALA IA 41 3.68 -27.95 20.37
CA ALA IA 41 2.26 -28.31 20.33
C ALA IA 41 2.13 -29.81 20.52
N ARG IA 42 1.13 -30.23 21.28
CA ARG IA 42 0.87 -31.63 21.55
C ARG IA 42 -0.38 -32.06 20.81
N SER IA 43 -0.30 -33.22 20.14
CA SER IA 43 -1.44 -33.79 19.42
C SER IA 43 -2.18 -34.71 20.36
N MET IA 44 -3.47 -34.44 20.56
CA MET IA 44 -4.33 -35.27 21.40
C MET IA 44 -5.58 -35.65 20.61
N GLN IA 45 -5.70 -36.94 20.30
CA GLN IA 45 -6.83 -37.42 19.52
C GLN IA 45 -8.03 -37.65 20.42
N ALA IA 46 -9.21 -37.31 19.91
CA ALA IA 46 -10.47 -37.50 20.63
C ALA IA 46 -10.93 -38.93 20.42
N TYR IA 47 -10.42 -39.83 21.25
CA TYR IA 47 -10.75 -41.24 21.13
C TYR IA 47 -12.21 -41.48 21.51
N GLY IA 48 -12.88 -42.31 20.73
CA GLY IA 48 -14.29 -42.59 20.97
C GLY IA 48 -14.88 -43.35 19.81
N GLU IA 49 -16.22 -43.36 19.77
CA GLU IA 49 -16.92 -44.02 18.69
C GLU IA 49 -16.89 -43.18 17.42
N GLY IA 50 -16.63 -43.82 16.29
CA GLY IA 50 -16.61 -43.16 15.00
C GLY IA 50 -15.26 -43.25 14.33
N HIS IA 51 -15.15 -42.54 13.21
CA HIS IA 51 -13.89 -42.50 12.48
C HIS IA 51 -12.87 -41.62 13.21
N PRO IA 52 -11.62 -42.06 13.30
CA PRO IA 52 -10.59 -41.27 14.01
C PRO IA 52 -10.11 -40.08 13.19
N SER IA 53 -11.01 -39.14 12.93
CA SER IA 53 -10.73 -38.01 12.06
C SER IA 53 -10.52 -36.70 12.80
N ARG IA 54 -10.87 -36.62 14.08
CA ARG IA 54 -10.75 -35.38 14.85
C ARG IA 54 -9.58 -35.50 15.82
N VAL IA 55 -8.59 -34.63 15.64
CA VAL IA 55 -7.40 -34.59 16.48
C VAL IA 55 -7.20 -33.15 16.93
N PHE IA 56 -7.03 -32.95 18.23
CA PHE IA 56 -6.78 -31.63 18.79
C PHE IA 56 -5.29 -31.39 18.96
N SER IA 57 -4.92 -30.12 19.02
CA SER IA 57 -3.54 -29.72 19.29
C SER IA 57 -3.55 -28.64 20.36
N MET IA 58 -2.74 -28.83 21.40
CA MET IA 58 -2.61 -27.86 22.48
C MET IA 58 -1.14 -27.53 22.69
N THR IA 59 -0.85 -26.26 22.93
CA THR IA 59 0.51 -25.80 23.15
C THR IA 59 0.90 -25.99 24.60
N GLU IA 60 2.16 -26.33 24.83
CA GLU IA 60 2.70 -26.54 26.16
C GLU IA 60 4.15 -26.09 26.18
N ARG IA 61 4.79 -26.22 27.34
CA ARG IA 61 6.17 -25.80 27.51
C ARG IA 61 7.02 -27.02 27.86
N PRO IA 62 7.60 -27.71 26.87
CA PRO IA 62 8.37 -28.93 27.17
C PRO IA 62 9.59 -28.69 28.02
N GLY IA 63 10.23 -27.54 27.88
CA GLY IA 63 11.45 -27.29 28.63
C GLY IA 63 11.93 -25.87 28.44
N HIS IA 64 13.19 -25.64 28.81
CA HIS IA 64 13.81 -24.34 28.74
C HIS IA 64 15.14 -24.44 28.02
N ASN IA 65 15.68 -23.28 27.64
CA ASN IA 65 16.99 -23.20 27.01
C ASN IA 65 18.02 -22.92 28.10
N PHE IA 66 18.83 -23.93 28.41
CA PHE IA 66 19.82 -23.84 29.48
C PHE IA 66 21.21 -23.52 28.96
N ALA IA 67 21.34 -23.12 27.70
CA ALA IA 67 22.65 -22.75 27.17
C ALA IA 67 23.15 -21.49 27.85
N GLN IA 68 24.47 -21.31 27.83
CA GLN IA 68 25.08 -20.14 28.45
C GLN IA 68 24.59 -18.86 27.79
N GLY IA 69 24.20 -17.88 28.60
CA GLY IA 69 23.72 -16.62 28.09
C GLY IA 69 24.87 -15.72 27.70
N SER IA 70 24.50 -14.53 27.23
CA SER IA 70 25.48 -13.53 26.81
C SER IA 70 26.10 -12.91 28.06
N VAL IA 71 27.41 -13.07 28.20
CA VAL IA 71 28.11 -12.58 29.39
C VAL IA 71 28.48 -11.11 29.18
N ILE IA 72 28.09 -10.26 30.13
CA ILE IA 72 28.35 -8.83 30.08
C ILE IA 72 29.40 -8.50 31.13
N THR IA 73 30.55 -7.98 30.69
CA THR IA 73 31.62 -7.60 31.60
C THR IA 73 31.38 -6.17 32.09
N THR IA 74 31.34 -5.99 33.40
CA THR IA 74 31.11 -4.68 33.99
C THR IA 74 32.24 -4.23 34.92
N GLY IA 75 33.17 -5.10 35.26
CA GLY IA 75 34.26 -4.73 36.15
C GLY IA 75 33.79 -4.36 37.55
N ARG IA 76 32.80 -5.07 38.07
CA ARG IA 76 32.23 -4.82 39.39
C ARG IA 76 32.48 -6.02 40.27
N ASP IA 77 32.90 -5.76 41.51
CA ASP IA 77 33.34 -6.86 42.39
C ASP IA 77 32.19 -7.79 42.73
N LEU IA 78 30.97 -7.26 42.85
CA LEU IA 78 29.82 -8.05 43.22
C LEU IA 78 29.00 -8.54 42.02
N ASP IA 79 29.62 -8.65 40.85
CA ASP IA 79 28.97 -9.21 39.67
C ASP IA 79 29.61 -10.55 39.37
N VAL IA 80 28.80 -11.61 39.36
CA VAL IA 80 29.26 -12.96 39.13
C VAL IA 80 28.39 -13.61 38.06
N THR IA 81 29.03 -14.34 37.15
CA THR IA 81 28.32 -15.11 36.13
C THR IA 81 28.80 -16.54 36.21
N ILE IA 82 27.87 -17.50 36.08
CA ILE IA 82 28.21 -18.90 36.18
C ILE IA 82 28.84 -19.36 34.87
N GLU IA 83 30.04 -19.94 34.96
CA GLU IA 83 30.69 -20.50 33.79
C GLU IA 83 30.09 -21.87 33.48
N GLY IA 84 29.50 -22.00 32.30
CA GLY IA 84 28.87 -23.25 31.96
C GLY IA 84 27.60 -23.49 32.76
N SER IA 85 27.26 -24.77 32.91
CA SER IA 85 26.05 -25.14 33.62
C SER IA 85 26.23 -24.97 35.11
N GLY IA 86 25.19 -24.46 35.78
CA GLY IA 86 25.23 -24.26 37.20
C GLY IA 86 24.14 -23.31 37.63
N TRP IA 87 23.96 -23.21 38.95
CA TRP IA 87 22.93 -22.35 39.52
C TRP IA 87 23.43 -21.78 40.84
N ILE IA 88 22.79 -20.70 41.26
CA ILE IA 88 23.05 -20.06 42.56
C ILE IA 88 21.78 -20.22 43.40
N SER IA 89 21.93 -20.81 44.58
CA SER IA 89 20.78 -21.06 45.44
C SER IA 89 20.38 -19.79 46.17
N VAL IA 90 19.11 -19.41 46.05
CA VAL IA 90 18.55 -18.26 46.75
C VAL IA 90 17.20 -18.67 47.33
N LEU IA 91 16.75 -17.92 48.32
CA LEU IA 91 15.41 -18.09 48.88
C LEU IA 91 14.60 -16.83 48.63
N ASP IA 92 13.37 -17.02 48.15
CA ASP IA 92 12.53 -15.90 47.74
C ASP IA 92 11.87 -15.27 48.98
N HIS IA 93 10.88 -14.40 48.73
CA HIS IA 93 10.20 -13.70 49.82
C HIS IA 93 9.50 -14.67 50.77
N THR IA 94 8.88 -15.72 50.22
CA THR IA 94 8.17 -16.69 51.06
C THR IA 94 9.13 -17.51 51.91
N GLY IA 95 10.41 -17.57 51.53
CA GLY IA 95 11.38 -18.35 52.26
C GLY IA 95 11.69 -19.71 51.66
N LYS IA 96 11.16 -20.01 50.48
CA LYS IA 96 11.38 -21.30 49.84
C LYS IA 96 12.62 -21.21 48.95
N GLU IA 97 13.53 -22.17 49.11
CA GLU IA 97 14.77 -22.15 48.35
C GLU IA 97 14.49 -22.39 46.87
N GLY IA 98 15.30 -21.73 46.03
CA GLY IA 98 15.16 -21.88 44.59
C GLY IA 98 16.45 -21.52 43.90
N LEU IA 99 16.61 -22.04 42.69
CA LEU IA 99 17.82 -21.82 41.90
C LEU IA 99 17.63 -20.62 40.98
N THR IA 100 18.63 -19.76 40.92
CA THR IA 100 18.63 -18.60 40.04
C THR IA 100 20.00 -18.49 39.38
N ARG IA 101 20.04 -17.71 38.30
CA ARG IA 101 21.28 -17.49 37.55
C ARG IA 101 21.63 -16.02 37.47
N ASN IA 102 20.90 -15.15 38.17
CA ASN IA 102 21.17 -13.71 38.19
C ASN IA 102 22.21 -13.45 39.27
N GLY IA 103 23.43 -13.14 38.85
CA GLY IA 103 24.51 -12.88 39.79
C GLY IA 103 24.80 -11.40 40.00
N ASN IA 104 23.75 -10.58 40.02
CA ASN IA 104 23.88 -9.15 40.28
C ASN IA 104 23.73 -8.95 41.78
N LEU IA 105 24.77 -9.34 42.52
CA LEU IA 105 24.72 -9.36 43.97
C LEU IA 105 24.86 -7.95 44.54
N LYS IA 106 24.38 -7.78 45.78
CA LYS IA 106 24.46 -6.52 46.48
C LYS IA 106 24.44 -6.80 47.98
N VAL IA 107 24.91 -5.81 48.74
CA VAL IA 107 24.94 -5.89 50.20
C VAL IA 107 24.14 -4.72 50.77
N ASP IA 108 23.16 -5.03 51.61
CA ASP IA 108 22.31 -4.02 52.21
C ASP IA 108 23.00 -3.44 53.45
N GLN IA 109 22.26 -2.65 54.23
CA GLN IA 109 22.85 -1.99 55.40
C GLN IA 109 23.17 -3.00 56.50
N ASN IA 110 22.41 -4.09 56.61
CA ASN IA 110 22.66 -5.06 57.66
C ASN IA 110 23.83 -5.97 57.31
N GLY IA 111 24.26 -5.98 56.04
CA GLY IA 111 25.33 -6.84 55.60
C GLY IA 111 24.88 -8.11 54.91
N MET IA 112 23.57 -8.35 54.82
CA MET IA 112 23.07 -9.54 54.16
C MET IA 112 23.31 -9.44 52.65
N LEU IA 113 23.85 -10.52 52.07
CA LEU IA 113 24.12 -10.55 50.65
C LEU IA 113 22.88 -11.01 49.89
N THR IA 114 22.38 -10.17 49.01
CA THR IA 114 21.23 -10.48 48.16
C THR IA 114 21.60 -10.22 46.71
N ASN IA 115 20.66 -10.48 45.81
CA ASN IA 115 20.80 -10.16 44.40
C ASN IA 115 19.84 -9.04 44.03
N ALA IA 116 19.87 -8.64 42.75
CA ALA IA 116 19.08 -7.51 42.30
C ALA IA 116 17.58 -7.79 42.34
N SER IA 117 17.18 -9.05 42.43
CA SER IA 117 15.77 -9.41 42.54
C SER IA 117 15.29 -9.44 43.98
N GLY IA 118 16.16 -9.20 44.96
CA GLY IA 118 15.79 -9.20 46.35
C GLY IA 118 15.87 -10.53 47.06
N HIS IA 119 16.34 -11.57 46.38
CA HIS IA 119 16.42 -12.90 46.98
C HIS IA 119 17.68 -13.03 47.83
N LEU IA 120 17.51 -13.63 49.02
CA LEU IA 120 18.64 -13.86 49.90
C LEU IA 120 19.57 -14.92 49.31
N VAL IA 121 20.87 -14.66 49.36
CA VAL IA 121 21.86 -15.58 48.82
C VAL IA 121 22.30 -16.54 49.93
N LEU IA 122 22.21 -17.84 49.64
CA LEU IA 122 22.52 -18.86 50.62
C LEU IA 122 24.03 -19.08 50.72
N GLY IA 123 24.45 -19.69 51.83
CA GLY IA 123 25.85 -19.93 52.07
C GLY IA 123 26.21 -21.39 52.25
N GLU IA 124 27.40 -21.65 52.80
CA GLU IA 124 27.84 -23.02 52.99
C GLU IA 124 27.08 -23.72 54.11
N ASN IA 125 26.57 -22.95 55.07
CA ASN IA 125 25.78 -23.52 56.16
C ASN IA 125 24.29 -23.64 55.81
N ASP IA 126 23.92 -23.41 54.55
CA ASP IA 126 22.55 -23.47 54.02
C ASP IA 126 21.71 -22.32 54.57
N ALA IA 127 22.34 -21.26 55.08
CA ALA IA 127 21.68 -20.09 55.61
C ALA IA 127 22.03 -18.86 54.79
N PRO IA 128 21.23 -17.80 54.85
CA PRO IA 128 21.58 -16.57 54.12
C PRO IA 128 22.92 -16.02 54.56
N ILE IA 129 23.67 -15.50 53.59
CA ILE IA 129 25.02 -15.00 53.85
C ILE IA 129 24.92 -13.61 54.46
N THR IA 130 25.48 -13.44 55.65
CA THR IA 130 25.55 -12.15 56.31
C THR IA 130 27.02 -11.79 56.51
N LEU IA 131 27.47 -10.77 55.82
CA LEU IA 131 28.84 -10.31 55.88
C LEU IA 131 29.03 -9.33 57.03
N PRO IA 132 30.26 -9.15 57.50
CA PRO IA 132 30.51 -8.08 58.49
C PRO IA 132 30.09 -6.73 57.93
N ILE IA 133 29.47 -5.92 58.80
CA ILE IA 133 28.83 -4.69 58.32
C ILE IA 133 29.84 -3.69 57.78
N PRO IA 134 30.91 -3.29 58.50
CA PRO IA 134 31.84 -2.28 57.96
C PRO IA 134 32.97 -2.86 57.11
N LEU IA 135 32.65 -3.18 55.86
CA LEU IA 135 33.64 -3.75 54.97
C LEU IA 135 34.51 -2.65 54.35
N SER IA 136 35.59 -3.08 53.71
CA SER IA 136 36.46 -2.20 52.95
C SER IA 136 36.81 -2.71 51.57
N LYS IA 137 36.71 -4.02 51.33
CA LYS IA 137 37.00 -4.60 50.02
C LYS IA 137 36.42 -6.01 50.00
N ILE IA 138 35.58 -6.31 49.01
CA ILE IA 138 34.92 -7.59 48.90
C ILE IA 138 35.41 -8.28 47.64
N GLU IA 139 35.90 -9.51 47.78
CA GLU IA 139 36.40 -10.31 46.68
C GLU IA 139 35.65 -11.63 46.63
N ILE IA 140 35.13 -11.97 45.46
CA ILE IA 140 34.46 -13.25 45.24
C ILE IA 140 35.40 -14.14 44.44
N GLY IA 141 35.72 -15.30 45.00
CA GLY IA 141 36.61 -16.23 44.32
C GLY IA 141 35.93 -16.92 43.16
N ARG IA 142 36.72 -17.72 42.44
CA ARG IA 142 36.23 -18.47 41.29
C ARG IA 142 35.45 -19.71 41.70
N ASP IA 143 35.12 -19.86 42.98
CA ASP IA 143 34.36 -21.01 43.45
C ASP IA 143 33.27 -20.63 44.43
N GLY IA 144 32.99 -19.34 44.60
CA GLY IA 144 31.96 -18.88 45.52
C GLY IA 144 32.48 -18.34 46.83
N THR IA 145 33.76 -18.52 47.13
CA THR IA 145 34.34 -18.04 48.38
C THR IA 145 34.25 -16.51 48.45
N ILE IA 146 33.77 -16.01 49.59
CA ILE IA 146 33.64 -14.58 49.82
C ILE IA 146 34.70 -14.17 50.83
N SER IA 147 35.66 -13.37 50.39
CA SER IA 147 36.71 -12.84 51.26
C SER IA 147 36.49 -11.36 51.45
N VAL IA 148 36.48 -10.92 52.70
CA VAL IA 148 36.20 -9.53 53.04
C VAL IA 148 37.39 -8.95 53.78
N LEU IA 149 37.50 -7.63 53.73
CA LEU IA 149 38.54 -6.89 54.44
C LEU IA 149 37.87 -5.98 55.46
N PRO IA 150 38.06 -6.20 56.76
CA PRO IA 150 37.50 -5.28 57.75
C PRO IA 150 38.03 -3.86 57.54
N GLN IA 151 37.17 -2.88 57.79
CA GLN IA 151 37.51 -1.50 57.51
C GLN IA 151 38.70 -1.05 58.35
N GLY IA 152 39.70 -0.48 57.70
CA GLY IA 152 40.89 -0.01 58.36
C GLY IA 152 41.95 -1.06 58.62
N ALA IA 153 41.67 -2.32 58.29
CA ALA IA 153 42.63 -3.39 58.50
C ALA IA 153 43.75 -3.31 57.46
N PRO IA 154 44.94 -3.80 57.79
CA PRO IA 154 46.02 -3.87 56.79
C PRO IA 154 45.66 -4.85 55.69
N ALA IA 155 46.35 -4.69 54.55
CA ALA IA 155 46.04 -5.51 53.38
C ALA IA 155 46.24 -6.99 53.65
N GLU IA 156 47.03 -7.33 54.66
CA GLU IA 156 47.24 -8.73 55.05
C GLU IA 156 46.24 -9.18 56.11
N GLU IA 157 44.97 -8.86 55.91
CA GLU IA 157 43.91 -9.28 56.83
C GLU IA 157 42.67 -9.72 56.05
N PHE IA 158 42.85 -10.11 54.80
CA PHE IA 158 41.76 -10.67 54.01
C PHE IA 158 41.42 -12.05 54.55
N GLN IA 159 40.13 -12.27 54.83
CA GLN IA 159 39.68 -13.52 55.41
C GLN IA 159 38.39 -13.98 54.73
N ALA IA 160 38.29 -15.27 54.49
CA ALA IA 160 37.08 -15.85 53.93
C ALA IA 160 36.01 -15.97 55.02
N VAL IA 161 34.81 -15.50 54.71
CA VAL IA 161 33.73 -15.50 55.69
C VAL IA 161 32.60 -16.45 55.29
N ASP IA 162 32.42 -16.74 54.01
CA ASP IA 162 31.33 -17.60 53.56
C ASP IA 162 31.66 -18.13 52.16
N ARG IA 163 30.79 -18.99 51.67
CA ARG IA 163 30.91 -19.55 50.33
C ARG IA 163 29.53 -19.64 49.72
N ILE IA 164 29.36 -19.03 48.54
CA ILE IA 164 28.06 -19.00 47.88
C ILE IA 164 27.67 -20.42 47.49
N LYS IA 165 26.43 -20.79 47.78
CA LYS IA 165 25.93 -22.13 47.48
C LYS IA 165 25.70 -22.26 45.99
N LEU IA 166 26.51 -23.07 45.32
CA LEU IA 166 26.40 -23.31 43.89
C LEU IA 166 25.97 -24.74 43.65
N VAL IA 167 24.95 -24.93 42.81
CA VAL IA 167 24.32 -26.22 42.59
C VAL IA 167 24.33 -26.53 41.10
N LYS IA 168 24.64 -27.78 40.76
CA LYS IA 168 24.60 -28.26 39.37
C LYS IA 168 23.77 -29.52 39.32
N PRO IA 169 22.44 -29.40 39.31
CA PRO IA 169 21.59 -30.59 39.18
C PRO IA 169 21.31 -30.90 37.72
N ASN IA 170 20.49 -31.92 37.46
CA ASN IA 170 20.08 -32.20 36.10
C ASN IA 170 19.08 -31.16 35.63
N ASP IA 171 19.39 -30.50 34.51
CA ASP IA 171 18.55 -29.41 34.03
C ASP IA 171 17.17 -29.90 33.61
N GLN IA 172 17.06 -31.15 33.14
CA GLN IA 172 15.78 -31.70 32.75
C GLN IA 172 14.83 -31.87 33.93
N SER IA 173 15.35 -31.85 35.16
CA SER IA 173 14.55 -32.07 36.36
C SER IA 173 14.10 -30.77 37.01
N LEU IA 174 14.32 -29.62 36.38
CA LEU IA 174 13.97 -28.33 36.93
C LEU IA 174 12.82 -27.72 36.14
N PHE IA 175 11.91 -27.06 36.86
CA PHE IA 175 10.84 -26.29 36.25
C PHE IA 175 10.85 -24.88 36.81
N LYS IA 176 10.44 -23.92 35.99
CA LYS IA 176 10.39 -22.53 36.42
C LYS IA 176 9.10 -22.29 37.21
N ASP IA 177 9.23 -21.68 38.38
CA ASP IA 177 8.09 -21.40 39.23
C ASP IA 177 7.40 -20.11 38.79
N THR IA 178 6.41 -19.68 39.57
CA THR IA 178 5.65 -18.47 39.26
C THR IA 178 6.43 -17.19 39.51
N ASN IA 179 7.63 -17.27 40.10
CA ASN IA 179 8.40 -16.07 40.40
C ASN IA 179 9.77 -16.10 39.75
N GLY IA 180 9.95 -16.87 38.68
CA GLY IA 180 11.19 -16.89 37.94
C GLY IA 180 12.30 -17.76 38.52
N LEU IA 181 12.03 -18.50 39.58
CA LEU IA 181 13.02 -19.37 40.20
C LEU IA 181 12.83 -20.80 39.71
N PHE IA 182 13.93 -21.47 39.40
CA PHE IA 182 13.88 -22.87 39.01
C PHE IA 182 13.91 -23.75 40.25
N ARG IA 183 13.00 -24.71 40.31
CA ARG IA 183 12.88 -25.61 41.45
C ARG IA 183 12.75 -27.04 40.96
N HIS IA 184 13.07 -27.98 41.84
CA HIS IA 184 12.94 -29.39 41.50
C HIS IA 184 11.50 -29.75 41.20
N LYS IA 185 11.29 -30.56 40.16
CA LYS IA 185 9.96 -31.06 39.85
C LYS IA 185 9.42 -31.93 40.98
N THR IA 186 10.27 -32.80 41.53
CA THR IA 186 9.87 -33.62 42.67
C THR IA 186 10.00 -32.81 43.95
N PRO IA 187 8.94 -32.66 44.73
CA PRO IA 187 9.01 -31.83 45.93
C PRO IA 187 9.81 -32.52 47.03
N ASN IA 188 10.18 -31.71 48.03
CA ASN IA 188 10.92 -32.17 49.21
C ASN IA 188 12.25 -32.82 48.83
N GLN IA 189 12.92 -32.26 47.84
CA GLN IA 189 14.23 -32.75 47.41
C GLN IA 189 15.27 -31.68 47.62
N PRO IA 190 16.33 -31.95 48.37
CA PRO IA 190 17.31 -30.91 48.69
C PRO IA 190 18.20 -30.59 47.49
N TYR IA 191 18.95 -29.50 47.62
CA TYR IA 191 19.85 -29.00 46.59
C TYR IA 191 21.28 -29.26 47.03
N GLU IA 192 21.92 -30.28 46.45
CA GLU IA 192 23.30 -30.59 46.79
C GLU IA 192 24.23 -29.48 46.31
N ALA IA 193 25.20 -29.10 47.14
CA ALA IA 193 26.15 -28.06 46.80
C ALA IA 193 27.26 -28.67 45.95
N ASP IA 194 27.20 -28.44 44.64
CA ASP IA 194 28.21 -28.96 43.74
C ASP IA 194 29.49 -28.13 43.81
N ALA IA 195 30.62 -28.80 43.79
CA ALA IA 195 31.92 -28.14 43.90
C ALA IA 195 32.57 -27.91 42.55
N THR IA 196 31.86 -28.15 41.45
CA THR IA 196 32.40 -27.95 40.12
C THR IA 196 31.96 -26.64 39.48
N VAL IA 197 30.87 -26.04 39.94
CA VAL IA 197 30.40 -24.78 39.38
C VAL IA 197 31.39 -23.67 39.71
N SER IA 198 31.76 -22.89 38.68
CA SER IA 198 32.70 -21.79 38.83
C SER IA 198 31.99 -20.47 38.54
N LEU IA 199 32.45 -19.42 39.21
CA LEU IA 199 31.90 -18.08 39.06
C LEU IA 199 32.97 -17.19 38.43
N GLN IA 200 32.60 -16.51 37.35
CA GLN IA 200 33.49 -15.54 36.70
C GLN IA 200 33.13 -14.16 37.23
N THR IA 201 33.92 -13.66 38.16
CA THR IA 201 33.61 -12.41 38.83
C THR IA 201 33.87 -11.23 37.89
N GLY IA 202 33.25 -10.09 38.23
CA GLY IA 202 33.38 -8.90 37.42
C GLY IA 202 32.48 -8.85 36.20
N ALA IA 203 31.56 -9.81 36.05
CA ALA IA 203 30.70 -9.84 34.89
C ALA IA 203 29.36 -10.47 35.28
N ILE IA 204 28.33 -10.12 34.52
CA ILE IA 204 27.00 -10.69 34.69
C ILE IA 204 26.61 -11.40 33.41
N GLU IA 205 25.57 -12.22 33.51
CA GLU IA 205 25.11 -13.03 32.39
C GLU IA 205 23.71 -12.57 31.96
N GLY IA 206 23.58 -12.21 30.70
CA GLY IA 206 22.29 -11.80 30.16
C GLY IA 206 21.39 -12.98 29.89
N SER IA 207 20.54 -12.83 28.88
CA SER IA 207 19.63 -13.89 28.48
C SER IA 207 20.24 -14.75 27.39
N ASN IA 208 19.57 -15.87 27.10
CA ASN IA 208 19.97 -16.77 26.03
C ASN IA 208 18.89 -16.87 24.96
N VAL IA 209 18.03 -15.86 24.87
CA VAL IA 209 16.96 -15.85 23.89
C VAL IA 209 17.54 -15.58 22.52
N ASN IA 210 17.37 -16.53 21.60
CA ASN IA 210 17.78 -16.36 20.21
C ASN IA 210 16.66 -15.62 19.48
N ALA IA 211 16.89 -14.35 19.15
CA ALA IA 211 15.83 -13.53 18.59
C ALA IA 211 15.37 -14.06 17.24
N VAL IA 212 16.31 -14.55 16.42
CA VAL IA 212 15.96 -15.07 15.10
C VAL IA 212 15.04 -16.28 15.23
N GLY IA 213 15.33 -17.17 16.18
CA GLY IA 213 14.48 -18.34 16.38
C GLY IA 213 13.06 -17.96 16.75
N GLU IA 214 12.90 -16.90 17.54
CA GLU IA 214 11.56 -16.43 17.88
C GLU IA 214 10.86 -15.81 16.69
N MET IA 215 11.59 -15.03 15.90
CA MET IA 215 10.98 -14.35 14.76
C MET IA 215 10.53 -15.34 13.68
N THR IA 216 11.35 -16.36 13.41
CA THR IA 216 10.97 -17.34 12.40
C THR IA 216 9.84 -18.24 12.88
N ALA IA 217 9.73 -18.46 14.19
CA ALA IA 217 8.59 -19.20 14.73
C ALA IA 217 7.34 -18.33 14.76
N LEU IA 218 7.52 -17.01 14.91
CA LEU IA 218 6.39 -16.10 14.89
C LEU IA 218 5.73 -16.07 13.52
N ILE IA 219 6.54 -16.03 12.46
CA ILE IA 219 5.98 -15.94 11.12
C ILE IA 219 5.41 -17.27 10.64
N ASP IA 220 5.68 -18.35 11.37
CA ASP IA 220 5.06 -19.63 11.06
C ASP IA 220 3.76 -19.84 11.81
N LEU IA 221 3.66 -19.31 13.03
CA LEU IA 221 2.40 -19.39 13.77
C LEU IA 221 1.34 -18.48 13.18
N GLN IA 222 1.73 -17.36 12.57
CA GLN IA 222 0.76 -16.51 11.90
C GLN IA 222 0.11 -17.24 10.73
N ARG IA 223 0.92 -17.93 9.92
CA ARG IA 223 0.39 -18.61 8.74
C ARG IA 223 -0.52 -19.77 9.15
N GLN IA 224 -0.08 -20.56 10.12
CA GLN IA 224 -0.92 -21.65 10.62
C GLN IA 224 -2.19 -21.11 11.25
N PHE IA 225 -2.08 -19.98 11.94
CA PHE IA 225 -3.27 -19.35 12.54
C PHE IA 225 -4.29 -18.96 11.48
N GLU IA 226 -3.82 -18.39 10.36
CA GLU IA 226 -4.73 -17.92 9.34
C GLU IA 226 -5.41 -19.06 8.60
N MET IA 227 -4.70 -20.18 8.39
CA MET IA 227 -5.29 -21.31 7.69
C MET IA 227 -6.42 -21.93 8.50
N GLN IA 228 -6.31 -21.91 9.82
CA GLN IA 228 -7.37 -22.41 10.68
C GLN IA 228 -8.56 -21.45 10.71
N VAL IA 229 -8.28 -20.14 10.63
CA VAL IA 229 -9.37 -19.17 10.53
C VAL IA 229 -10.13 -19.36 9.23
N LYS IA 230 -9.42 -19.67 8.15
CA LYS IA 230 -10.08 -19.97 6.89
C LYS IA 230 -10.94 -21.21 7.00
N MET IA 231 -10.48 -22.21 7.77
CA MET IA 231 -11.29 -23.41 7.98
C MET IA 231 -12.59 -23.08 8.70
N MET IA 232 -12.54 -22.18 9.69
CA MET IA 232 -13.75 -21.79 10.40
C MET IA 232 -14.75 -21.12 9.46
N SER IA 233 -14.27 -20.27 8.55
CA SER IA 233 -15.15 -19.66 7.57
C SER IA 233 -15.69 -20.70 6.60
N THR IA 234 -14.87 -21.69 6.24
CA THR IA 234 -15.33 -22.74 5.34
C THR IA 234 -16.40 -23.61 6.00
N ALA IA 235 -16.19 -23.97 7.27
CA ALA IA 235 -17.19 -24.77 7.99
C ALA IA 235 -18.50 -24.00 8.13
N GLU IA 236 -18.41 -22.69 8.35
CA GLU IA 236 -19.61 -21.85 8.35
C GLU IA 236 -20.25 -21.83 6.96
N GLU IA 237 -19.43 -21.76 5.91
CA GLU IA 237 -19.95 -21.66 4.56
C GLU IA 237 -20.76 -22.90 4.18
N MET IA 238 -20.27 -24.08 4.54
CA MET IA 238 -21.00 -25.30 4.22
C MET IA 238 -22.34 -25.37 4.93
N ASP IA 239 -22.39 -24.91 6.18
CA ASP IA 239 -23.64 -24.98 6.95
C ASP IA 239 -24.70 -24.05 6.36
N LYS IA 240 -24.29 -22.90 5.85
CA LYS IA 240 -25.26 -21.98 5.24
C LYS IA 240 -25.88 -22.60 3.99
N SER IA 241 -25.08 -23.27 3.18
CA SER IA 241 -25.60 -23.91 1.97
C SER IA 241 -26.56 -25.04 2.32
N SER IA 242 -26.22 -25.85 3.31
CA SER IA 242 -27.05 -26.99 3.68
C SER IA 242 -28.36 -26.57 4.33
N ASP IA 243 -28.51 -25.30 4.67
CA ASP IA 243 -29.72 -24.82 5.32
C ASP IA 243 -30.93 -24.88 4.39
N SER IA 244 -30.67 -25.08 3.09
CA SER IA 244 -31.73 -25.16 2.10
C SER IA 244 -32.34 -26.55 1.97
N LEU IA 245 -31.85 -27.53 2.72
CA LEU IA 245 -32.45 -28.85 2.73
C LEU IA 245 -33.86 -28.83 3.33
N LEU IA 246 -34.15 -27.86 4.20
CA LEU IA 246 -35.48 -27.69 4.76
C LEU IA 246 -36.25 -26.53 4.14
N ARG IA 247 -35.67 -25.86 3.15
CA ARG IA 247 -36.29 -24.71 2.51
C ARG IA 247 -37.29 -25.15 1.44
N MET IA 248 -38.26 -25.98 1.81
CA MET IA 248 -39.25 -26.47 0.86
C MET IA 248 -40.24 -25.38 0.47
N MET JA 1 -15.42 -12.19 -24.17
CA MET JA 1 -15.64 -10.87 -23.58
C MET JA 1 -15.18 -9.76 -24.52
N ASP JA 2 -14.86 -8.61 -23.94
CA ASP JA 2 -14.37 -7.48 -24.72
C ASP JA 2 -12.98 -7.79 -25.29
N ARG JA 3 -12.73 -7.29 -26.49
CA ARG JA 3 -11.46 -7.50 -27.16
C ARG JA 3 -10.36 -6.57 -26.67
N ALA JA 4 -10.69 -5.60 -25.81
CA ALA JA 4 -9.66 -4.74 -25.22
C ALA JA 4 -8.76 -5.53 -24.29
N LEU JA 5 -9.22 -6.68 -23.79
CA LEU JA 5 -8.37 -7.53 -22.96
C LEU JA 5 -7.17 -8.04 -23.76
N PHE JA 6 -7.42 -8.50 -24.99
CA PHE JA 6 -6.33 -8.98 -25.83
C PHE JA 6 -5.60 -7.82 -26.50
N LEU JA 7 -6.27 -6.69 -26.71
CA LEU JA 7 -5.60 -5.52 -27.28
C LEU JA 7 -4.55 -4.99 -26.33
N ALA JA 8 -4.82 -4.99 -25.03
CA ALA JA 8 -3.83 -4.61 -24.03
C ALA JA 8 -2.80 -5.71 -23.78
N MET JA 9 -3.23 -6.98 -23.85
CA MET JA 9 -2.29 -8.09 -23.72
C MET JA 9 -1.27 -8.09 -24.85
N SER JA 10 -1.72 -7.80 -26.07
CA SER JA 10 -0.80 -7.71 -27.20
C SER JA 10 0.15 -6.54 -27.06
N GLY JA 11 -0.13 -5.59 -26.18
CA GLY JA 11 0.77 -4.49 -25.92
C GLY JA 11 1.72 -4.80 -24.78
N ALA JA 12 1.21 -5.44 -23.73
CA ALA JA 12 2.06 -5.83 -22.61
C ALA JA 12 3.06 -6.90 -23.03
N LYS JA 13 2.66 -7.79 -23.94
CA LYS JA 13 3.58 -8.82 -24.43
C LYS JA 13 4.76 -8.20 -25.16
N GLN JA 14 4.51 -7.17 -25.96
CA GLN JA 14 5.59 -6.53 -26.71
C GLN JA 14 6.52 -5.74 -25.79
N ASN JA 15 5.98 -5.17 -24.72
CA ASN JA 15 6.84 -4.43 -23.77
C ASN JA 15 7.86 -5.36 -23.12
N MET JA 16 7.46 -6.60 -22.82
CA MET JA 16 8.42 -7.57 -22.31
C MET JA 16 9.48 -7.89 -23.35
N GLN JA 17 9.09 -8.02 -24.61
CA GLN JA 17 10.06 -8.28 -25.67
C GLN JA 17 11.01 -7.10 -25.86
N ALA JA 18 10.49 -5.88 -25.77
CA ALA JA 18 11.36 -4.72 -25.79
C ALA JA 18 12.30 -4.71 -24.59
N LEU JA 19 11.80 -5.15 -23.43
CA LEU JA 19 12.64 -5.24 -22.25
C LEU JA 19 13.76 -6.26 -22.44
N GLN JA 20 13.48 -7.35 -23.17
CA GLN JA 20 14.53 -8.33 -23.46
C GLN JA 20 15.62 -7.73 -24.33
N LEU JA 21 15.25 -6.90 -25.30
CA LEU JA 21 16.23 -6.29 -26.19
C LEU JA 21 17.14 -5.33 -25.42
N ARG JA 22 16.57 -4.58 -24.48
CA ARG JA 22 17.39 -3.70 -23.65
C ARG JA 22 18.25 -4.50 -22.68
N ALA JA 23 17.77 -5.65 -22.23
CA ALA JA 23 18.55 -6.49 -21.34
C ALA JA 23 19.79 -7.03 -22.04
N ASN JA 24 19.65 -7.37 -23.33
CA ASN JA 24 20.81 -7.84 -24.10
C ASN JA 24 21.83 -6.73 -24.29
N ASN JA 25 21.36 -5.48 -24.37
CA ASN JA 25 22.28 -4.35 -24.50
C ASN JA 25 23.13 -4.17 -23.26
N LEU JA 26 22.51 -4.25 -22.07
CA LEU JA 26 23.25 -4.03 -20.84
C LEU JA 26 24.15 -5.22 -20.49
N ALA JA 27 23.78 -6.42 -20.93
CA ALA JA 27 24.64 -7.57 -20.73
C ALA JA 27 25.90 -7.50 -21.60
N ASN JA 28 25.88 -6.69 -22.66
CA ASN JA 28 26.97 -6.59 -23.61
C ASN JA 28 27.74 -5.29 -23.49
N VAL JA 29 27.71 -4.66 -22.32
CA VAL JA 29 28.46 -3.41 -22.15
C VAL JA 29 29.96 -3.67 -22.16
N SER JA 30 30.40 -4.78 -21.59
CA SER JA 30 31.82 -5.13 -21.56
C SER JA 30 32.27 -5.85 -22.83
N THR JA 31 31.34 -6.26 -23.69
CA THR JA 31 31.70 -6.98 -24.90
C THR JA 31 32.50 -6.09 -25.85
N THR JA 32 33.38 -6.72 -26.61
CA THR JA 32 34.31 -6.03 -27.50
C THR JA 32 33.69 -5.89 -28.89
N GLY JA 33 33.67 -4.67 -29.41
CA GLY JA 33 33.14 -4.43 -30.74
C GLY JA 33 31.67 -4.75 -30.88
N PHE JA 34 30.88 -4.42 -29.86
CA PHE JA 34 29.44 -4.69 -29.86
C PHE JA 34 28.69 -3.45 -30.29
N ARG JA 35 27.78 -3.61 -31.24
CA ARG JA 35 26.94 -2.53 -31.74
C ARG JA 35 25.58 -2.62 -31.08
N ALA JA 36 25.18 -1.54 -30.40
CA ALA JA 36 23.95 -1.56 -29.63
C ALA JA 36 22.74 -1.74 -30.53
N ASP JA 37 21.72 -2.41 -30.00
CA ASP JA 37 20.49 -2.68 -30.73
C ASP JA 37 19.42 -1.68 -30.31
N LEU JA 38 18.76 -1.07 -31.29
CA LEU JA 38 17.67 -0.15 -31.03
C LEU JA 38 16.35 -0.90 -30.97
N ALA JA 39 15.45 -0.42 -30.11
CA ALA JA 39 14.12 -0.99 -29.94
C ALA JA 39 13.08 0.06 -30.23
N GLN JA 40 12.09 -0.29 -31.05
CA GLN JA 40 10.99 0.60 -31.38
C GLN JA 40 9.71 -0.21 -31.53
N ALA JA 41 8.59 0.49 -31.42
CA ALA JA 41 7.26 -0.12 -31.53
C ALA JA 41 6.57 0.44 -32.77
N ARG JA 42 5.93 -0.45 -33.53
CA ARG JA 42 5.20 -0.07 -34.73
C ARG JA 42 3.70 -0.16 -34.46
N SER JA 43 2.97 0.89 -34.82
CA SER JA 43 1.52 0.93 -34.64
C SER JA 43 0.87 0.36 -35.89
N MET JA 44 0.14 -0.75 -35.72
CA MET JA 44 -0.57 -1.40 -36.82
C MET JA 44 -2.05 -1.47 -36.47
N GLN JA 45 -2.88 -0.95 -37.37
CA GLN JA 45 -4.31 -0.89 -37.14
C GLN JA 45 -5.01 -2.05 -37.83
N ALA JA 46 -6.06 -2.56 -37.18
CA ALA JA 46 -6.87 -3.64 -37.73
C ALA JA 46 -7.92 -3.02 -38.67
N TYR JA 47 -7.59 -3.01 -39.97
CA TYR JA 47 -8.47 -2.41 -40.95
C TYR JA 47 -9.61 -3.37 -41.30
N GLY JA 48 -10.81 -2.80 -41.43
CA GLY JA 48 -11.98 -3.61 -41.74
C GLY JA 48 -13.24 -2.84 -41.46
N GLU JA 49 -14.35 -3.58 -41.40
CA GLU JA 49 -15.63 -2.99 -41.09
C GLU JA 49 -15.70 -2.58 -39.62
N GLY JA 50 -16.28 -1.42 -39.36
CA GLY JA 50 -16.48 -0.93 -38.01
C GLY JA 50 -15.68 0.33 -37.73
N HIS JA 51 -15.87 0.85 -36.53
CA HIS JA 51 -15.15 2.04 -36.10
C HIS JA 51 -13.66 1.74 -35.95
N PRO JA 52 -12.79 2.65 -36.39
CA PRO JA 52 -11.34 2.43 -36.27
C PRO JA 52 -10.83 2.69 -34.84
N SER JA 53 -11.10 1.74 -33.95
CA SER JA 53 -10.77 1.89 -32.54
C SER JA 53 -9.67 0.98 -32.05
N ARG JA 54 -9.37 -0.11 -32.76
CA ARG JA 54 -8.38 -1.10 -32.31
C ARG JA 54 -7.12 -0.97 -33.16
N VAL JA 55 -6.01 -0.65 -32.51
CA VAL JA 55 -4.71 -0.53 -33.16
C VAL JA 55 -3.70 -1.31 -32.33
N PHE JA 56 -3.08 -2.32 -32.94
CA PHE JA 56 -2.05 -3.10 -32.28
C PHE JA 56 -0.69 -2.42 -32.40
N SER JA 57 0.21 -2.77 -31.48
CA SER JA 57 1.59 -2.29 -31.51
C SER JA 57 2.51 -3.49 -31.35
N MET JA 58 3.54 -3.56 -32.19
CA MET JA 58 4.54 -4.60 -32.13
C MET JA 58 5.92 -3.98 -32.01
N THR JA 59 6.77 -4.59 -31.19
CA THR JA 59 8.14 -4.14 -31.03
C THR JA 59 9.01 -4.75 -32.12
N GLU JA 60 9.86 -3.93 -32.71
CA GLU JA 60 10.74 -4.37 -33.79
C GLU JA 60 12.06 -3.63 -33.68
N ARG JA 61 13.08 -4.20 -34.32
CA ARG JA 61 14.41 -3.60 -34.30
C ARG JA 61 14.56 -2.72 -35.53
N PRO JA 62 14.60 -1.39 -35.39
CA PRO JA 62 14.71 -0.52 -36.56
C PRO JA 62 16.13 -0.43 -37.10
N GLY JA 63 17.11 -0.68 -36.25
CA GLY JA 63 18.49 -0.60 -36.67
C GLY JA 63 19.44 -0.88 -35.52
N HIS JA 64 20.67 -0.40 -35.67
CA HIS JA 64 21.69 -0.57 -34.66
C HIS JA 64 22.45 0.74 -34.49
N ASN JA 65 23.11 0.88 -33.34
CA ASN JA 65 23.92 2.05 -33.05
C ASN JA 65 25.33 1.79 -33.58
N PHE JA 66 25.71 2.52 -34.62
CA PHE JA 66 27.00 2.33 -35.28
C PHE JA 66 28.03 3.36 -34.85
N ALA JA 67 27.78 4.08 -33.76
CA ALA JA 67 28.75 5.03 -33.26
C ALA JA 67 30.00 4.30 -32.77
N GLN JA 68 31.12 5.02 -32.79
CA GLN JA 68 32.40 4.44 -32.40
C GLN JA 68 32.36 3.94 -30.96
N GLY JA 69 32.85 2.73 -30.75
CA GLY JA 69 32.91 2.16 -29.42
C GLY JA 69 34.06 2.74 -28.61
N SER JA 70 34.07 2.38 -27.33
CA SER JA 70 35.11 2.83 -26.41
C SER JA 70 36.42 2.12 -26.77
N VAL JA 71 37.47 2.90 -26.94
CA VAL JA 71 38.77 2.35 -27.31
C VAL JA 71 39.57 2.07 -26.05
N ILE JA 72 40.10 0.84 -25.94
CA ILE JA 72 40.87 0.42 -24.79
C ILE JA 72 42.31 0.26 -25.24
N THR JA 73 43.18 1.15 -24.76
CA THR JA 73 44.61 1.01 -25.05
C THR JA 73 45.20 -0.09 -24.19
N THR JA 74 45.75 -1.12 -24.85
CA THR JA 74 46.29 -2.28 -24.16
C THR JA 74 47.77 -2.51 -24.40
N GLY JA 75 48.37 -1.83 -25.37
CA GLY JA 75 49.77 -2.04 -25.68
C GLY JA 75 50.09 -3.32 -26.39
N ARG JA 76 49.09 -4.12 -26.74
CA ARG JA 76 49.31 -5.39 -27.40
C ARG JA 76 49.38 -5.19 -28.91
N ASP JA 77 50.34 -5.86 -29.55
CA ASP JA 77 50.60 -5.64 -30.96
C ASP JA 77 49.44 -6.12 -31.83
N LEU JA 78 48.83 -7.24 -31.47
CA LEU JA 78 47.78 -7.85 -32.28
C LEU JA 78 46.38 -7.35 -31.92
N ASP JA 79 46.29 -6.18 -31.30
CA ASP JA 79 45.00 -5.55 -30.99
C ASP JA 79 44.79 -4.39 -31.96
N VAL JA 80 43.68 -4.43 -32.69
CA VAL JA 80 43.38 -3.44 -33.71
C VAL JA 80 41.97 -2.91 -33.49
N THR JA 81 41.79 -1.61 -33.72
CA THR JA 81 40.49 -0.97 -33.66
C THR JA 81 40.31 -0.10 -34.89
N ILE JA 82 39.10 -0.07 -35.44
CA ILE JA 82 38.82 0.72 -36.63
C ILE JA 82 38.63 2.18 -36.22
N GLU JA 83 39.44 3.06 -36.82
CA GLU JA 83 39.31 4.49 -36.57
C GLU JA 83 38.11 5.01 -37.34
N GLY JA 84 37.08 5.48 -36.63
CA GLY JA 84 35.88 5.91 -37.29
C GLY JA 84 35.10 4.74 -37.87
N SER JA 85 34.35 5.03 -38.93
CA SER JA 85 33.53 4.01 -39.56
C SER JA 85 34.41 3.02 -40.35
N GLY JA 86 33.90 1.81 -40.51
CA GLY JA 86 34.61 0.75 -41.19
C GLY JA 86 34.38 -0.57 -40.50
N TRP JA 87 34.65 -1.65 -41.24
CA TRP JA 87 34.43 -3.01 -40.74
C TRP JA 87 35.63 -3.88 -41.10
N ILE JA 88 35.72 -5.03 -40.43
CA ILE JA 88 36.67 -6.07 -40.77
C ILE JA 88 35.90 -7.25 -41.32
N SER JA 89 36.30 -7.71 -42.51
CA SER JA 89 35.62 -8.81 -43.17
C SER JA 89 36.21 -10.14 -42.71
N VAL JA 90 35.35 -10.99 -42.14
CA VAL JA 90 35.75 -12.30 -41.64
C VAL JA 90 34.72 -13.33 -42.08
N LEU JA 91 35.15 -14.59 -42.11
CA LEU JA 91 34.26 -15.70 -42.42
C LEU JA 91 34.05 -16.55 -41.16
N ASP JA 92 32.81 -16.93 -40.92
CA ASP JA 92 32.44 -17.63 -39.70
C ASP JA 92 32.74 -19.12 -39.85
N HIS JA 93 32.21 -19.93 -38.92
CA HIS JA 93 32.47 -21.36 -38.93
C HIS JA 93 31.93 -22.02 -40.19
N THR JA 94 30.72 -21.63 -40.62
CA THR JA 94 30.15 -22.21 -41.83
C THR JA 94 30.96 -21.83 -43.06
N GLY JA 95 31.40 -20.57 -43.15
CA GLY JA 95 32.18 -20.13 -44.28
C GLY JA 95 31.66 -18.86 -44.91
N LYS JA 96 30.41 -18.50 -44.60
CA LYS JA 96 29.83 -17.28 -45.14
C LYS JA 96 30.53 -16.06 -44.57
N GLU JA 97 30.93 -15.15 -45.45
CA GLU JA 97 31.66 -13.96 -45.04
C GLU JA 97 30.72 -12.96 -44.37
N GLY JA 98 31.31 -12.11 -43.53
CA GLY JA 98 30.55 -11.10 -42.82
C GLY JA 98 31.47 -10.07 -42.22
N LEU JA 99 30.85 -8.98 -41.76
CA LEU JA 99 31.60 -7.86 -41.20
C LEU JA 99 31.62 -7.95 -39.68
N THR JA 100 32.76 -7.57 -39.10
CA THR JA 100 32.92 -7.56 -37.66
C THR JA 100 33.75 -6.35 -37.27
N ARG JA 101 33.59 -5.93 -36.02
CA ARG JA 101 34.34 -4.81 -35.47
C ARG JA 101 35.16 -5.19 -34.26
N ASN JA 102 35.26 -6.49 -33.96
CA ASN JA 102 36.06 -6.99 -32.85
C ASN JA 102 37.47 -7.27 -33.36
N GLY JA 103 38.42 -6.44 -32.92
CA GLY JA 103 39.80 -6.59 -33.34
C GLY JA 103 40.70 -7.21 -32.30
N ASN JA 104 40.19 -8.21 -31.58
CA ASN JA 104 40.97 -8.91 -30.57
C ASN JA 104 41.60 -10.13 -31.25
N LEU JA 105 42.53 -9.85 -32.16
CA LEU JA 105 43.11 -10.86 -33.02
C LEU JA 105 44.10 -11.74 -32.27
N LYS JA 106 44.43 -12.88 -32.89
CA LYS JA 106 45.38 -13.82 -32.33
C LYS JA 106 45.95 -14.65 -33.46
N VAL JA 107 47.07 -15.32 -33.18
CA VAL JA 107 47.75 -16.18 -34.15
C VAL JA 107 47.76 -17.60 -33.60
N ASP JA 108 47.29 -18.54 -34.41
CA ASP JA 108 47.21 -19.94 -33.99
C ASP JA 108 48.57 -20.61 -34.17
N GLN JA 109 48.60 -21.93 -34.03
CA GLN JA 109 49.84 -22.68 -34.19
C GLN JA 109 50.31 -22.75 -35.63
N ASN JA 110 49.45 -22.46 -36.60
CA ASN JA 110 49.80 -22.54 -38.01
C ASN JA 110 49.95 -21.19 -38.67
N GLY JA 111 49.70 -20.09 -37.95
CA GLY JA 111 49.85 -18.76 -38.48
C GLY JA 111 48.57 -18.11 -38.95
N MET JA 112 47.48 -18.86 -39.05
CA MET JA 112 46.21 -18.28 -39.48
C MET JA 112 45.76 -17.21 -38.49
N LEU JA 113 45.36 -16.06 -39.03
CA LEU JA 113 44.95 -14.92 -38.21
C LEU JA 113 43.45 -15.00 -37.95
N THR JA 114 43.07 -15.14 -36.69
CA THR JA 114 41.69 -15.19 -36.26
C THR JA 114 41.42 -14.02 -35.31
N ASN JA 115 40.16 -13.89 -34.91
CA ASN JA 115 39.77 -12.90 -33.92
C ASN JA 115 39.32 -13.62 -32.64
N ALA JA 116 38.80 -12.84 -31.69
CA ALA JA 116 38.37 -13.40 -30.42
C ALA JA 116 37.20 -14.36 -30.57
N SER JA 117 36.36 -14.17 -31.58
CA SER JA 117 35.21 -15.04 -31.82
C SER JA 117 35.57 -16.29 -32.61
N GLY JA 118 36.82 -16.42 -33.06
CA GLY JA 118 37.24 -17.56 -33.85
C GLY JA 118 37.08 -17.39 -35.34
N HIS JA 119 36.48 -16.30 -35.80
CA HIS JA 119 36.30 -16.08 -37.22
C HIS JA 119 37.65 -15.81 -37.90
N LEU JA 120 37.86 -16.43 -39.06
CA LEU JA 120 39.11 -16.22 -39.79
C LEU JA 120 39.11 -14.85 -40.45
N VAL JA 121 40.27 -14.20 -40.43
CA VAL JA 121 40.40 -12.84 -40.94
C VAL JA 121 40.77 -12.89 -42.42
N LEU JA 122 39.98 -12.22 -43.25
CA LEU JA 122 40.21 -12.20 -44.69
C LEU JA 122 41.42 -11.34 -45.04
N GLY JA 123 42.01 -11.64 -46.19
CA GLY JA 123 43.21 -10.93 -46.61
C GLY JA 123 43.05 -10.14 -47.90
N GLU JA 124 44.17 -9.94 -48.60
CA GLU JA 124 44.16 -9.15 -49.82
C GLU JA 124 43.46 -9.89 -50.95
N ASN JA 125 43.62 -11.21 -51.01
CA ASN JA 125 43.03 -12.04 -52.05
C ASN JA 125 41.65 -12.57 -51.67
N ASP JA 126 40.96 -11.90 -50.74
CA ASP JA 126 39.65 -12.33 -50.25
C ASP JA 126 39.72 -13.75 -49.65
N ALA JA 127 40.86 -14.08 -49.07
CA ALA JA 127 41.13 -15.38 -48.47
C ALA JA 127 41.66 -15.16 -47.07
N PRO JA 128 41.53 -16.15 -46.18
CA PRO JA 128 42.06 -16.00 -44.82
C PRO JA 128 43.57 -15.76 -44.84
N ILE JA 129 44.00 -14.88 -43.94
CA ILE JA 129 45.42 -14.52 -43.86
C ILE JA 129 46.19 -15.67 -43.20
N THR JA 130 47.23 -16.14 -43.86
CA THR JA 130 48.10 -17.18 -43.32
C THR JA 130 49.54 -16.65 -43.33
N LEU JA 131 50.02 -16.28 -42.16
CA LEU JA 131 51.35 -15.72 -41.96
C LEU JA 131 52.35 -16.84 -41.71
N PRO JA 132 53.63 -16.61 -42.00
CA PRO JA 132 54.64 -17.65 -41.75
C PRO JA 132 54.68 -18.05 -40.28
N ILE JA 133 54.88 -19.35 -40.06
CA ILE JA 133 54.88 -19.86 -38.67
C ILE JA 133 55.99 -19.26 -37.83
N PRO JA 134 57.25 -19.23 -38.25
CA PRO JA 134 58.29 -18.68 -37.35
C PRO JA 134 58.42 -17.16 -37.42
N LEU JA 135 57.60 -16.47 -36.65
CA LEU JA 135 57.61 -15.02 -36.56
C LEU JA 135 58.55 -14.54 -35.47
N SER JA 136 58.92 -13.27 -35.55
CA SER JA 136 59.76 -12.64 -34.54
C SER JA 136 59.15 -11.36 -33.98
N LYS JA 137 58.46 -10.57 -34.80
CA LYS JA 137 57.84 -9.34 -34.34
C LYS JA 137 56.75 -8.96 -35.35
N ILE JA 138 55.49 -9.02 -34.91
CA ILE JA 138 54.37 -8.59 -35.74
C ILE JA 138 54.13 -7.11 -35.49
N GLU JA 139 54.04 -6.34 -36.58
CA GLU JA 139 53.86 -4.88 -36.48
C GLU JA 139 52.81 -4.48 -37.51
N ILE JA 140 51.55 -4.40 -37.08
CA ILE JA 140 50.47 -4.03 -37.98
C ILE JA 140 50.57 -2.55 -38.32
N GLY JA 141 50.30 -2.22 -39.58
CA GLY JA 141 50.32 -0.85 -40.05
C GLY JA 141 49.02 -0.13 -39.75
N ARG JA 142 49.02 1.18 -40.03
CA ARG JA 142 47.82 1.97 -39.79
C ARG JA 142 46.75 1.67 -40.84
N ASP JA 143 47.17 1.36 -42.06
CA ASP JA 143 46.23 1.09 -43.13
C ASP JA 143 45.77 -0.36 -43.18
N GLY JA 144 46.23 -1.19 -42.25
CA GLY JA 144 45.91 -2.60 -42.23
C GLY JA 144 47.02 -3.49 -42.74
N THR JA 145 48.11 -2.91 -43.24
CA THR JA 145 49.23 -3.69 -43.73
C THR JA 145 49.92 -4.40 -42.58
N ILE JA 146 50.15 -5.69 -42.74
CA ILE JA 146 50.77 -6.52 -41.72
C ILE JA 146 52.23 -6.75 -42.13
N SER JA 147 53.15 -6.17 -41.37
CA SER JA 147 54.58 -6.34 -41.60
C SER JA 147 55.14 -7.20 -40.48
N VAL JA 148 55.70 -8.35 -40.84
CA VAL JA 148 56.21 -9.31 -39.88
C VAL JA 148 57.69 -9.53 -40.10
N LEU JA 149 58.39 -9.87 -39.03
CA LEU JA 149 59.82 -10.14 -39.08
C LEU JA 149 60.06 -11.64 -38.96
N PRO JA 150 60.65 -12.28 -39.96
CA PRO JA 150 60.93 -13.72 -39.85
C PRO JA 150 61.87 -14.00 -38.68
N GLN JA 151 61.69 -15.17 -38.07
CA GLN JA 151 62.49 -15.53 -36.91
C GLN JA 151 63.96 -15.70 -37.31
N GLY JA 152 64.84 -15.08 -36.53
CA GLY JA 152 66.26 -15.12 -36.79
C GLY JA 152 66.74 -14.09 -37.79
N ALA JA 153 65.85 -13.30 -38.37
CA ALA JA 153 66.23 -12.30 -39.35
C ALA JA 153 66.66 -11.00 -38.67
N PRO JA 154 67.53 -10.22 -39.30
CA PRO JA 154 67.91 -8.92 -38.75
C PRO JA 154 66.72 -7.96 -38.75
N ALA JA 155 66.80 -6.97 -37.86
CA ALA JA 155 65.71 -6.03 -37.68
C ALA JA 155 65.42 -5.20 -38.92
N GLU JA 156 66.35 -5.17 -39.88
CA GLU JA 156 66.16 -4.39 -41.10
C GLU JA 156 65.41 -5.18 -42.19
N GLU JA 157 65.13 -6.46 -41.96
CA GLU JA 157 64.40 -7.31 -42.94
C GLU JA 157 62.90 -7.31 -42.63
N PHE JA 158 62.32 -6.13 -42.44
CA PHE JA 158 60.89 -6.01 -42.19
C PHE JA 158 60.16 -5.90 -43.52
N GLN JA 159 59.27 -6.84 -43.79
CA GLN JA 159 58.54 -6.89 -45.05
C GLN JA 159 57.05 -7.12 -44.79
N ALA JA 160 56.23 -6.58 -45.67
CA ALA JA 160 54.78 -6.76 -45.60
C ALA JA 160 54.40 -8.09 -46.24
N VAL JA 161 53.45 -8.78 -45.61
CA VAL JA 161 52.98 -10.06 -46.12
C VAL JA 161 51.52 -10.02 -46.54
N ASP JA 162 50.70 -9.17 -45.93
CA ASP JA 162 49.28 -9.12 -46.25
C ASP JA 162 48.71 -7.78 -45.82
N ARG JA 163 47.46 -7.55 -46.20
CA ARG JA 163 46.73 -6.34 -45.84
C ARG JA 163 45.31 -6.75 -45.48
N ILE JA 164 44.90 -6.46 -44.25
CA ILE JA 164 43.59 -6.87 -43.76
C ILE JA 164 42.51 -6.23 -44.62
N LYS JA 165 41.48 -7.00 -44.96
CA LYS JA 165 40.39 -6.53 -45.80
C LYS JA 165 39.44 -5.69 -44.96
N LEU JA 166 39.45 -4.38 -45.16
CA LEU JA 166 38.60 -3.45 -44.43
C LEU JA 166 37.52 -2.92 -45.38
N VAL JA 167 36.27 -3.05 -44.96
CA VAL JA 167 35.11 -2.69 -45.77
C VAL JA 167 34.30 -1.65 -45.03
N LYS JA 168 33.91 -0.58 -45.75
CA LYS JA 168 33.10 0.49 -45.18
C LYS JA 168 31.89 0.71 -46.09
N PRO JA 169 30.86 -0.13 -45.95
CA PRO JA 169 29.63 0.09 -46.72
C PRO JA 169 28.68 1.02 -46.00
N ASN JA 170 27.49 1.23 -46.56
CA ASN JA 170 26.50 2.05 -45.89
C ASN JA 170 25.95 1.29 -44.68
N ASP JA 171 26.00 1.92 -43.51
CA ASP JA 171 25.58 1.25 -42.28
C ASP JA 171 24.11 0.89 -42.31
N GLN JA 172 23.28 1.71 -42.97
CA GLN JA 172 21.85 1.45 -43.06
C GLN JA 172 21.52 0.25 -43.93
N SER JA 173 22.49 -0.27 -44.70
CA SER JA 173 22.29 -1.43 -45.55
C SER JA 173 22.75 -2.72 -44.90
N LEU JA 174 23.06 -2.70 -43.61
CA LEU JA 174 23.59 -3.84 -42.90
C LEU JA 174 22.60 -4.32 -41.84
N PHE JA 175 22.51 -5.63 -41.67
CA PHE JA 175 21.70 -6.23 -40.62
C PHE JA 175 22.54 -7.23 -39.85
N LYS JA 176 22.34 -7.28 -38.54
CA LYS JA 176 23.03 -8.24 -37.70
C LYS JA 176 22.44 -9.62 -37.89
N ASP JA 177 23.29 -10.62 -38.11
CA ASP JA 177 22.84 -11.98 -38.36
C ASP JA 177 22.66 -12.71 -37.03
N THR JA 178 22.41 -14.01 -37.09
CA THR JA 178 22.12 -14.81 -35.90
C THR JA 178 23.35 -15.10 -35.05
N ASN JA 179 24.52 -14.53 -35.39
CA ASN JA 179 25.73 -14.78 -34.63
C ASN JA 179 26.55 -13.51 -34.40
N GLY JA 180 25.95 -12.33 -34.53
CA GLY JA 180 26.62 -11.09 -34.26
C GLY JA 180 27.42 -10.50 -35.41
N LEU JA 181 27.37 -11.11 -36.58
CA LEU JA 181 28.08 -10.59 -37.75
C LEU JA 181 27.12 -9.80 -38.63
N PHE JA 182 27.55 -8.61 -39.04
CA PHE JA 182 26.74 -7.76 -39.89
C PHE JA 182 26.93 -8.13 -41.35
N ARG JA 183 25.83 -8.32 -42.07
CA ARG JA 183 25.86 -8.69 -43.48
C ARG JA 183 24.93 -7.77 -44.25
N HIS JA 184 25.07 -7.81 -45.58
CA HIS JA 184 24.22 -7.00 -46.44
C HIS JA 184 22.78 -7.52 -46.41
N LYS JA 185 21.83 -6.58 -46.38
CA LYS JA 185 20.43 -6.96 -46.49
C LYS JA 185 20.14 -7.59 -47.84
N THR JA 186 20.73 -7.06 -48.91
CA THR JA 186 20.58 -7.63 -50.23
C THR JA 186 21.50 -8.83 -50.37
N PRO JA 187 20.98 -10.02 -50.69
CA PRO JA 187 21.83 -11.20 -50.82
C PRO JA 187 22.78 -11.08 -52.00
N ASN JA 188 23.88 -11.82 -51.91
CA ASN JA 188 24.91 -11.86 -52.96
C ASN JA 188 25.44 -10.48 -53.28
N GLN JA 189 25.68 -9.67 -52.25
CA GLN JA 189 26.25 -8.35 -52.42
C GLN JA 189 27.73 -8.42 -52.08
N PRO JA 190 28.63 -8.21 -53.04
CA PRO JA 190 30.07 -8.31 -52.74
C PRO JA 190 30.51 -7.27 -51.73
N TYR JA 191 31.42 -7.67 -50.84
CA TYR JA 191 32.01 -6.78 -49.85
C TYR JA 191 33.30 -6.21 -50.44
N GLU JA 192 33.26 -4.94 -50.85
CA GLU JA 192 34.39 -4.33 -51.52
C GLU JA 192 35.28 -3.61 -50.51
N ALA JA 193 36.58 -3.87 -50.58
CA ALA JA 193 37.52 -3.28 -49.64
C ALA JA 193 37.62 -1.78 -49.84
N ASP JA 194 37.82 -1.05 -48.73
CA ASP JA 194 37.93 0.40 -48.75
C ASP JA 194 39.36 0.82 -48.43
N ALA JA 195 39.81 1.90 -49.07
CA ALA JA 195 41.14 2.45 -48.85
C ALA JA 195 41.14 3.59 -47.85
N THR JA 196 40.00 3.91 -47.26
CA THR JA 196 39.88 4.98 -46.26
C THR JA 196 39.85 4.46 -44.83
N VAL JA 197 39.51 3.18 -44.63
CA VAL JA 197 39.46 2.62 -43.29
C VAL JA 197 40.87 2.52 -42.73
N SER JA 198 41.04 2.94 -41.48
CA SER JA 198 42.32 2.90 -40.80
C SER JA 198 42.21 2.04 -39.54
N LEU JA 199 43.31 1.39 -39.19
CA LEU JA 199 43.37 0.51 -38.02
C LEU JA 199 44.37 1.10 -37.02
N GLN JA 200 43.88 1.45 -35.84
CA GLN JA 200 44.75 1.90 -34.77
C GLN JA 200 45.25 0.70 -33.99
N THR JA 201 46.47 0.25 -34.32
CA THR JA 201 47.03 -0.93 -33.70
C THR JA 201 47.41 -0.66 -32.26
N GLY JA 202 47.25 -1.67 -31.41
CA GLY JA 202 47.53 -1.54 -30.00
C GLY JA 202 46.35 -1.12 -29.14
N ALA JA 203 45.15 -1.03 -29.71
CA ALA JA 203 43.97 -0.65 -28.96
C ALA JA 203 42.80 -1.55 -29.34
N ILE JA 204 41.85 -1.67 -28.43
CA ILE JA 204 40.67 -2.52 -28.60
C ILE JA 204 39.44 -1.63 -28.49
N GLU JA 205 38.49 -1.83 -29.39
CA GLU JA 205 37.24 -1.07 -29.39
C GLU JA 205 36.20 -1.81 -28.57
N GLY JA 206 35.63 -1.13 -27.58
CA GLY JA 206 34.62 -1.71 -26.72
C GLY JA 206 33.22 -1.55 -27.26
N SER JA 207 32.25 -1.63 -26.36
CA SER JA 207 30.85 -1.49 -26.73
C SER JA 207 30.45 -0.02 -26.77
N ASN JA 208 29.37 0.26 -27.51
CA ASN JA 208 28.83 1.61 -27.62
C ASN JA 208 27.50 1.74 -26.88
N VAL JA 209 27.18 0.78 -26.02
CA VAL JA 209 25.92 0.80 -25.29
C VAL JA 209 25.95 1.93 -24.26
N ASN JA 210 24.94 2.79 -24.31
CA ASN JA 210 24.78 3.85 -23.31
C ASN JA 210 23.98 3.29 -22.15
N ALA JA 211 24.66 3.06 -21.02
CA ALA JA 211 24.02 2.37 -19.90
C ALA JA 211 22.83 3.16 -19.37
N VAL JA 212 22.98 4.48 -19.22
CA VAL JA 212 21.87 5.30 -18.74
C VAL JA 212 20.74 5.35 -19.76
N GLY JA 213 21.09 5.35 -21.04
CA GLY JA 213 20.06 5.35 -22.07
C GLY JA 213 19.16 4.13 -22.01
N GLU JA 214 19.73 2.97 -21.67
CA GLU JA 214 18.92 1.78 -21.50
C GLU JA 214 18.12 1.84 -20.19
N MET JA 215 18.74 2.35 -19.13
CA MET JA 215 18.06 2.41 -17.83
C MET JA 215 16.85 3.33 -17.87
N THR JA 216 16.98 4.50 -18.50
CA THR JA 216 15.86 5.42 -18.58
C THR JA 216 14.77 4.91 -19.53
N ALA JA 217 15.13 4.04 -20.47
CA ALA JA 217 14.11 3.38 -21.29
C ALA JA 217 13.42 2.26 -20.53
N LEU JA 218 14.14 1.62 -19.61
CA LEU JA 218 13.53 0.56 -18.80
C LEU JA 218 12.41 1.10 -17.93
N ILE JA 219 12.62 2.26 -17.30
CA ILE JA 219 11.68 2.77 -16.31
C ILE JA 219 10.39 3.23 -16.98
N ASP JA 220 10.42 3.40 -18.30
CA ASP JA 220 9.25 3.78 -19.06
C ASP JA 220 8.50 2.58 -19.63
N LEU JA 221 9.21 1.50 -19.96
CA LEU JA 221 8.55 0.27 -20.35
C LEU JA 221 7.79 -0.34 -19.18
N GLN JA 222 8.34 -0.25 -17.97
CA GLN JA 222 7.66 -0.77 -16.79
C GLN JA 222 6.35 -0.02 -16.55
N ARG JA 223 6.37 1.30 -16.63
CA ARG JA 223 5.16 2.08 -16.40
C ARG JA 223 4.12 1.81 -17.48
N GLN JA 224 4.55 1.74 -18.74
CA GLN JA 224 3.62 1.41 -19.82
C GLN JA 224 3.10 -0.02 -19.67
N PHE JA 225 3.96 -0.92 -19.19
CA PHE JA 225 3.53 -2.30 -18.93
C PHE JA 225 2.47 -2.34 -17.84
N GLU JA 226 2.64 -1.55 -16.77
CA GLU JA 226 1.71 -1.59 -15.66
C GLU JA 226 0.37 -0.96 -16.02
N MET JA 227 0.38 0.05 -16.89
CA MET JA 227 -0.87 0.68 -17.32
C MET JA 227 -1.73 -0.29 -18.11
N GLN JA 228 -1.09 -1.10 -18.97
CA GLN JA 228 -1.84 -2.03 -19.80
C GLN JA 228 -2.40 -3.19 -19.00
N VAL JA 229 -1.69 -3.65 -17.97
CA VAL JA 229 -2.20 -4.76 -17.17
C VAL JA 229 -3.33 -4.29 -16.27
N LYS JA 230 -3.41 -2.99 -15.98
CA LYS JA 230 -4.58 -2.46 -15.30
C LYS JA 230 -5.79 -2.46 -16.24
N MET JA 231 -5.55 -2.19 -17.53
CA MET JA 231 -6.63 -2.25 -18.52
C MET JA 231 -7.20 -3.66 -18.64
N MET JA 232 -6.33 -4.67 -18.53
CA MET JA 232 -6.81 -6.06 -18.57
C MET JA 232 -7.73 -6.35 -17.39
N SER JA 233 -7.37 -5.86 -16.20
CA SER JA 233 -8.21 -6.10 -15.03
C SER JA 233 -9.52 -5.34 -15.12
N THR JA 234 -9.49 -4.11 -15.63
CA THR JA 234 -10.73 -3.32 -15.69
C THR JA 234 -11.65 -3.82 -16.79
N ALA JA 235 -11.11 -4.45 -17.83
CA ALA JA 235 -11.96 -5.09 -18.82
C ALA JA 235 -12.57 -6.37 -18.25
N GLU JA 236 -11.82 -7.07 -17.40
CA GLU JA 236 -12.39 -8.20 -16.66
C GLU JA 236 -13.48 -7.75 -15.71
N GLU JA 237 -13.26 -6.61 -15.04
CA GLU JA 237 -14.26 -6.11 -14.10
C GLU JA 237 -15.55 -5.74 -14.81
N MET JA 238 -15.45 -5.12 -15.99
CA MET JA 238 -16.64 -4.71 -16.72
C MET JA 238 -17.47 -5.92 -17.13
N ASP JA 239 -16.83 -6.99 -17.60
CA ASP JA 239 -17.57 -8.16 -18.05
C ASP JA 239 -18.27 -8.86 -16.89
N LYS JA 240 -17.64 -8.91 -15.73
CA LYS JA 240 -18.27 -9.54 -14.57
C LYS JA 240 -19.53 -8.80 -14.15
N SER JA 241 -19.50 -7.47 -14.19
CA SER JA 241 -20.69 -6.69 -13.85
C SER JA 241 -21.81 -6.91 -14.86
N SER JA 242 -21.47 -6.99 -16.14
CA SER JA 242 -22.48 -7.18 -17.17
C SER JA 242 -23.00 -8.61 -17.22
N ASP JA 243 -22.52 -9.49 -16.33
CA ASP JA 243 -22.98 -10.87 -16.29
C ASP JA 243 -24.41 -10.94 -15.73
N SER JA 244 -24.91 -9.82 -15.21
CA SER JA 244 -26.22 -9.76 -14.59
C SER JA 244 -27.30 -9.30 -15.56
N LEU JA 245 -27.11 -9.50 -16.86
CA LEU JA 245 -28.13 -9.22 -17.86
C LEU JA 245 -28.85 -10.47 -18.33
N LEU JA 246 -28.44 -11.64 -17.85
CA LEU JA 246 -29.12 -12.89 -18.16
C LEU JA 246 -29.70 -13.56 -16.93
N ARG JA 247 -29.74 -12.86 -15.79
CA ARG JA 247 -30.23 -13.47 -14.55
C ARG JA 247 -31.71 -13.81 -14.66
N MET JA 248 -32.53 -12.85 -15.09
CA MET JA 248 -33.97 -13.02 -15.26
C MET JA 248 -34.64 -13.56 -14.01
N MET KA 1 -13.04 -30.25 -8.60
CA MET KA 1 -14.30 -29.93 -9.29
C MET KA 1 -14.08 -29.86 -10.80
N ASP KA 2 -12.90 -29.39 -11.21
CA ASP KA 2 -12.55 -29.26 -12.61
C ASP KA 2 -11.29 -30.03 -12.96
N ARG KA 3 -10.57 -30.54 -11.97
CA ARG KA 3 -9.29 -31.24 -12.08
C ARG KA 3 -8.16 -30.33 -12.52
N ALA KA 4 -8.45 -29.07 -12.85
CA ALA KA 4 -7.39 -28.08 -13.00
C ALA KA 4 -6.98 -27.49 -11.67
N LEU KA 5 -7.78 -27.73 -10.63
CA LEU KA 5 -7.40 -27.33 -9.28
C LEU KA 5 -6.20 -28.15 -8.80
N PHE KA 6 -6.24 -29.46 -9.03
CA PHE KA 6 -5.13 -30.32 -8.64
C PHE KA 6 -3.99 -30.27 -9.65
N LEU KA 7 -4.29 -29.96 -10.91
CA LEU KA 7 -3.24 -29.79 -11.90
C LEU KA 7 -2.43 -28.53 -11.63
N ALA KA 8 -3.06 -27.50 -11.06
CA ALA KA 8 -2.35 -26.31 -10.62
C ALA KA 8 -1.78 -26.45 -9.22
N MET KA 9 -2.44 -27.21 -8.34
CA MET KA 9 -1.90 -27.44 -7.01
C MET KA 9 -0.59 -28.22 -7.07
N SER KA 10 -0.53 -29.24 -7.94
CA SER KA 10 0.69 -30.02 -8.06
C SER KA 10 1.85 -29.16 -8.55
N GLY KA 11 1.59 -28.23 -9.47
CA GLY KA 11 2.64 -27.31 -9.90
C GLY KA 11 3.09 -26.41 -8.76
N ALA KA 12 2.13 -25.90 -7.97
CA ALA KA 12 2.48 -25.05 -6.84
C ALA KA 12 3.26 -25.83 -5.79
N LYS KA 13 2.83 -27.06 -5.49
CA LYS KA 13 3.53 -27.87 -4.51
C LYS KA 13 4.96 -28.18 -4.94
N GLN KA 14 5.15 -28.51 -6.23
CA GLN KA 14 6.48 -28.85 -6.70
C GLN KA 14 7.40 -27.63 -6.72
N ASN KA 15 6.85 -26.45 -6.97
CA ASN KA 15 7.65 -25.23 -6.90
C ASN KA 15 8.19 -25.02 -5.49
N MET KA 16 7.41 -25.39 -4.47
CA MET KA 16 7.90 -25.33 -3.09
C MET KA 16 9.05 -26.31 -2.88
N GLN KA 17 8.94 -27.51 -3.45
CA GLN KA 17 10.01 -28.50 -3.29
C GLN KA 17 11.31 -28.02 -3.92
N ALA KA 18 11.23 -27.40 -5.09
CA ALA KA 18 12.42 -26.80 -5.70
C ALA KA 18 12.94 -25.65 -4.84
N LEU KA 19 12.03 -24.91 -4.21
CA LEU KA 19 12.44 -23.84 -3.30
C LEU KA 19 13.22 -24.38 -2.11
N GLN KA 20 12.79 -25.53 -1.58
CA GLN KA 20 13.54 -26.16 -0.50
C GLN KA 20 14.93 -26.59 -0.96
N LEU KA 21 15.03 -27.10 -2.18
CA LEU KA 21 16.33 -27.53 -2.69
C LEU KA 21 17.28 -26.35 -2.85
N ARG KA 22 16.79 -25.23 -3.35
CA ARG KA 22 17.64 -24.05 -3.51
C ARG KA 22 17.99 -23.45 -2.15
N ALA KA 23 17.06 -23.49 -1.20
CA ALA KA 23 17.32 -22.93 0.13
C ALA KA 23 18.43 -23.71 0.84
N ASN KA 24 18.60 -24.99 0.49
CA ASN KA 24 19.68 -25.77 1.11
C ASN KA 24 21.04 -25.32 0.58
N ASN KA 25 21.11 -24.94 -0.69
CA ASN KA 25 22.37 -24.46 -1.25
C ASN KA 25 22.82 -23.17 -0.59
N LEU KA 26 21.87 -22.25 -0.34
CA LEU KA 26 22.23 -20.99 0.31
C LEU KA 26 22.60 -21.17 1.76
N ALA KA 27 22.01 -22.17 2.44
CA ALA KA 27 22.41 -22.47 3.81
C ALA KA 27 23.82 -23.04 3.86
N ASN KA 28 24.28 -23.65 2.77
CA ASN KA 28 25.58 -24.31 2.71
C ASN KA 28 26.58 -23.56 1.82
N VAL KA 29 26.53 -22.22 1.84
CA VAL KA 29 27.45 -21.43 1.03
C VAL KA 29 28.88 -21.56 1.57
N SER KA 30 29.04 -21.54 2.89
CA SER KA 30 30.35 -21.58 3.52
C SER KA 30 30.84 -23.00 3.79
N THR KA 31 30.06 -24.02 3.45
CA THR KA 31 30.46 -25.39 3.69
C THR KA 31 31.68 -25.76 2.86
N THR KA 32 32.52 -26.62 3.43
CA THR KA 32 33.78 -27.02 2.82
C THR KA 32 33.56 -28.20 1.87
N GLY KA 33 34.00 -28.05 0.63
CA GLY KA 33 33.86 -29.11 -0.36
C GLY KA 33 32.42 -29.45 -0.67
N PHE KA 34 31.56 -28.46 -0.78
CA PHE KA 34 30.14 -28.65 -1.01
C PHE KA 34 29.81 -28.38 -2.47
N ARG KA 35 29.21 -29.36 -3.13
CA ARG KA 35 28.82 -29.25 -4.53
C ARG KA 35 27.35 -28.87 -4.60
N ALA KA 36 27.06 -27.72 -5.21
CA ALA KA 36 25.70 -27.24 -5.28
C ALA KA 36 24.81 -28.18 -6.09
N ASP KA 37 23.60 -28.42 -5.59
CA ASP KA 37 22.65 -29.29 -6.25
C ASP KA 37 21.88 -28.51 -7.30
N LEU KA 38 21.59 -29.16 -8.42
CA LEU KA 38 20.79 -28.57 -9.49
C LEU KA 38 19.32 -28.88 -9.28
N ALA KA 39 18.46 -28.04 -9.86
CA ALA KA 39 17.02 -28.22 -9.78
C ALA KA 39 16.39 -27.89 -11.13
N GLN KA 40 15.49 -28.74 -11.59
CA GLN KA 40 14.77 -28.51 -12.83
C GLN KA 40 13.38 -29.12 -12.71
N ALA KA 41 12.62 -29.06 -13.80
CA ALA KA 41 11.28 -29.61 -13.86
C ALA KA 41 11.14 -30.51 -15.09
N ARG KA 42 10.34 -31.56 -14.94
CA ARG KA 42 10.08 -32.50 -16.03
C ARG KA 42 8.59 -32.53 -16.34
N SER KA 43 8.26 -32.42 -17.62
CA SER KA 43 6.87 -32.42 -18.08
C SER KA 43 6.43 -33.86 -18.33
N MET KA 44 5.58 -34.37 -17.44
CA MET KA 44 5.04 -35.71 -17.57
C MET KA 44 3.56 -35.61 -17.95
N GLN KA 45 3.22 -36.16 -19.11
CA GLN KA 45 1.87 -36.05 -19.63
C GLN KA 45 1.02 -37.22 -19.17
N ALA KA 46 -0.26 -36.95 -18.94
CA ALA KA 46 -1.23 -37.98 -18.55
C ALA KA 46 -1.76 -38.64 -19.81
N TYR KA 47 -1.06 -39.66 -20.29
CA TYR KA 47 -1.48 -40.36 -21.49
C TYR KA 47 -2.69 -41.24 -21.20
N GLY KA 48 -3.63 -41.26 -22.13
CA GLY KA 48 -4.84 -42.04 -21.97
C GLY KA 48 -5.94 -41.64 -22.93
N GLU KA 49 -7.17 -41.63 -22.46
CA GLU KA 49 -8.31 -41.24 -23.28
C GLU KA 49 -8.62 -39.76 -23.09
N GLY KA 50 -9.17 -39.15 -24.14
CA GLY KA 50 -9.49 -37.75 -24.11
C GLY KA 50 -8.45 -36.90 -24.80
N HIS KA 51 -8.66 -35.59 -24.71
CA HIS KA 51 -7.78 -34.63 -25.36
C HIS KA 51 -6.45 -34.51 -24.60
N PRO KA 52 -5.33 -34.43 -25.31
CA PRO KA 52 -4.04 -34.28 -24.62
C PRO KA 52 -3.84 -32.88 -24.06
N SER KA 53 -4.50 -32.58 -22.94
CA SER KA 53 -4.46 -31.25 -22.36
C SER KA 53 -3.89 -31.19 -20.95
N ARG KA 54 -3.74 -32.31 -20.26
CA ARG KA 54 -3.28 -32.33 -18.89
C ARG KA 54 -1.87 -32.88 -18.82
N VAL KA 55 -0.92 -32.02 -18.47
CA VAL KA 55 0.48 -32.38 -18.35
C VAL KA 55 0.99 -31.92 -16.98
N PHE KA 56 1.58 -32.83 -16.22
CA PHE KA 56 2.10 -32.51 -14.91
C PHE KA 56 3.58 -32.18 -14.98
N SER KA 57 4.08 -31.54 -13.93
CA SER KA 57 5.49 -31.21 -13.80
C SER KA 57 5.95 -31.54 -12.39
N MET KA 58 7.06 -32.26 -12.27
CA MET KA 58 7.67 -32.57 -10.99
C MET KA 58 9.12 -32.13 -11.01
N THR KA 59 9.60 -31.64 -9.88
CA THR KA 59 10.98 -31.22 -9.77
C THR KA 59 11.89 -32.43 -9.59
N GLU KA 60 13.14 -32.28 -10.03
CA GLU KA 60 14.12 -33.35 -9.93
C GLU KA 60 15.50 -32.72 -9.80
N ARG KA 61 16.47 -33.54 -9.39
CA ARG KA 61 17.84 -33.10 -9.25
C ARG KA 61 18.68 -33.75 -10.34
N PRO KA 62 18.76 -33.15 -11.54
CA PRO KA 62 19.47 -33.82 -12.64
C PRO KA 62 20.96 -33.98 -12.42
N GLY KA 63 21.56 -33.17 -11.56
CA GLY KA 63 23.00 -33.26 -11.36
C GLY KA 63 23.47 -32.27 -10.33
N HIS KA 64 24.79 -32.10 -10.27
CA HIS KA 64 25.42 -31.20 -9.34
C HIS KA 64 26.44 -30.33 -10.07
N ASN KA 65 26.73 -29.17 -9.48
CA ASN KA 65 27.73 -28.27 -10.02
C ASN KA 65 29.10 -28.75 -9.54
N PHE KA 66 29.84 -29.42 -10.43
CA PHE KA 66 31.14 -29.98 -10.09
C PHE KA 66 32.28 -29.02 -10.38
N ALA KA 67 31.99 -27.73 -10.53
CA ALA KA 67 33.04 -26.76 -10.77
C ALA KA 67 33.92 -26.61 -9.51
N GLN KA 68 35.14 -26.13 -9.74
CA GLN KA 68 36.05 -25.89 -8.63
C GLN KA 68 35.48 -24.87 -7.67
N GLY KA 69 35.56 -25.16 -6.37
CA GLY KA 69 35.02 -24.29 -5.35
C GLY KA 69 35.94 -23.11 -5.08
N SER KA 70 35.63 -22.41 -4.00
CA SER KA 70 36.45 -21.29 -3.53
C SER KA 70 37.54 -21.84 -2.64
N VAL KA 71 38.79 -21.55 -2.98
CA VAL KA 71 39.94 -22.07 -2.24
C VAL KA 71 40.31 -21.07 -1.14
N ILE KA 72 40.35 -21.55 0.09
CA ILE KA 72 40.69 -20.72 1.25
C ILE KA 72 42.09 -21.09 1.71
N THR KA 73 42.98 -20.10 1.75
CA THR KA 73 44.35 -20.31 2.23
C THR KA 73 44.35 -20.19 3.75
N THR KA 74 44.75 -21.28 4.42
CA THR KA 74 44.77 -21.33 5.87
C THR KA 74 46.17 -21.47 6.45
N GLY KA 75 47.17 -21.80 5.63
CA GLY KA 75 48.52 -21.99 6.12
C GLY KA 75 48.63 -23.13 7.12
N ARG KA 76 47.85 -24.19 6.92
CA ARG KA 76 47.83 -25.34 7.81
C ARG KA 76 48.35 -26.55 7.07
N ASP KA 77 49.21 -27.33 7.73
CA ASP KA 77 49.83 -28.48 7.07
C ASP KA 77 48.79 -29.53 6.69
N LEU KA 78 47.77 -29.70 7.52
CA LEU KA 78 46.75 -30.72 7.30
C LEU KA 78 45.56 -30.21 6.50
N ASP KA 79 45.72 -29.10 5.77
CA ASP KA 79 44.67 -28.57 4.91
C ASP KA 79 45.09 -28.75 3.46
N VAL KA 80 44.29 -29.51 2.70
CA VAL KA 80 44.55 -29.78 1.29
C VAL KA 80 43.27 -29.54 0.51
N THR KA 81 43.44 -29.18 -0.77
CA THR KA 81 42.32 -29.03 -1.69
C THR KA 81 42.68 -29.64 -3.03
N ILE KA 82 41.70 -30.26 -3.68
CA ILE KA 82 41.92 -30.91 -4.96
C ILE KA 82 42.07 -29.85 -6.03
N GLU KA 83 43.09 -30.00 -6.88
CA GLU KA 83 43.31 -29.10 -8.00
C GLU KA 83 42.45 -29.53 -9.18
N GLY KA 84 41.44 -28.73 -9.51
CA GLY KA 84 40.58 -29.01 -10.63
C GLY KA 84 39.54 -30.07 -10.35
N SER KA 85 39.65 -31.23 -11.00
CA SER KA 85 38.69 -32.30 -10.87
C SER KA 85 39.31 -33.47 -10.11
N GLY KA 86 38.60 -33.97 -9.12
CA GLY KA 86 39.08 -35.10 -8.35
C GLY KA 86 38.23 -35.30 -7.11
N TRP KA 87 38.61 -36.33 -6.35
CA TRP KA 87 37.89 -36.68 -5.13
C TRP KA 87 38.86 -37.31 -4.15
N ILE KA 88 38.43 -37.39 -2.89
CA ILE KA 88 39.16 -38.06 -1.83
C ILE KA 88 38.31 -39.22 -1.33
N SER KA 89 38.88 -40.42 -1.30
CA SER KA 89 38.14 -41.59 -0.87
C SER KA 89 38.09 -41.64 0.65
N VAL KA 90 36.88 -41.69 1.20
CA VAL KA 90 36.66 -41.79 2.64
C VAL KA 90 35.58 -42.83 2.88
N LEU KA 91 35.57 -43.38 4.09
CA LEU KA 91 34.51 -44.27 4.53
C LEU KA 91 33.80 -43.65 5.73
N ASP KA 92 32.47 -43.70 5.71
CA ASP KA 92 31.66 -43.11 6.77
C ASP KA 92 31.58 -44.06 7.96
N HIS KA 93 30.67 -43.78 8.89
CA HIS KA 93 30.54 -44.61 10.08
C HIS KA 93 30.18 -46.04 9.72
N THR KA 94 29.33 -46.22 8.71
CA THR KA 94 28.94 -47.57 8.30
C THR KA 94 30.12 -48.37 7.80
N GLY KA 95 31.06 -47.71 7.11
CA GLY KA 95 32.22 -48.39 6.58
C GLY KA 95 32.14 -48.57 5.08
N LYS KA 96 31.46 -47.65 4.42
CA LYS KA 96 31.25 -47.71 2.97
C LYS KA 96 32.03 -46.59 2.30
N GLU KA 97 32.76 -46.94 1.25
CA GLU KA 97 33.59 -45.96 0.56
C GLU KA 97 32.74 -44.88 -0.07
N GLY KA 98 33.20 -43.64 0.03
CA GLY KA 98 32.52 -42.52 -0.58
C GLY KA 98 33.51 -41.44 -0.97
N LEU KA 99 33.14 -40.68 -1.98
CA LEU KA 99 33.98 -39.62 -2.52
C LEU KA 99 33.60 -38.28 -1.90
N THR KA 100 34.57 -37.61 -1.30
CA THR KA 100 34.36 -36.32 -0.68
C THR KA 100 35.43 -35.34 -1.16
N ARG KA 101 35.18 -34.05 -0.89
CA ARG KA 101 36.13 -33.01 -1.21
C ARG KA 101 36.49 -32.18 0.01
N ASN KA 102 36.17 -32.66 1.20
CA ASN KA 102 36.48 -31.95 2.45
C ASN KA 102 37.91 -32.29 2.83
N GLY KA 103 38.83 -31.40 2.50
CA GLY KA 103 40.24 -31.64 2.76
C GLY KA 103 40.71 -31.11 4.09
N ASN KA 104 39.78 -30.86 5.01
CA ASN KA 104 40.10 -30.36 6.34
C ASN KA 104 40.43 -31.57 7.21
N LEU KA 105 41.66 -32.06 7.08
CA LEU KA 105 42.09 -33.27 7.74
C LEU KA 105 42.52 -33.01 9.18
N LYS KA 106 42.54 -34.07 9.98
CA LYS KA 106 42.95 -33.99 11.37
C LYS KA 106 43.46 -35.36 11.80
N VAL KA 107 44.18 -35.37 12.91
CA VAL KA 107 44.76 -36.58 13.48
C VAL KA 107 44.25 -36.73 14.90
N ASP KA 108 43.73 -37.92 15.22
CA ASP KA 108 43.20 -38.19 16.55
C ASP KA 108 44.34 -38.67 17.46
N GLN KA 109 43.97 -39.16 18.65
CA GLN KA 109 44.98 -39.63 19.60
C GLN KA 109 45.61 -40.94 19.15
N ASN KA 110 44.84 -41.80 18.47
CA ASN KA 110 45.38 -43.07 18.00
C ASN KA 110 46.24 -42.92 16.75
N GLY KA 111 46.17 -41.77 16.08
CA GLY KA 111 46.95 -41.52 14.89
C GLY KA 111 46.19 -41.66 13.59
N MET KA 112 44.92 -42.06 13.62
CA MET KA 112 44.15 -42.19 12.40
C MET KA 112 43.91 -40.83 11.77
N LEU KA 113 44.05 -40.76 10.45
CA LEU KA 113 43.86 -39.53 9.70
C LEU KA 113 42.41 -39.43 9.26
N THR KA 114 41.65 -38.56 9.91
CA THR KA 114 40.27 -38.29 9.54
C THR KA 114 40.16 -36.88 9.00
N ASN KA 115 38.95 -36.52 8.56
CA ASN KA 115 38.68 -35.16 8.09
C ASN KA 115 37.82 -34.43 9.13
N ALA KA 116 37.37 -33.23 8.78
CA ALA KA 116 36.62 -32.42 9.73
C ALA KA 116 35.30 -33.06 10.11
N SER KA 117 34.73 -33.89 9.23
CA SER KA 117 33.45 -34.53 9.48
C SER KA 117 33.59 -35.90 10.15
N GLY KA 118 34.81 -36.35 10.41
CA GLY KA 118 35.03 -37.63 11.06
C GLY KA 118 35.16 -38.82 10.14
N HIS KA 119 35.22 -38.62 8.83
CA HIS KA 119 35.35 -39.73 7.90
C HIS KA 119 36.81 -40.14 7.76
N LEU KA 120 37.07 -41.43 7.89
CA LEU KA 120 38.43 -41.94 7.75
C LEU KA 120 38.90 -41.81 6.31
N VAL KA 121 40.15 -41.36 6.13
CA VAL KA 121 40.71 -41.13 4.80
C VAL KA 121 41.44 -42.40 4.37
N LEU KA 122 41.16 -42.86 3.16
CA LEU KA 122 41.73 -44.09 2.64
C LEU KA 122 43.10 -43.84 2.02
N GLY KA 123 43.86 -44.93 1.88
CA GLY KA 123 45.20 -44.85 1.33
C GLY KA 123 45.45 -45.83 0.20
N GLU KA 124 46.73 -46.06 -0.11
CA GLU KA 124 47.08 -46.97 -1.20
C GLU KA 124 46.67 -48.40 -0.89
N ASN KA 125 46.78 -48.82 0.37
CA ASN KA 125 46.39 -50.15 0.79
C ASN KA 125 44.88 -50.36 0.76
N ASP KA 126 44.10 -49.30 0.50
CA ASP KA 126 42.64 -49.27 0.58
C ASP KA 126 42.15 -49.42 2.01
N ALA KA 127 43.02 -49.22 2.99
CA ALA KA 127 42.67 -49.15 4.40
C ALA KA 127 42.86 -47.73 4.91
N PRO KA 128 42.16 -47.35 5.98
CA PRO KA 128 42.32 -46.00 6.52
C PRO KA 128 43.76 -45.72 6.89
N ILE KA 129 44.20 -44.50 6.62
CA ILE KA 129 45.59 -44.13 6.85
C ILE KA 129 45.82 -43.92 8.34
N THR KA 130 46.80 -44.63 8.89
CA THR KA 130 47.19 -44.52 10.30
C THR KA 130 48.65 -44.12 10.35
N LEU KA 131 48.94 -43.05 11.08
CA LEU KA 131 50.29 -42.53 11.21
C LEU KA 131 50.91 -42.96 12.53
N PRO KA 132 52.23 -42.95 12.64
CA PRO KA 132 52.86 -43.18 13.94
C PRO KA 132 52.41 -42.13 14.95
N ILE KA 133 52.26 -42.55 16.20
CA ILE KA 133 51.67 -41.67 17.21
C ILE KA 133 52.53 -40.44 17.49
N PRO KA 134 53.81 -40.56 17.89
CA PRO KA 134 54.57 -39.35 18.27
C PRO KA 134 55.20 -38.63 17.07
N LEU KA 135 54.38 -37.83 16.40
CA LEU KA 135 54.83 -37.07 15.24
C LEU KA 135 55.44 -35.74 15.68
N SER KA 136 56.22 -35.16 14.77
CA SER KA 136 56.78 -33.82 14.99
C SER KA 136 56.66 -32.91 13.78
N LYS KA 137 56.40 -33.43 12.59
CA LYS KA 137 56.21 -32.61 11.39
C LYS KA 137 55.51 -33.45 10.34
N ILE KA 138 54.30 -33.06 9.96
CA ILE KA 138 53.52 -33.78 8.95
C ILE KA 138 53.39 -32.87 7.74
N GLU KA 139 53.83 -33.37 6.58
CA GLU KA 139 53.75 -32.64 5.32
C GLU KA 139 53.06 -33.51 4.28
N ILE KA 140 52.03 -32.96 3.65
CA ILE KA 140 51.30 -33.66 2.59
C ILE KA 140 51.93 -33.29 1.26
N GLY KA 141 52.27 -34.31 0.47
CA GLY KA 141 52.89 -34.08 -0.82
C GLY KA 141 51.92 -33.54 -1.85
N ARG KA 142 52.48 -33.15 -2.99
CA ARG KA 142 51.66 -32.63 -4.08
C ARG KA 142 50.70 -33.69 -4.60
N ASP KA 143 51.17 -34.93 -4.73
CA ASP KA 143 50.37 -36.03 -5.25
C ASP KA 143 49.73 -36.87 -4.16
N GLY KA 144 49.45 -36.29 -2.99
CA GLY KA 144 48.82 -37.00 -1.91
C GLY KA 144 49.75 -37.76 -1.00
N THR KA 145 51.06 -37.70 -1.24
CA THR KA 145 52.02 -38.41 -0.41
C THR KA 145 52.07 -37.78 0.99
N ILE KA 146 52.13 -38.63 2.00
CA ILE KA 146 52.19 -38.21 3.39
C ILE KA 146 53.57 -38.55 3.93
N SER KA 147 54.36 -37.52 4.22
CA SER KA 147 55.71 -37.69 4.76
C SER KA 147 55.74 -37.11 6.17
N VAL KA 148 56.21 -37.92 7.12
CA VAL KA 148 56.20 -37.54 8.53
C VAL KA 148 57.63 -37.52 9.06
N LEU KA 149 57.81 -36.86 10.20
CA LEU KA 149 59.09 -36.80 10.88
C LEU KA 149 58.93 -37.35 12.29
N PRO KA 150 59.56 -38.47 12.64
CA PRO KA 150 59.43 -39.00 14.00
C PRO KA 150 59.92 -38.01 15.04
N GLN KA 151 59.26 -38.02 16.19
CA GLN KA 151 59.59 -37.07 17.25
C GLN KA 151 61.02 -37.28 17.74
N GLY KA 152 61.82 -36.22 17.68
CA GLY KA 152 63.20 -36.28 18.08
C GLY KA 152 64.17 -36.66 16.98
N ALA KA 153 63.67 -37.03 15.81
CA ALA KA 153 64.54 -37.38 14.69
C ALA KA 153 65.10 -36.12 14.04
N PRO KA 154 66.30 -36.21 13.44
CA PRO KA 154 66.85 -35.05 12.74
C PRO KA 154 66.07 -34.71 11.49
N ALA KA 155 66.35 -33.54 10.90
CA ALA KA 155 65.59 -33.07 9.75
C ALA KA 155 65.78 -33.93 8.50
N GLU KA 156 66.79 -34.80 8.48
CA GLU KA 156 67.06 -35.63 7.32
C GLU KA 156 66.35 -36.98 7.38
N GLU KA 157 65.68 -37.29 8.48
CA GLU KA 157 64.92 -38.54 8.59
C GLU KA 157 63.48 -38.37 8.15
N PHE KA 158 63.29 -37.85 6.94
CA PHE KA 158 61.97 -37.64 6.37
C PHE KA 158 61.63 -38.83 5.48
N GLN KA 159 60.55 -39.54 5.81
CA GLN KA 159 60.11 -40.68 5.02
C GLN KA 159 58.60 -40.61 4.84
N ALA KA 160 58.14 -41.17 3.72
CA ALA KA 160 56.71 -41.26 3.44
C ALA KA 160 56.12 -42.47 4.14
N VAL KA 161 54.87 -42.33 4.60
CA VAL KA 161 54.21 -43.40 5.34
C VAL KA 161 52.99 -43.90 4.59
N ASP KA 162 52.33 -43.02 3.84
CA ASP KA 162 51.11 -43.38 3.15
C ASP KA 162 50.85 -42.38 2.03
N ARG KA 163 49.84 -42.68 1.22
CA ARG KA 163 49.47 -41.85 0.08
C ARG KA 163 47.95 -41.68 0.09
N ILE KA 164 47.50 -40.43 -0.05
CA ILE KA 164 46.07 -40.16 -0.07
C ILE KA 164 45.47 -40.73 -1.34
N LYS KA 165 44.36 -41.46 -1.21
CA LYS KA 165 43.70 -42.09 -2.35
C LYS KA 165 42.84 -41.05 -3.05
N LEU KA 166 43.29 -40.61 -4.23
CA LEU KA 166 42.56 -39.63 -5.03
C LEU KA 166 41.93 -40.35 -6.22
N VAL KA 167 40.63 -40.13 -6.41
CA VAL KA 167 39.86 -40.79 -7.45
C VAL KA 167 39.29 -39.72 -8.38
N LYS KA 168 39.39 -39.95 -9.68
CA LYS KA 168 38.87 -39.04 -10.70
C LYS KA 168 37.99 -39.82 -11.66
N PRO KA 169 36.76 -40.15 -11.26
CA PRO KA 169 35.85 -40.84 -12.17
C PRO KA 169 35.01 -39.86 -12.97
N ASN KA 170 34.13 -40.36 -13.82
CA ASN KA 170 33.24 -39.50 -14.58
C ASN KA 170 32.26 -38.81 -13.62
N ASP KA 171 32.17 -37.48 -13.72
CA ASP KA 171 31.35 -36.73 -12.78
C ASP KA 171 29.87 -37.06 -12.94
N GLN KA 172 29.41 -37.25 -14.17
CA GLN KA 172 27.99 -37.52 -14.40
C GLN KA 172 27.58 -38.92 -13.96
N SER KA 173 28.53 -39.77 -13.60
CA SER KA 173 28.23 -41.11 -13.09
C SER KA 173 28.21 -41.15 -11.56
N LEU KA 174 28.16 -40.00 -10.90
CA LEU KA 174 28.17 -39.92 -9.45
C LEU KA 174 26.85 -39.31 -8.97
N PHE KA 175 26.41 -39.76 -7.79
CA PHE KA 175 25.23 -39.21 -7.14
C PHE KA 175 25.56 -38.94 -5.68
N LYS KA 176 25.03 -37.83 -5.15
CA LYS KA 176 25.24 -37.50 -3.75
C LYS KA 176 24.35 -38.39 -2.88
N ASP KA 177 24.93 -39.01 -1.86
CA ASP KA 177 24.20 -39.92 -1.00
C ASP KA 177 23.44 -39.11 0.06
N THR KA 178 22.81 -39.81 1.00
CA THR KA 178 22.03 -39.16 2.05
C THR KA 178 22.90 -38.45 3.08
N ASN KA 179 24.22 -38.69 3.08
CA ASN KA 179 25.13 -38.08 4.04
C ASN KA 179 26.15 -37.17 3.37
N GLY KA 180 25.87 -36.72 2.14
CA GLY KA 180 26.75 -35.80 1.45
C GLY KA 180 27.93 -36.42 0.74
N LEU KA 181 28.07 -37.74 0.77
CA LEU KA 181 29.18 -38.40 0.11
C LEU KA 181 28.76 -38.84 -1.29
N PHE KA 182 29.56 -38.47 -2.28
CA PHE KA 182 29.30 -38.89 -3.66
C PHE KA 182 29.74 -40.34 -3.85
N ARG KA 183 28.87 -41.14 -4.47
CA ARG KA 183 29.16 -42.53 -4.75
C ARG KA 183 28.78 -42.84 -6.19
N HIS KA 184 29.13 -44.04 -6.64
CA HIS KA 184 28.76 -44.50 -7.97
C HIS KA 184 27.28 -44.85 -8.02
N LYS KA 185 26.64 -44.54 -9.16
CA LYS KA 185 25.26 -44.95 -9.36
C LYS KA 185 25.15 -46.46 -9.52
N THR KA 186 26.11 -47.08 -10.19
CA THR KA 186 26.15 -48.53 -10.29
C THR KA 186 26.80 -49.12 -9.06
N PRO KA 187 26.10 -49.92 -8.27
CA PRO KA 187 26.69 -50.44 -7.03
C PRO KA 187 27.80 -51.44 -7.30
N ASN KA 188 28.64 -51.65 -6.29
CA ASN KA 188 29.75 -52.60 -6.34
C ASN KA 188 30.69 -52.32 -7.51
N GLN KA 189 30.96 -51.04 -7.75
CA GLN KA 189 31.93 -50.62 -8.75
C GLN KA 189 33.13 -50.01 -8.04
N PRO KA 190 34.33 -50.55 -8.21
CA PRO KA 190 35.49 -50.05 -7.45
C PRO KA 190 35.85 -48.62 -7.86
N TYR KA 191 36.37 -47.89 -6.88
CA TYR KA 191 36.87 -46.53 -7.10
C TYR KA 191 38.36 -46.64 -7.40
N GLU KA 192 38.72 -46.50 -8.68
CA GLU KA 192 40.11 -46.62 -9.09
C GLU KA 192 40.89 -45.37 -8.67
N ALA KA 193 42.05 -45.59 -8.05
CA ALA KA 193 42.89 -44.49 -7.59
C ALA KA 193 43.59 -43.85 -8.79
N ASP KA 194 43.35 -42.56 -8.99
CA ASP KA 194 43.95 -41.86 -10.12
C ASP KA 194 45.29 -41.25 -9.72
N ALA KA 195 46.24 -41.29 -10.67
CA ALA KA 195 47.58 -40.77 -10.46
C ALA KA 195 47.77 -39.40 -11.08
N THR KA 196 46.69 -38.77 -11.55
CA THR KA 196 46.75 -37.45 -12.14
C THR KA 196 46.27 -36.34 -11.20
N VAL KA 197 45.37 -36.67 -10.27
CA VAL KA 197 44.81 -35.66 -9.38
C VAL KA 197 45.90 -35.11 -8.46
N SER KA 198 45.93 -33.78 -8.33
CA SER KA 198 46.92 -33.09 -7.52
C SER KA 198 46.24 -32.35 -6.38
N LEU KA 199 46.93 -32.28 -5.24
CA LEU KA 199 46.43 -31.60 -4.06
C LEU KA 199 47.22 -30.32 -3.84
N GLN KA 200 46.51 -29.21 -3.70
CA GLN KA 200 47.15 -27.93 -3.37
C GLN KA 200 47.13 -27.78 -1.86
N THR KA 201 48.19 -28.25 -1.21
CA THR KA 201 48.25 -28.24 0.24
C THR KA 201 48.36 -26.80 0.77
N GLY KA 202 48.01 -26.64 2.03
CA GLY KA 202 47.96 -25.33 2.64
C GLY KA 202 46.71 -24.54 2.35
N ALA KA 203 45.67 -25.17 1.82
CA ALA KA 203 44.44 -24.47 1.47
C ALA KA 203 43.26 -25.41 1.62
N ILE KA 204 42.07 -24.81 1.74
CA ILE KA 204 40.82 -25.53 1.92
C ILE KA 204 39.85 -25.05 0.84
N GLU KA 205 39.12 -25.99 0.23
CA GLU KA 205 38.19 -25.66 -0.82
C GLU KA 205 36.79 -25.45 -0.24
N GLY KA 206 36.20 -24.30 -0.52
CA GLY KA 206 34.84 -24.00 -0.10
C GLY KA 206 33.82 -24.54 -1.08
N SER KA 207 32.58 -24.09 -0.89
CA SER KA 207 31.48 -24.51 -1.75
C SER KA 207 31.51 -23.75 -3.07
N ASN KA 208 30.81 -24.30 -4.06
CA ASN KA 208 30.72 -23.69 -5.39
C ASN KA 208 29.32 -23.14 -5.67
N VAL KA 209 28.58 -22.84 -4.61
CA VAL KA 209 27.24 -22.28 -4.78
C VAL KA 209 27.33 -20.89 -5.37
N ASN KA 210 26.65 -20.67 -6.48
CA ASN KA 210 26.56 -19.35 -7.10
C ASN KA 210 25.38 -18.64 -6.45
N ALA KA 211 25.67 -17.75 -5.50
CA ALA KA 211 24.62 -17.16 -4.67
C ALA KA 211 23.63 -16.37 -5.51
N VAL KA 212 24.12 -15.59 -6.47
CA VAL KA 212 23.23 -14.79 -7.31
C VAL KA 212 22.39 -15.70 -8.20
N GLY KA 213 22.98 -16.81 -8.67
CA GLY KA 213 22.21 -17.76 -9.47
C GLY KA 213 21.07 -18.38 -8.68
N GLU KA 214 21.30 -18.65 -7.40
CA GLU KA 214 20.23 -19.17 -6.56
C GLU KA 214 19.11 -18.15 -6.37
N MET KA 215 19.48 -16.88 -6.16
CA MET KA 215 18.47 -15.86 -5.90
C MET KA 215 17.62 -15.58 -7.14
N THR KA 216 18.25 -15.51 -8.32
CA THR KA 216 17.48 -15.23 -9.53
C THR KA 216 16.59 -16.39 -9.94
N ALA KA 217 16.87 -17.60 -9.44
CA ALA KA 217 15.95 -18.70 -9.64
C ALA KA 217 14.87 -18.73 -8.56
N LEU KA 218 15.15 -18.17 -7.39
CA LEU KA 218 14.14 -18.05 -6.35
C LEU KA 218 13.00 -17.12 -6.80
N ILE KA 219 13.35 -16.00 -7.42
CA ILE KA 219 12.32 -15.04 -7.84
C ILE KA 219 11.46 -15.62 -8.95
N ASP KA 220 12.04 -16.51 -9.77
CA ASP KA 220 11.24 -17.17 -10.79
C ASP KA 220 10.30 -18.20 -10.18
N LEU KA 221 10.77 -18.94 -9.16
CA LEU KA 221 9.92 -19.92 -8.51
C LEU KA 221 8.73 -19.26 -7.82
N GLN KA 222 8.94 -18.09 -7.22
CA GLN KA 222 7.85 -17.38 -6.58
C GLN KA 222 6.75 -17.02 -7.57
N ARG KA 223 7.14 -16.45 -8.72
CA ARG KA 223 6.14 -16.01 -9.69
C ARG KA 223 5.36 -17.19 -10.27
N GLN KA 224 6.07 -18.27 -10.61
CA GLN KA 224 5.39 -19.45 -11.15
C GLN KA 224 4.49 -20.09 -10.10
N PHE KA 225 4.93 -20.09 -8.84
CA PHE KA 225 4.12 -20.62 -7.75
C PHE KA 225 2.84 -19.82 -7.57
N GLU KA 226 2.93 -18.49 -7.63
CA GLU KA 226 1.76 -17.66 -7.36
C GLU KA 226 0.76 -17.70 -8.51
N MET KA 227 1.26 -17.82 -9.75
CA MET KA 227 0.35 -17.92 -10.89
C MET KA 227 -0.51 -19.18 -10.80
N GLN KA 228 0.09 -20.30 -10.39
CA GLN KA 228 -0.67 -21.54 -10.25
C GLN KA 228 -1.67 -21.44 -9.10
N VAL KA 229 -1.35 -20.68 -8.06
CA VAL KA 229 -2.29 -20.48 -6.96
C VAL KA 229 -3.50 -19.68 -7.45
N LYS KA 230 -3.29 -18.73 -8.36
CA LYS KA 230 -4.42 -17.99 -8.93
C LYS KA 230 -5.29 -18.91 -9.78
N MET KA 231 -4.67 -19.90 -10.44
CA MET KA 231 -5.44 -20.88 -11.18
C MET KA 231 -6.32 -21.71 -10.24
N MET KA 232 -5.82 -22.00 -9.04
CA MET KA 232 -6.65 -22.69 -8.05
C MET KA 232 -7.84 -21.84 -7.64
N SER KA 233 -7.63 -20.52 -7.50
CA SER KA 233 -8.73 -19.64 -7.10
C SER KA 233 -9.74 -19.48 -8.23
N THR KA 234 -9.27 -19.42 -9.48
CA THR KA 234 -10.20 -19.29 -10.60
C THR KA 234 -10.90 -20.61 -10.89
N ALA KA 235 -10.35 -21.74 -10.41
CA ALA KA 235 -11.01 -23.02 -10.58
C ALA KA 235 -12.23 -23.14 -9.67
N GLU KA 236 -12.10 -22.70 -8.41
CA GLU KA 236 -13.24 -22.76 -7.51
C GLU KA 236 -14.27 -21.69 -7.84
N GLU KA 237 -13.83 -20.55 -8.38
CA GLU KA 237 -14.77 -19.51 -8.79
C GLU KA 237 -15.67 -20.00 -9.92
N MET KA 238 -15.10 -20.74 -10.87
CA MET KA 238 -15.90 -21.32 -11.94
C MET KA 238 -16.90 -22.33 -11.41
N ASP KA 239 -16.47 -23.15 -10.44
CA ASP KA 239 -17.36 -24.17 -9.88
C ASP KA 239 -18.55 -23.52 -9.16
N LYS KA 240 -18.29 -22.44 -8.42
CA LYS KA 240 -19.38 -21.75 -7.74
C LYS KA 240 -20.40 -21.19 -8.73
N SER KA 241 -19.92 -20.66 -9.85
CA SER KA 241 -20.83 -20.12 -10.85
C SER KA 241 -21.66 -21.21 -11.50
N SER KA 242 -21.05 -22.35 -11.83
CA SER KA 242 -21.78 -23.43 -12.49
C SER KA 242 -22.75 -24.14 -11.54
N ASP KA 243 -22.68 -23.84 -10.24
CA ASP KA 243 -23.58 -24.47 -9.28
C ASP KA 243 -25.02 -23.98 -9.41
N SER KA 244 -25.27 -22.96 -10.23
CA SER KA 244 -26.61 -22.43 -10.40
C SER KA 244 -27.42 -23.18 -11.44
N LEU KA 245 -26.85 -24.19 -12.09
CA LEU KA 245 -27.61 -24.99 -13.05
C LEU KA 245 -28.73 -25.75 -12.36
N LEU KA 246 -28.41 -26.41 -11.24
CA LEU KA 246 -29.40 -27.19 -10.51
C LEU KA 246 -30.34 -26.35 -9.67
N ARG KA 247 -29.97 -25.11 -9.36
CA ARG KA 247 -30.83 -24.26 -8.54
C ARG KA 247 -32.08 -23.86 -9.32
N MET KA 248 -33.24 -24.00 -8.68
CA MET KA 248 -34.52 -23.73 -9.32
C MET KA 248 -35.63 -23.58 -8.28
N MET LA 1 -34.02 -5.53 17.67
CA MET LA 1 -34.76 -6.72 17.30
C MET LA 1 -34.41 -7.90 18.20
N ASP LA 2 -33.21 -7.83 18.80
CA ASP LA 2 -32.74 -8.86 19.70
C ASP LA 2 -32.17 -8.30 21.00
N ARG LA 3 -32.08 -6.98 21.12
CA ARG LA 3 -31.51 -6.25 22.27
C ARG LA 3 -30.01 -6.45 22.40
N ALA LA 4 -29.40 -7.32 21.60
CA ALA LA 4 -27.95 -7.40 21.51
C ALA LA 4 -27.40 -6.43 20.47
N LEU LA 5 -28.25 -5.96 19.56
CA LEU LA 5 -27.84 -4.90 18.64
C LEU LA 5 -27.50 -3.63 19.41
N PHE LA 6 -28.34 -3.26 20.38
CA PHE LA 6 -28.07 -2.08 21.19
C PHE LA 6 -27.02 -2.35 22.25
N LEU LA 7 -26.93 -3.60 22.73
CA LEU LA 7 -25.88 -3.95 23.67
C LEU LA 7 -24.51 -3.88 23.02
N ALA LA 8 -24.43 -4.17 21.71
CA ALA LA 8 -23.19 -4.02 20.96
C ALA LA 8 -23.02 -2.62 20.41
N MET LA 9 -24.11 -1.93 20.08
CA MET LA 9 -24.01 -0.53 19.65
C MET LA 9 -23.44 0.34 20.76
N SER LA 10 -23.89 0.11 22.00
CA SER LA 10 -23.34 0.84 23.13
C SER LA 10 -21.87 0.56 23.35
N GLY LA 11 -21.45 -0.69 23.21
CA GLY LA 11 -20.04 -1.03 23.36
C GLY LA 11 -19.18 -0.42 22.27
N ALA LA 12 -19.70 -0.41 21.04
CA ALA LA 12 -18.97 0.22 19.95
C ALA LA 12 -18.95 1.74 20.10
N LYS LA 13 -20.03 2.31 20.63
CA LYS LA 13 -20.08 3.75 20.86
C LYS LA 13 -19.04 4.16 21.89
N GLN LA 14 -18.89 3.39 22.97
CA GLN LA 14 -17.94 3.75 24.02
C GLN LA 14 -16.50 3.56 23.58
N ASN LA 15 -16.23 2.58 22.71
CA ASN LA 15 -14.88 2.39 22.20
C ASN LA 15 -14.42 3.61 21.40
N MET LA 16 -15.34 4.24 20.67
CA MET LA 16 -15.02 5.49 19.98
C MET LA 16 -14.69 6.60 20.98
N GLN LA 17 -15.44 6.69 22.07
CA GLN LA 17 -15.17 7.70 23.08
C GLN LA 17 -13.84 7.46 23.77
N ALA LA 18 -13.48 6.20 23.99
CA ALA LA 18 -12.15 5.88 24.48
C ALA LA 18 -11.08 6.31 23.49
N LEU LA 19 -11.36 6.13 22.20
CA LEU LA 19 -10.43 6.57 21.16
C LEU LA 19 -10.26 8.08 21.19
N GLN LA 20 -11.35 8.81 21.46
CA GLN LA 20 -11.26 10.28 21.54
C GLN LA 20 -10.36 10.72 22.68
N LEU LA 21 -10.43 10.04 23.82
CA LEU LA 21 -9.57 10.38 24.94
C LEU LA 21 -8.11 10.11 24.62
N ARG LA 22 -7.83 8.99 23.94
CA ARG LA 22 -6.45 8.69 23.55
C ARG LA 22 -5.96 9.65 22.48
N ALA LA 23 -6.85 10.03 21.55
CA ALA LA 23 -6.45 10.97 20.50
C ALA LA 23 -6.06 12.33 21.07
N ASN LA 24 -6.72 12.75 22.14
CA ASN LA 24 -6.34 13.99 22.81
C ASN LA 24 -4.95 13.88 23.42
N ASN LA 25 -4.61 12.71 23.98
CA ASN LA 25 -3.28 12.51 24.54
C ASN LA 25 -2.21 12.61 23.47
N LEU LA 26 -2.45 12.01 22.30
CA LEU LA 26 -1.48 12.08 21.21
C LEU LA 26 -1.30 13.50 20.71
N ALA LA 27 -2.39 14.27 20.64
CA ALA LA 27 -2.31 15.66 20.20
C ALA LA 27 -1.63 16.56 21.24
N ASN LA 28 -1.56 16.12 22.50
CA ASN LA 28 -1.02 16.92 23.59
C ASN LA 28 0.38 16.48 24.01
N VAL LA 29 1.10 15.80 23.13
CA VAL LA 29 2.45 15.35 23.46
C VAL LA 29 3.40 16.54 23.59
N SER LA 30 3.23 17.55 22.75
CA SER LA 30 4.12 18.71 22.79
C SER LA 30 3.67 19.78 23.77
N THR LA 31 2.51 19.61 24.41
CA THR LA 31 2.04 20.59 25.37
C THR LA 31 2.93 20.63 26.61
N THR LA 32 2.99 21.80 27.22
CA THR LA 32 3.85 22.04 28.38
C THR LA 32 3.11 21.68 29.66
N GLY LA 33 3.69 20.79 30.46
CA GLY LA 33 3.07 20.39 31.71
C GLY LA 33 1.73 19.70 31.54
N PHE LA 34 1.64 18.78 30.59
CA PHE LA 34 0.41 18.04 30.33
C PHE LA 34 0.47 16.69 31.01
N ARG LA 35 -0.55 16.39 31.83
CA ARG LA 35 -0.66 15.11 32.51
C ARG LA 35 -1.57 14.21 31.71
N ALA LA 36 -1.06 13.06 31.29
CA ALA LA 36 -1.82 12.15 30.44
C ALA LA 36 -3.06 11.65 31.15
N ASP LA 37 -4.16 11.54 30.40
CA ASP LA 37 -5.43 11.09 30.94
C ASP LA 37 -5.54 9.57 30.77
N LEU LA 38 -5.90 8.88 31.84
CA LEU LA 38 -6.07 7.44 31.78
C LEU LA 38 -7.47 7.08 31.34
N ALA LA 39 -7.57 6.07 30.48
CA ALA LA 39 -8.84 5.60 29.95
C ALA LA 39 -9.04 4.14 30.32
N GLN LA 40 -10.23 3.82 30.82
CA GLN LA 40 -10.59 2.45 31.15
C GLN LA 40 -12.10 2.29 30.97
N ALA LA 41 -12.56 1.05 31.03
CA ALA LA 41 -13.97 0.72 30.86
C ALA LA 41 -14.51 0.10 32.13
N ARG LA 42 -15.77 0.39 32.44
CA ARG LA 42 -16.44 -0.14 33.62
C ARG LA 42 -17.57 -1.07 33.17
N SER LA 43 -17.61 -2.27 33.75
CA SER LA 43 -18.66 -3.24 33.46
C SER LA 43 -19.82 -2.98 34.42
N MET LA 44 -20.96 -2.59 33.87
CA MET LA 44 -22.17 -2.34 34.66
C MET LA 44 -23.28 -3.25 34.16
N GLN LA 45 -23.71 -4.17 35.02
CA GLN LA 45 -24.74 -5.13 34.66
C GLN LA 45 -26.13 -4.52 34.77
N ALA LA 46 -27.05 -5.00 33.94
CA ALA LA 46 -28.44 -4.57 33.99
C ALA LA 46 -29.18 -5.48 34.95
N TYR LA 47 -29.31 -5.04 36.20
CA TYR LA 47 -29.97 -5.84 37.22
C TYR LA 47 -31.48 -5.81 37.03
N GLY LA 48 -32.11 -6.97 37.17
CA GLY LA 48 -33.55 -7.06 37.01
C GLY LA 48 -33.96 -8.50 36.79
N GLU LA 49 -35.25 -8.67 36.48
CA GLU LA 49 -35.79 -10.00 36.27
C GLU LA 49 -35.22 -10.62 35.01
N GLY LA 50 -34.88 -11.90 35.09
CA GLY LA 50 -34.33 -12.65 33.98
C GLY LA 50 -32.90 -13.10 34.27
N HIS LA 51 -32.36 -13.82 33.30
CA HIS LA 51 -31.00 -14.33 33.42
C HIS LA 51 -30.00 -13.18 33.30
N PRO LA 52 -28.99 -13.11 34.17
CA PRO LA 52 -28.02 -12.01 34.08
C PRO LA 52 -27.09 -12.16 32.91
N SER LA 53 -27.61 -11.94 31.69
CA SER LA 53 -26.84 -12.13 30.47
C SER LA 53 -26.38 -10.84 29.81
N ARG LA 54 -26.96 -9.70 30.16
CA ARG LA 54 -26.64 -8.42 29.53
C ARG LA 54 -25.83 -7.57 30.49
N VAL LA 55 -24.63 -7.19 30.07
CA VAL LA 55 -23.76 -6.30 30.84
C VAL LA 55 -23.26 -5.22 29.89
N PHE LA 56 -23.47 -3.97 30.26
CA PHE LA 56 -22.96 -2.84 29.48
C PHE LA 56 -21.54 -2.48 29.93
N SER LA 57 -20.85 -1.74 29.08
CA SER LA 57 -19.54 -1.20 29.41
C SER LA 57 -19.52 0.27 29.02
N MET LA 58 -19.01 1.11 29.92
CA MET LA 58 -18.89 2.54 29.67
C MET LA 58 -17.47 3.00 30.01
N THR LA 59 -16.92 3.86 29.16
CA THR LA 59 -15.58 4.37 29.37
C THR LA 59 -15.56 5.45 30.45
N GLU LA 60 -14.46 5.49 31.20
CA GLU LA 60 -14.33 6.42 32.31
C GLU LA 60 -12.88 6.87 32.40
N ARG LA 61 -12.65 7.93 33.17
CA ARG LA 61 -11.30 8.43 33.40
C ARG LA 61 -10.92 8.21 34.86
N PRO LA 62 -10.33 7.07 35.19
CA PRO LA 62 -10.02 6.77 36.59
C PRO LA 62 -9.02 7.73 37.22
N GLY LA 63 -8.13 8.31 36.43
CA GLY LA 63 -7.12 9.17 36.98
C GLY LA 63 -6.25 9.74 35.89
N HIS LA 64 -5.06 10.19 36.28
CA HIS LA 64 -4.13 10.83 35.37
C HIS LA 64 -2.73 10.29 35.62
N ASN LA 65 -1.85 10.50 34.65
CA ASN LA 65 -0.45 10.11 34.76
C ASN LA 65 0.31 11.26 35.38
N PHE LA 66 0.64 11.13 36.67
CA PHE LA 66 1.32 12.18 37.42
C PHE LA 66 2.82 12.02 37.42
N ALA LA 67 3.36 11.08 36.65
CA ALA LA 67 4.80 10.90 36.58
C ALA LA 67 5.45 12.12 35.95
N GLN LA 68 6.73 12.31 36.28
CA GLN LA 68 7.48 13.46 35.79
C GLN LA 68 7.51 13.48 34.27
N GLY LA 69 7.33 14.67 33.70
CA GLY LA 69 7.37 14.84 32.26
C GLY LA 69 8.79 14.94 31.75
N SER LA 70 8.90 15.32 30.48
CA SER LA 70 10.20 15.49 29.83
C SER LA 70 10.64 16.94 30.02
N VAL LA 71 11.79 17.13 30.67
CA VAL LA 71 12.28 18.46 31.01
C VAL LA 71 13.12 18.99 29.86
N ILE LA 72 12.81 20.20 29.41
CA ILE LA 72 13.51 20.83 28.30
C ILE LA 72 14.32 21.99 28.87
N THR LA 73 15.64 21.86 28.83
CA THR LA 73 16.50 22.96 29.26
C THR LA 73 16.52 24.06 28.21
N THR LA 74 16.31 25.29 28.63
CA THR LA 74 16.27 26.43 27.72
C THR LA 74 17.24 27.55 28.08
N GLY LA 75 17.79 27.55 29.29
CA GLY LA 75 18.66 28.64 29.72
C GLY LA 75 17.93 29.97 29.83
N ARG LA 76 16.65 29.93 30.21
CA ARG LA 76 15.83 31.12 30.35
C ARG LA 76 15.50 31.31 31.83
N ASP LA 77 15.57 32.56 32.29
CA ASP LA 77 15.43 32.85 33.71
C ASP LA 77 14.05 32.46 34.23
N LEU LA 78 13.00 32.76 33.47
CA LEU LA 78 11.63 32.59 33.92
C LEU LA 78 11.02 31.25 33.51
N ASP LA 79 11.85 30.22 33.33
CA ASP LA 79 11.37 28.87 33.04
C ASP LA 79 11.72 27.98 34.24
N VAL LA 80 10.70 27.49 34.93
CA VAL LA 80 10.89 26.65 36.11
C VAL LA 80 10.14 25.34 35.90
N THR LA 81 10.80 24.23 36.22
CA THR LA 81 10.20 22.91 36.16
C THR LA 81 10.14 22.34 37.57
N ILE LA 82 9.00 21.73 37.91
CA ILE LA 82 8.82 21.18 39.24
C ILE LA 82 9.60 19.87 39.34
N GLU LA 83 10.52 19.81 40.29
CA GLU LA 83 11.32 18.61 40.50
C GLU LA 83 10.47 17.58 41.25
N GLY LA 84 10.25 16.43 40.63
CA GLY LA 84 9.42 15.42 41.26
C GLY LA 84 7.95 15.81 41.27
N SER LA 85 7.28 15.47 42.36
CA SER LA 85 5.86 15.74 42.52
C SER LA 85 5.64 17.13 43.10
N GLY LA 86 4.64 17.83 42.58
CA GLY LA 86 4.32 19.15 43.08
C GLY LA 86 3.41 19.87 42.10
N TRP LA 87 2.97 21.05 42.53
CA TRP LA 87 2.08 21.88 41.71
C TRP LA 87 2.37 23.34 41.99
N ILE LA 88 1.92 24.20 41.08
CA ILE LA 88 2.04 25.64 41.22
C ILE LA 88 0.62 26.22 41.27
N SER LA 89 0.33 27.00 42.31
CA SER LA 89 -1.00 27.57 42.48
C SER LA 89 -1.16 28.77 41.58
N VAL LA 90 -2.14 28.71 40.68
CA VAL LA 90 -2.50 29.82 39.81
C VAL LA 90 -4.02 29.95 39.80
N LEU LA 91 -4.50 31.16 39.53
CA LEU LA 91 -5.92 31.41 39.39
C LEU LA 91 -6.23 31.73 37.93
N ASP LA 92 -7.31 31.15 37.42
CA ASP LA 92 -7.65 31.26 36.01
C ASP LA 92 -8.38 32.57 35.75
N HIS LA 93 -8.98 32.69 34.57
CA HIS LA 93 -9.68 33.91 34.18
C HIS LA 93 -10.84 34.22 35.12
N THR LA 94 -11.57 33.18 35.56
CA THR LA 94 -12.66 33.39 36.49
C THR LA 94 -12.17 33.94 37.82
N GLY LA 95 -11.04 33.43 38.30
CA GLY LA 95 -10.50 33.87 39.58
C GLY LA 95 -10.56 32.78 40.64
N LYS LA 96 -10.51 31.54 40.20
CA LYS LA 96 -10.57 30.38 41.09
C LYS LA 96 -9.19 29.73 41.13
N GLU LA 97 -8.73 29.41 42.34
CA GLU LA 97 -7.40 28.82 42.49
C GLU LA 97 -7.37 27.43 41.86
N GLY LA 98 -6.24 27.12 41.24
CA GLY LA 98 -6.05 25.83 40.61
C GLY LA 98 -4.58 25.49 40.55
N LEU LA 99 -4.30 24.19 40.41
CA LEU LA 99 -2.94 23.69 40.40
C LEU LA 99 -2.50 23.41 38.97
N THR LA 100 -1.38 24.00 38.58
CA THR LA 100 -0.85 23.84 37.23
C THR LA 100 0.57 23.30 37.30
N ARG LA 101 1.06 22.82 36.15
CA ARG LA 101 2.43 22.34 36.04
C ARG LA 101 3.17 23.03 34.90
N ASN LA 102 2.63 24.14 34.40
CA ASN LA 102 3.27 24.91 33.32
C ASN LA 102 4.11 25.99 33.97
N GLY LA 103 5.42 25.87 33.87
CA GLY LA 103 6.33 26.83 34.46
C GLY LA 103 6.92 27.79 33.46
N ASN LA 104 6.20 28.06 32.38
CA ASN LA 104 6.64 29.02 31.37
C ASN LA 104 6.23 30.42 31.83
N LEU LA 105 6.88 30.87 32.91
CA LEU LA 105 6.50 32.11 33.56
C LEU LA 105 6.86 33.33 32.71
N LYS LA 106 6.10 34.40 32.88
CA LYS LA 106 6.36 35.66 32.19
C LYS LA 106 5.87 36.80 33.06
N VAL LA 107 6.38 37.99 32.80
CA VAL LA 107 6.03 39.20 33.53
C VAL LA 107 5.41 40.18 32.56
N ASP LA 108 4.18 40.62 32.85
CA ASP LA 108 3.47 41.54 31.97
C ASP LA 108 3.98 42.96 32.19
N GLN LA 109 3.34 43.93 31.54
CA GLN LA 109 3.77 45.32 31.67
C GLN LA 109 3.50 45.87 33.06
N ASN LA 110 2.45 45.38 33.72
CA ASN LA 110 2.15 45.85 35.08
C ASN LA 110 3.08 45.23 36.11
N GLY LA 111 3.78 44.16 35.75
CA GLY LA 111 4.67 43.47 36.66
C GLY LA 111 4.14 42.18 37.24
N MET LA 112 2.88 41.84 36.99
CA MET LA 112 2.30 40.61 37.51
C MET LA 112 2.95 39.39 36.86
N LEU LA 113 3.23 38.38 37.66
CA LEU LA 113 3.86 37.16 37.16
C LEU LA 113 2.77 36.19 36.71
N THR LA 114 2.80 35.83 35.43
CA THR LA 114 1.87 34.87 34.85
C THR LA 114 2.67 33.79 34.12
N ASN LA 115 1.95 32.84 33.54
CA ASN LA 115 2.54 31.79 32.72
C ASN LA 115 2.05 31.93 31.28
N ALA LA 116 2.46 30.98 30.44
CA ALA LA 116 2.08 31.02 29.03
C ALA LA 116 0.59 30.85 28.81
N SER LA 117 -0.12 30.27 29.77
CA SER LA 117 -1.57 30.09 29.66
C SER LA 117 -2.35 31.30 30.14
N GLY LA 118 -1.68 32.35 30.59
CA GLY LA 118 -2.34 33.55 31.06
C GLY LA 118 -3.03 33.37 32.41
N HIS LA 119 -2.38 32.66 33.32
CA HIS LA 119 -2.88 32.41 34.66
C HIS LA 119 -2.01 33.15 35.66
N LEU LA 120 -2.64 33.90 36.56
CA LEU LA 120 -1.89 34.66 37.56
C LEU LA 120 -1.23 33.72 38.56
N VAL LA 121 0.06 33.91 38.77
CA VAL LA 121 0.82 33.05 39.68
C VAL LA 121 0.67 33.57 41.10
N LEU LA 122 0.24 32.70 42.00
CA LEU LA 122 0.04 33.08 43.39
C LEU LA 122 1.35 33.07 44.16
N GLY LA 123 1.32 33.69 45.34
CA GLY LA 123 2.49 33.77 46.18
C GLY LA 123 2.22 33.40 47.62
N GLU LA 124 3.07 33.87 48.54
CA GLU LA 124 2.90 33.56 49.95
C GLU LA 124 1.62 34.20 50.51
N ASN LA 125 1.31 35.41 50.06
CA ASN LA 125 0.12 36.13 50.54
C ASN LA 125 -1.17 35.61 49.94
N ASP LA 126 -1.12 34.58 49.09
CA ASP LA 126 -2.29 34.07 48.37
C ASP LA 126 -2.90 35.13 47.45
N ALA LA 127 -2.07 36.02 46.96
CA ALA LA 127 -2.44 37.05 45.99
C ALA LA 127 -1.50 36.97 44.80
N PRO LA 128 -1.93 37.43 43.62
CA PRO LA 128 -1.06 37.37 42.45
C PRO LA 128 0.26 38.08 42.71
N ILE LA 129 1.36 37.45 42.29
CA ILE LA 129 2.68 37.99 42.54
C ILE LA 129 2.90 39.20 41.66
N THR LA 130 3.13 40.35 42.29
CA THR LA 130 3.41 41.59 41.57
C THR LA 130 4.83 42.02 41.89
N LEU LA 131 5.62 42.20 40.86
CA LEU LA 131 7.02 42.58 41.00
C LEU LA 131 7.22 44.04 40.64
N PRO LA 132 8.25 44.69 41.17
CA PRO LA 132 8.51 46.09 40.81
C PRO LA 132 8.68 46.25 39.31
N ILE LA 133 8.06 47.29 38.76
CA ILE LA 133 8.02 47.46 37.31
C ILE LA 133 9.42 47.62 36.71
N PRO LA 134 10.28 48.52 37.20
CA PRO LA 134 11.64 48.62 36.60
C PRO LA 134 12.66 47.71 37.26
N LEU LA 135 12.63 46.43 36.89
CA LEU LA 135 13.61 45.47 37.36
C LEU LA 135 14.68 45.22 36.30
N SER LA 136 15.80 44.65 36.74
CA SER LA 136 16.95 44.43 35.87
C SER LA 136 17.47 43.00 35.87
N LYS LA 137 17.14 42.18 36.85
CA LYS LA 137 17.62 40.80 36.90
C LYS LA 137 16.68 40.00 37.78
N ILE LA 138 15.96 39.06 37.17
CA ILE LA 138 14.98 38.22 37.88
C ILE LA 138 15.54 36.80 37.93
N GLU LA 139 15.63 36.25 39.13
CA GLU LA 139 16.08 34.88 39.33
C GLU LA 139 15.11 34.17 40.26
N ILE LA 140 14.68 32.98 39.85
CA ILE LA 140 13.79 32.15 40.68
C ILE LA 140 14.65 31.15 41.44
N GLY LA 141 14.50 31.13 42.76
CA GLY LA 141 15.31 30.27 43.58
C GLY LA 141 14.90 28.80 43.48
N ARG LA 142 15.72 27.95 44.12
CA ARG LA 142 15.43 26.53 44.14
C ARG LA 142 14.14 26.22 44.89
N ASP LA 143 13.88 26.96 45.97
CA ASP LA 143 12.70 26.76 46.79
C ASP LA 143 11.50 27.57 46.35
N GLY LA 144 11.61 28.28 45.22
CA GLY LA 144 10.54 29.11 44.73
C GLY LA 144 10.67 30.58 45.07
N THR LA 145 11.70 30.97 45.81
CA THR LA 145 11.88 32.37 46.17
C THR LA 145 12.21 33.19 44.93
N ILE LA 146 11.60 34.37 44.83
CA ILE LA 146 11.80 35.28 43.72
C ILE LA 146 12.68 36.42 44.21
N SER LA 147 13.86 36.56 43.59
CA SER LA 147 14.80 37.63 43.90
C SER LA 147 14.99 38.49 42.67
N VAL LA 148 14.88 39.81 42.84
CA VAL LA 148 14.93 40.75 41.74
C VAL LA 148 15.99 41.81 42.02
N LEU LA 149 16.38 42.52 40.96
CA LEU LA 149 17.34 43.61 41.06
C LEU LA 149 16.70 44.87 40.48
N PRO LA 150 16.59 45.95 41.24
CA PRO LA 150 15.95 47.16 40.70
C PRO LA 150 16.73 47.76 39.55
N GLN LA 151 16.04 48.57 38.75
CA GLN LA 151 16.66 49.20 37.59
C GLN LA 151 17.85 50.07 38.02
N GLY LA 152 19.03 49.74 37.51
CA GLY LA 152 20.22 50.51 37.81
C GLY LA 152 20.78 50.33 39.20
N ALA LA 153 20.47 49.22 39.84
CA ALA LA 153 21.00 49.00 41.18
C ALA LA 153 22.26 48.15 41.12
N PRO LA 154 23.16 48.30 42.09
CA PRO LA 154 24.36 47.47 42.13
C PRO LA 154 24.01 46.01 42.41
N ALA LA 155 24.93 45.12 42.03
CA ALA LA 155 24.70 43.69 42.14
C ALA LA 155 24.58 43.21 43.57
N GLU LA 156 24.95 44.03 44.56
CA GLU LA 156 24.84 43.66 45.95
C GLU LA 156 23.52 44.07 46.58
N GLU LA 157 22.58 44.60 45.80
CA GLU LA 157 21.27 45.00 46.29
C GLU LA 157 20.17 44.04 45.89
N PHE LA 158 20.51 42.79 45.58
CA PHE LA 158 19.50 41.76 45.33
C PHE LA 158 18.64 41.56 46.57
N GLN LA 159 17.33 41.52 46.39
CA GLN LA 159 16.41 41.33 47.51
C GLN LA 159 15.33 40.34 47.12
N ALA LA 160 14.78 39.67 48.13
CA ALA LA 160 13.69 38.73 47.94
C ALA LA 160 12.36 39.44 48.17
N VAL LA 161 11.46 39.35 47.19
CA VAL LA 161 10.19 40.05 47.25
C VAL LA 161 9.00 39.11 47.39
N ASP LA 162 9.12 37.85 46.94
CA ASP LA 162 8.00 36.92 46.95
C ASP LA 162 8.53 35.50 46.98
N ARG LA 163 7.59 34.56 47.08
CA ARG LA 163 7.88 33.13 47.06
C ARG LA 163 6.72 32.44 46.36
N ILE LA 164 7.00 31.71 45.29
CA ILE LA 164 5.94 31.08 44.52
C ILE LA 164 5.26 30.02 45.37
N LYS LA 165 3.93 30.05 45.38
CA LYS LA 165 3.14 29.12 46.19
C LYS LA 165 3.16 27.75 45.53
N LEU LA 166 3.97 26.85 46.08
CA LEU LA 166 4.10 25.49 45.58
C LEU LA 166 3.34 24.54 46.50
N VAL LA 167 2.47 23.73 45.91
CA VAL LA 167 1.57 22.85 46.65
C VAL LA 167 1.85 21.41 46.27
N LYS LA 168 1.93 20.53 47.28
CA LYS LA 168 2.10 19.09 47.07
C LYS LA 168 1.00 18.36 47.82
N PRO LA 169 -0.20 18.30 47.26
CA PRO LA 169 -1.27 17.53 47.89
C PRO LA 169 -1.29 16.10 47.41
N ASN LA 170 -2.22 15.30 47.91
CA ASN LA 170 -2.36 13.93 47.42
C ASN LA 170 -2.86 13.95 45.99
N ASP LA 171 -2.17 13.21 45.11
CA ASP LA 171 -2.54 13.21 43.70
C ASP LA 171 -3.91 12.60 43.47
N GLN LA 172 -4.27 11.61 44.28
CA GLN LA 172 -5.56 10.93 44.11
C GLN LA 172 -6.74 11.79 44.52
N SER LA 173 -6.52 12.94 45.15
CA SER LA 173 -7.59 13.84 45.54
C SER LA 173 -7.77 14.99 44.57
N LEU LA 174 -7.09 14.97 43.43
CA LEU LA 174 -7.16 16.04 42.45
C LEU LA 174 -7.84 15.54 41.18
N PHE LA 175 -8.57 16.43 40.52
CA PHE LA 175 -9.19 16.13 39.24
C PHE LA 175 -8.91 17.27 38.28
N LYS LA 176 -8.84 16.94 36.99
CA LYS LA 176 -8.63 17.95 35.96
C LYS LA 176 -9.96 18.60 35.61
N ASP LA 177 -10.02 19.92 35.67
CA ASP LA 177 -11.24 20.65 35.41
C ASP LA 177 -11.37 20.93 33.92
N THR LA 178 -12.36 21.74 33.54
CA THR LA 178 -12.63 22.04 32.13
C THR LA 178 -11.58 22.92 31.48
N ASN LA 179 -10.68 23.53 32.27
CA ASN LA 179 -9.69 24.45 31.73
C ASN LA 179 -8.26 23.93 31.88
N GLY LA 180 -8.10 22.66 32.21
CA GLY LA 180 -6.79 22.06 32.33
C GLY LA 180 -6.11 22.24 33.67
N LEU LA 181 -6.75 22.91 34.63
CA LEU LA 181 -6.20 23.10 35.96
C LEU LA 181 -6.70 22.01 36.89
N PHE LA 182 -5.79 21.39 37.63
CA PHE LA 182 -6.17 20.38 38.59
C PHE LA 182 -6.70 21.04 39.86
N ARG LA 183 -7.84 20.56 40.35
CA ARG LA 183 -8.49 21.11 41.53
C ARG LA 183 -8.88 19.99 42.47
N HIS LA 184 -9.15 20.35 43.72
CA HIS LA 184 -9.58 19.37 44.70
C HIS LA 184 -10.95 18.82 44.35
N LYS LA 185 -11.11 17.49 44.52
CA LYS LA 185 -12.42 16.89 44.35
C LYS LA 185 -13.40 17.42 45.38
N THR LA 186 -12.96 17.55 46.63
CA THR LA 186 -13.80 18.14 47.67
C THR LA 186 -13.75 19.65 47.54
N PRO LA 187 -14.89 20.32 47.37
CA PRO LA 187 -14.87 21.77 47.18
C PRO LA 187 -14.63 22.52 48.49
N ASN LA 188 -14.28 23.80 48.34
CA ASN LA 188 -13.98 24.68 49.47
C ASN LA 188 -12.84 24.11 50.32
N GLN LA 189 -11.83 23.54 49.66
CA GLN LA 189 -10.69 22.96 50.33
C GLN LA 189 -9.46 23.82 50.08
N PRO LA 190 -8.87 24.43 51.11
CA PRO LA 190 -7.71 25.29 50.89
C PRO LA 190 -6.50 24.49 50.43
N TYR LA 191 -5.63 25.15 49.66
CA TYR LA 191 -4.39 24.56 49.16
C TYR LA 191 -3.25 25.00 50.06
N GLU LA 192 -2.78 24.09 50.90
CA GLU LA 192 -1.65 24.39 51.78
C GLU LA 192 -0.36 24.44 50.99
N ALA LA 193 0.47 25.45 51.28
CA ALA LA 193 1.73 25.63 50.57
C ALA LA 193 2.79 24.74 51.20
N ASP LA 194 3.20 23.70 50.46
CA ASP LA 194 4.24 22.80 50.95
C ASP LA 194 5.60 23.45 50.85
N ALA LA 195 6.48 23.10 51.79
CA ALA LA 195 7.83 23.64 51.85
C ALA LA 195 8.87 22.66 51.31
N THR LA 196 8.43 21.58 50.67
CA THR LA 196 9.32 20.57 50.12
C THR LA 196 9.44 20.64 48.60
N VAL LA 197 8.46 21.24 47.92
CA VAL LA 197 8.51 21.34 46.47
C VAL LA 197 9.65 22.26 46.06
N SER LA 198 10.44 21.80 45.08
CA SER LA 198 11.59 22.55 44.58
C SER LA 198 11.47 22.75 43.09
N LEU LA 199 11.99 23.88 42.61
CA LEU LA 199 11.93 24.25 41.21
C LEU LA 199 13.33 24.32 40.63
N GLN LA 200 13.53 23.67 39.49
CA GLN LA 200 14.79 23.75 38.77
C GLN LA 200 14.66 24.82 37.70
N THR LA 201 15.29 25.97 37.93
CA THR LA 201 15.16 27.11 37.03
C THR LA 201 15.89 26.85 35.72
N GLY LA 202 15.46 27.55 34.68
CA GLY LA 202 16.08 27.43 33.37
C GLY LA 202 15.66 26.22 32.56
N ALA LA 203 14.55 25.57 32.92
CA ALA LA 203 14.07 24.42 32.17
C ALA LA 203 12.55 24.43 32.12
N ILE LA 204 12.01 23.76 31.11
CA ILE LA 204 10.58 23.65 30.89
C ILE LA 204 10.20 22.18 30.96
N GLU LA 205 9.12 21.88 31.67
CA GLU LA 205 8.63 20.50 31.78
C GLU LA 205 7.55 20.28 30.73
N GLY LA 206 7.76 19.27 29.88
CA GLY LA 206 6.82 18.94 28.84
C GLY LA 206 5.76 17.96 29.29
N SER LA 207 5.16 17.28 28.33
CA SER LA 207 4.13 16.30 28.61
C SER LA 207 4.75 14.98 29.05
N ASN LA 208 3.89 14.07 29.51
CA ASN LA 208 4.31 12.73 29.91
C ASN LA 208 3.50 11.66 29.18
N VAL LA 209 3.00 11.98 28.01
CA VAL LA 209 2.21 11.04 27.22
C VAL LA 209 3.15 9.99 26.63
N ASN LA 210 2.89 8.72 26.95
CA ASN LA 210 3.66 7.61 26.41
C ASN LA 210 3.07 7.26 25.05
N ALA LA 211 3.73 7.69 23.98
CA ALA LA 211 3.15 7.57 22.65
C ALA LA 211 2.93 6.11 22.26
N VAL LA 212 3.88 5.24 22.61
CA VAL LA 212 3.73 3.83 22.30
C VAL LA 212 2.56 3.22 23.07
N GLY LA 213 2.38 3.65 24.32
CA GLY LA 213 1.23 3.18 25.08
C GLY LA 213 -0.09 3.59 24.44
N GLU LA 214 -0.14 4.80 23.87
CA GLU LA 214 -1.33 5.22 23.14
C GLU LA 214 -1.53 4.39 21.88
N MET LA 215 -0.44 4.11 21.15
CA MET LA 215 -0.55 3.38 19.89
C MET LA 215 -1.07 1.97 20.10
N THR LA 216 -0.55 1.26 21.11
CA THR LA 216 -1.01 -0.11 21.34
C THR LA 216 -2.42 -0.13 21.89
N ALA LA 217 -2.83 0.93 22.61
CA ALA LA 217 -4.22 1.04 23.03
C ALA LA 217 -5.13 1.33 21.85
N LEU LA 218 -4.64 2.11 20.88
CA LEU LA 218 -5.42 2.42 19.70
C LEU LA 218 -5.76 1.17 18.90
N ILE LA 219 -4.77 0.32 18.66
CA ILE LA 219 -5.00 -0.85 17.81
C ILE LA 219 -5.91 -1.85 18.51
N ASP LA 220 -5.89 -1.87 19.84
CA ASP LA 220 -6.79 -2.75 20.58
C ASP LA 220 -8.22 -2.22 20.53
N LEU LA 221 -8.39 -0.90 20.59
CA LEU LA 221 -9.74 -0.33 20.53
C LEU LA 221 -10.37 -0.56 19.17
N GLN LA 222 -9.57 -0.50 18.10
CA GLN LA 222 -10.11 -0.77 16.77
C GLN LA 222 -10.62 -2.19 16.65
N ARG LA 223 -9.86 -3.17 17.16
CA ARG LA 223 -10.25 -4.56 17.03
C ARG LA 223 -11.49 -4.87 17.85
N GLN LA 224 -11.55 -4.36 19.08
CA GLN LA 224 -12.74 -4.60 19.91
C GLN LA 224 -13.95 -3.90 19.32
N PHE LA 225 -13.74 -2.80 18.62
CA PHE LA 225 -14.89 -2.04 18.06
C PHE LA 225 -15.36 -2.73 16.79
N GLU LA 226 -14.51 -3.52 16.18
CA GLU LA 226 -14.90 -4.09 14.88
C GLU LA 226 -15.35 -5.52 15.08
N MET LA 227 -15.37 -5.98 16.31
CA MET LA 227 -15.93 -7.31 16.62
C MET LA 227 -17.30 -7.00 17.17
N GLN LA 228 -17.46 -5.83 17.78
CA GLN LA 228 -18.81 -5.45 18.18
C GLN LA 228 -19.66 -5.06 16.97
N VAL LA 229 -19.03 -4.49 15.95
CA VAL LA 229 -19.75 -4.19 14.71
C VAL LA 229 -20.24 -5.47 14.06
N LYS LA 230 -19.38 -6.50 14.04
CA LYS LA 230 -19.79 -7.79 13.50
C LYS LA 230 -20.95 -8.39 14.30
N MET LA 231 -20.98 -8.13 15.60
CA MET LA 231 -22.09 -8.60 16.42
C MET LA 231 -23.39 -7.91 16.03
N MET LA 232 -23.33 -6.61 15.71
CA MET LA 232 -24.53 -5.90 15.27
C MET LA 232 -25.07 -6.48 13.98
N SER LA 233 -24.18 -6.78 13.03
CA SER LA 233 -24.64 -7.37 11.77
C SER LA 233 -25.15 -8.80 11.97
N THR LA 234 -24.56 -9.51 12.94
CA THR LA 234 -25.03 -10.87 13.24
C THR LA 234 -26.45 -10.84 13.80
N ALA LA 235 -26.74 -9.87 14.68
CA ALA LA 235 -28.09 -9.74 15.21
C ALA LA 235 -29.08 -9.38 14.11
N GLU LA 236 -28.67 -8.53 13.16
CA GLU LA 236 -29.55 -8.20 12.04
C GLU LA 236 -29.81 -9.42 11.17
N GLU LA 237 -28.78 -10.25 10.93
CA GLU LA 237 -28.96 -11.44 10.12
C GLU LA 237 -29.92 -12.43 10.77
N MET LA 238 -29.83 -12.58 12.08
CA MET LA 238 -30.71 -13.51 12.79
C MET LA 238 -32.17 -13.05 12.75
N ASP LA 239 -32.40 -11.73 12.68
CA ASP LA 239 -33.77 -11.23 12.67
C ASP LA 239 -34.47 -11.50 11.35
N LYS LA 240 -33.74 -11.41 10.24
CA LYS LA 240 -34.36 -11.66 8.93
C LYS LA 240 -34.83 -13.10 8.81
N SER LA 241 -34.12 -14.05 9.42
CA SER LA 241 -34.58 -15.43 9.41
C SER LA 241 -35.91 -15.59 10.14
N SER LA 242 -36.06 -14.89 11.28
CA SER LA 242 -37.30 -15.01 12.05
C SER LA 242 -38.48 -14.39 11.30
N ASP LA 243 -38.20 -13.51 10.34
CA ASP LA 243 -39.27 -12.93 9.53
C ASP LA 243 -39.94 -14.01 8.68
N SER LA 244 -39.20 -15.07 8.35
CA SER LA 244 -39.77 -16.14 7.55
C SER LA 244 -40.80 -16.97 8.34
N LEU LA 245 -40.80 -16.84 9.67
CA LEU LA 245 -41.74 -17.60 10.48
C LEU LA 245 -43.19 -17.23 10.16
N LEU LA 246 -43.47 -15.94 10.03
CA LEU LA 246 -44.83 -15.46 9.85
C LEU LA 246 -45.27 -15.35 8.40
N ARG LA 247 -44.45 -15.80 7.44
CA ARG LA 247 -44.82 -15.72 6.05
C ARG LA 247 -46.00 -16.63 5.71
N MET LA 248 -46.18 -17.72 6.45
CA MET LA 248 -47.25 -18.69 6.21
C MET LA 248 -47.25 -19.21 4.79
N MET MA 1 -40.70 7.07 -2.55
CA MET MA 1 -41.81 6.32 -1.99
C MET MA 1 -42.02 6.67 -0.52
N ASP MA 2 -40.93 6.78 0.23
CA ASP MA 2 -40.96 7.14 1.64
C ASP MA 2 -40.50 8.56 1.89
N ARG MA 3 -39.99 9.24 0.87
CA ARG MA 3 -39.47 10.61 0.95
C ARG MA 3 -38.17 10.64 1.75
N ALA MA 4 -37.79 9.51 2.34
CA ALA MA 4 -36.46 9.38 2.93
C ALA MA 4 -35.43 8.99 1.88
N LEU MA 5 -35.88 8.41 0.77
CA LEU MA 5 -34.99 8.16 -0.36
C LEU MA 5 -34.46 9.47 -0.93
N PHE MA 6 -35.33 10.46 -1.08
CA PHE MA 6 -34.91 11.76 -1.59
C PHE MA 6 -34.22 12.60 -0.52
N LEU MA 7 -34.60 12.40 0.74
CA LEU MA 7 -33.92 13.11 1.83
C LEU MA 7 -32.46 12.68 1.94
N ALA MA 8 -32.20 11.38 1.76
CA ALA MA 8 -30.83 10.90 1.74
C ALA MA 8 -30.14 11.17 0.40
N MET MA 9 -30.89 11.14 -0.70
CA MET MA 9 -30.31 11.48 -2.00
C MET MA 9 -29.86 12.92 -2.04
N SER MA 10 -30.65 13.83 -1.48
CA SER MA 10 -30.28 15.24 -1.48
C SER MA 10 -29.04 15.50 -0.64
N GLY MA 11 -28.80 14.67 0.38
CA GLY MA 11 -27.59 14.79 1.17
C GLY MA 11 -26.39 14.21 0.46
N ALA MA 12 -26.58 13.08 -0.22
CA ALA MA 12 -25.49 12.46 -0.97
C ALA MA 12 -25.06 13.33 -2.15
N LYS MA 13 -26.02 13.98 -2.81
CA LYS MA 13 -25.69 14.89 -3.90
C LYS MA 13 -24.87 16.08 -3.41
N GLN MA 14 -25.24 16.64 -2.25
CA GLN MA 14 -24.51 17.79 -1.72
C GLN MA 14 -23.11 17.40 -1.25
N ASN MA 15 -22.95 16.20 -0.69
CA ASN MA 15 -21.62 15.75 -0.29
C ASN MA 15 -20.68 15.67 -1.48
N MET MA 16 -21.21 15.30 -2.65
CA MET MA 16 -20.40 15.34 -3.87
C MET MA 16 -20.00 16.77 -4.22
N GLN MA 17 -20.92 17.72 -4.04
CA GLN MA 17 -20.61 19.12 -4.36
C GLN MA 17 -19.52 19.65 -3.45
N ALA MA 18 -19.58 19.34 -2.16
CA ALA MA 18 -18.52 19.74 -1.25
C ALA MA 18 -17.19 19.07 -1.60
N LEU MA 19 -17.26 17.82 -2.05
CA LEU MA 19 -16.06 17.12 -2.48
C LEU MA 19 -15.41 17.83 -3.66
N GLN MA 20 -16.23 18.28 -4.63
CA GLN MA 20 -15.69 19.01 -5.77
C GLN MA 20 -15.10 20.35 -5.33
N LEU MA 21 -15.71 21.00 -4.35
CA LEU MA 21 -15.18 22.27 -3.85
C LEU MA 21 -13.81 22.07 -3.23
N ARG MA 22 -13.64 21.00 -2.45
CA ARG MA 22 -12.32 20.70 -1.88
C ARG MA 22 -11.34 20.28 -2.96
N ALA MA 23 -11.84 19.66 -4.03
CA ALA MA 23 -10.96 19.21 -5.10
C ALA MA 23 -10.33 20.39 -5.84
N ASN MA 24 -11.07 21.50 -5.97
CA ASN MA 24 -10.53 22.67 -6.65
C ASN MA 24 -9.40 23.29 -5.86
N ASN MA 25 -9.46 23.23 -4.53
CA ASN MA 25 -8.38 23.75 -3.70
C ASN MA 25 -7.11 22.94 -3.88
N LEU MA 26 -7.22 21.62 -3.96
CA LEU MA 26 -6.05 20.78 -4.14
C LEU MA 26 -5.49 20.90 -5.55
N ALA MA 27 -6.36 21.13 -6.53
CA ALA MA 27 -5.88 21.41 -7.89
C ALA MA 27 -5.20 22.77 -7.98
N ASN MA 28 -5.41 23.65 -7.00
CA ASN MA 28 -4.85 25.00 -7.00
C ASN MA 28 -3.91 25.23 -5.83
N VAL MA 29 -3.08 24.23 -5.51
CA VAL MA 29 -2.11 24.38 -4.44
C VAL MA 29 -0.99 25.34 -4.84
N SER MA 30 -0.52 25.24 -6.08
CA SER MA 30 0.61 26.03 -6.55
C SER MA 30 0.18 27.35 -7.19
N THR MA 31 -1.11 27.63 -7.28
CA THR MA 31 -1.57 28.86 -7.89
C THR MA 31 -1.14 30.08 -7.06
N THR MA 32 -0.78 31.14 -7.77
CA THR MA 32 -0.22 32.34 -7.15
C THR MA 32 -1.35 33.23 -6.64
N GLY MA 33 -1.26 33.62 -5.37
CA GLY MA 33 -2.27 34.48 -4.77
C GLY MA 33 -3.65 33.84 -4.73
N PHE MA 34 -3.72 32.56 -4.38
CA PHE MA 34 -4.96 31.82 -4.38
C PHE MA 34 -5.45 31.64 -2.95
N ARG MA 35 -6.68 32.10 -2.69
CA ARG MA 35 -7.31 31.97 -1.39
C ARG MA 35 -8.21 30.74 -1.40
N ALA MA 36 -7.92 29.79 -0.52
CA ALA MA 36 -8.68 28.56 -0.46
C ALA MA 36 -10.13 28.84 -0.08
N ASP MA 37 -11.05 28.10 -0.70
CA ASP MA 37 -12.48 28.27 -0.45
C ASP MA 37 -12.91 27.38 0.70
N LEU MA 38 -13.72 27.94 1.60
CA LEU MA 38 -14.26 27.19 2.73
C LEU MA 38 -15.56 26.52 2.33
N ALA MA 39 -15.78 25.32 2.87
CA ALA MA 39 -16.99 24.55 2.60
C ALA MA 39 -17.62 24.12 3.91
N GLN MA 40 -18.95 24.22 3.97
CA GLN MA 40 -19.71 23.77 5.13
C GLN MA 40 -21.09 23.34 4.68
N ALA MA 41 -21.89 22.88 5.63
CA ALA MA 41 -23.24 22.40 5.38
C ALA MA 41 -24.23 23.20 6.22
N ARG MA 42 -25.41 23.46 5.67
CA ARG MA 42 -26.47 24.17 6.37
C ARG MA 42 -27.71 23.29 6.47
N SER MA 43 -28.33 23.29 7.65
CA SER MA 43 -29.53 22.50 7.90
C SER MA 43 -30.75 23.40 7.68
N MET MA 44 -31.60 23.01 6.74
CA MET MA 44 -32.82 23.75 6.44
C MET MA 44 -34.02 22.83 6.63
N GLN MA 45 -34.78 23.09 7.69
CA GLN MA 45 -35.92 22.25 8.03
C GLN MA 45 -37.07 22.46 7.05
N ALA MA 46 -37.81 21.38 6.79
CA ALA MA 46 -38.98 21.43 5.92
C ALA MA 46 -40.20 21.75 6.79
N TYR MA 47 -40.45 23.05 6.96
CA TYR MA 47 -41.56 23.48 7.78
C TYR MA 47 -42.89 23.22 7.08
N GLY MA 48 -43.87 22.78 7.85
CA GLY MA 48 -45.17 22.46 7.30
C GLY MA 48 -45.95 21.62 8.29
N GLU MA 49 -47.09 21.12 7.83
CA GLU MA 49 -47.90 20.24 8.65
C GLU MA 49 -47.19 18.92 8.89
N GLY MA 50 -47.43 18.34 10.06
CA GLY MA 50 -46.83 17.07 10.43
C GLY MA 50 -45.68 17.25 11.42
N HIS MA 51 -45.13 16.11 11.82
CA HIS MA 51 -44.06 16.10 12.80
C HIS MA 51 -42.79 16.67 12.17
N PRO MA 52 -42.06 17.53 12.88
CA PRO MA 52 -40.82 18.08 12.33
C PRO MA 52 -39.68 17.08 12.31
N SER MA 53 -39.68 16.18 11.33
CA SER MA 53 -38.67 15.13 11.24
C SER MA 53 -37.78 15.22 10.01
N ARG MA 54 -38.16 16.02 9.02
CA ARG MA 54 -37.41 16.09 7.76
C ARG MA 54 -36.66 17.41 7.69
N VAL MA 55 -35.33 17.32 7.67
CA VAL MA 55 -34.46 18.49 7.55
C VAL MA 55 -33.44 18.20 6.45
N PHE MA 56 -33.32 19.12 5.49
CA PHE MA 56 -32.38 18.96 4.41
C PHE MA 56 -31.03 19.60 4.76
N SER MA 57 -29.98 19.14 4.09
CA SER MA 57 -28.65 19.69 4.25
C SER MA 57 -28.10 20.03 2.88
N MET MA 58 -27.68 21.28 2.70
CA MET MA 58 -27.09 21.74 1.46
C MET MA 58 -25.77 22.44 1.75
N THR MA 59 -24.80 22.24 0.87
CA THR MA 59 -23.48 22.81 1.05
C THR MA 59 -23.45 24.27 0.58
N GLU MA 60 -22.52 25.03 1.14
CA GLU MA 60 -22.38 26.44 0.81
C GLU MA 60 -20.92 26.82 0.95
N ARG MA 61 -20.59 28.02 0.47
CA ARG MA 61 -19.25 28.58 0.60
C ARG MA 61 -19.31 29.77 1.55
N PRO MA 62 -19.19 29.54 2.86
CA PRO MA 62 -19.31 30.66 3.82
C PRO MA 62 -18.26 31.74 3.64
N GLY MA 63 -17.06 31.37 3.20
CA GLY MA 63 -16.01 32.35 3.03
C GLY MA 63 -14.78 31.74 2.42
N HIS MA 64 -13.66 32.42 2.61
CA HIS MA 64 -12.37 31.97 2.08
C HIS MA 64 -11.32 32.11 3.16
N ASN MA 65 -10.24 31.35 3.00
CA ASN MA 65 -9.10 31.42 3.92
C ASN MA 65 -8.22 32.59 3.49
N PHE MA 66 -8.34 33.71 4.20
CA PHE MA 66 -7.61 34.92 3.87
C PHE MA 66 -6.26 35.01 4.57
N ALA MA 67 -5.70 33.88 4.98
CA ALA MA 67 -4.39 33.89 5.61
C ALA MA 67 -3.31 34.18 4.57
N GLN MA 68 -2.16 34.62 5.07
CA GLN MA 68 -1.04 34.90 4.19
C GLN MA 68 -0.53 33.62 3.55
N GLY MA 69 -0.30 33.67 2.23
CA GLY MA 69 0.18 32.52 1.50
C GLY MA 69 1.67 32.29 1.72
N SER MA 70 2.17 31.23 1.10
CA SER MA 70 3.59 30.88 1.18
C SER MA 70 4.36 31.75 0.21
N VAL MA 71 5.26 32.56 0.76
CA VAL MA 71 6.02 33.52 -0.05
C VAL MA 71 7.18 32.81 -0.73
N ILE MA 72 7.32 33.03 -2.04
CA ILE MA 72 8.40 32.45 -2.82
C ILE MA 72 9.37 33.56 -3.20
N THR MA 73 10.63 33.40 -2.82
CA THR MA 73 11.68 34.37 -3.15
C THR MA 73 12.25 34.04 -4.52
N THR MA 74 12.05 34.95 -5.48
CA THR MA 74 12.51 34.74 -6.84
C THR MA 74 13.64 35.70 -7.24
N GLY MA 75 13.90 36.74 -6.47
CA GLY MA 75 14.92 37.71 -6.84
C GLY MA 75 14.60 38.45 -8.10
N ARG MA 76 13.31 38.71 -8.36
CA ARG MA 76 12.85 39.37 -9.56
C ARG MA 76 12.24 40.72 -9.18
N ASP MA 77 12.62 41.77 -9.90
CA ASP MA 77 12.16 43.11 -9.56
C ASP MA 77 10.65 43.25 -9.72
N LEU MA 78 10.09 42.63 -10.76
CA LEU MA 78 8.67 42.75 -11.07
C LEU MA 78 7.82 41.70 -10.37
N ASP MA 79 8.30 41.14 -9.26
CA ASP MA 79 7.53 40.22 -8.44
C ASP MA 79 7.34 40.84 -7.07
N VAL MA 80 6.09 40.96 -6.63
CA VAL MA 80 5.76 41.56 -5.34
C VAL MA 80 4.74 40.69 -4.64
N THR MA 81 4.82 40.67 -3.31
CA THR MA 81 3.88 39.96 -2.46
C THR MA 81 3.38 40.91 -1.38
N ILE MA 82 2.09 40.81 -1.07
CA ILE MA 82 1.48 41.68 -0.06
C ILE MA 82 1.86 41.19 1.32
N GLU MA 83 2.42 42.09 2.14
CA GLU MA 83 2.75 41.75 3.51
C GLU MA 83 1.50 41.84 4.38
N GLY MA 84 1.21 40.77 5.11
CA GLY MA 84 0.02 40.76 5.95
C GLY MA 84 -1.24 40.72 5.11
N SER MA 85 -2.16 41.64 5.39
CA SER MA 85 -3.46 41.69 4.72
C SER MA 85 -3.49 42.84 3.73
N GLY MA 86 -4.06 42.58 2.57
CA GLY MA 86 -4.16 43.61 1.55
C GLY MA 86 -4.58 43.00 0.22
N TRP MA 87 -4.70 43.88 -0.77
CA TRP MA 87 -5.10 43.47 -2.11
C TRP MA 87 -4.47 44.42 -3.13
N ILE MA 88 -4.50 43.99 -4.38
CA ILE MA 88 -4.03 44.79 -5.50
C ILE MA 88 -5.20 45.01 -6.45
N SER MA 89 -5.45 46.26 -6.82
CA SER MA 89 -6.57 46.58 -7.68
C SER MA 89 -6.19 46.32 -9.13
N VAL MA 90 -6.98 45.47 -9.79
CA VAL MA 90 -6.80 45.16 -11.20
C VAL MA 90 -8.15 45.16 -11.88
N LEU MA 91 -8.17 45.47 -13.18
CA LEU MA 91 -9.35 45.39 -14.01
C LEU MA 91 -9.18 44.28 -15.04
N ASP MA 92 -10.18 43.42 -15.16
CA ASP MA 92 -10.10 42.28 -16.06
C ASP MA 92 -10.41 42.73 -17.49
N HIS MA 93 -10.61 41.75 -18.38
CA HIS MA 93 -10.87 42.06 -19.79
C HIS MA 93 -12.18 42.83 -19.98
N THR MA 94 -13.07 42.79 -19.01
CA THR MA 94 -14.33 43.52 -19.07
C THR MA 94 -14.22 44.94 -18.52
N GLY MA 95 -13.03 45.37 -18.14
CA GLY MA 95 -12.85 46.70 -17.56
C GLY MA 95 -13.58 46.87 -16.25
N LYS MA 96 -13.66 45.81 -15.45
CA LYS MA 96 -14.35 45.84 -14.17
C LYS MA 96 -13.31 45.67 -13.07
N GLU MA 97 -13.24 46.64 -12.16
CA GLU MA 97 -12.23 46.61 -11.11
C GLU MA 97 -12.47 45.45 -10.16
N GLY MA 98 -11.40 44.74 -9.83
CA GLY MA 98 -11.48 43.62 -8.91
C GLY MA 98 -10.17 43.47 -8.17
N LEU MA 99 -10.26 42.98 -6.94
CA LEU MA 99 -9.08 42.82 -6.09
C LEU MA 99 -8.39 41.50 -6.36
N THR MA 100 -7.06 41.54 -6.43
CA THR MA 100 -6.26 40.34 -6.67
C THR MA 100 -5.11 40.30 -5.68
N ARG MA 101 -4.45 39.15 -5.63
CA ARG MA 101 -3.26 38.98 -4.80
C ARG MA 101 -2.10 38.38 -5.60
N ASN MA 102 -2.20 38.37 -6.92
CA ASN MA 102 -1.15 37.85 -7.79
C ASN MA 102 -0.23 39.01 -8.16
N GLY MA 103 0.95 39.07 -7.56
CA GLY MA 103 1.87 40.16 -7.80
C GLY MA 103 2.94 39.85 -8.81
N ASN MA 104 2.72 38.83 -9.64
CA ASN MA 104 3.66 38.46 -10.69
C ASN MA 104 3.46 39.43 -11.85
N LEU MA 105 4.11 40.58 -11.77
CA LEU MA 105 3.90 41.67 -12.71
C LEU MA 105 4.77 41.50 -13.95
N LYS MA 106 4.37 42.19 -15.03
CA LYS MA 106 5.12 42.19 -16.28
C LYS MA 106 4.80 43.46 -17.02
N VAL MA 107 5.64 43.78 -18.00
CA VAL MA 107 5.48 44.97 -18.83
C VAL MA 107 5.35 44.52 -20.29
N ASP MA 108 4.29 44.98 -20.95
CA ASP MA 108 4.05 44.60 -22.34
C ASP MA 108 4.86 45.51 -23.26
N GLN MA 109 4.65 45.37 -24.57
CA GLN MA 109 5.40 46.17 -25.52
C GLN MA 109 5.02 47.65 -25.46
N ASN MA 110 3.77 47.95 -25.10
CA ASN MA 110 3.33 49.34 -25.01
C ASN MA 110 3.73 49.98 -23.70
N GLY MA 111 4.16 49.18 -22.72
CA GLY MA 111 4.60 49.71 -21.44
C GLY MA 111 3.60 49.56 -20.31
N MET MA 112 2.36 49.12 -20.57
CA MET MA 112 1.38 48.99 -19.50
C MET MA 112 1.78 47.87 -18.55
N LEU MA 113 1.66 48.13 -17.25
CA LEU MA 113 2.03 47.17 -16.23
C LEU MA 113 0.86 46.22 -15.96
N THR MA 114 1.03 44.96 -16.35
CA THR MA 114 0.03 43.93 -16.13
C THR MA 114 0.58 42.88 -15.18
N ASN MA 115 -0.27 41.91 -14.83
CA ASN MA 115 0.12 40.79 -13.99
C ASN MA 115 0.20 39.53 -14.84
N ALA MA 116 0.41 38.38 -14.18
CA ALA MA 116 0.58 37.13 -14.90
C ALA MA 116 -0.67 36.74 -15.68
N SER MA 117 -1.84 37.14 -15.19
CA SER MA 117 -3.11 36.81 -15.84
C SER MA 117 -3.55 37.83 -16.87
N GLY MA 118 -2.77 38.89 -17.08
CA GLY MA 118 -3.11 39.91 -18.06
C GLY MA 118 -4.01 41.01 -17.55
N HIS MA 119 -4.32 41.04 -16.26
CA HIS MA 119 -5.16 42.09 -15.71
C HIS MA 119 -4.33 43.36 -15.48
N LEU MA 120 -4.80 44.47 -16.03
CA LEU MA 120 -4.10 45.74 -15.83
C LEU MA 120 -4.16 46.16 -14.37
N VAL MA 121 -3.02 46.61 -13.85
CA VAL MA 121 -2.92 47.01 -12.45
C VAL MA 121 -3.19 48.50 -12.35
N LEU MA 122 -4.06 48.88 -11.41
CA LEU MA 122 -4.43 50.27 -11.21
C LEU MA 122 -3.41 50.99 -10.35
N GLY MA 123 -3.50 52.32 -10.34
CA GLY MA 123 -2.56 53.14 -9.61
C GLY MA 123 -3.20 54.25 -8.80
N GLU MA 124 -2.42 55.32 -8.55
CA GLU MA 124 -2.93 56.44 -7.77
C GLU MA 124 -4.07 57.15 -8.49
N ASN MA 125 -3.96 57.29 -9.82
CA ASN MA 125 -4.98 57.96 -10.61
C ASN MA 125 -6.22 57.11 -10.82
N ASP MA 126 -6.24 55.88 -10.33
CA ASP MA 126 -7.29 54.89 -10.55
C ASP MA 126 -7.40 54.47 -12.00
N ALA MA 127 -6.37 54.77 -12.81
CA ALA MA 127 -6.25 54.33 -14.18
C ALA MA 127 -5.11 53.33 -14.31
N PRO MA 128 -5.15 52.44 -15.30
CA PRO MA 128 -4.07 51.45 -15.44
C PRO MA 128 -2.71 52.13 -15.58
N ILE MA 129 -1.71 51.54 -14.94
CA ILE MA 129 -0.39 52.16 -14.89
C ILE MA 129 0.31 51.97 -16.22
N THR MA 130 0.80 53.07 -16.78
CA THR MA 130 1.57 53.06 -18.02
C THR MA 130 2.95 53.62 -17.73
N LEU MA 131 3.97 52.90 -18.17
CA LEU MA 131 5.36 53.29 -17.97
C LEU MA 131 5.96 53.79 -19.27
N PRO MA 132 6.95 54.68 -19.22
CA PRO MA 132 7.65 55.08 -20.45
C PRO MA 132 8.24 53.87 -21.15
N ILE MA 133 8.20 53.89 -22.47
CA ILE MA 133 8.55 52.69 -23.23
C ILE MA 133 10.00 52.26 -23.04
N PRO MA 134 11.02 53.10 -23.32
CA PRO MA 134 12.42 52.63 -23.19
C PRO MA 134 13.00 52.78 -21.79
N LEU MA 135 12.63 51.85 -20.90
CA LEU MA 135 13.15 51.88 -19.55
C LEU MA 135 14.55 51.27 -19.49
N SER MA 136 15.18 51.43 -18.32
CA SER MA 136 16.48 50.83 -18.06
C SER MA 136 16.59 50.13 -16.71
N LYS MA 137 15.79 50.52 -15.73
CA LYS MA 137 15.82 49.87 -14.42
C LYS MA 137 14.50 50.19 -13.71
N ILE MA 138 13.73 49.15 -13.41
CA ILE MA 138 12.42 49.30 -12.78
C ILE MA 138 12.52 48.74 -11.37
N GLU MA 139 12.27 49.59 -10.36
CA GLU MA 139 12.25 49.18 -8.97
C GLU MA 139 10.90 49.51 -8.36
N ILE MA 140 10.26 48.51 -7.75
CA ILE MA 140 8.97 48.70 -7.09
C ILE MA 140 9.22 49.04 -5.63
N GLY MA 141 8.63 50.14 -5.17
CA GLY MA 141 8.80 50.54 -3.80
C GLY MA 141 8.07 49.62 -2.85
N ARG MA 142 8.46 49.70 -1.57
CA ARG MA 142 7.83 48.85 -0.56
C ARG MA 142 6.38 49.25 -0.32
N ASP MA 143 6.07 50.53 -0.46
CA ASP MA 143 4.72 51.03 -0.30
C ASP MA 143 3.93 51.04 -1.61
N GLY MA 144 4.50 50.51 -2.68
CA GLY MA 144 3.84 50.46 -3.98
C GLY MA 144 4.31 51.49 -4.97
N THR MA 145 5.19 52.40 -4.57
CA THR MA 145 5.68 53.42 -5.48
C THR MA 145 6.54 52.79 -6.58
N ILE MA 146 6.34 53.26 -7.81
CA ILE MA 146 7.06 52.74 -8.97
C ILE MA 146 8.04 53.82 -9.43
N SER MA 147 9.33 53.53 -9.32
CA SER MA 147 10.39 54.41 -9.79
C SER MA 147 11.14 53.75 -10.94
N VAL MA 148 11.29 54.48 -12.04
CA VAL MA 148 11.91 53.93 -13.24
C VAL MA 148 13.11 54.80 -13.62
N LEU MA 149 13.97 54.24 -14.46
CA LEU MA 149 15.17 54.91 -14.93
C LEU MA 149 15.13 55.01 -16.45
N PRO MA 150 15.16 56.20 -17.03
CA PRO MA 150 15.15 56.32 -18.50
C PRO MA 150 16.39 55.67 -19.11
N GLN MA 151 16.24 55.21 -20.34
CA GLN MA 151 17.31 54.50 -21.02
C GLN MA 151 18.51 55.42 -21.22
N GLY MA 152 19.66 55.01 -20.67
CA GLY MA 152 20.88 55.79 -20.76
C GLY MA 152 21.03 56.87 -19.72
N ALA MA 153 20.03 57.08 -18.87
CA ALA MA 153 20.12 58.11 -17.84
C ALA MA 153 21.08 57.68 -16.74
N PRO MA 154 21.79 58.64 -16.13
CA PRO MA 154 22.70 58.31 -15.03
C PRO MA 154 21.95 57.79 -13.80
N ALA MA 155 22.71 57.35 -12.79
CA ALA MA 155 22.11 56.69 -11.63
C ALA MA 155 21.17 57.62 -10.88
N GLU MA 156 21.52 58.90 -10.77
CA GLU MA 156 20.72 59.83 -9.98
C GLU MA 156 19.53 60.36 -10.77
N GLU MA 157 18.75 59.47 -11.36
CA GLU MA 157 17.53 59.84 -12.08
C GLU MA 157 16.42 58.84 -11.78
N PHE MA 158 16.32 58.40 -10.54
CA PHE MA 158 15.27 57.47 -10.12
C PHE MA 158 14.02 58.24 -9.71
N GLN MA 159 13.28 58.69 -10.72
CA GLN MA 159 12.04 59.42 -10.47
C GLN MA 159 10.86 58.46 -10.42
N ALA MA 160 9.93 58.74 -9.51
CA ALA MA 160 8.73 57.95 -9.36
C ALA MA 160 7.70 58.34 -10.40
N VAL MA 161 6.94 57.35 -10.88
CA VAL MA 161 5.98 57.59 -11.95
C VAL MA 161 4.57 57.22 -11.51
N ASP MA 162 4.45 56.25 -10.62
CA ASP MA 162 3.14 55.77 -10.20
C ASP MA 162 3.25 55.05 -8.87
N ARG MA 163 2.09 54.83 -8.24
CA ARG MA 163 1.98 54.14 -6.97
C ARG MA 163 0.93 53.06 -7.09
N ILE MA 164 1.30 51.82 -6.76
CA ILE MA 164 0.38 50.70 -6.89
C ILE MA 164 -0.78 50.87 -5.92
N LYS MA 165 -2.00 50.69 -6.42
CA LYS MA 165 -3.20 50.86 -5.60
C LYS MA 165 -3.39 49.63 -4.73
N LEU MA 166 -3.09 49.77 -3.44
CA LEU MA 166 -3.25 48.69 -2.47
C LEU MA 166 -4.50 48.95 -1.64
N VAL MA 167 -5.41 47.97 -1.60
CA VAL MA 167 -6.70 48.10 -0.94
C VAL MA 167 -6.77 47.05 0.16
N LYS MA 168 -7.19 47.46 1.35
CA LYS MA 168 -7.35 46.57 2.50
C LYS MA 168 -8.75 46.77 3.07
N PRO MA 169 -9.76 46.16 2.45
CA PRO MA 169 -11.12 46.23 3.02
C PRO MA 169 -11.37 45.06 3.97
N ASN MA 170 -12.56 45.03 4.57
CA ASN MA 170 -12.92 43.91 5.43
C ASN MA 170 -13.01 42.62 4.63
N ASP MA 171 -12.36 41.57 5.13
CA ASP MA 171 -12.33 40.31 4.38
C ASP MA 171 -13.71 39.64 4.33
N GLN MA 172 -14.62 40.01 5.22
CA GLN MA 172 -15.94 39.39 5.23
C GLN MA 172 -16.89 40.02 4.22
N SER MA 173 -16.53 41.16 3.64
CA SER MA 173 -17.35 41.82 2.65
C SER MA 173 -16.93 41.50 1.22
N LEU MA 174 -15.95 40.63 1.03
CA LEU MA 174 -15.44 40.29 -0.30
C LEU MA 174 -15.87 38.89 -0.68
N PHE MA 175 -16.27 38.74 -1.94
CA PHE MA 175 -16.63 37.44 -2.50
C PHE MA 175 -15.79 37.17 -3.74
N LYS MA 176 -15.44 35.91 -3.96
CA LYS MA 176 -14.70 35.53 -5.14
C LYS MA 176 -15.63 35.45 -6.34
N ASP MA 177 -15.30 36.20 -7.39
CA ASP MA 177 -16.16 36.29 -8.57
C ASP MA 177 -15.92 35.06 -9.47
N THR MA 178 -16.47 35.09 -10.68
CA THR MA 178 -16.34 33.99 -11.60
C THR MA 178 -14.95 33.87 -12.21
N ASN MA 179 -14.09 34.87 -12.03
CA ASN MA 179 -12.75 34.87 -12.61
C ASN MA 179 -11.67 35.02 -11.55
N GLY MA 180 -11.96 34.66 -10.30
CA GLY MA 180 -10.97 34.66 -9.25
C GLY MA 180 -10.63 36.01 -8.66
N LEU MA 181 -11.35 37.07 -9.02
CA LEU MA 181 -11.11 38.39 -8.49
C LEU MA 181 -12.13 38.72 -7.41
N PHE MA 182 -11.65 39.08 -6.23
CA PHE MA 182 -12.52 39.38 -5.10
C PHE MA 182 -13.09 40.78 -5.25
N ARG MA 183 -14.41 40.91 -5.08
CA ARG MA 183 -15.10 42.19 -5.19
C ARG MA 183 -16.02 42.37 -3.99
N HIS MA 184 -16.47 43.60 -3.80
CA HIS MA 184 -17.43 43.89 -2.74
C HIS MA 184 -18.73 43.15 -3.01
N LYS MA 185 -19.34 42.64 -1.94
CA LYS MA 185 -20.68 42.05 -2.07
C LYS MA 185 -21.71 43.11 -2.42
N THR MA 186 -21.58 44.30 -1.84
CA THR MA 186 -22.43 45.42 -2.21
C THR MA 186 -21.91 46.04 -3.49
N PRO MA 187 -22.72 46.14 -4.54
CA PRO MA 187 -22.22 46.67 -5.81
C PRO MA 187 -22.10 48.19 -5.79
N ASN MA 188 -21.35 48.70 -6.76
CA ASN MA 188 -21.09 50.13 -6.90
C ASN MA 188 -20.47 50.71 -5.62
N GLN MA 189 -19.57 49.95 -5.00
CA GLN MA 189 -18.88 50.37 -3.80
C GLN MA 189 -17.43 50.68 -4.15
N PRO MA 190 -16.96 51.92 -3.95
CA PRO MA 190 -15.60 52.26 -4.34
C PRO MA 190 -14.55 51.53 -3.51
N TYR MA 191 -13.42 51.26 -4.14
CA TYR MA 191 -12.28 50.62 -3.49
C TYR MA 191 -11.33 51.72 -3.02
N GLU MA 192 -11.24 51.90 -1.71
CA GLU MA 192 -10.38 52.94 -1.15
C GLU MA 192 -8.93 52.45 -1.13
N ALA MA 193 -8.04 53.25 -1.71
CA ALA MA 193 -6.62 52.90 -1.78
C ALA MA 193 -5.98 53.13 -0.43
N ASP MA 194 -5.61 52.05 0.25
CA ASP MA 194 -4.99 52.15 1.56
C ASP MA 194 -3.50 52.43 1.42
N ALA MA 195 -2.95 53.17 2.38
CA ALA MA 195 -1.54 53.51 2.41
C ALA MA 195 -0.79 52.78 3.52
N THR MA 196 -1.44 51.82 4.18
CA THR MA 196 -0.82 51.03 5.24
C THR MA 196 -0.25 49.71 4.76
N VAL MA 197 -0.88 49.11 3.74
CA VAL MA 197 -0.40 47.84 3.20
C VAL MA 197 0.99 48.04 2.60
N SER MA 198 1.81 46.99 2.67
CA SER MA 198 3.18 47.04 2.18
C SER MA 198 3.45 45.86 1.28
N LEU MA 199 4.37 46.06 0.33
CA LEU MA 199 4.78 45.03 -0.61
C LEU MA 199 6.19 44.56 -0.27
N GLN MA 200 6.37 43.24 -0.19
CA GLN MA 200 7.69 42.65 -0.02
C GLN MA 200 8.23 42.35 -1.41
N THR MA 201 8.85 43.35 -2.02
CA THR MA 201 9.32 43.22 -3.39
C THR MA 201 10.40 42.16 -3.50
N GLY MA 202 10.44 41.50 -4.65
CA GLY MA 202 11.36 40.40 -4.86
C GLY MA 202 10.85 39.05 -4.45
N ALA MA 203 9.55 38.90 -4.21
CA ALA MA 203 8.99 37.64 -3.78
C ALA MA 203 7.56 37.51 -4.29
N ILE MA 204 7.09 36.27 -4.38
CA ILE MA 204 5.76 35.95 -4.91
C ILE MA 204 5.00 35.19 -3.84
N GLU MA 205 3.73 35.56 -3.65
CA GLU MA 205 2.88 34.93 -2.65
C GLU MA 205 2.18 33.72 -3.25
N GLY MA 206 2.33 32.56 -2.62
CA GLY MA 206 1.67 31.35 -3.05
C GLY MA 206 0.29 31.20 -2.48
N SER MA 207 -0.28 30.02 -2.67
CA SER MA 207 -1.61 29.72 -2.17
C SER MA 207 -1.55 29.30 -0.70
N ASN MA 208 -2.67 29.49 0.00
CA ASN MA 208 -2.78 29.16 1.42
C ASN MA 208 -3.59 27.90 1.65
N VAL MA 209 -3.63 27.01 0.66
CA VAL MA 209 -4.39 25.77 0.80
C VAL MA 209 -3.70 24.87 1.82
N ASN MA 210 -4.43 24.48 2.85
CA ASN MA 210 -3.94 23.54 3.85
C ASN MA 210 -4.25 22.14 3.35
N ALA MA 211 -3.21 21.43 2.87
CA ALA MA 211 -3.43 20.14 2.22
C ALA MA 211 -4.03 19.13 3.18
N VAL MA 212 -3.58 19.12 4.44
CA VAL MA 212 -4.13 18.19 5.41
C VAL MA 212 -5.59 18.53 5.70
N GLY MA 213 -5.91 19.82 5.79
CA GLY MA 213 -7.28 20.21 6.04
C GLY MA 213 -8.24 19.73 4.97
N GLU MA 214 -7.78 19.71 3.72
CA GLU MA 214 -8.63 19.22 2.63
C GLU MA 214 -8.73 17.70 2.68
N MET MA 215 -7.63 17.01 3.00
CA MET MA 215 -7.64 15.56 3.01
C MET MA 215 -8.55 15.00 4.11
N THR MA 216 -8.52 15.61 5.29
CA THR MA 216 -9.38 15.13 6.37
C THR MA 216 -10.84 15.48 6.10
N ALA MA 217 -11.10 16.57 5.37
CA ALA MA 217 -12.45 16.84 4.92
C ALA MA 217 -12.92 15.80 3.91
N LEU MA 218 -12.02 15.35 3.04
CA LEU MA 218 -12.38 14.36 2.03
C LEU MA 218 -12.84 13.06 2.67
N ILE MA 219 -12.09 12.57 3.66
CA ILE MA 219 -12.40 11.27 4.24
C ILE MA 219 -13.71 11.33 5.02
N ASP MA 220 -14.04 12.49 5.59
CA ASP MA 220 -15.33 12.64 6.27
C ASP MA 220 -16.47 12.76 5.28
N LEU MA 221 -16.23 13.41 4.14
CA LEU MA 221 -17.26 13.51 3.11
C LEU MA 221 -17.56 12.15 2.49
N GLN MA 222 -16.53 11.31 2.36
CA GLN MA 222 -16.75 9.96 1.83
C GLN MA 222 -17.63 9.14 2.74
N ARG MA 223 -17.31 9.13 4.04
CA ARG MA 223 -18.07 8.29 4.98
C ARG MA 223 -19.50 8.76 5.10
N GLN MA 224 -19.72 10.08 5.17
CA GLN MA 224 -21.08 10.60 5.25
C GLN MA 224 -21.84 10.33 3.96
N PHE MA 225 -21.16 10.39 2.82
CA PHE MA 225 -21.78 10.04 1.55
C PHE MA 225 -22.22 8.59 1.54
N GLU MA 226 -21.35 7.68 2.02
CA GLU MA 226 -21.67 6.26 1.97
C GLU MA 226 -22.80 5.90 2.93
N MET MA 227 -22.86 6.56 4.09
CA MET MA 227 -23.91 6.25 5.05
C MET MA 227 -25.28 6.65 4.51
N GLN MA 228 -25.37 7.77 3.81
CA GLN MA 228 -26.64 8.18 3.22
C GLN MA 228 -27.05 7.26 2.07
N VAL MA 229 -26.07 6.70 1.35
CA VAL MA 229 -26.38 5.72 0.31
C VAL MA 229 -27.03 4.49 0.92
N LYS MA 230 -26.56 4.06 2.09
CA LYS MA 230 -27.20 2.95 2.79
C LYS MA 230 -28.62 3.30 3.20
N MET MA 231 -28.86 4.56 3.56
CA MET MA 231 -30.22 5.00 3.86
C MET MA 231 -31.12 4.90 2.64
N MET MA 232 -30.60 5.23 1.46
CA MET MA 232 -31.36 5.05 0.23
C MET MA 232 -31.68 3.57 -0.01
N SER MA 233 -30.71 2.69 0.25
CA SER MA 233 -30.93 1.26 0.02
C SER MA 233 -31.96 0.70 0.98
N THR MA 234 -31.91 1.11 2.24
CA THR MA 234 -32.87 0.59 3.21
C THR MA 234 -34.25 1.21 3.02
N ALA MA 235 -34.32 2.34 2.32
CA ALA MA 235 -35.62 2.95 2.04
C ALA MA 235 -36.38 2.16 0.99
N GLU MA 236 -35.69 1.70 -0.06
CA GLU MA 236 -36.35 0.88 -1.06
C GLU MA 236 -36.56 -0.56 -0.57
N GLU MA 237 -35.70 -1.02 0.35
CA GLU MA 237 -35.90 -2.35 0.92
C GLU MA 237 -37.17 -2.41 1.74
N MET MA 238 -37.45 -1.36 2.52
CA MET MA 238 -38.71 -1.28 3.26
C MET MA 238 -39.89 -1.16 2.30
N ASP MA 239 -39.73 -0.40 1.22
CA ASP MA 239 -40.82 -0.24 0.27
C ASP MA 239 -41.17 -1.55 -0.42
N LYS MA 240 -40.16 -2.34 -0.79
CA LYS MA 240 -40.43 -3.63 -1.41
C LYS MA 240 -41.18 -4.56 -0.47
N SER MA 241 -40.77 -4.58 0.81
CA SER MA 241 -41.43 -5.44 1.78
C SER MA 241 -42.88 -5.02 1.98
N SER MA 242 -43.15 -3.72 2.07
CA SER MA 242 -44.51 -3.22 2.27
C SER MA 242 -45.25 -3.13 0.94
N ASP MA 243 -45.23 -4.24 0.20
CA ASP MA 243 -45.96 -4.37 -1.03
C ASP MA 243 -46.79 -5.64 -1.10
N SER MA 244 -46.61 -6.56 -0.16
CA SER MA 244 -47.45 -7.75 -0.05
C SER MA 244 -48.79 -7.45 0.62
N LEU MA 245 -48.99 -6.23 1.11
CA LEU MA 245 -50.28 -5.86 1.67
C LEU MA 245 -51.38 -5.94 0.63
N LEU MA 246 -51.09 -5.53 -0.60
CA LEU MA 246 -52.03 -5.57 -1.71
C LEU MA 246 -51.85 -6.83 -2.58
N ARG MA 247 -51.25 -7.88 -2.02
CA ARG MA 247 -50.90 -9.07 -2.77
C ARG MA 247 -51.83 -10.25 -2.46
N MET MA 248 -53.11 -9.96 -2.26
CA MET MA 248 -54.10 -11.00 -1.99
C MET MA 248 -54.15 -12.03 -3.10
#